data_6A5R
#
_entry.id   6A5R
#
_cell.length_a   1
_cell.length_b   1
_cell.length_c   1
_cell.angle_alpha   90
_cell.angle_beta   90
_cell.angle_gamma   90
#
_symmetry.space_group_name_H-M   'P 1'
#
loop_
_entity.id
_entity.type
_entity.pdbx_description
1 polymer 'DNA-directed RNA polymerase subunit'
2 polymer 'DNA-directed RNA polymerase subunit beta'
3 polymer 'RNA polymerase II third largest subunit B44, part of central core'
4 polymer 'RNA polymerase II subunit B32'
5 polymer 'RNA polymerase subunit ABC27, common to RNA polymerases I, II, and III'
6 polymer 'RNA polymerase subunit ABC23, common to RNA polymerases I, II, and III'
7 polymer 'RNA polymerase II subunit'
8 polymer 'DNA-directed RNA polymerases I, II, and III subunit RPABC3'
9 polymer 'DNA-directed RNA polymerase subunit'
10 polymer 'RNA polymerase subunit ABC10-beta, common to RNA polymerases I, II, and III'
11 polymer 'RNA polymerase II subunit B12.5'
12 polymer 'RNA polymerase subunit ABC10-alpha'
13 polymer "RNA (5'-R(P*UP*CP*UP*CP*GP*UP*GP*CP*CP*UP*G)-3')"
14 polymer 'DNA (198-MER)'
15 polymer 'DNA (198-MER)'
16 polymer 'Histone H3.3'
17 polymer 'Histone H4'
18 polymer 'Histone H2A type 1-B/E'
19 polymer 'Histone H2B type 1-J'
20 non-polymer 'ZINC ION'
21 non-polymer 'MAGNESIUM ION'
#
loop_
_entity_poly.entity_id
_entity_poly.type
_entity_poly.pdbx_seq_one_letter_code
_entity_poly.pdbx_strand_id
1 'polypeptide(L)'
;MSQFPYSSAPLRSVKEVQFGLLSPEEIRAISVVKIEYPEIMDESRQRPREGGLNDPKLGSIDRNFKCQTCGEGMAECPGH
FGHMELAKPVFHIGFIPKIKKVCECICMNCGKLLLDETNPTMAQAIRIRDPKKRFNAVWQLCKTKMVCEADAPVDEYSEQ
KVVSRGGCGNTQPVVRKDGMKLWGTWKKSGFSDRDAQPERKLLTPGEILNVFKHISPEDCFRLGFNEDYARPEWMIITVL
PVPPPQVRPSIAMDETTQGQDDLTHKLSDILKANINVQKLEMDGSPQHIINEVEQLLQFHVATYMDNDIAGQPQALQKSG
RPVKAIRARLKGKEGRLRGNLMGKRVDFSARTVISGDPNLELDQVGVPISIAKTLSYPETVTQYNIHRLTEYVRNGPNEH
PGAKYVIRDNGDRIDLRYHKRAGDIVLQYGWKVERHLMDDDPVLFNRQPSLHKMSMMAHRVKVMPYSTFRLNLSVTSPYN
ADFDGDEMNLHVPQSEETRAELSQLCAVPLQIVSPQSNKPVMGIVQDTLCGVRKMTLRDTFIEYEQVMNMLFWVPSWDGV
VPQPAILKPKPLWTGKQLLSIAIPSGIHLQRTDGGNSLLSPKDNGMLIVDGKVMFGVVDKKTVGSGGGGLIHTVMREKGP
KICAELFGNIQKVVNYWLLHNGFSIGIGDAIADASTMKEITHAISSAKEQVQEIIYKAQHNELELKPGMTLRESFEGEVS
RTLNDARDSAGRSAEMNLKDLNNVKQMVSAGSKGSFINIAQMSACVGQQMVEGKRIAFGFADRSLPHFTKDDFSPESKGF
VENSYLRGLTPQEFFFHAMAGREGLIDTAVKTAETGYIQRRLVKALEDIMVHYDGTTRNSLGDIIQFLYGEDGLDGTQVE
RQTIDTIPGSDKAFHKRYYVDLMDEKNSIKPDVIEYAADILGDVELQKELNSEYEQLVSDRKFLREIVFVNGDHNWPLPV
NLRRIIQNAQQIFHLDRAKASDLTIPEIIHGVRDLCKKLFVLRGENELIKEAQQNATSLFQCLVRARLATRRILEEFRLN
RDAFEWVLGTIEAQFQRSLVHPGEMVGVIAAQSIGEPATQMTLNTFHYAGVSSKNVTLGVPRLKEILNVAKNIKTPALTV
YLDREIALDIEKAKVIQSSIEYTTLKNVTSATEIYYDPDPTSTVIEEDFDTVEAYFSIPDEKVEETIDKQSPWLLRLELD
RARMLDKQLTMNQVADKISEVFSDDLFVMWSEDNADKLIIRCRVIRDPKAMDEELEAEEDQMLKRIEAHMLDLIALRGIP
GISKVYMVKHKVSVPDESGEYKNEELWALETDGINLAEVMAVPGVDSSRTYSNSFVEILSVLGIEATRSSLYKEILNVIA
FDGSYVNYRHMALLVDVMTSRGYLMAITRHGINRADTGALMRCSFEETVEILFEAGAAAELDDCRGVSENVMLGQLAPMG
TGAFDVMIDEKLLTSLPADYAPTMPLFKGKATQGSATPYDNNAQYDDEFNHDDVADVMFSPMAETGSGDDRSGGLTEYAG
IQSPYQPTSPGLSATSPGFAPTSPGFAPTSPRYSPTSPGYSPTSPSYSPTSPSYSPTSPSYSPTSPSYSPTSPSYSPTSP
SYSPTSPSYSPTSPSYSPTSPSYSPTSPQYSPTSPQYSPTSPQYSPTSPQYSPTSPQYSPTSPQYSPTSPQYSPTSPQYS
PTSPQYSPTSPQYSPTSPQYSPTSPQYSPTSPQYSPTSPQYSPASPQYSPSRHSPNGESKEGE
;
A
2 'polypeptide(L)'
;MSYDPYSIDDTITTEDCWTVISAFFEEKGLVSQQLDSFDEFMETSIQDLVWEEPRLILDQPAQHTNEKDNINKRYEIRFG
KIYLSRPTMTEADGTTHAMFPQEARLRNLTYSSPVYLDMEKSMFTSIDDEGNPNATLDWQQVHEPIKDGVEEGNKVHIGK
VPIMLRSKFCSLRTLDEVDLYKMKECPYDMGGYFVINGSEKVLIAQERSAANIVQVFKKAAPSPISHVAEIRSALEKGSR
LISTMQIKLYGREDKGTGRTIKATLPYVKQDIPIVIVFRALGVVPDGEILQHICYDENDWQMLEMLKPCIEEGFVIQDKE
VALDFIGRRGSAALGIRREKRIQYAKDILQKELLPHITQEEGFETRKTFFLGYMVNRLLLCALERKDQDDRDHFGKKRLD
LAGPLLANLFRILFRKLTREIYRYMQRCIETDRDFNLNLAVKSTTITSGLKYSLATGNWGEQKKAMSSRAGVSQVLNRYT
YSSTLSHLRRTNTPIGRDGKLAKPRQLHNTHWGLVCPAETPEGQACGLVKNLSLLSGISIGSPSEPIINFLEEWGMEPLE
DYDPAQHTKSTRIFVNGVWTGIHRDPSMLVSTMRDLRRSGAISPEVSIIRDIREREFKIFTDVGRVYRPLFIVEDDESKD
NKGELRITKEHIRKIQQGYDDDAMNDDSEEQEQDVYGWSSLVTSGVIEYVDGEEEETIMIAMTPEDLQTRSLEQKEIDLN
DTAKRIKPEMSTSSHHTFTHCEIHPSMILGVAASIIPFPDHNQSPRNTYQSAMGKQAMGVFLTNYNVRMDTMANILYYPQ
KPLAKTQAMEYLKFRELPAGQNAIVAIACYSGYNQEDSMIMNQSSIDRGLFRSLFFRSYMDQEKRFGISIVEEFEKPTRA
TTLRLKHGTYEKLDEDGLIAPGVRVSGDDIIIGKTTPIPPDTEELGQRTKYHTKRDASTPLRSTENGIVDQVLLTTNQEG
LKFVKVRMRTTKVPQIGDKFASRHGQKGTIGVTYRHEDMPFSAEGIVPDLIINPHAIPSRMTVAHLIECLLSKVGSIRGY
EGDATPFTDLTVDAVSNLLRDNGYQSRGFEVMYNGHTGKKLMAQVFFGPTYYQRLRHMVDDKIHARARGPVQVLTRQPVE
GRSRDGGLRFGEMERDCMIAHGAAGFLKERLMEASDAFRVHVCGICGLMSVIANLKKNQFECRSCKNKTNIYQLHIPYAA
KLLFQELMAMNIAPRLYTERSGVSMRS
;
B
3 'polypeptide(L)'
;MSKEPKVNIINAQDDEVELMLSDVNLSLANSLRRTMLAEVPTLAIDLVEIKMNTSVLADEFISHRLGLIPLVSEDVEEMK
YSRDCTCEDYCDECSVVLELSARHEGEEGTTDVYSSSLIKVSGPGNLNVGEPVRRDDYDQGILLCKLRNHQELNIRCIAK
KGIAKEHAKWSPCSAIAFEYDPHNKLKHTDFWFEVDAKKEWPDSKYATWEEPPKPGEVFDYKAKPNRFYMTVETTGSLKA
NQVFSRGIKTLQEKLANVLFELENSRPANTTAYGGATAYGGQTVYGRETSYGGNTNYGDYNAPY
;
C
4 'polypeptide(L)'
;MNVSTSTVGARRRRAKQQVDDEENATLLRLGPEFALKQYDHDGNEHDLIALSLSESRLLIREALKARSRARNGGVDIESS
NGEIDDDELAKVTSGAVANGVVKKTLDYLNTFARFKDEETCTAVDQLLHNSSDCSVLHPFEIAQLSSLGCEDVDEAITLI
PSLAAKKEVNLQRILDELNRLEDPYK
;
D
5 'polypeptide(L)'
;MEDNNRIISRLWRSFRTVKEMAADRGYFISQEEMDQSLEEFRSKICDSMGNPQRKLMSFLANPTPEALEKYSDLGTLWVE
FCDEPSVGIKTMRNFCLRIQEKNFSTGIFIYQNNITPSANKMIPTVSPAIIETFQESDLVVNITHHELVPKHIRLSDGEK
SQLLQRYKLKESQLPRIQREDPVARYLGLKRGQVVKIIRRSETSGRYASYRICL
;
E
6 'polypeptide(L)'
;MSEDEAFNEQTENFENFEDEHFSDDNFEDRSTQPEDYAVGVTADGRQIINGDGIQEVNGTIKAHRKRSNKELAILKEERT
TTPYLTKYERARILGTRALQISMNAPVLVDIEGETDPLQIAMKELSQRKIPLVIRRYLPDGSYEDWGCDELIVDN
;
F
7 'polypeptide(L)'
;MFFLKDLSLILTLHPSYFGPQMNQYLREKLLTDVEGTCTGQFGYIVTVLDGMNIDVGKGRIIPGSGSAEFEVKYRAVVWK
PFKGEVVDAIVSNVSPIGFFADVGPLNVFVSTRLIPDNLVYNPSNSPPAYMSNDELITKGSKVRLKVVGTRTDVNEIYAI
GSIKEDFLGAI
;
G
8 'polypeptide(L)'
;MSSALFDDIFTVQTVDNGRYNKVSRIIGISTTNSAIKLTLDINNEMFPVSQDDSLTVTLANSLSLDGEDESANFSKSWRP
PKPTDKSLADDYDYVMFGTVYKFEEGDEDKIKVYVSFGGLLMCLEGGYKSLASLKQDNLYILIRR
;
H
9 'polypeptide(L)'
;MASFRFCLECNNMLYPKEDKENQRLLYSCRNCDYTELAEDPKVYRHELITNIGETAGIVDDIGQDPTLPRSDKECPECHS
RDCVFFQSQQRRKDTNMTLFYVCLNCKKTFRDESE
;
I
10 'polypeptide(L)' MIIPVRCFSCGKVVGDKWDAYLRLLEEGKQEGDALDELKLKRYCCRRMVLTHVDLIEKFLRYNPLEKKDFDS J
11 'polypeptide(L)'
;MNAPDRFELFILPDDVPKLKITPDSRVPNCIIIKFEREDHTLANLLREELALYPDVTFVAYKVEHPLFANFVMRLQTEEG
TRPKQALERACASIINKLKTLDHKFNEEWNIKNFSLND
;
K
12 'polypeptide(L)' MSREGFVAPSGTDLAAAASGVAPNKHYGVKYTCGACAHNFSLNKSDPVRCKECGHRVIYKARTKRMIQFDAR L
13 'polyribonucleotide' UCUCGUGCCUG P
14 'polydeoxyribonucleotide'
;(DA)(DT)(DC)(DA)(DG)(DA)(DA)(DT)(DC)(DC)(DC)(DG)(DG)(DT)(DG)(DC)(DC)(DG)(DA)(DG)
(DG)(DC)(DC)(DG)(DC)(DT)(DC)(DA)(DA)(DT)(DT)(DG)(DG)(DT)(DC)(DG)(DT)(DA)(DG)(DA)
(DC)(DA)(DG)(DC)(DT)(DC)(DT)(DA)(DG)(DC)(DA)(DC)(DC)(DG)(DC)(DT)(DT)(DA)(DA)(DA)
(DC)(DG)(DC)(DA)(DC)(DG)(DT)(DA)(DC)(DG)(DC)(DG)(DC)(DT)(DG)(DT)(DC)(DC)(DC)(DC)
(DC)(DG)(DC)(DG)(DT)(DT)(DT)(DT)(DA)(DA)(DC)(DC)(DG)(DC)(DC)(DA)(DA)(DG)(DG)(DG)
(DG)(DA)(DT)(DT)(DA)(DC)(DA)(DC)(DC)(DC)(DA)(DA)(DG)(DA)(DC)(DA)(DC)(DC)(DA)(DG)
(DG)(DC)(DA)(DC)(DG)(DA)(DG)(DA)(DC)(DA)(DG)(DA)(DA)(DA)(DA)(DA)(DA)(DA)(DC)(DA)
(DA)(DC)(DG)(DA)(DA)(DA)(DA)(DC)(DG)(DG)(DC)(DC)(DA)(DC)(DC)(DA)(DC)(DC)(DC)(DA)
(DA)(DA)(DC)(DA)(DC)(DA)(DC)(DC)(DA)(DA)(DA)(DC)(DA)(DC)(DA)(DA)(DG)(DA)(DG)(DC)
(DT)(DA)(DA)(DT)(DT)(DG)(DA)(DC)(DT)(DG)(DA)(DC)(DG)(DT)(DA)(DA)(DG)(DC)
;
T
15 'polydeoxyribonucleotide'
;(DG)(DC)(DT)(DT)(DA)(DC)(DG)(DT)(DC)(DA)(DG)(DT)(DC)(DT)(DG)(DG)(DC)(DC)(DA)(DT)
(DC)(DT)(DT)(DT)(DG)(DT)(DG)(DT)(DT)(DT)(DG)(DG)(DT)(DG)(DT)(DG)(DT)(DT)(DT)(DG)
(DG)(DG)(DT)(DG)(DG)(DT)(DG)(DG)(DC)(DC)(DG)(DT)(DT)(DT)(DT)(DC)(DG)(DT)(DT)(DG)
(DT)(DT)(DT)(DT)(DT)(DT)(DT)(DC)(DT)(DG)(DT)(DC)(DC)(DG)(DG)(DT)(DG)(DC)(DC)(DT)
(DG)(DG)(DT)(DG)(DT)(DC)(DT)(DT)(DG)(DG)(DG)(DT)(DG)(DT)(DA)(DA)(DT)(DC)(DC)(DC)
(DC)(DT)(DT)(DG)(DG)(DC)(DG)(DG)(DT)(DT)(DA)(DA)(DA)(DA)(DC)(DG)(DC)(DG)(DG)(DG)
(DG)(DG)(DA)(DC)(DA)(DG)(DC)(DG)(DC)(DG)(DT)(DA)(DC)(DG)(DT)(DG)(DC)(DG)(DT)(DT)
(DT)(DA)(DA)(DG)(DC)(DG)(DG)(DT)(DG)(DC)(DT)(DA)(DG)(DA)(DG)(DC)(DT)(DG)(DT)(DC)
(DT)(DA)(DC)(DG)(DA)(DC)(DC)(DA)(DA)(DT)(DT)(DG)(DA)(DG)(DC)(DG)(DG)(DC)(DC)(DT)
(DC)(DG)(DG)(DC)(DA)(DC)(DC)(DG)(DG)(DG)(DA)(DT)(DT)(DC)(DT)(DG)(DA)(DT)
;
N
16 'polypeptide(L)'
;GSHMARTKQTARKSTGGKAPRKQLATKAARKSAPSTGGVKKPHRYRPGTVALREIRRYQKSTELLIRKLPFQRLVREIAQ
DFKTDLRFQSAAIGALQEASEAYLVGLFEDTNLCAIHAKRVTIMPKDIQLARRIRGERA
;
a,e
17 'polypeptide(L)'
;GSHMSGRGKGGKGLGKGGAKRHRKVLRDNIQGITKPAIRRLARRGGVKRISGLIYEETRGVLKVFLENVIRDAVTYTEHA
KRKTVTAMDVVYALKRQGRTLYGFGG
;
b,f
18 'polypeptide(L)'
;GSHMSGRGKQGGKARAKAKTRSSRAGLQFPVGRVHRLLRKGNYSERVGAGAPVYLAAVLEYLTAEILELAGNAARDNKKT
RIIPRHLQLAIRNDEELNKLLGRVTIAQGGVLPNIQAVLLPKKTESHHKAKGK
;
c,g
19 'polypeptide(L)'
;GSHMPEPAKSAPAPKKGSKKAVTKAQKKDGKKRKRSRKESYSIYVYKVLKQVHPDTGISSKAMGIMNSFVNDIFERIAGE
ASRLAHYNKRSTITSREIQTAVRLLLPGELAKHAVSEGTKAVTKYTSAK
;
d,h
#
loop_
_chem_comp.id
_chem_comp.type
_chem_comp.name
_chem_comp.formula
C RNA linking CYTIDINE-5'-MONOPHOSPHATE 'C9 H14 N3 O8 P'
DA DNA linking 2'-DEOXYADENOSINE-5'-MONOPHOSPHATE 'C10 H14 N5 O6 P'
DC DNA linking 2'-DEOXYCYTIDINE-5'-MONOPHOSPHATE 'C9 H14 N3 O7 P'
DG DNA linking 2'-DEOXYGUANOSINE-5'-MONOPHOSPHATE 'C10 H14 N5 O7 P'
DT DNA linking THYMIDINE-5'-MONOPHOSPHATE 'C10 H15 N2 O8 P'
G RNA linking GUANOSINE-5'-MONOPHOSPHATE 'C10 H14 N5 O8 P'
MG non-polymer 'MAGNESIUM ION' 'Mg 2'
U RNA linking URIDINE-5'-MONOPHOSPHATE 'C9 H13 N2 O9 P'
ZN non-polymer 'ZINC ION' 'Zn 2'
#
# COMPACT_ATOMS: atom_id res chain seq x y z
N SER A 2 -21.11 -7.62 -36.85
CA SER A 2 -22.21 -6.96 -37.52
C SER A 2 -23.53 -7.46 -36.98
N GLN A 3 -23.49 -7.99 -35.77
CA GLN A 3 -24.67 -8.56 -35.13
C GLN A 3 -25.61 -7.50 -34.58
N PHE A 4 -25.46 -6.24 -34.97
CA PHE A 4 -26.33 -5.21 -34.44
C PHE A 4 -27.44 -4.92 -35.43
N PRO A 5 -28.69 -5.02 -34.99
CA PRO A 5 -29.81 -4.80 -35.91
C PRO A 5 -29.78 -3.39 -36.47
N TYR A 6 -30.12 -3.29 -37.74
CA TYR A 6 -29.87 -2.09 -38.51
C TYR A 6 -30.63 -0.89 -37.96
N SER A 7 -30.08 0.28 -38.25
CA SER A 7 -30.72 1.56 -37.96
C SER A 7 -30.15 2.59 -38.92
N SER A 8 -30.54 3.84 -38.74
CA SER A 8 -30.02 4.90 -39.59
C SER A 8 -29.17 5.92 -38.86
N ALA A 9 -29.02 5.78 -37.55
CA ALA A 9 -28.08 6.63 -36.86
C ALA A 9 -26.68 6.34 -37.40
N PRO A 10 -26.06 7.27 -38.09
CA PRO A 10 -24.79 6.98 -38.72
C PRO A 10 -23.75 6.60 -37.67
N LEU A 11 -22.73 5.90 -38.13
CA LEU A 11 -21.73 5.42 -37.20
C LEU A 11 -20.67 6.47 -36.94
N ARG A 12 -20.41 6.75 -35.67
CA ARG A 12 -19.33 7.63 -35.27
C ARG A 12 -18.91 7.26 -33.87
N SER A 13 -17.64 7.43 -33.57
CA SER A 13 -17.12 7.06 -32.26
C SER A 13 -16.82 8.30 -31.42
N VAL A 14 -16.54 8.08 -30.15
CA VAL A 14 -16.40 9.17 -29.19
C VAL A 14 -15.15 9.97 -29.45
N LYS A 15 -15.16 11.25 -29.07
CA LYS A 15 -14.00 12.11 -29.16
C LYS A 15 -13.76 12.99 -27.94
N GLU A 16 -14.79 13.37 -27.20
CA GLU A 16 -14.63 14.35 -26.13
C GLU A 16 -15.54 14.05 -24.96
N VAL A 17 -14.96 13.82 -23.79
CA VAL A 17 -15.73 13.70 -22.57
C VAL A 17 -15.82 15.07 -21.92
N GLN A 18 -17.00 15.44 -21.45
CA GLN A 18 -17.26 16.76 -20.87
C GLN A 18 -18.00 16.56 -19.56
N PHE A 19 -17.27 16.55 -18.46
CA PHE A 19 -17.97 16.29 -17.21
C PHE A 19 -18.64 17.56 -16.72
N GLY A 20 -19.79 17.38 -16.11
CA GLY A 20 -20.54 18.47 -15.53
C GLY A 20 -21.59 17.90 -14.62
N LEU A 21 -22.08 18.72 -13.73
CA LEU A 21 -23.09 18.24 -12.82
C LEU A 21 -24.42 18.26 -13.53
N LEU A 22 -25.50 18.03 -12.79
CA LEU A 22 -26.80 17.80 -13.38
C LEU A 22 -27.80 18.82 -12.86
N SER A 23 -28.41 19.57 -13.76
CA SER A 23 -29.42 20.51 -13.33
C SER A 23 -30.69 19.75 -12.96
N PRO A 24 -31.29 20.08 -11.83
CA PRO A 24 -32.62 19.58 -11.57
C PRO A 24 -33.53 19.65 -12.78
N GLU A 25 -33.45 20.69 -13.60
CA GLU A 25 -34.21 20.63 -14.85
C GLU A 25 -33.72 19.50 -15.74
N GLU A 26 -32.41 19.30 -15.82
CA GLU A 26 -31.88 18.26 -16.69
C GLU A 26 -32.46 16.90 -16.31
N ILE A 27 -32.52 16.62 -15.02
CA ILE A 27 -33.25 15.46 -14.52
C ILE A 27 -34.66 15.47 -15.08
N ARG A 28 -35.46 16.45 -14.66
CA ARG A 28 -36.87 16.45 -15.00
C ARG A 28 -37.11 16.29 -16.49
N ALA A 29 -36.10 16.58 -17.29
CA ALA A 29 -36.25 16.49 -18.72
C ALA A 29 -35.87 15.13 -19.27
N ILE A 30 -34.89 14.43 -18.66
CA ILE A 30 -34.54 13.12 -19.20
C ILE A 30 -35.47 12.01 -18.74
N SER A 31 -36.01 12.10 -17.54
CA SER A 31 -36.69 10.96 -16.94
C SER A 31 -38.05 10.79 -17.61
N VAL A 32 -38.75 9.72 -17.24
CA VAL A 32 -40.08 9.47 -17.76
C VAL A 32 -41.06 9.03 -16.69
N VAL A 33 -40.73 9.17 -15.42
CA VAL A 33 -41.68 8.82 -14.39
C VAL A 33 -41.29 9.49 -13.10
N LYS A 34 -42.26 10.10 -12.44
CA LYS A 34 -42.09 10.44 -11.04
C LYS A 34 -42.47 9.23 -10.20
N ILE A 35 -41.64 8.94 -9.21
CA ILE A 35 -41.74 7.72 -8.45
C ILE A 35 -42.40 8.03 -7.11
N GLU A 36 -43.23 7.10 -6.63
CA GLU A 36 -44.09 7.51 -5.53
C GLU A 36 -44.08 6.59 -4.31
N TYR A 37 -44.01 5.27 -4.50
CA TYR A 37 -44.47 4.43 -3.39
C TYR A 37 -43.36 3.52 -2.89
N PRO A 38 -43.04 3.57 -1.60
CA PRO A 38 -42.05 2.63 -1.07
C PRO A 38 -42.44 1.19 -1.28
N GLU A 39 -43.73 0.93 -1.43
CA GLU A 39 -44.17 -0.43 -1.71
C GLU A 39 -43.79 -0.83 -3.14
N ILE A 40 -42.95 -1.86 -3.22
CA ILE A 40 -42.54 -2.38 -4.52
C ILE A 40 -43.67 -3.15 -5.16
N MET A 41 -43.99 -4.31 -4.59
CA MET A 41 -45.10 -5.10 -5.05
C MET A 41 -46.38 -4.27 -5.02
N ASP A 42 -47.34 -4.66 -5.85
CA ASP A 42 -48.66 -4.11 -5.67
C ASP A 42 -49.10 -4.53 -4.27
N GLU A 43 -49.42 -5.80 -4.11
CA GLU A 43 -49.52 -6.47 -2.83
C GLU A 43 -49.07 -7.92 -3.01
N SER A 44 -47.99 -8.10 -3.76
CA SER A 44 -47.62 -9.37 -4.41
C SER A 44 -48.69 -9.76 -5.44
N ARG A 45 -48.76 -8.99 -6.53
CA ARG A 45 -49.84 -9.10 -7.50
C ARG A 45 -49.35 -9.04 -8.94
N GLN A 46 -48.31 -9.80 -9.28
CA GLN A 46 -48.13 -10.17 -10.68
C GLN A 46 -47.93 -9.00 -11.65
N ARG A 47 -46.68 -8.52 -11.80
CA ARG A 47 -46.28 -7.22 -12.36
C ARG A 47 -46.57 -6.10 -11.38
N PRO A 48 -45.69 -5.94 -10.39
CA PRO A 48 -45.92 -4.96 -9.32
C PRO A 48 -46.21 -3.56 -9.81
N ARG A 49 -46.61 -2.75 -8.83
CA ARG A 49 -47.23 -1.46 -9.03
C ARG A 49 -46.48 -0.60 -10.04
N GLU A 50 -47.22 0.22 -10.77
CA GLU A 50 -46.61 1.32 -11.50
C GLU A 50 -46.41 2.48 -10.53
N GLY A 51 -45.35 3.23 -10.72
CA GLY A 51 -45.01 4.32 -9.82
C GLY A 51 -44.17 3.89 -8.65
N GLY A 52 -43.91 2.60 -8.52
CA GLY A 52 -42.95 2.10 -7.57
C GLY A 52 -41.57 2.04 -8.18
N LEU A 53 -40.75 1.14 -7.66
CA LEU A 53 -39.36 1.10 -8.08
C LEU A 53 -39.12 0.15 -9.24
N ASN A 54 -40.15 -0.33 -9.90
CA ASN A 54 -40.00 -1.29 -10.99
C ASN A 54 -41.01 -1.03 -12.09
N ASP A 55 -41.46 0.21 -12.20
CA ASP A 55 -42.44 0.59 -13.20
C ASP A 55 -41.97 0.18 -14.58
N PRO A 56 -42.74 -0.65 -15.29
CA PRO A 56 -42.29 -1.16 -16.59
C PRO A 56 -42.13 -0.11 -17.65
N LYS A 57 -42.30 1.15 -17.33
CA LYS A 57 -41.76 2.15 -18.23
C LYS A 57 -40.25 2.15 -18.23
N LEU A 58 -39.63 1.75 -17.13
CA LEU A 58 -38.19 1.89 -17.00
C LEU A 58 -37.42 0.97 -17.92
N GLY A 59 -38.08 -0.04 -18.48
CA GLY A 59 -37.37 -1.05 -19.22
C GLY A 59 -37.48 -2.34 -18.45
N SER A 60 -38.06 -3.36 -19.07
CA SER A 60 -38.29 -4.61 -18.37
C SER A 60 -37.15 -5.57 -18.63
N ILE A 61 -36.93 -6.47 -17.68
CA ILE A 61 -35.84 -7.44 -17.76
C ILE A 61 -36.36 -8.85 -18.03
N ASP A 62 -37.56 -8.97 -18.60
CA ASP A 62 -38.17 -10.26 -18.88
C ASP A 62 -38.25 -10.48 -20.38
N ARG A 63 -37.85 -11.67 -20.81
CA ARG A 63 -37.62 -11.91 -22.23
C ARG A 63 -38.91 -11.78 -23.03
N ASN A 64 -40.05 -12.10 -22.43
CA ASN A 64 -41.29 -12.13 -23.18
C ASN A 64 -41.94 -10.75 -23.34
N PHE A 65 -41.64 -9.80 -22.47
CA PHE A 65 -42.34 -8.53 -22.42
C PHE A 65 -41.45 -7.44 -22.95
N LYS A 66 -41.67 -7.03 -24.20
CA LYS A 66 -41.05 -5.82 -24.69
C LYS A 66 -41.28 -4.69 -23.71
N CYS A 67 -40.33 -3.76 -23.66
CA CYS A 67 -40.51 -2.57 -22.85
C CYS A 67 -41.47 -1.61 -23.54
N GLN A 68 -42.43 -1.10 -22.77
CA GLN A 68 -43.38 -0.13 -23.29
C GLN A 68 -42.69 1.07 -23.91
N THR A 69 -41.60 1.52 -23.30
CA THR A 69 -41.01 2.81 -23.65
C THR A 69 -40.24 2.70 -24.95
N CYS A 70 -39.18 1.89 -24.99
CA CYS A 70 -38.42 1.78 -26.22
C CYS A 70 -39.13 0.98 -27.29
N GLY A 71 -39.76 -0.13 -26.91
CA GLY A 71 -40.30 -1.01 -27.92
C GLY A 71 -39.32 -2.00 -28.49
N GLU A 72 -38.32 -2.41 -27.71
CA GLU A 72 -37.33 -3.38 -28.13
C GLU A 72 -37.28 -4.55 -27.17
N GLY A 73 -36.31 -5.43 -27.36
CA GLY A 73 -36.07 -6.52 -26.45
C GLY A 73 -35.06 -6.13 -25.39
N MET A 74 -34.77 -7.07 -24.50
CA MET A 74 -33.80 -6.82 -23.44
C MET A 74 -32.37 -6.74 -23.95
N ALA A 75 -32.18 -6.67 -25.27
CA ALA A 75 -30.85 -6.54 -25.80
C ALA A 75 -30.60 -5.16 -26.36
N GLU A 76 -31.64 -4.37 -26.54
CA GLU A 76 -31.47 -3.04 -27.10
C GLU A 76 -31.78 -1.92 -26.13
N CYS A 77 -32.64 -2.16 -25.16
CA CYS A 77 -33.10 -1.08 -24.31
C CYS A 77 -32.04 -0.77 -23.27
N PRO A 78 -31.28 0.30 -23.41
CA PRO A 78 -30.23 0.58 -22.43
C PRO A 78 -30.76 0.78 -21.03
N GLY A 79 -32.03 1.08 -20.88
CA GLY A 79 -32.57 1.62 -19.64
C GLY A 79 -33.25 2.95 -19.87
N HIS A 80 -33.85 3.46 -18.81
CA HIS A 80 -34.48 4.76 -18.85
C HIS A 80 -34.54 5.22 -17.41
N PHE A 81 -34.14 6.45 -17.12
CA PHE A 81 -34.03 6.83 -15.71
C PHE A 81 -35.35 7.30 -15.13
N GLY A 82 -35.46 7.16 -13.81
CA GLY A 82 -36.51 7.79 -13.06
C GLY A 82 -35.91 8.90 -12.23
N HIS A 83 -36.75 9.49 -11.38
CA HIS A 83 -36.29 10.51 -10.47
C HIS A 83 -37.22 10.60 -9.29
N MET A 84 -36.69 10.30 -8.12
CA MET A 84 -37.48 10.32 -6.90
C MET A 84 -37.46 11.77 -6.43
N GLU A 85 -38.51 12.18 -5.74
CA GLU A 85 -38.61 13.57 -5.29
C GLU A 85 -38.24 13.70 -3.83
N LEU A 86 -37.23 14.50 -3.56
CA LEU A 86 -36.92 14.83 -2.18
C LEU A 86 -37.87 15.92 -1.70
N ALA A 87 -38.15 15.91 -0.39
CA ALA A 87 -38.91 17.00 0.18
C ALA A 87 -37.98 18.13 0.60
N LYS A 88 -37.00 17.80 1.28
CA LYS A 88 -35.97 18.69 1.73
C LYS A 88 -34.70 18.47 0.92
N PRO A 89 -34.41 19.27 -0.10
CA PRO A 89 -33.27 18.96 -0.97
C PRO A 89 -31.97 18.90 -0.19
N VAL A 90 -31.12 17.96 -0.59
CA VAL A 90 -30.08 17.43 0.28
C VAL A 90 -28.71 17.65 -0.32
N PHE A 91 -27.72 17.54 0.57
CA PHE A 91 -26.33 17.52 0.17
C PHE A 91 -26.06 16.42 -0.83
N HIS A 92 -24.97 16.58 -1.56
CA HIS A 92 -24.34 15.48 -2.25
C HIS A 92 -23.25 15.00 -1.32
N ILE A 93 -22.84 13.73 -1.40
CA ILE A 93 -21.85 13.33 -0.40
C ILE A 93 -20.42 13.58 -0.81
N GLY A 94 -20.13 13.63 -2.10
CA GLY A 94 -18.78 13.89 -2.53
C GLY A 94 -18.41 15.36 -2.55
N PHE A 95 -19.15 16.21 -1.85
CA PHE A 95 -18.99 17.64 -2.02
C PHE A 95 -19.12 18.41 -0.73
N ILE A 96 -19.24 17.74 0.41
CA ILE A 96 -19.20 18.48 1.65
C ILE A 96 -17.91 19.30 1.73
N PRO A 97 -16.72 18.72 1.53
CA PRO A 97 -15.52 19.57 1.65
C PRO A 97 -15.46 20.66 0.61
N LYS A 98 -15.78 20.37 -0.65
CA LYS A 98 -15.72 21.44 -1.63
C LYS A 98 -16.76 22.52 -1.37
N ILE A 99 -17.95 22.14 -0.95
CA ILE A 99 -18.91 23.18 -0.65
C ILE A 99 -18.50 23.94 0.60
N LYS A 100 -17.83 23.29 1.53
CA LYS A 100 -17.17 24.04 2.59
C LYS A 100 -16.26 25.11 2.02
N LYS A 101 -15.43 24.74 1.06
CA LYS A 101 -14.55 25.74 0.45
C LYS A 101 -15.36 26.92 -0.07
N VAL A 102 -16.33 26.63 -0.93
CA VAL A 102 -17.04 27.72 -1.58
C VAL A 102 -17.75 28.58 -0.55
N CYS A 103 -18.36 27.96 0.46
CA CYS A 103 -19.00 28.78 1.48
C CYS A 103 -18.00 29.56 2.31
N GLU A 104 -16.76 29.13 2.39
CA GLU A 104 -15.78 30.03 2.99
C GLU A 104 -15.53 31.23 2.09
N CYS A 105 -15.60 31.04 0.77
CA CYS A 105 -15.20 32.11 -0.13
C CYS A 105 -16.11 33.33 -0.05
N ILE A 106 -17.42 33.12 -0.13
CA ILE A 106 -18.31 34.22 -0.47
C ILE A 106 -19.16 34.64 0.71
N CYS A 107 -20.00 35.64 0.51
CA CYS A 107 -20.79 36.19 1.59
C CYS A 107 -21.84 35.22 2.08
N MET A 108 -22.52 35.60 3.15
CA MET A 108 -23.66 34.87 3.70
C MET A 108 -24.99 35.48 3.31
N ASN A 109 -25.02 36.77 3.02
CA ASN A 109 -26.29 37.43 2.73
C ASN A 109 -26.48 37.58 1.22
N CYS A 110 -25.44 37.98 0.51
CA CYS A 110 -25.55 38.16 -0.94
C CYS A 110 -24.98 37.01 -1.72
N GLY A 111 -23.92 36.42 -1.25
CA GLY A 111 -23.27 35.40 -2.02
C GLY A 111 -22.46 36.04 -3.11
N LYS A 112 -21.51 36.87 -2.72
CA LYS A 112 -20.46 37.29 -3.61
C LYS A 112 -19.11 37.21 -2.91
N LEU A 113 -18.06 37.10 -3.71
CA LEU A 113 -16.75 36.79 -3.19
C LEU A 113 -16.19 37.93 -2.36
N LEU A 114 -15.69 37.62 -1.18
CA LEU A 114 -15.20 38.62 -0.25
C LEU A 114 -14.25 39.64 -0.87
N LEU A 115 -13.79 39.45 -2.10
CA LEU A 115 -12.77 40.31 -2.68
C LEU A 115 -13.03 40.50 -4.17
N ASP A 116 -12.57 41.65 -4.67
CA ASP A 116 -12.53 41.91 -6.11
C ASP A 116 -11.13 42.33 -6.52
N GLU A 117 -10.98 42.71 -7.79
CA GLU A 117 -9.69 43.01 -8.39
C GLU A 117 -9.05 44.27 -7.83
N THR A 118 -9.51 44.73 -6.66
CA THR A 118 -8.82 45.79 -5.94
C THR A 118 -7.42 45.35 -5.55
N ASN A 119 -7.32 44.33 -4.71
CA ASN A 119 -6.03 43.71 -4.50
C ASN A 119 -5.51 43.22 -5.84
N PRO A 120 -4.42 43.78 -6.36
CA PRO A 120 -3.92 43.31 -7.66
C PRO A 120 -3.54 41.85 -7.65
N THR A 121 -3.19 41.28 -6.50
CA THR A 121 -2.92 39.85 -6.48
C THR A 121 -4.15 39.07 -6.90
N MET A 122 -5.33 39.55 -6.51
CA MET A 122 -6.59 39.00 -7.02
C MET A 122 -6.66 39.13 -8.53
N ALA A 123 -6.38 40.32 -9.05
CA ALA A 123 -6.46 40.57 -10.48
C ALA A 123 -5.39 39.83 -11.25
N GLN A 124 -4.44 39.21 -10.57
CA GLN A 124 -3.50 38.35 -11.27
C GLN A 124 -3.86 36.88 -11.11
N ALA A 125 -4.32 36.48 -9.92
CA ALA A 125 -4.84 35.14 -9.72
C ALA A 125 -5.93 34.83 -10.72
N ILE A 126 -6.85 35.77 -10.93
CA ILE A 126 -7.85 35.65 -11.97
C ILE A 126 -7.20 35.52 -13.33
N ARG A 127 -5.98 36.00 -13.50
CA ARG A 127 -5.37 35.82 -14.80
C ARG A 127 -4.75 34.44 -14.98
N ILE A 128 -5.06 33.46 -14.15
CA ILE A 128 -4.60 32.09 -14.37
C ILE A 128 -5.69 31.35 -15.14
N ARG A 129 -5.32 30.25 -15.78
CA ARG A 129 -6.31 29.53 -16.59
C ARG A 129 -6.72 28.19 -16.01
N ASP A 130 -6.08 27.72 -14.94
CA ASP A 130 -6.44 26.41 -14.41
C ASP A 130 -7.58 26.50 -13.41
N PRO A 131 -8.65 25.73 -13.58
CA PRO A 131 -9.73 25.76 -12.61
C PRO A 131 -9.29 25.47 -11.20
N LYS A 132 -8.59 24.36 -10.96
CA LYS A 132 -8.14 24.07 -9.59
C LYS A 132 -7.29 25.21 -9.07
N LYS A 133 -6.31 25.63 -9.85
CA LYS A 133 -5.38 26.66 -9.41
C LYS A 133 -6.08 28.00 -9.22
N ARG A 134 -6.98 28.35 -10.13
CA ARG A 134 -7.82 29.51 -9.93
C ARG A 134 -8.52 29.46 -8.59
N PHE A 135 -9.20 28.36 -8.32
CA PHE A 135 -9.92 28.26 -7.06
C PHE A 135 -8.98 28.32 -5.87
N ASN A 136 -7.81 27.74 -6.00
CA ASN A 136 -6.89 27.70 -4.87
C ASN A 136 -6.36 29.08 -4.55
N ALA A 137 -5.98 29.84 -5.58
CA ALA A 137 -5.57 31.22 -5.37
C ALA A 137 -6.68 32.04 -4.76
N VAL A 138 -7.89 31.93 -5.32
CA VAL A 138 -8.99 32.71 -4.78
C VAL A 138 -9.21 32.37 -3.32
N TRP A 139 -9.19 31.08 -2.98
CA TRP A 139 -9.45 30.69 -1.61
C TRP A 139 -8.32 31.07 -0.70
N GLN A 140 -7.10 31.11 -1.22
CA GLN A 140 -5.98 31.49 -0.37
C GLN A 140 -6.07 32.97 -0.04
N LEU A 141 -6.57 33.78 -0.97
CA LEU A 141 -6.89 35.15 -0.61
C LEU A 141 -8.05 35.25 0.35
N CYS A 142 -9.17 34.60 0.07
CA CYS A 142 -10.43 34.91 0.73
C CYS A 142 -10.66 34.12 2.00
N LYS A 143 -9.83 33.13 2.29
CA LYS A 143 -9.85 32.51 3.62
C LYS A 143 -9.28 33.45 4.67
N THR A 144 -8.62 34.51 4.23
CA THR A 144 -8.02 35.50 5.11
C THR A 144 -9.04 36.50 5.63
N LYS A 145 -9.93 36.96 4.76
CA LYS A 145 -10.98 37.90 5.13
C LYS A 145 -11.85 37.26 6.22
N MET A 146 -12.28 38.05 7.20
CA MET A 146 -13.12 37.52 8.26
C MET A 146 -14.45 38.24 8.38
N VAL A 147 -14.51 39.51 7.98
CA VAL A 147 -15.75 40.28 8.00
C VAL A 147 -16.10 40.65 6.57
N CYS A 148 -17.36 40.45 6.19
CA CYS A 148 -17.74 40.57 4.79
C CYS A 148 -17.50 41.97 4.24
N GLU A 149 -17.71 42.12 2.96
CA GLU A 149 -17.89 43.45 2.41
C GLU A 149 -19.31 43.63 1.91
N ALA A 150 -20.05 44.54 2.55
CA ALA A 150 -21.17 45.15 1.87
C ALA A 150 -20.68 45.89 0.64
N ASP A 151 -19.77 46.84 0.83
CA ASP A 151 -19.16 47.63 -0.22
C ASP A 151 -18.37 46.73 -1.17
N ALA A 152 -18.04 47.25 -2.35
CA ALA A 152 -17.03 46.59 -3.17
C ALA A 152 -15.68 46.64 -2.46
N PRO A 153 -15.12 45.49 -2.05
CA PRO A 153 -14.03 45.34 -1.09
C PRO A 153 -12.82 46.24 -1.33
N LYS A 161 -23.06 58.77 -0.55
CA LYS A 161 -22.96 57.68 -1.50
C LYS A 161 -22.22 56.49 -0.93
N VAL A 162 -22.90 55.34 -0.88
CA VAL A 162 -22.30 54.08 -0.47
C VAL A 162 -22.60 53.03 -1.54
N VAL A 163 -21.55 52.45 -2.10
CA VAL A 163 -21.69 51.45 -3.18
C VAL A 163 -21.37 50.09 -2.55
N SER A 164 -22.42 49.29 -2.37
CA SER A 164 -22.29 47.97 -1.74
C SER A 164 -22.18 46.90 -2.82
N ARG A 165 -21.10 46.10 -2.75
CA ARG A 165 -20.89 45.02 -3.70
C ARG A 165 -21.99 43.97 -3.67
N GLY A 166 -22.80 43.94 -2.61
CA GLY A 166 -23.82 42.93 -2.48
C GLY A 166 -23.95 42.42 -1.06
N GLY A 167 -22.82 42.18 -0.39
CA GLY A 167 -22.86 41.80 1.00
C GLY A 167 -23.60 42.82 1.83
N CYS A 168 -23.96 42.44 3.05
CA CYS A 168 -24.69 43.32 3.92
C CYS A 168 -23.80 44.14 4.84
N GLY A 169 -22.52 43.79 4.94
CA GLY A 169 -21.61 44.38 5.88
C GLY A 169 -21.36 43.51 7.09
N ASN A 170 -22.30 42.66 7.46
CA ASN A 170 -22.07 41.75 8.55
C ASN A 170 -20.89 40.85 8.26
N THR A 171 -20.34 40.26 9.31
CA THR A 171 -19.14 39.46 9.19
C THR A 171 -19.41 38.22 8.33
N GLN A 172 -18.35 37.46 8.09
CA GLN A 172 -18.52 36.14 7.52
C GLN A 172 -18.09 35.10 8.52
N PRO A 173 -18.84 34.02 8.65
CA PRO A 173 -18.62 33.09 9.76
C PRO A 173 -17.38 32.26 9.52
N VAL A 174 -17.06 31.45 10.52
CA VAL A 174 -16.07 30.39 10.38
C VAL A 174 -16.85 29.12 10.07
N VAL A 175 -16.59 28.54 8.90
CA VAL A 175 -17.32 27.36 8.43
C VAL A 175 -16.45 26.13 8.65
N ARG A 176 -16.97 25.16 9.38
CA ARG A 176 -16.30 23.90 9.63
C ARG A 176 -17.09 22.74 9.02
N LYS A 177 -16.40 21.63 8.84
CA LYS A 177 -17.04 20.37 8.49
C LYS A 177 -17.19 19.58 9.77
N ASP A 178 -18.31 18.86 9.92
CA ASP A 178 -18.47 17.96 11.06
C ASP A 178 -19.61 17.01 10.74
N GLY A 179 -19.26 15.78 10.40
CA GLY A 179 -20.25 14.83 9.94
C GLY A 179 -20.86 15.32 8.66
N MET A 180 -22.18 15.13 8.51
CA MET A 180 -22.89 15.73 7.40
C MET A 180 -23.29 17.16 7.72
N LYS A 181 -22.77 17.70 8.80
CA LYS A 181 -23.27 18.93 9.39
C LYS A 181 -22.23 20.03 9.23
N LEU A 182 -22.70 21.22 8.92
CA LEU A 182 -21.83 22.37 8.76
C LEU A 182 -22.02 23.35 9.91
N TRP A 183 -21.01 23.48 10.74
CA TRP A 183 -21.05 24.38 11.87
C TRP A 183 -20.47 25.72 11.45
N GLY A 184 -21.26 26.77 11.65
CA GLY A 184 -20.80 28.12 11.44
C GLY A 184 -20.70 28.86 12.76
N THR A 185 -19.53 29.42 13.02
CA THR A 185 -19.27 30.17 14.24
C THR A 185 -18.93 31.61 13.84
N TRP A 186 -19.89 32.50 14.03
CA TRP A 186 -19.58 33.92 13.92
C TRP A 186 -18.94 34.40 15.20
N LYS A 187 -18.53 35.66 15.20
CA LYS A 187 -18.32 36.41 16.43
C LYS A 187 -19.47 37.37 16.68
N LYS A 188 -20.70 36.84 16.66
CA LYS A 188 -21.88 37.69 16.51
C LYS A 188 -21.98 38.70 17.65
N SER A 189 -21.63 39.95 17.34
CA SER A 189 -21.83 41.07 18.24
C SER A 189 -23.33 41.32 18.39
N ARG A 194 -17.19 43.88 19.54
CA ARG A 194 -16.76 43.08 18.40
C ARG A 194 -17.07 41.60 18.64
N ASP A 195 -16.50 41.04 19.71
CA ASP A 195 -16.77 39.65 20.04
C ASP A 195 -17.94 39.52 21.01
N ALA A 196 -18.88 38.65 20.66
CA ALA A 196 -19.98 38.31 21.57
C ALA A 196 -20.42 36.88 21.24
N GLN A 197 -21.60 36.51 21.72
CA GLN A 197 -22.12 35.14 21.64
C GLN A 197 -22.09 34.59 20.22
N PRO A 198 -21.24 33.60 19.94
CA PRO A 198 -21.19 32.99 18.61
C PRO A 198 -22.37 32.06 18.36
N GLU A 199 -23.23 32.40 17.40
CA GLU A 199 -24.35 31.54 17.02
C GLU A 199 -23.80 30.36 16.22
N ARG A 200 -22.99 29.54 16.89
CA ARG A 200 -22.48 28.35 16.22
C ARG A 200 -23.67 27.47 15.87
N LYS A 201 -23.96 27.41 14.57
CA LYS A 201 -25.26 26.93 14.14
C LYS A 201 -25.12 26.11 12.86
N LEU A 202 -26.21 25.46 12.51
CA LEU A 202 -26.22 24.55 11.38
C LEU A 202 -26.54 25.30 10.11
N LEU A 203 -25.57 25.34 9.19
CA LEU A 203 -25.81 25.98 7.91
C LEU A 203 -26.68 25.04 7.08
N THR A 204 -27.93 25.42 6.91
CA THR A 204 -28.91 24.47 6.43
C THR A 204 -28.76 24.25 4.93
N PRO A 205 -29.16 23.07 4.43
CA PRO A 205 -29.13 22.84 2.99
C PRO A 205 -29.94 23.85 2.21
N GLY A 206 -31.20 24.07 2.56
CA GLY A 206 -32.01 24.97 1.75
C GLY A 206 -31.48 26.38 1.73
N GLU A 207 -31.00 26.88 2.87
CA GLU A 207 -30.52 28.26 2.92
C GLU A 207 -29.32 28.44 2.03
N ILE A 208 -28.33 27.56 2.17
CA ILE A 208 -27.18 27.61 1.29
C ILE A 208 -27.60 27.42 -0.16
N LEU A 209 -28.70 26.70 -0.40
CA LEU A 209 -29.13 26.51 -1.78
C LEU A 209 -29.61 27.81 -2.39
N ASN A 210 -30.52 28.49 -1.71
CA ASN A 210 -30.92 29.80 -2.19
C ASN A 210 -29.73 30.74 -2.28
N VAL A 211 -28.75 30.58 -1.41
CA VAL A 211 -27.59 31.46 -1.46
C VAL A 211 -26.83 31.25 -2.75
N PHE A 212 -26.49 30.01 -3.07
CA PHE A 212 -25.76 29.77 -4.30
C PHE A 212 -26.59 30.20 -5.51
N LYS A 213 -27.91 30.07 -5.44
CA LYS A 213 -28.70 30.41 -6.61
C LYS A 213 -28.66 31.88 -6.98
N HIS A 214 -27.86 32.69 -6.31
CA HIS A 214 -27.89 34.14 -6.53
C HIS A 214 -26.64 34.66 -7.23
N ILE A 215 -25.77 33.80 -7.75
CA ILE A 215 -24.43 34.23 -8.14
C ILE A 215 -24.38 34.39 -9.66
N SER A 216 -24.05 35.59 -10.11
CA SER A 216 -23.97 35.84 -11.53
C SER A 216 -22.73 35.15 -12.10
N PRO A 217 -22.62 35.05 -13.42
CA PRO A 217 -21.42 34.44 -14.00
C PRO A 217 -20.13 35.12 -13.58
N GLU A 218 -20.19 36.19 -12.81
CA GLU A 218 -18.97 36.94 -12.51
C GLU A 218 -18.15 36.23 -11.44
N ASP A 219 -18.63 36.25 -10.18
CA ASP A 219 -17.98 35.45 -9.15
C ASP A 219 -18.11 33.96 -9.43
N CYS A 220 -19.11 33.56 -10.23
CA CYS A 220 -19.15 32.19 -10.69
C CYS A 220 -17.88 31.84 -11.44
N PHE A 221 -17.63 32.52 -12.55
CA PHE A 221 -16.45 32.19 -13.33
C PHE A 221 -15.18 32.40 -12.53
N ARG A 222 -15.16 33.36 -11.61
CA ARG A 222 -13.96 33.52 -10.82
C ARG A 222 -13.68 32.31 -9.97
N LEU A 223 -14.71 31.66 -9.41
CA LEU A 223 -14.42 30.51 -8.57
C LEU A 223 -13.89 29.34 -9.36
N GLY A 224 -13.79 29.46 -10.68
CA GLY A 224 -13.30 28.37 -11.47
C GLY A 224 -14.30 27.28 -11.73
N PHE A 225 -15.55 27.48 -11.36
CA PHE A 225 -16.65 26.63 -11.76
C PHE A 225 -16.92 26.90 -13.23
N ASN A 226 -18.05 26.46 -13.73
CA ASN A 226 -18.37 26.87 -15.08
C ASN A 226 -19.86 26.76 -15.29
N GLU A 227 -20.49 27.92 -15.50
CA GLU A 227 -21.94 27.99 -15.50
C GLU A 227 -22.57 26.89 -16.32
N ASP A 228 -22.34 26.90 -17.62
CA ASP A 228 -23.13 26.07 -18.52
C ASP A 228 -22.84 24.59 -18.41
N TYR A 229 -21.91 24.20 -17.59
CA TYR A 229 -21.85 22.77 -17.33
C TYR A 229 -21.70 22.46 -15.86
N ALA A 230 -21.10 23.35 -15.08
CA ALA A 230 -20.80 23.06 -13.67
C ALA A 230 -21.22 24.25 -12.83
N ARG A 231 -22.37 24.13 -12.19
CA ARG A 231 -23.01 25.25 -11.55
C ARG A 231 -22.82 25.13 -10.06
N PRO A 232 -22.52 26.18 -9.36
CA PRO A 232 -22.22 26.05 -7.94
C PRO A 232 -23.41 25.81 -7.05
N GLU A 233 -24.63 25.88 -7.58
CA GLU A 233 -25.78 25.50 -6.76
C GLU A 233 -26.36 24.15 -7.13
N TRP A 234 -25.72 23.43 -8.02
CA TRP A 234 -26.16 22.06 -8.29
C TRP A 234 -25.40 21.05 -7.45
N MET A 235 -24.48 21.50 -6.63
CA MET A 235 -23.81 20.61 -5.72
C MET A 235 -24.65 20.28 -4.53
N ILE A 236 -25.94 20.52 -4.58
CA ILE A 236 -26.83 20.06 -3.54
C ILE A 236 -28.02 19.39 -4.20
N ILE A 237 -28.18 18.11 -3.93
CA ILE A 237 -29.13 17.27 -4.64
C ILE A 237 -30.52 17.81 -4.37
N THR A 238 -31.29 18.02 -5.41
CA THR A 238 -32.69 18.33 -5.22
C THR A 238 -33.59 17.15 -5.50
N VAL A 239 -33.50 16.60 -6.71
CA VAL A 239 -34.36 15.51 -7.11
C VAL A 239 -33.46 14.36 -7.55
N LEU A 240 -33.28 13.38 -6.67
CA LEU A 240 -32.35 12.28 -6.86
C LEU A 240 -32.79 11.40 -8.01
N PRO A 241 -31.98 11.19 -9.02
CA PRO A 241 -32.37 10.29 -10.11
C PRO A 241 -32.33 8.85 -9.64
N VAL A 242 -33.00 8.00 -10.39
CA VAL A 242 -33.16 6.59 -10.04
C VAL A 242 -32.73 5.75 -11.23
N PRO A 243 -31.88 4.75 -11.03
CA PRO A 243 -31.33 3.98 -12.13
C PRO A 243 -32.29 2.90 -12.60
N PRO A 244 -32.42 2.69 -13.89
CA PRO A 244 -33.28 1.62 -14.40
C PRO A 244 -32.82 0.28 -13.88
N PRO A 245 -33.65 -0.74 -13.94
CA PRO A 245 -33.34 -2.00 -13.26
C PRO A 245 -32.10 -2.72 -13.78
N GLN A 246 -31.61 -2.42 -14.98
CA GLN A 246 -30.37 -3.08 -15.42
C GLN A 246 -29.25 -2.87 -14.43
N VAL A 247 -29.12 -1.67 -13.90
CA VAL A 247 -28.11 -1.42 -12.90
C VAL A 247 -28.38 -2.17 -11.62
N ARG A 248 -29.60 -2.53 -11.36
CA ARG A 248 -29.76 -3.20 -10.09
C ARG A 248 -30.64 -4.43 -10.25
N PRO A 249 -30.37 -5.28 -11.23
CA PRO A 249 -31.26 -6.39 -11.50
C PRO A 249 -31.32 -7.29 -10.29
N SER A 250 -32.53 -7.52 -9.82
CA SER A 250 -32.70 -8.32 -8.61
C SER A 250 -32.32 -9.76 -8.91
N ILE A 251 -31.40 -10.30 -8.13
CA ILE A 251 -31.01 -11.70 -8.23
C ILE A 251 -32.10 -12.53 -7.57
N ALA A 252 -32.36 -13.71 -8.14
CA ALA A 252 -33.35 -14.62 -7.57
C ALA A 252 -32.74 -15.33 -6.38
N MET A 253 -33.30 -15.07 -5.18
CA MET A 253 -32.80 -15.64 -3.93
C MET A 253 -32.65 -17.15 -4.09
N ASP A 254 -33.75 -17.85 -4.36
CA ASP A 254 -33.71 -19.23 -4.80
C ASP A 254 -34.62 -19.40 -6.01
N GLU A 255 -34.15 -18.87 -7.15
CA GLU A 255 -34.75 -19.03 -8.47
C GLU A 255 -36.25 -18.74 -8.54
N THR A 256 -36.87 -18.36 -7.42
CA THR A 256 -38.27 -17.96 -7.40
C THR A 256 -38.47 -16.72 -6.53
N THR A 257 -37.65 -16.59 -5.49
CA THR A 257 -37.69 -15.46 -4.57
C THR A 257 -36.66 -14.43 -5.01
N GLN A 258 -37.09 -13.20 -5.22
CA GLN A 258 -36.21 -12.19 -5.80
C GLN A 258 -35.46 -11.48 -4.67
N GLY A 259 -34.28 -12.00 -4.35
CA GLY A 259 -33.44 -11.32 -3.37
C GLY A 259 -32.92 -10.02 -3.94
N GLN A 260 -33.50 -8.93 -3.49
CA GLN A 260 -33.35 -7.65 -4.18
C GLN A 260 -31.92 -7.13 -4.16
N ASP A 261 -31.54 -6.55 -5.29
CA ASP A 261 -30.28 -5.86 -5.43
C ASP A 261 -30.23 -4.71 -4.43
N ASP A 262 -29.08 -4.54 -3.79
CA ASP A 262 -28.98 -3.62 -2.66
C ASP A 262 -29.33 -2.18 -3.03
N LEU A 263 -29.21 -1.79 -4.30
CA LEU A 263 -29.71 -0.49 -4.69
C LEU A 263 -31.21 -0.40 -4.52
N THR A 264 -31.93 -1.46 -4.83
CA THR A 264 -33.37 -1.44 -4.63
C THR A 264 -33.70 -1.22 -3.16
N HIS A 265 -32.99 -1.89 -2.25
CA HIS A 265 -33.28 -1.65 -0.83
C HIS A 265 -32.91 -0.24 -0.40
N LYS A 266 -31.76 0.26 -0.83
CA LYS A 266 -31.44 1.60 -0.38
C LYS A 266 -32.43 2.61 -0.94
N LEU A 267 -32.92 2.38 -2.15
CA LEU A 267 -33.94 3.28 -2.67
C LEU A 267 -35.23 3.15 -1.89
N SER A 268 -35.59 1.95 -1.46
CA SER A 268 -36.78 1.82 -0.64
C SER A 268 -36.66 2.60 0.66
N ASP A 269 -35.51 2.52 1.32
CA ASP A 269 -35.35 3.25 2.57
C ASP A 269 -35.37 4.75 2.33
N ILE A 270 -34.77 5.20 1.23
CA ILE A 270 -34.89 6.60 0.87
C ILE A 270 -36.33 6.99 0.63
N LEU A 271 -37.09 6.19 -0.10
CA LEU A 271 -38.44 6.60 -0.41
C LEU A 271 -39.31 6.61 0.83
N LYS A 272 -39.12 5.64 1.73
CA LYS A 272 -39.82 5.69 3.00
C LYS A 272 -39.49 6.97 3.76
N ALA A 273 -38.21 7.23 4.02
CA ALA A 273 -37.90 8.43 4.78
C ALA A 273 -38.33 9.68 4.05
N ASN A 274 -38.38 9.66 2.72
CA ASN A 274 -38.91 10.79 1.98
C ASN A 274 -40.35 11.06 2.39
N ILE A 275 -41.21 10.07 2.23
CA ILE A 275 -42.61 10.32 2.57
C ILE A 275 -42.74 10.68 4.03
N ASN A 276 -41.98 10.04 4.91
CA ASN A 276 -42.11 10.34 6.32
C ASN A 276 -41.44 11.64 6.72
N VAL A 277 -40.72 12.30 5.82
CA VAL A 277 -40.42 13.71 5.99
C VAL A 277 -41.60 14.56 5.54
N GLN A 278 -42.14 14.29 4.36
CA GLN A 278 -43.26 15.10 3.90
C GLN A 278 -44.39 15.18 4.90
N LYS A 279 -44.87 14.04 5.39
CA LYS A 279 -46.08 14.06 6.19
C LYS A 279 -45.94 14.93 7.43
N LEU A 280 -44.74 15.20 7.90
CA LEU A 280 -44.65 16.03 9.09
C LEU A 280 -45.01 17.49 8.83
N GLU A 281 -44.54 18.07 7.73
CA GLU A 281 -44.92 19.47 7.55
C GLU A 281 -46.36 19.62 7.06
N MET A 282 -47.18 18.59 7.21
CA MET A 282 -48.63 18.72 7.11
C MET A 282 -49.33 18.24 8.37
N ASP A 283 -48.67 18.27 9.53
CA ASP A 283 -49.31 17.96 10.80
C ASP A 283 -48.37 18.34 11.94
N GLY A 284 -48.73 17.93 13.16
CA GLY A 284 -48.04 18.31 14.37
C GLY A 284 -46.78 17.53 14.68
N SER A 285 -45.79 18.21 15.25
CA SER A 285 -44.44 17.68 15.40
C SER A 285 -43.61 18.58 16.29
N PRO A 286 -42.88 18.05 17.29
CA PRO A 286 -42.18 18.92 18.25
C PRO A 286 -40.85 19.45 17.75
N GLN A 287 -40.76 19.72 16.45
CA GLN A 287 -39.69 20.51 15.85
C GLN A 287 -38.31 19.91 16.07
N HIS A 288 -38.23 18.81 16.81
CA HIS A 288 -36.99 18.04 16.85
C HIS A 288 -37.12 16.72 16.13
N ILE A 289 -38.29 16.07 16.21
CA ILE A 289 -38.54 14.92 15.36
C ILE A 289 -38.53 15.32 13.89
N ILE A 290 -39.02 16.51 13.58
CA ILE A 290 -38.90 17.01 12.21
C ILE A 290 -37.46 16.94 11.76
N ASN A 291 -36.58 17.59 12.52
CA ASN A 291 -35.17 17.62 12.16
C ASN A 291 -34.60 16.21 12.13
N GLU A 292 -35.10 15.31 12.98
CA GLU A 292 -34.55 13.97 12.95
C GLU A 292 -34.95 13.26 11.67
N VAL A 293 -36.19 13.40 11.24
CA VAL A 293 -36.56 12.68 10.03
C VAL A 293 -35.85 13.30 8.83
N GLU A 294 -35.65 14.62 8.87
CA GLU A 294 -34.85 15.26 7.83
C GLU A 294 -33.44 14.68 7.79
N GLN A 295 -32.75 14.73 8.91
CA GLN A 295 -31.39 14.22 8.98
C GLN A 295 -31.35 12.74 8.61
N LEU A 296 -32.43 12.03 8.85
CA LEU A 296 -32.50 10.64 8.39
C LEU A 296 -32.50 10.54 6.88
N LEU A 297 -33.38 11.29 6.23
CA LEU A 297 -33.34 11.30 4.77
C LEU A 297 -31.95 11.61 4.29
N GLN A 298 -31.32 12.58 4.94
CA GLN A 298 -29.95 12.92 4.56
C GLN A 298 -29.05 11.72 4.67
N PHE A 299 -29.18 10.99 5.78
CA PHE A 299 -28.30 9.86 6.05
C PHE A 299 -28.46 8.78 5.00
N HIS A 300 -29.70 8.54 4.56
CA HIS A 300 -29.90 7.55 3.51
C HIS A 300 -29.34 8.02 2.18
N VAL A 301 -29.58 9.26 1.79
CA VAL A 301 -28.97 9.68 0.53
C VAL A 301 -27.47 9.62 0.64
N ALA A 302 -26.93 9.85 1.83
CA ALA A 302 -25.49 9.76 2.00
C ALA A 302 -25.02 8.33 1.79
N THR A 303 -25.43 7.44 2.68
CA THR A 303 -25.00 6.06 2.54
C THR A 303 -25.30 5.47 1.18
N TYR A 304 -26.25 6.03 0.42
CA TYR A 304 -26.48 5.54 -0.93
C TYR A 304 -25.38 5.95 -1.89
N MET A 305 -24.90 7.19 -1.77
CA MET A 305 -23.79 7.59 -2.62
C MET A 305 -22.45 7.28 -2.01
N ASP A 306 -22.42 6.60 -0.87
CA ASP A 306 -21.18 6.13 -0.25
C ASP A 306 -21.49 5.31 0.98
N ASN A 307 -20.75 4.24 1.23
CA ASN A 307 -20.74 3.65 2.56
C ASN A 307 -19.33 3.64 3.13
N ASP A 308 -18.58 4.71 2.85
CA ASP A 308 -17.24 4.87 3.39
C ASP A 308 -17.12 6.17 4.17
N ILE A 309 -18.23 6.77 4.57
CA ILE A 309 -18.17 7.99 5.33
C ILE A 309 -17.50 7.73 6.66
N ALA A 310 -16.51 8.57 6.99
CA ALA A 310 -15.83 8.47 8.27
C ALA A 310 -16.76 8.85 9.40
N GLY A 311 -16.29 8.63 10.63
CA GLY A 311 -16.99 9.10 11.80
C GLY A 311 -18.27 8.37 12.12
N GLN A 312 -18.85 7.68 11.19
CA GLN A 312 -20.12 7.10 11.56
C GLN A 312 -20.08 5.58 11.43
N PRO A 313 -21.01 4.88 12.04
CA PRO A 313 -21.15 3.45 11.75
C PRO A 313 -21.67 3.24 10.34
N GLN A 314 -21.06 2.27 9.67
CA GLN A 314 -21.49 1.90 8.34
C GLN A 314 -22.92 1.37 8.38
N ALA A 315 -23.76 1.93 7.52
CA ALA A 315 -25.15 1.51 7.46
C ALA A 315 -25.22 0.07 6.98
N LEU A 316 -25.98 -0.75 7.68
CA LEU A 316 -25.84 -2.19 7.58
C LEU A 316 -26.92 -2.78 6.69
N GLN A 317 -26.63 -3.97 6.17
CA GLN A 317 -27.67 -4.84 5.65
C GLN A 317 -28.36 -5.57 6.79
N LYS A 318 -29.36 -6.38 6.45
CA LYS A 318 -30.11 -7.16 7.41
C LYS A 318 -29.38 -8.41 7.82
N SER A 319 -28.05 -8.39 7.80
CA SER A 319 -27.26 -9.58 7.97
C SER A 319 -26.03 -9.42 8.82
N GLY A 320 -25.47 -8.22 8.93
CA GLY A 320 -24.21 -8.02 9.62
C GLY A 320 -23.08 -7.54 8.76
N ARG A 321 -23.26 -7.48 7.46
CA ARG A 321 -22.27 -6.98 6.53
C ARG A 321 -22.65 -5.59 6.04
N PRO A 322 -21.69 -4.78 5.63
CA PRO A 322 -22.01 -3.44 5.15
C PRO A 322 -22.71 -3.48 3.81
N VAL A 323 -23.31 -2.36 3.48
CA VAL A 323 -24.13 -2.22 2.29
C VAL A 323 -23.27 -1.74 1.13
N LYS A 324 -23.43 -2.37 -0.02
CA LYS A 324 -22.68 -1.99 -1.21
C LYS A 324 -23.20 -0.66 -1.73
N ALA A 325 -22.39 0.39 -1.64
CA ALA A 325 -22.79 1.69 -2.17
C ALA A 325 -22.77 1.71 -3.70
N ILE A 326 -22.74 2.90 -4.29
CA ILE A 326 -22.21 3.03 -5.63
C ILE A 326 -20.73 3.33 -5.60
N ARG A 327 -20.23 3.93 -4.51
CA ARG A 327 -18.80 4.18 -4.40
C ARG A 327 -18.03 2.88 -4.33
N ALA A 328 -18.39 1.99 -3.39
CA ALA A 328 -17.67 0.74 -3.30
C ALA A 328 -17.74 -0.06 -4.59
N ARG A 329 -18.62 0.31 -5.51
CA ARG A 329 -18.62 -0.39 -6.77
C ARG A 329 -17.70 0.21 -7.80
N LEU A 330 -16.99 1.26 -7.47
CA LEU A 330 -16.06 1.77 -8.47
C LEU A 330 -14.61 1.66 -8.08
N LYS A 331 -14.31 1.54 -6.78
CA LYS A 331 -12.94 1.62 -6.33
C LYS A 331 -12.34 0.23 -6.20
N GLY A 332 -11.25 0.16 -5.46
CA GLY A 332 -10.69 -1.10 -5.03
C GLY A 332 -10.13 -1.92 -6.18
N LYS A 333 -9.71 -3.14 -5.84
CA LYS A 333 -9.19 -4.03 -6.86
C LYS A 333 -10.30 -4.54 -7.77
N GLU A 334 -11.55 -4.41 -7.34
CA GLU A 334 -12.66 -5.09 -7.97
C GLU A 334 -13.80 -4.16 -8.34
N GLY A 335 -13.51 -2.93 -8.69
CA GLY A 335 -14.54 -1.98 -9.02
C GLY A 335 -15.14 -2.24 -10.38
N ARG A 336 -15.32 -1.16 -11.13
CA ARG A 336 -15.70 -1.28 -12.54
C ARG A 336 -14.53 -1.00 -13.46
N LEU A 337 -13.71 -0.01 -13.14
CA LEU A 337 -12.55 0.26 -13.97
C LEU A 337 -11.49 -0.81 -13.75
N ARG A 338 -10.90 -0.85 -12.56
CA ARG A 338 -10.04 -1.98 -12.26
C ARG A 338 -10.81 -3.29 -12.29
N GLY A 339 -12.13 -3.22 -12.40
CA GLY A 339 -12.97 -4.39 -12.32
C GLY A 339 -13.46 -4.92 -13.64
N ASN A 340 -13.86 -4.04 -14.56
CA ASN A 340 -14.35 -4.55 -15.84
C ASN A 340 -14.09 -3.65 -17.04
N LEU A 341 -13.60 -2.44 -16.87
CA LEU A 341 -13.28 -1.62 -18.03
C LEU A 341 -11.79 -1.56 -18.31
N MET A 342 -10.94 -1.63 -17.28
CA MET A 342 -9.52 -1.84 -17.53
C MET A 342 -9.29 -3.21 -18.14
N GLY A 343 -9.53 -4.25 -17.35
CA GLY A 343 -9.34 -5.60 -17.80
C GLY A 343 -10.52 -6.47 -17.43
N LYS A 344 -10.99 -7.24 -18.39
CA LYS A 344 -12.22 -7.96 -18.26
C LYS A 344 -11.98 -9.38 -18.69
N ARG A 345 -12.82 -10.28 -18.23
CA ARG A 345 -12.80 -11.63 -18.75
C ARG A 345 -13.17 -11.56 -20.22
N VAL A 346 -12.74 -12.52 -21.01
CA VAL A 346 -13.06 -12.55 -22.44
C VAL A 346 -13.23 -13.98 -22.90
N ASP A 347 -13.40 -14.12 -24.20
CA ASP A 347 -13.80 -15.36 -24.82
C ASP A 347 -12.78 -15.86 -25.83
N PHE A 348 -13.10 -17.02 -26.39
CA PHE A 348 -12.17 -17.73 -27.22
C PHE A 348 -10.82 -17.83 -26.57
N SER A 349 -10.82 -18.14 -25.29
CA SER A 349 -9.57 -18.37 -24.59
C SER A 349 -9.37 -19.87 -24.45
N ALA A 350 -8.40 -20.23 -23.63
CA ALA A 350 -8.20 -21.59 -23.14
C ALA A 350 -7.02 -21.57 -22.21
N ARG A 351 -7.10 -22.38 -21.17
CA ARG A 351 -6.08 -22.53 -20.15
C ARG A 351 -5.61 -23.97 -20.24
N THR A 352 -4.52 -24.33 -19.55
CA THR A 352 -4.19 -25.74 -19.39
C THR A 352 -2.92 -25.91 -18.57
N VAL A 353 -2.40 -27.13 -18.58
CA VAL A 353 -1.03 -27.42 -18.22
C VAL A 353 -0.23 -27.64 -19.49
N ILE A 354 1.01 -27.19 -19.50
CA ILE A 354 1.84 -27.17 -20.71
C ILE A 354 2.90 -28.27 -20.66
N SER A 355 3.50 -28.57 -21.81
CA SER A 355 4.55 -29.60 -21.86
C SER A 355 5.52 -29.35 -23.01
N GLY A 356 6.77 -29.78 -22.78
CA GLY A 356 7.86 -29.41 -23.66
C GLY A 356 8.20 -30.52 -24.64
N ASP A 357 8.60 -30.11 -25.84
CA ASP A 357 8.65 -31.11 -26.88
C ASP A 357 9.58 -30.70 -28.01
N PRO A 358 10.86 -31.04 -27.90
CA PRO A 358 11.88 -30.50 -28.80
C PRO A 358 11.69 -30.83 -30.27
N ASN A 359 10.70 -31.61 -30.65
CA ASN A 359 10.64 -32.04 -32.05
C ASN A 359 9.76 -31.12 -32.90
N LEU A 360 9.86 -29.84 -32.60
CA LEU A 360 9.01 -28.83 -33.19
C LEU A 360 9.91 -27.81 -33.83
N GLU A 361 9.31 -26.81 -34.44
CA GLU A 361 10.09 -25.64 -34.79
C GLU A 361 10.22 -24.77 -33.55
N LEU A 362 10.52 -23.51 -33.74
CA LEU A 362 10.50 -22.59 -32.62
C LEU A 362 9.19 -21.83 -32.50
N ASP A 363 8.65 -21.36 -33.60
CA ASP A 363 7.42 -20.60 -33.60
C ASP A 363 6.21 -21.52 -33.79
N GLN A 364 6.17 -22.62 -33.06
CA GLN A 364 4.98 -23.45 -33.06
C GLN A 364 4.56 -23.81 -31.64
N VAL A 365 3.27 -24.06 -31.46
CA VAL A 365 2.69 -24.42 -30.18
C VAL A 365 1.72 -25.58 -30.41
N GLY A 366 1.62 -26.48 -29.45
CA GLY A 366 0.85 -27.68 -29.69
C GLY A 366 -0.46 -27.69 -28.92
N VAL A 367 -1.56 -27.67 -29.66
CA VAL A 367 -2.90 -27.68 -29.11
C VAL A 367 -3.42 -29.11 -29.11
N PRO A 368 -3.99 -29.59 -28.03
CA PRO A 368 -4.65 -30.90 -28.04
C PRO A 368 -5.85 -30.89 -28.98
N ILE A 369 -6.32 -32.06 -29.37
CA ILE A 369 -7.34 -32.06 -30.40
C ILE A 369 -8.64 -31.50 -29.87
N SER A 370 -8.97 -31.76 -28.61
CA SER A 370 -10.25 -31.26 -28.13
C SER A 370 -10.29 -29.74 -28.16
N ILE A 371 -9.34 -29.09 -27.52
CA ILE A 371 -9.33 -27.64 -27.53
C ILE A 371 -9.39 -27.12 -28.95
N ALA A 372 -8.84 -27.84 -29.90
CA ALA A 372 -8.96 -27.38 -31.28
C ALA A 372 -10.37 -27.55 -31.82
N LYS A 373 -11.10 -28.57 -31.38
CA LYS A 373 -12.46 -28.72 -31.91
C LYS A 373 -13.43 -27.79 -31.19
N THR A 374 -13.08 -27.38 -29.97
CA THR A 374 -13.94 -26.49 -29.20
C THR A 374 -13.88 -25.06 -29.73
N LEU A 375 -12.71 -24.46 -29.74
CA LEU A 375 -12.56 -23.11 -30.25
C LEU A 375 -12.89 -23.08 -31.73
N SER A 376 -12.77 -21.92 -32.33
CA SER A 376 -13.00 -21.81 -33.75
C SER A 376 -12.43 -20.49 -34.23
N TYR A 377 -12.15 -20.45 -35.52
CA TYR A 377 -11.67 -19.34 -36.22
C TYR A 377 -12.75 -19.05 -37.23
N PRO A 378 -13.18 -17.84 -37.36
CA PRO A 378 -14.13 -17.52 -38.43
C PRO A 378 -13.47 -17.16 -39.74
N GLU A 379 -13.55 -18.07 -40.69
CA GLU A 379 -13.04 -17.84 -42.03
C GLU A 379 -14.17 -17.43 -42.97
N THR A 380 -13.87 -16.47 -43.83
CA THR A 380 -14.85 -16.05 -44.81
C THR A 380 -14.61 -16.76 -46.12
N VAL A 381 -15.68 -17.07 -46.84
CA VAL A 381 -15.58 -17.86 -48.05
C VAL A 381 -15.14 -16.93 -49.17
N THR A 382 -14.38 -17.44 -50.13
CA THR A 382 -13.86 -16.63 -51.22
C THR A 382 -14.09 -17.34 -52.55
N GLN A 383 -13.59 -16.72 -53.61
CA GLN A 383 -13.56 -17.40 -54.90
C GLN A 383 -12.34 -18.29 -55.07
N TYR A 384 -11.79 -18.79 -53.97
CA TYR A 384 -10.72 -19.75 -54.07
C TYR A 384 -10.92 -20.96 -53.19
N ASN A 385 -11.64 -20.83 -52.09
CA ASN A 385 -11.52 -21.88 -51.08
C ASN A 385 -12.86 -22.39 -50.60
N ILE A 386 -13.84 -22.51 -51.49
CA ILE A 386 -15.07 -23.17 -51.08
C ILE A 386 -14.80 -24.64 -50.80
N HIS A 387 -13.73 -25.18 -51.36
CA HIS A 387 -13.56 -26.61 -51.36
C HIS A 387 -13.27 -27.12 -49.96
N ARG A 388 -12.14 -26.68 -49.39
CA ARG A 388 -11.81 -27.09 -48.04
C ARG A 388 -12.93 -26.76 -47.07
N LEU A 389 -13.63 -25.67 -47.30
CA LEU A 389 -14.68 -25.30 -46.37
C LEU A 389 -15.84 -26.28 -46.42
N THR A 390 -16.28 -26.66 -47.61
CA THR A 390 -17.26 -27.73 -47.68
C THR A 390 -16.75 -28.97 -46.99
N GLU A 391 -15.45 -29.24 -47.13
CA GLU A 391 -14.88 -30.38 -46.43
C GLU A 391 -15.08 -30.27 -44.94
N TYR A 392 -14.85 -29.09 -44.37
CA TYR A 392 -14.96 -28.94 -42.93
C TYR A 392 -16.41 -29.07 -42.52
N VAL A 393 -17.31 -28.58 -43.37
CA VAL A 393 -18.73 -28.84 -43.20
C VAL A 393 -18.96 -30.33 -43.00
N ARG A 394 -18.50 -31.13 -43.94
CA ARG A 394 -18.80 -32.54 -43.89
C ARG A 394 -18.16 -33.24 -42.71
N ASN A 395 -16.92 -32.89 -42.35
CA ASN A 395 -16.40 -33.43 -41.11
C ASN A 395 -17.24 -32.99 -39.93
N GLY A 396 -18.03 -31.93 -40.11
CA GLY A 396 -19.00 -31.59 -39.12
C GLY A 396 -18.36 -31.11 -37.85
N PRO A 397 -19.09 -31.22 -36.74
CA PRO A 397 -18.71 -30.54 -35.50
C PRO A 397 -18.06 -31.40 -34.44
N ASN A 398 -17.75 -32.65 -34.73
CA ASN A 398 -17.15 -33.49 -33.71
C ASN A 398 -16.05 -34.36 -34.26
N GLU A 399 -15.74 -34.24 -35.54
CA GLU A 399 -14.64 -34.98 -36.14
C GLU A 399 -13.73 -33.95 -36.78
N HIS A 400 -12.63 -33.67 -36.14
CA HIS A 400 -11.64 -32.78 -36.72
C HIS A 400 -11.03 -33.41 -37.96
N PRO A 401 -10.73 -32.62 -39.00
CA PRO A 401 -10.81 -31.18 -39.16
C PRO A 401 -12.20 -30.71 -39.49
N GLY A 402 -12.91 -30.10 -38.53
CA GLY A 402 -14.32 -29.91 -38.71
C GLY A 402 -14.85 -28.51 -38.50
N ALA A 403 -16.16 -28.31 -38.65
CA ALA A 403 -16.78 -27.01 -38.61
C ALA A 403 -17.86 -26.95 -37.55
N LYS A 404 -18.37 -25.75 -37.28
CA LYS A 404 -19.45 -25.58 -36.31
C LYS A 404 -20.56 -24.64 -36.75
N TYR A 405 -20.25 -23.58 -37.49
CA TYR A 405 -21.28 -22.64 -37.87
C TYR A 405 -21.03 -22.16 -39.28
N VAL A 406 -22.09 -22.15 -40.07
CA VAL A 406 -22.10 -21.49 -41.37
C VAL A 406 -23.08 -20.36 -41.25
N ILE A 407 -22.58 -19.15 -41.08
CA ILE A 407 -23.44 -18.03 -40.77
C ILE A 407 -23.65 -17.18 -42.02
N ARG A 408 -24.91 -16.87 -42.31
CA ARG A 408 -25.20 -16.01 -43.43
C ARG A 408 -24.67 -14.61 -43.16
N ASP A 409 -24.60 -13.81 -44.22
CA ASP A 409 -24.23 -12.41 -44.10
C ASP A 409 -25.36 -11.54 -43.57
N ASN A 410 -26.49 -12.15 -43.19
CA ASN A 410 -27.57 -11.44 -42.54
C ASN A 410 -27.52 -11.51 -41.03
N GLY A 411 -27.04 -12.60 -40.47
CA GLY A 411 -26.96 -12.76 -39.03
C GLY A 411 -27.67 -14.02 -38.58
N ASP A 412 -28.08 -14.82 -39.55
CA ASP A 412 -28.79 -16.06 -39.25
C ASP A 412 -27.78 -17.19 -39.16
N ARG A 413 -27.71 -17.81 -37.98
CA ARG A 413 -26.74 -18.85 -37.71
C ARG A 413 -27.33 -20.21 -38.06
N ILE A 414 -26.57 -20.99 -38.82
CA ILE A 414 -26.93 -22.36 -39.14
C ILE A 414 -26.07 -23.22 -38.22
N ASP A 415 -26.56 -23.44 -37.02
CA ASP A 415 -25.79 -24.16 -36.01
C ASP A 415 -25.69 -25.64 -36.40
N LEU A 416 -24.48 -26.18 -36.41
CA LEU A 416 -24.24 -27.49 -36.96
C LEU A 416 -24.08 -28.60 -35.94
N ARG A 417 -24.64 -28.47 -34.76
CA ARG A 417 -24.91 -29.65 -33.99
C ARG A 417 -26.32 -30.17 -34.16
N TYR A 418 -27.28 -29.27 -34.36
CA TYR A 418 -28.69 -29.63 -34.40
C TYR A 418 -29.27 -29.49 -35.80
N HIS A 419 -28.48 -29.81 -36.81
CA HIS A 419 -28.97 -29.71 -38.18
C HIS A 419 -28.87 -31.09 -38.79
N LYS A 420 -29.99 -31.81 -38.78
CA LYS A 420 -30.02 -33.23 -39.12
C LYS A 420 -29.48 -33.51 -40.51
N ARG A 421 -29.45 -32.50 -41.37
CA ARG A 421 -29.29 -32.69 -42.81
C ARG A 421 -28.25 -31.71 -43.35
N ALA A 422 -27.10 -31.67 -42.68
CA ALA A 422 -26.06 -30.72 -43.06
C ALA A 422 -25.69 -30.81 -44.53
N GLY A 423 -25.83 -31.98 -45.14
CA GLY A 423 -25.36 -32.16 -46.50
C GLY A 423 -26.09 -31.32 -47.54
N ASP A 424 -27.05 -30.50 -47.13
CA ASP A 424 -27.93 -29.78 -48.04
C ASP A 424 -27.54 -28.31 -48.19
N ILE A 425 -26.25 -27.98 -48.13
CA ILE A 425 -25.82 -26.60 -47.98
C ILE A 425 -24.77 -26.26 -49.01
N VAL A 426 -25.17 -25.59 -50.07
CA VAL A 426 -24.20 -24.94 -50.95
C VAL A 426 -24.09 -23.48 -50.52
N LEU A 427 -22.93 -22.89 -50.76
CA LEU A 427 -22.54 -21.64 -50.12
C LEU A 427 -22.51 -20.50 -51.12
N GLN A 428 -22.49 -19.30 -50.58
CA GLN A 428 -22.40 -18.08 -51.38
C GLN A 428 -21.12 -17.36 -51.04
N TYR A 429 -20.58 -16.64 -52.01
CA TYR A 429 -19.41 -15.84 -51.74
C TYR A 429 -19.75 -14.75 -50.73
N GLY A 430 -19.30 -14.93 -49.50
CA GLY A 430 -19.45 -13.90 -48.51
C GLY A 430 -19.91 -14.35 -47.14
N TRP A 431 -20.30 -15.59 -46.98
CA TRP A 431 -20.76 -16.02 -45.66
C TRP A 431 -19.57 -16.21 -44.74
N LYS A 432 -19.86 -16.60 -43.51
CA LYS A 432 -18.80 -16.92 -42.57
C LYS A 432 -18.86 -18.39 -42.19
N VAL A 433 -17.75 -18.91 -41.70
CA VAL A 433 -17.68 -20.23 -41.08
C VAL A 433 -16.87 -20.13 -39.81
N GLU A 434 -17.43 -20.55 -38.70
CA GLU A 434 -16.58 -20.80 -37.55
C GLU A 434 -16.07 -22.20 -37.74
N ARG A 435 -14.95 -22.31 -38.45
CA ARG A 435 -14.34 -23.60 -38.63
C ARG A 435 -13.35 -23.87 -37.52
N HIS A 436 -12.89 -25.11 -37.46
CA HIS A 436 -11.98 -25.53 -36.42
C HIS A 436 -10.66 -24.82 -36.56
N LEU A 437 -9.75 -25.20 -35.68
CA LEU A 437 -8.46 -24.55 -35.56
C LEU A 437 -7.42 -25.44 -36.21
N MET A 438 -7.26 -25.34 -37.53
CA MET A 438 -6.40 -26.28 -38.23
C MET A 438 -4.94 -25.90 -38.06
N ASP A 439 -4.10 -26.49 -38.90
CA ASP A 439 -2.67 -26.38 -38.72
C ASP A 439 -2.16 -24.99 -39.04
N ASP A 440 -1.43 -24.43 -38.08
CA ASP A 440 -0.72 -23.18 -38.29
C ASP A 440 -1.66 -22.01 -38.55
N ASP A 441 -2.57 -21.78 -37.66
CA ASP A 441 -3.20 -20.47 -37.66
C ASP A 441 -2.73 -19.72 -36.43
N PRO A 442 -2.20 -18.53 -36.58
CA PRO A 442 -1.40 -17.97 -35.51
C PRO A 442 -2.23 -17.69 -34.28
N VAL A 443 -2.02 -18.49 -33.25
CA VAL A 443 -2.68 -18.18 -32.01
C VAL A 443 -1.69 -17.50 -31.13
N LEU A 444 -2.20 -16.91 -30.07
CA LEU A 444 -1.36 -16.18 -29.15
C LEU A 444 -0.89 -17.13 -28.08
N PHE A 445 -0.34 -16.58 -27.01
CA PHE A 445 0.01 -17.40 -25.87
C PHE A 445 0.19 -16.42 -24.75
N ASN A 446 0.40 -16.91 -23.53
CA ASN A 446 0.55 -15.95 -22.46
C ASN A 446 0.96 -16.68 -21.20
N ARG A 447 1.16 -15.92 -20.14
CA ARG A 447 1.36 -16.51 -18.83
C ARG A 447 1.23 -15.41 -17.81
N GLN A 448 0.23 -15.50 -16.96
CA GLN A 448 0.26 -14.64 -15.80
C GLN A 448 1.42 -15.08 -14.93
N PRO A 449 2.13 -14.15 -14.32
CA PRO A 449 1.90 -12.74 -14.56
C PRO A 449 2.69 -12.30 -15.78
N SER A 450 2.19 -11.39 -16.63
CA SER A 450 2.96 -10.96 -17.79
C SER A 450 3.86 -9.80 -17.42
N LEU A 451 5.11 -10.09 -17.07
CA LEU A 451 5.99 -9.07 -16.54
C LEU A 451 6.94 -8.46 -17.53
N HIS A 452 6.81 -8.71 -18.82
CA HIS A 452 7.56 -7.97 -19.83
C HIS A 452 7.21 -8.49 -21.20
N LYS A 453 7.29 -7.61 -22.18
CA LYS A 453 6.59 -7.82 -23.44
C LYS A 453 6.96 -9.12 -24.13
N MET A 454 7.73 -10.00 -23.50
CA MET A 454 7.85 -11.36 -24.00
C MET A 454 6.80 -12.30 -23.44
N SER A 455 6.24 -12.04 -22.28
CA SER A 455 5.21 -12.97 -21.85
C SER A 455 4.07 -13.08 -22.84
N MET A 456 4.15 -12.45 -23.99
CA MET A 456 3.15 -12.64 -25.02
C MET A 456 3.80 -12.65 -26.37
N MET A 457 3.84 -13.80 -26.99
CA MET A 457 4.30 -13.87 -28.35
C MET A 457 3.27 -14.68 -29.09
N ALA A 458 3.21 -14.52 -30.39
CA ALA A 458 2.42 -15.43 -31.19
C ALA A 458 2.97 -16.84 -31.08
N HIS A 459 2.41 -17.72 -31.88
CA HIS A 459 3.08 -18.94 -32.25
C HIS A 459 2.49 -19.39 -33.58
N ARG A 460 2.59 -20.67 -33.86
CA ARG A 460 1.76 -21.34 -34.84
C ARG A 460 1.29 -22.65 -34.24
N VAL A 461 0.24 -23.22 -34.81
CA VAL A 461 -0.44 -24.36 -34.22
C VAL A 461 -0.07 -25.64 -34.95
N LYS A 462 0.28 -26.67 -34.19
CA LYS A 462 0.34 -28.02 -34.72
C LYS A 462 -0.41 -28.91 -33.74
N VAL A 463 -1.25 -29.79 -34.27
CA VAL A 463 -2.33 -30.42 -33.53
C VAL A 463 -1.91 -31.78 -33.05
N MET A 464 -1.74 -31.94 -31.75
CA MET A 464 -1.12 -33.14 -31.21
C MET A 464 -1.96 -33.69 -30.07
N PRO A 465 -2.11 -34.98 -29.97
CA PRO A 465 -3.08 -35.54 -29.02
C PRO A 465 -2.63 -35.55 -27.59
N TYR A 466 -3.37 -36.21 -26.69
CA TYR A 466 -2.95 -36.26 -25.30
C TYR A 466 -2.94 -34.89 -24.66
N SER A 467 -4.08 -34.40 -24.20
CA SER A 467 -4.30 -32.97 -24.01
C SER A 467 -3.44 -32.32 -22.94
N THR A 468 -2.32 -31.73 -23.41
CA THR A 468 -1.61 -30.65 -22.73
C THR A 468 -1.10 -29.71 -23.80
N PHE A 469 -0.36 -28.67 -23.39
CA PHE A 469 0.21 -27.75 -24.36
C PHE A 469 1.62 -28.14 -24.74
N ARG A 470 1.88 -28.14 -26.03
CA ARG A 470 3.21 -28.37 -26.52
C ARG A 470 3.90 -27.04 -26.82
N LEU A 471 5.06 -26.87 -26.21
CA LEU A 471 6.02 -25.83 -26.54
C LEU A 471 7.23 -26.47 -27.20
N ASN A 472 8.08 -25.63 -27.73
CA ASN A 472 9.47 -25.95 -28.01
C ASN A 472 10.29 -25.51 -26.81
N LEU A 473 11.47 -26.08 -26.66
CA LEU A 473 12.23 -25.72 -25.48
C LEU A 473 13.19 -24.59 -25.62
N SER A 474 13.16 -23.84 -26.70
CA SER A 474 13.92 -22.61 -26.58
C SER A 474 13.17 -21.56 -25.80
N VAL A 475 11.86 -21.70 -25.63
CA VAL A 475 11.04 -20.61 -25.11
C VAL A 475 10.50 -20.93 -23.74
N THR A 476 11.34 -21.42 -22.86
CA THR A 476 10.94 -21.47 -21.47
C THR A 476 11.40 -20.22 -20.77
N SER A 477 12.39 -19.54 -21.31
CA SER A 477 13.01 -18.44 -20.57
C SER A 477 12.18 -17.18 -20.64
N PRO A 478 11.76 -16.67 -21.79
CA PRO A 478 10.89 -15.49 -21.74
C PRO A 478 9.63 -15.79 -20.97
N TYR A 479 8.91 -16.85 -21.32
CA TYR A 479 7.77 -17.27 -20.50
C TYR A 479 8.17 -17.53 -19.08
N ASN A 480 9.47 -17.61 -18.80
CA ASN A 480 9.99 -17.88 -17.47
C ASN A 480 9.17 -18.95 -16.79
N ALA A 481 8.77 -19.91 -17.60
CA ALA A 481 7.84 -20.93 -17.17
C ALA A 481 8.50 -22.29 -17.30
N ASP A 482 8.62 -22.98 -16.17
CA ASP A 482 9.17 -24.31 -16.08
C ASP A 482 8.07 -25.31 -16.41
N PHE A 483 8.20 -26.52 -15.94
CA PHE A 483 7.19 -27.53 -16.18
C PHE A 483 6.72 -28.15 -14.87
N ASP A 484 6.93 -27.46 -13.76
CA ASP A 484 6.44 -27.95 -12.49
C ASP A 484 4.93 -27.79 -12.35
N GLY A 485 4.25 -27.60 -13.47
CA GLY A 485 2.82 -27.46 -13.51
C GLY A 485 2.38 -26.06 -13.90
N ASP A 486 3.24 -25.31 -14.56
CA ASP A 486 2.79 -24.00 -14.97
C ASP A 486 1.57 -24.14 -15.84
N GLU A 487 0.80 -23.07 -15.91
CA GLU A 487 -0.49 -23.05 -16.56
C GLU A 487 -0.56 -21.79 -17.39
N MET A 488 -0.90 -21.91 -18.66
CA MET A 488 -0.78 -20.75 -19.52
C MET A 488 -2.01 -20.55 -20.38
N ASN A 489 -2.50 -19.33 -20.42
CA ASN A 489 -3.67 -18.95 -21.20
C ASN A 489 -3.31 -18.84 -22.66
N LEU A 490 -4.26 -19.16 -23.54
CA LEU A 490 -4.02 -19.24 -24.97
C LEU A 490 -5.17 -18.56 -25.70
N HIS A 491 -5.02 -17.28 -25.99
CA HIS A 491 -6.06 -16.58 -26.71
C HIS A 491 -6.03 -16.98 -28.16
N VAL A 492 -6.93 -16.40 -28.93
CA VAL A 492 -7.07 -16.71 -30.35
C VAL A 492 -7.41 -15.42 -31.06
N PRO A 493 -6.94 -15.19 -32.26
CA PRO A 493 -7.47 -14.09 -33.03
C PRO A 493 -8.85 -14.48 -33.51
N GLN A 494 -9.61 -13.51 -33.97
CA GLN A 494 -10.95 -13.80 -34.44
C GLN A 494 -11.24 -13.22 -35.80
N SER A 495 -10.34 -12.44 -36.37
CA SER A 495 -10.63 -11.90 -37.68
C SER A 495 -9.37 -11.38 -38.30
N GLU A 496 -9.47 -10.99 -39.54
CA GLU A 496 -8.29 -10.95 -40.37
C GLU A 496 -7.25 -9.96 -39.86
N GLU A 497 -7.67 -8.72 -39.59
CA GLU A 497 -6.72 -7.71 -39.16
C GLU A 497 -5.80 -8.25 -38.07
N THR A 498 -6.37 -8.82 -37.03
CA THR A 498 -5.51 -9.18 -35.92
C THR A 498 -4.71 -10.44 -36.20
N ARG A 499 -5.20 -11.31 -37.08
CA ARG A 499 -4.26 -12.27 -37.65
C ARG A 499 -3.02 -11.56 -38.14
N ALA A 500 -3.16 -10.74 -39.19
CA ALA A 500 -1.98 -10.13 -39.74
C ALA A 500 -1.17 -9.40 -38.69
N GLU A 501 -1.81 -8.83 -37.70
CA GLU A 501 -1.04 -8.14 -36.67
C GLU A 501 -0.17 -9.12 -35.90
N LEU A 502 -0.70 -10.27 -35.51
CA LEU A 502 0.18 -11.20 -34.84
C LEU A 502 1.20 -11.76 -35.81
N SER A 503 0.83 -11.94 -37.07
CA SER A 503 1.75 -12.57 -37.99
C SER A 503 2.93 -11.67 -38.31
N GLN A 504 2.76 -10.36 -38.26
CA GLN A 504 3.85 -9.48 -38.62
C GLN A 504 4.43 -8.72 -37.46
N LEU A 505 3.89 -8.87 -36.25
CA LEU A 505 4.46 -8.17 -35.12
C LEU A 505 5.02 -9.06 -34.02
N CYS A 506 4.27 -10.04 -33.54
CA CYS A 506 4.69 -10.74 -32.34
C CYS A 506 4.90 -12.22 -32.55
N ALA A 507 5.38 -12.64 -33.71
CA ALA A 507 5.82 -14.01 -33.86
C ALA A 507 7.27 -14.10 -33.42
N VAL A 508 7.59 -15.14 -32.67
CA VAL A 508 8.78 -15.14 -31.81
C VAL A 508 10.05 -14.68 -32.53
N PRO A 509 10.32 -15.06 -33.77
CA PRO A 509 11.53 -14.56 -34.43
C PRO A 509 11.77 -13.07 -34.25
N LEU A 510 10.73 -12.24 -34.29
CA LEU A 510 10.90 -10.82 -34.05
C LEU A 510 11.03 -10.48 -32.59
N GLN A 511 11.35 -11.44 -31.75
CA GLN A 511 11.35 -11.22 -30.32
C GLN A 511 12.64 -11.70 -29.68
N ILE A 512 13.60 -12.07 -30.50
CA ILE A 512 14.79 -12.68 -29.95
C ILE A 512 15.63 -11.66 -29.20
N VAL A 513 15.67 -10.44 -29.70
CA VAL A 513 16.53 -9.40 -29.15
C VAL A 513 15.66 -8.48 -28.33
N SER A 514 15.92 -8.42 -27.04
CA SER A 514 15.08 -7.63 -26.16
C SER A 514 15.55 -6.20 -26.09
N PRO A 515 14.67 -5.22 -26.26
CA PRO A 515 14.99 -3.86 -25.86
C PRO A 515 15.29 -3.74 -24.38
N GLN A 516 15.39 -4.83 -23.64
CA GLN A 516 15.82 -4.67 -22.27
C GLN A 516 17.31 -4.42 -22.21
N SER A 517 18.09 -5.37 -22.69
CA SER A 517 19.54 -5.24 -22.63
C SER A 517 20.15 -5.57 -23.97
N ASN A 518 19.50 -5.12 -25.04
CA ASN A 518 19.92 -5.32 -26.43
C ASN A 518 20.67 -6.62 -26.64
N LYS A 519 20.19 -7.69 -26.02
CA LYS A 519 20.80 -9.00 -26.05
C LYS A 519 19.71 -10.02 -26.34
N PRO A 520 20.08 -11.20 -26.82
CA PRO A 520 19.09 -12.26 -26.94
C PRO A 520 18.55 -12.61 -25.57
N VAL A 521 17.42 -13.31 -25.57
CA VAL A 521 16.78 -13.69 -24.33
C VAL A 521 16.46 -15.18 -24.32
N MET A 522 16.42 -15.80 -25.49
CA MET A 522 16.01 -17.19 -25.62
C MET A 522 17.25 -17.98 -25.96
N GLY A 523 18.00 -18.38 -24.95
CA GLY A 523 19.29 -18.97 -25.20
C GLY A 523 19.17 -20.40 -25.67
N ILE A 524 19.94 -21.30 -25.09
CA ILE A 524 19.68 -22.73 -25.21
C ILE A 524 19.68 -23.27 -23.79
N VAL A 525 18.78 -24.21 -23.54
CA VAL A 525 18.40 -24.55 -22.17
C VAL A 525 18.86 -25.96 -21.83
N GLN A 526 18.49 -26.44 -20.65
CA GLN A 526 19.28 -27.38 -19.87
C GLN A 526 20.09 -28.41 -20.65
N ASP A 527 19.43 -29.42 -21.21
CA ASP A 527 20.19 -30.50 -21.82
C ASP A 527 20.90 -30.05 -23.05
N THR A 528 20.13 -29.66 -24.06
CA THR A 528 20.73 -29.30 -25.32
C THR A 528 22.00 -28.49 -25.14
N LEU A 529 22.06 -27.69 -24.08
CA LEU A 529 23.31 -27.03 -23.74
C LEU A 529 24.35 -28.03 -23.25
N CYS A 530 24.08 -28.72 -22.13
CA CYS A 530 25.13 -29.60 -21.62
C CYS A 530 25.62 -30.55 -22.69
N GLY A 531 24.71 -31.08 -23.47
CA GLY A 531 25.09 -31.81 -24.65
C GLY A 531 26.03 -31.03 -25.53
N VAL A 532 25.54 -29.99 -26.20
CA VAL A 532 26.36 -29.41 -27.25
C VAL A 532 27.67 -28.94 -26.66
N ARG A 533 27.86 -29.04 -25.35
CA ARG A 533 29.25 -28.98 -24.94
C ARG A 533 29.90 -30.32 -25.03
N LYS A 534 29.40 -31.34 -24.31
CA LYS A 534 30.05 -32.65 -24.37
C LYS A 534 30.30 -33.09 -25.80
N MET A 535 29.45 -32.69 -26.73
CA MET A 535 29.62 -33.20 -28.07
C MET A 535 30.81 -32.56 -28.74
N THR A 536 31.07 -31.28 -28.49
CA THR A 536 32.20 -30.65 -29.15
C THR A 536 33.33 -30.38 -28.18
N LEU A 537 33.70 -31.36 -27.38
CA LEU A 537 35.04 -31.28 -26.87
C LEU A 537 36.03 -31.34 -28.01
N ARG A 538 37.23 -31.75 -27.69
CA ARG A 538 38.12 -32.08 -28.78
C ARG A 538 38.07 -33.55 -29.09
N ASP A 539 37.86 -34.38 -28.08
CA ASP A 539 38.00 -35.82 -28.24
C ASP A 539 36.68 -36.52 -28.50
N THR A 540 35.82 -35.95 -29.33
CA THR A 540 34.62 -36.60 -29.81
C THR A 540 34.87 -37.16 -31.18
N PHE A 541 34.57 -38.43 -31.37
CA PHE A 541 34.67 -38.98 -32.69
C PHE A 541 33.43 -39.79 -32.99
N ILE A 542 32.91 -39.59 -34.19
CA ILE A 542 31.59 -40.08 -34.55
C ILE A 542 31.69 -40.87 -35.83
N GLU A 543 31.24 -42.11 -35.77
CA GLU A 543 31.44 -43.08 -36.83
C GLU A 543 30.66 -42.65 -38.06
N TYR A 544 30.73 -43.46 -39.10
CA TYR A 544 30.01 -43.08 -40.32
C TYR A 544 28.52 -43.34 -40.19
N GLU A 545 28.14 -44.51 -39.69
CA GLU A 545 26.74 -44.83 -39.57
C GLU A 545 26.00 -43.71 -38.89
N GLN A 546 26.31 -43.49 -37.63
CA GLN A 546 25.61 -42.48 -36.84
C GLN A 546 25.55 -41.14 -37.54
N VAL A 547 26.55 -40.81 -38.37
CA VAL A 547 26.53 -39.48 -38.94
C VAL A 547 25.61 -39.41 -40.13
N MET A 548 25.42 -40.50 -40.85
CA MET A 548 24.39 -40.44 -41.87
C MET A 548 23.08 -39.97 -41.26
N ASN A 549 22.68 -40.57 -40.15
CA ASN A 549 21.50 -40.07 -39.47
C ASN A 549 21.67 -38.61 -39.12
N MET A 550 22.64 -38.30 -38.25
CA MET A 550 22.74 -36.94 -37.71
C MET A 550 22.87 -35.91 -38.80
N LEU A 551 23.00 -36.33 -40.03
CA LEU A 551 22.80 -35.41 -41.11
C LEU A 551 21.45 -35.54 -41.76
N PHE A 552 20.64 -36.54 -41.43
CA PHE A 552 19.29 -36.41 -41.94
C PHE A 552 18.49 -35.44 -41.09
N TRP A 553 18.63 -35.51 -39.77
CA TRP A 553 17.79 -34.72 -38.89
C TRP A 553 17.77 -33.24 -39.21
N VAL A 554 18.87 -32.66 -39.67
CA VAL A 554 18.86 -31.23 -39.93
C VAL A 554 17.85 -30.92 -41.02
N PRO A 555 16.87 -30.07 -40.74
CA PRO A 555 15.90 -29.72 -41.78
C PRO A 555 16.51 -28.89 -42.87
N SER A 556 17.38 -27.95 -42.53
CA SER A 556 17.89 -27.00 -43.49
C SER A 556 18.95 -27.62 -44.38
N TRP A 557 19.32 -28.86 -44.12
CA TRP A 557 20.54 -29.42 -44.67
C TRP A 557 20.49 -29.51 -46.19
N ASP A 558 21.65 -29.38 -46.79
CA ASP A 558 21.73 -29.32 -48.23
C ASP A 558 21.51 -30.68 -48.84
N GLY A 559 22.10 -31.71 -48.25
CA GLY A 559 22.16 -33.00 -48.88
C GLY A 559 23.55 -33.33 -49.38
N VAL A 560 24.58 -32.89 -48.67
CA VAL A 560 25.97 -33.10 -49.06
C VAL A 560 26.76 -33.40 -47.80
N VAL A 561 27.24 -34.63 -47.68
CA VAL A 561 28.03 -34.99 -46.51
C VAL A 561 29.26 -34.12 -46.46
N PRO A 562 29.82 -33.88 -45.29
CA PRO A 562 31.09 -33.16 -45.21
C PRO A 562 32.22 -34.11 -45.57
N GLN A 563 33.41 -33.57 -45.70
CA GLN A 563 34.55 -34.46 -45.84
C GLN A 563 35.11 -34.78 -44.46
N PRO A 564 35.26 -36.05 -44.15
CA PRO A 564 35.46 -36.43 -42.76
C PRO A 564 36.85 -36.10 -42.31
N ALA A 565 36.95 -35.46 -41.16
CA ALA A 565 38.24 -34.97 -40.72
C ALA A 565 39.33 -36.02 -40.68
N ILE A 566 39.00 -37.30 -40.77
CA ILE A 566 40.00 -38.34 -40.94
C ILE A 566 39.57 -39.22 -42.10
N LEU A 567 40.54 -39.72 -42.86
CA LEU A 567 40.22 -40.61 -43.96
C LEU A 567 40.76 -42.02 -43.80
N LYS A 568 41.65 -42.24 -42.86
CA LYS A 568 42.33 -43.51 -42.82
C LYS A 568 43.09 -43.54 -41.51
N PRO A 569 43.01 -44.60 -40.72
CA PRO A 569 42.48 -45.95 -40.87
C PRO A 569 40.98 -46.10 -41.05
N LYS A 570 40.13 -45.55 -40.22
CA LYS A 570 38.74 -45.74 -40.58
C LYS A 570 37.93 -44.47 -40.37
N PRO A 571 37.29 -43.98 -41.42
CA PRO A 571 36.76 -42.62 -41.41
C PRO A 571 36.04 -42.29 -40.12
N LEU A 572 36.28 -41.09 -39.62
CA LEU A 572 35.50 -40.59 -38.51
C LEU A 572 34.90 -39.25 -38.91
N TRP A 573 34.42 -38.52 -37.95
CA TRP A 573 34.03 -37.15 -38.06
C TRP A 573 34.21 -36.51 -36.71
N THR A 574 34.10 -35.20 -36.66
CA THR A 574 34.32 -34.50 -35.41
C THR A 574 33.22 -33.50 -35.17
N GLY A 575 32.71 -33.52 -33.93
CA GLY A 575 31.48 -32.83 -33.61
C GLY A 575 31.44 -31.44 -34.18
N LYS A 576 32.52 -30.70 -34.04
CA LYS A 576 32.51 -29.33 -34.51
C LYS A 576 32.04 -29.26 -35.95
N GLN A 577 32.41 -30.21 -36.80
CA GLN A 577 31.88 -30.13 -38.15
C GLN A 577 30.36 -30.18 -38.16
N LEU A 578 29.78 -31.10 -37.42
CA LEU A 578 28.33 -31.20 -37.45
C LEU A 578 27.70 -29.94 -36.92
N LEU A 579 28.05 -29.56 -35.70
CA LEU A 579 27.63 -28.29 -35.14
C LEU A 579 27.90 -27.17 -36.11
N SER A 580 28.75 -27.40 -37.11
CA SER A 580 28.87 -26.47 -38.21
C SER A 580 27.87 -26.75 -39.34
N ILE A 581 27.30 -27.95 -39.39
CA ILE A 581 26.32 -28.09 -40.46
C ILE A 581 25.14 -27.19 -40.21
N ALA A 582 24.77 -26.99 -38.95
CA ALA A 582 23.61 -26.15 -38.66
C ALA A 582 23.89 -24.70 -39.00
N ILE A 583 24.90 -24.14 -38.36
CA ILE A 583 25.22 -22.71 -38.39
C ILE A 583 25.29 -22.21 -39.82
N PRO A 584 24.27 -21.55 -40.30
CA PRO A 584 24.14 -21.30 -41.75
C PRO A 584 25.33 -20.60 -42.33
N SER A 585 25.60 -20.84 -43.61
CA SER A 585 26.81 -20.36 -44.25
C SER A 585 26.84 -18.85 -44.23
N GLY A 586 27.95 -18.27 -43.77
CA GLY A 586 28.12 -16.84 -43.86
C GLY A 586 28.20 -16.10 -42.56
N ILE A 587 28.85 -16.67 -41.57
CA ILE A 587 28.97 -16.00 -40.29
C ILE A 587 30.43 -15.65 -40.09
N HIS A 588 30.71 -14.86 -39.07
CA HIS A 588 32.04 -14.80 -38.52
C HIS A 588 31.91 -14.63 -37.03
N LEU A 589 32.94 -15.02 -36.31
CA LEU A 589 32.93 -14.82 -34.88
C LEU A 589 34.33 -15.03 -34.36
N GLN A 590 34.77 -14.18 -33.46
CA GLN A 590 36.04 -14.33 -32.76
C GLN A 590 35.79 -13.95 -31.32
N ARG A 591 36.17 -14.81 -30.40
CA ARG A 591 36.10 -14.45 -28.99
C ARG A 591 37.28 -15.06 -28.27
N THR A 592 37.84 -14.32 -27.31
CA THR A 592 39.07 -14.73 -26.66
C THR A 592 39.01 -14.58 -25.15
N ASP A 593 38.94 -15.70 -24.45
CA ASP A 593 39.17 -15.74 -23.02
C ASP A 593 40.65 -15.84 -22.77
N GLY A 594 41.07 -15.64 -21.53
CA GLY A 594 42.41 -15.96 -21.08
C GLY A 594 43.54 -15.46 -21.95
N GLY A 595 43.23 -14.68 -22.97
CA GLY A 595 44.23 -14.24 -23.91
C GLY A 595 44.86 -15.39 -24.66
N ASN A 596 44.05 -16.37 -25.05
CA ASN A 596 44.58 -17.55 -25.70
C ASN A 596 45.25 -17.19 -27.01
N SER A 597 45.98 -18.15 -27.55
CA SER A 597 46.71 -17.94 -28.80
C SER A 597 45.76 -18.16 -29.96
N LEU A 598 46.32 -18.34 -31.16
CA LEU A 598 45.59 -19.03 -32.20
C LEU A 598 45.91 -20.51 -32.20
N LEU A 599 46.65 -20.98 -31.21
CA LEU A 599 46.96 -22.40 -31.05
C LEU A 599 46.08 -23.10 -30.03
N SER A 600 45.79 -22.44 -28.93
CA SER A 600 44.71 -22.87 -28.03
C SER A 600 44.94 -24.20 -27.34
N PRO A 601 45.81 -24.25 -26.36
CA PRO A 601 46.07 -25.54 -25.71
C PRO A 601 44.88 -26.09 -24.95
N LYS A 602 44.32 -25.29 -24.05
CA LYS A 602 43.17 -25.73 -23.27
C LYS A 602 41.90 -25.74 -24.08
N ASP A 603 41.96 -25.35 -25.34
CA ASP A 603 40.84 -25.36 -26.27
C ASP A 603 39.64 -24.57 -25.76
N ASN A 604 39.86 -23.34 -25.30
CA ASN A 604 38.77 -22.40 -25.06
C ASN A 604 38.83 -21.27 -26.08
N GLY A 605 37.95 -20.31 -25.96
CA GLY A 605 37.83 -19.28 -26.97
C GLY A 605 36.89 -19.72 -28.05
N MET A 606 36.97 -19.03 -29.19
CA MET A 606 36.18 -19.43 -30.35
C MET A 606 36.59 -18.62 -31.55
N LEU A 607 36.83 -19.30 -32.65
CA LEU A 607 36.94 -18.67 -33.95
C LEU A 607 36.13 -19.45 -34.93
N ILE A 608 35.13 -18.79 -35.50
CA ILE A 608 34.27 -19.41 -36.48
C ILE A 608 34.34 -18.60 -37.74
N VAL A 609 34.62 -19.27 -38.84
CA VAL A 609 34.87 -18.65 -40.12
C VAL A 609 33.90 -19.22 -41.12
N ASP A 610 33.28 -18.33 -41.89
CA ASP A 610 32.46 -18.68 -43.03
C ASP A 610 31.28 -19.57 -42.63
N GLY A 611 31.27 -20.05 -41.40
CA GLY A 611 30.22 -20.92 -40.97
C GLY A 611 30.63 -22.32 -40.62
N LYS A 612 31.91 -22.57 -40.44
CA LYS A 612 32.35 -23.88 -39.99
C LYS A 612 33.22 -23.67 -38.76
N VAL A 613 32.73 -24.11 -37.60
CA VAL A 613 33.54 -23.98 -36.40
C VAL A 613 34.95 -24.41 -36.72
N MET A 614 35.91 -23.65 -36.22
CA MET A 614 37.31 -23.92 -36.46
C MET A 614 38.01 -24.41 -35.21
N PHE A 615 37.65 -23.93 -34.04
CA PHE A 615 38.16 -24.53 -32.82
C PHE A 615 37.37 -23.98 -31.65
N GLY A 616 37.19 -24.80 -30.62
CA GLY A 616 36.72 -24.26 -29.36
C GLY A 616 35.49 -24.82 -28.67
N VAL A 617 35.66 -25.21 -27.42
CA VAL A 617 34.58 -25.68 -26.55
C VAL A 617 33.45 -24.64 -26.55
N VAL A 618 32.27 -25.05 -26.98
CA VAL A 618 31.13 -24.15 -27.12
C VAL A 618 30.23 -24.30 -25.88
N ASP A 619 29.97 -23.20 -25.19
CA ASP A 619 29.07 -23.30 -24.05
C ASP A 619 28.30 -22.00 -23.84
N LYS A 620 27.81 -21.80 -22.61
CA LYS A 620 26.91 -20.68 -22.37
C LYS A 620 27.46 -19.39 -22.95
N LYS A 621 28.76 -19.16 -22.80
CA LYS A 621 29.30 -17.90 -23.22
C LYS A 621 29.19 -17.65 -24.70
N THR A 622 28.84 -18.65 -25.52
CA THR A 622 28.85 -18.44 -26.96
C THR A 622 27.48 -18.61 -27.60
N VAL A 623 26.84 -19.76 -27.43
CA VAL A 623 25.50 -19.96 -27.96
C VAL A 623 24.46 -19.65 -26.90
N GLY A 624 24.87 -19.42 -25.67
CA GLY A 624 23.89 -19.17 -24.64
C GLY A 624 23.20 -17.83 -24.77
N SER A 625 22.59 -17.39 -23.68
CA SER A 625 21.92 -16.11 -23.66
C SER A 625 22.88 -14.93 -23.67
N GLY A 626 24.17 -15.17 -23.86
CA GLY A 626 25.14 -14.10 -23.72
C GLY A 626 25.03 -13.09 -24.84
N GLY A 627 25.14 -11.81 -24.50
CA GLY A 627 25.11 -10.77 -25.51
C GLY A 627 26.28 -10.88 -26.45
N GLY A 628 26.02 -10.60 -27.72
CA GLY A 628 27.06 -10.82 -28.70
C GLY A 628 27.50 -12.25 -28.81
N GLY A 629 26.72 -13.18 -28.27
CA GLY A 629 26.95 -14.59 -28.48
C GLY A 629 26.61 -14.97 -29.90
N LEU A 630 26.61 -16.27 -30.17
CA LEU A 630 26.37 -16.66 -31.54
C LEU A 630 25.00 -16.24 -32.01
N ILE A 631 23.96 -16.65 -31.28
CA ILE A 631 22.59 -16.45 -31.74
C ILE A 631 22.35 -15.01 -32.10
N HIS A 632 22.79 -14.09 -31.25
CA HIS A 632 22.72 -12.68 -31.57
C HIS A 632 23.32 -12.41 -32.93
N THR A 633 24.51 -12.95 -33.17
CA THR A 633 25.22 -12.54 -34.35
C THR A 633 24.49 -13.01 -35.58
N VAL A 634 24.06 -14.25 -35.56
CA VAL A 634 23.35 -14.77 -36.72
C VAL A 634 22.05 -14.00 -36.92
N MET A 635 21.40 -13.62 -35.84
CA MET A 635 20.19 -12.81 -35.98
C MET A 635 20.50 -11.53 -36.74
N ARG A 636 21.41 -10.73 -36.21
CA ARG A 636 21.77 -9.49 -36.89
C ARG A 636 22.12 -9.74 -38.34
N GLU A 637 22.74 -10.87 -38.63
CA GLU A 637 23.28 -11.12 -39.95
C GLU A 637 22.28 -11.76 -40.91
N LYS A 638 21.14 -12.21 -40.44
CA LYS A 638 20.24 -12.86 -41.37
C LYS A 638 18.77 -12.52 -41.17
N GLY A 639 18.43 -11.67 -40.22
CA GLY A 639 17.04 -11.44 -39.95
C GLY A 639 16.51 -12.56 -39.09
N PRO A 640 15.23 -12.59 -38.90
CA PRO A 640 14.67 -13.52 -37.92
C PRO A 640 14.54 -14.94 -38.43
N LYS A 641 13.84 -15.12 -39.54
CA LYS A 641 13.44 -16.44 -39.99
C LYS A 641 14.58 -17.44 -39.95
N ILE A 642 15.76 -17.03 -40.39
CA ILE A 642 16.92 -17.88 -40.25
C ILE A 642 17.26 -18.08 -38.80
N CYS A 643 17.17 -17.05 -37.98
CA CYS A 643 17.52 -17.28 -36.59
C CYS A 643 16.53 -18.23 -35.96
N ALA A 644 15.34 -18.31 -36.52
CA ALA A 644 14.40 -19.32 -36.08
C ALA A 644 14.93 -20.69 -36.39
N GLU A 645 15.12 -21.00 -37.67
CA GLU A 645 15.58 -22.34 -37.97
C GLU A 645 16.92 -22.68 -37.34
N LEU A 646 17.69 -21.69 -36.89
CA LEU A 646 18.88 -22.04 -36.11
C LEU A 646 18.50 -22.96 -34.97
N PHE A 647 17.62 -22.48 -34.09
CA PHE A 647 17.23 -23.28 -32.92
C PHE A 647 16.76 -24.66 -33.31
N GLY A 648 15.98 -24.76 -34.37
CA GLY A 648 15.60 -26.08 -34.85
C GLY A 648 16.80 -26.96 -35.12
N ASN A 649 17.75 -26.44 -35.88
CA ASN A 649 18.87 -27.29 -36.26
C ASN A 649 19.67 -27.73 -35.04
N ILE A 650 20.07 -26.78 -34.21
CA ILE A 650 20.89 -27.14 -33.06
C ILE A 650 20.16 -28.12 -32.16
N GLN A 651 18.88 -27.89 -31.90
CA GLN A 651 18.21 -28.78 -30.96
C GLN A 651 18.03 -30.18 -31.52
N LYS A 652 17.50 -30.33 -32.72
CA LYS A 652 17.41 -31.69 -33.24
C LYS A 652 18.76 -32.38 -33.23
N VAL A 653 19.79 -31.74 -33.75
CA VAL A 653 21.09 -32.42 -33.81
C VAL A 653 21.50 -32.87 -32.43
N VAL A 654 21.77 -31.91 -31.56
CA VAL A 654 22.40 -32.27 -30.32
C VAL A 654 21.53 -33.15 -29.48
N ASN A 655 20.22 -33.10 -29.64
CA ASN A 655 19.42 -34.10 -28.93
C ASN A 655 19.68 -35.49 -29.46
N TYR A 656 19.64 -35.67 -30.77
CA TYR A 656 19.80 -37.03 -31.26
C TYR A 656 21.17 -37.57 -30.93
N TRP A 657 22.17 -36.73 -30.98
CA TRP A 657 23.46 -37.22 -30.56
C TRP A 657 23.51 -37.44 -29.06
N LEU A 658 22.87 -36.58 -28.27
CA LEU A 658 22.85 -36.81 -26.84
C LEU A 658 22.23 -38.14 -26.53
N LEU A 659 21.15 -38.47 -27.22
CA LEU A 659 20.52 -39.77 -27.12
C LEU A 659 21.56 -40.84 -27.32
N HIS A 660 22.11 -40.97 -28.53
CA HIS A 660 22.98 -42.13 -28.75
C HIS A 660 24.22 -42.11 -27.90
N ASN A 661 24.64 -40.97 -27.39
CA ASN A 661 25.64 -40.98 -26.34
C ASN A 661 24.98 -41.37 -25.03
N GLY A 662 24.00 -40.60 -24.61
CA GLY A 662 23.55 -40.67 -23.25
C GLY A 662 24.40 -39.80 -22.35
N PHE A 663 23.91 -39.62 -21.14
CA PHE A 663 24.51 -38.74 -20.16
C PHE A 663 23.73 -38.89 -18.88
N SER A 664 24.43 -38.89 -17.75
CA SER A 664 23.69 -38.86 -16.52
C SER A 664 24.56 -38.40 -15.38
N ILE A 665 24.00 -38.44 -14.18
CA ILE A 665 24.69 -38.11 -12.95
C ILE A 665 24.60 -39.30 -12.04
N GLY A 666 25.59 -39.45 -11.15
CA GLY A 666 25.50 -40.42 -10.09
C GLY A 666 25.99 -39.83 -8.78
N ILE A 667 25.70 -40.55 -7.69
CA ILE A 667 26.09 -40.10 -6.37
C ILE A 667 27.57 -39.84 -6.30
N GLY A 668 28.37 -40.64 -6.99
CA GLY A 668 29.80 -40.51 -6.85
C GLY A 668 30.29 -39.15 -7.23
N ASP A 669 29.65 -38.54 -8.23
CA ASP A 669 30.13 -37.28 -8.75
C ASP A 669 30.27 -36.23 -7.67
N ALA A 670 29.43 -36.27 -6.66
CA ALA A 670 29.51 -35.30 -5.60
C ALA A 670 30.41 -35.75 -4.46
N ILE A 671 31.13 -36.85 -4.61
CA ILE A 671 32.02 -37.34 -3.58
C ILE A 671 33.44 -36.90 -3.92
N ALA A 672 34.30 -36.83 -2.91
CA ALA A 672 35.73 -36.66 -3.13
C ALA A 672 36.50 -37.83 -2.53
N ASP A 673 37.76 -37.98 -2.95
CA ASP A 673 38.56 -39.08 -2.43
C ASP A 673 38.87 -38.87 -0.96
N ALA A 674 39.91 -39.56 -0.49
CA ALA A 674 40.40 -39.24 0.84
C ALA A 674 41.24 -37.98 0.85
N SER A 675 42.12 -37.82 -0.14
CA SER A 675 43.11 -36.76 -0.06
C SER A 675 42.45 -35.39 -0.07
N THR A 676 41.50 -35.19 -0.97
CA THR A 676 40.82 -33.92 -0.97
C THR A 676 40.13 -33.68 0.36
N MET A 677 39.61 -34.75 0.98
CA MET A 677 39.01 -34.58 2.30
C MET A 677 40.05 -34.14 3.31
N LYS A 678 41.26 -34.65 3.21
CA LYS A 678 42.28 -34.19 4.13
C LYS A 678 42.51 -32.70 3.96
N GLU A 679 42.64 -32.25 2.70
CA GLU A 679 42.86 -30.82 2.50
C GLU A 679 41.71 -30.00 3.03
N ILE A 680 40.47 -30.40 2.75
CA ILE A 680 39.35 -29.55 3.09
C ILE A 680 39.16 -29.51 4.59
N THR A 681 39.31 -30.65 5.25
CA THR A 681 39.27 -30.63 6.69
C THR A 681 40.36 -29.76 7.26
N HIS A 682 41.56 -29.79 6.68
CA HIS A 682 42.59 -28.92 7.24
C HIS A 682 42.24 -27.45 7.03
N ALA A 683 41.70 -27.11 5.86
CA ALA A 683 41.34 -25.71 5.63
C ALA A 683 40.37 -25.23 6.69
N ILE A 684 39.23 -25.90 6.81
CA ILE A 684 38.27 -25.45 7.81
C ILE A 684 38.85 -25.53 9.22
N SER A 685 39.75 -26.45 9.45
CA SER A 685 40.43 -26.45 10.73
C SER A 685 41.07 -25.10 10.98
N SER A 686 41.92 -24.66 10.05
CA SER A 686 42.59 -23.39 10.23
C SER A 686 41.57 -22.27 10.36
N ALA A 687 40.43 -22.41 9.71
CA ALA A 687 39.41 -21.40 9.87
C ALA A 687 39.03 -21.25 11.33
N LYS A 688 38.57 -22.33 11.95
CA LYS A 688 38.16 -22.18 13.35
C LYS A 688 39.31 -21.77 14.24
N GLU A 689 40.53 -22.17 13.90
CA GLU A 689 41.68 -21.70 14.66
C GLU A 689 41.76 -20.19 14.61
N GLN A 690 41.66 -19.62 13.41
CA GLN A 690 41.69 -18.17 13.28
C GLN A 690 40.57 -17.53 14.06
N VAL A 691 39.40 -18.16 14.11
CA VAL A 691 38.33 -17.47 14.81
C VAL A 691 38.62 -17.45 16.30
N GLN A 692 39.13 -18.56 16.83
CA GLN A 692 39.56 -18.52 18.23
C GLN A 692 40.60 -17.44 18.47
N GLU A 693 41.52 -17.26 17.52
CA GLU A 693 42.52 -16.22 17.71
C GLU A 693 41.89 -14.84 17.65
N ILE A 694 40.95 -14.64 16.73
CA ILE A 694 40.29 -13.35 16.56
C ILE A 694 39.56 -12.96 17.83
N ILE A 695 38.90 -13.92 18.46
CA ILE A 695 38.27 -13.59 19.73
C ILE A 695 39.29 -13.37 20.82
N TYR A 696 40.29 -14.26 20.92
CA TYR A 696 41.31 -14.05 21.95
C TYR A 696 41.88 -12.66 21.86
N LYS A 697 41.86 -12.08 20.66
CA LYS A 697 42.13 -10.66 20.54
C LYS A 697 40.99 -9.83 21.11
N ALA A 698 39.83 -9.88 20.46
CA ALA A 698 38.80 -8.88 20.72
C ALA A 698 38.33 -8.92 22.16
N GLN A 699 37.99 -10.09 22.66
CA GLN A 699 37.65 -10.26 24.06
C GLN A 699 38.86 -10.21 24.98
N HIS A 700 40.04 -9.87 24.47
CA HIS A 700 41.13 -9.34 25.29
C HIS A 700 41.35 -7.86 25.08
N ASN A 701 40.44 -7.20 24.37
CA ASN A 701 40.50 -5.78 24.09
C ASN A 701 41.70 -5.43 23.22
N GLU A 702 41.88 -6.18 22.15
CA GLU A 702 43.03 -5.95 21.27
C GLU A 702 42.63 -5.71 19.83
N LEU A 703 41.36 -5.82 19.49
CA LEU A 703 40.95 -5.75 18.10
C LEU A 703 40.96 -4.31 17.65
N GLU A 704 41.37 -4.09 16.41
CA GLU A 704 41.42 -2.76 15.80
C GLU A 704 40.10 -2.49 15.10
N LEU A 705 39.49 -1.36 15.43
CA LEU A 705 38.14 -1.07 14.99
C LEU A 705 38.16 -0.39 13.63
N LYS A 706 37.52 -1.01 12.65
CA LYS A 706 37.25 -0.38 11.38
C LYS A 706 36.52 0.94 11.61
N PRO A 707 36.54 1.83 10.64
CA PRO A 707 35.83 3.11 10.79
C PRO A 707 34.32 2.90 10.79
N GLY A 708 33.64 3.61 11.69
CA GLY A 708 32.19 3.65 11.71
C GLY A 708 31.52 2.46 12.34
N MET A 709 32.17 1.31 12.40
CA MET A 709 31.61 0.14 13.05
C MET A 709 32.10 0.10 14.48
N THR A 710 31.20 -0.12 15.43
CA THR A 710 31.62 -0.22 16.81
C THR A 710 32.33 -1.55 17.00
N LEU A 711 32.69 -1.84 18.24
CA LEU A 711 33.48 -3.04 18.47
C LEU A 711 32.77 -4.28 17.94
N ARG A 712 31.46 -4.38 18.17
CA ARG A 712 30.78 -5.61 17.77
C ARG A 712 30.53 -5.67 16.27
N GLU A 713 30.10 -4.59 15.65
CA GLU A 713 29.93 -4.65 14.22
C GLU A 713 31.22 -5.05 13.54
N SER A 714 32.34 -4.50 13.99
CA SER A 714 33.61 -4.91 13.39
C SER A 714 33.91 -6.37 13.68
N PHE A 715 33.69 -6.80 14.91
CA PHE A 715 33.92 -8.18 15.31
C PHE A 715 33.20 -9.15 14.40
N GLU A 716 31.92 -8.90 14.18
CA GLU A 716 31.14 -9.74 13.29
C GLU A 716 31.60 -9.60 11.84
N GLY A 717 31.85 -8.38 11.36
CA GLY A 717 32.26 -8.22 9.98
C GLY A 717 33.52 -9.01 9.70
N GLU A 718 34.49 -8.91 10.60
CA GLU A 718 35.66 -9.77 10.50
C GLU A 718 35.27 -11.23 10.42
N VAL A 719 34.67 -11.75 11.50
CA VAL A 719 34.44 -13.19 11.57
C VAL A 719 33.77 -13.67 10.30
N SER A 720 32.91 -12.85 9.72
CA SER A 720 32.27 -13.25 8.48
C SER A 720 33.26 -13.30 7.33
N ARG A 721 34.14 -12.30 7.23
CA ARG A 721 35.18 -12.41 6.20
C ARG A 721 35.97 -13.69 6.35
N THR A 722 36.39 -13.97 7.58
CA THR A 722 37.21 -15.16 7.81
C THR A 722 36.50 -16.41 7.34
N LEU A 723 35.30 -16.68 7.85
CA LEU A 723 34.66 -17.96 7.53
C LEU A 723 34.30 -18.06 6.07
N ASN A 724 33.84 -16.98 5.45
CA ASN A 724 33.47 -17.12 4.06
C ASN A 724 34.70 -17.30 3.18
N ASP A 725 35.81 -16.64 3.53
CA ASP A 725 37.04 -16.93 2.82
C ASP A 725 37.42 -18.39 2.97
N ALA A 726 37.26 -18.94 4.17
CA ALA A 726 37.62 -20.33 4.38
C ALA A 726 36.79 -21.27 3.50
N ARG A 727 35.46 -21.09 3.53
CA ARG A 727 34.62 -21.88 2.65
C ARG A 727 35.04 -21.72 1.21
N ASP A 728 35.36 -20.50 0.81
CA ASP A 728 35.81 -20.28 -0.55
C ASP A 728 37.02 -21.13 -0.85
N SER A 729 37.97 -21.17 0.08
CA SER A 729 39.16 -22.00 -0.09
C SER A 729 38.78 -23.45 -0.30
N ALA A 730 37.91 -23.96 0.55
CA ALA A 730 37.56 -25.36 0.46
C ALA A 730 36.88 -25.65 -0.87
N GLY A 731 35.91 -24.82 -1.23
CA GLY A 731 35.21 -25.05 -2.47
C GLY A 731 36.15 -25.00 -3.64
N ARG A 732 37.12 -24.10 -3.60
CA ARG A 732 38.07 -23.98 -4.67
C ARG A 732 38.92 -25.24 -4.78
N SER A 733 39.33 -25.78 -3.63
CA SER A 733 40.05 -27.04 -3.64
C SER A 733 39.22 -28.12 -4.31
N ALA A 734 38.00 -28.34 -3.82
CA ALA A 734 37.20 -29.42 -4.37
C ALA A 734 36.87 -29.21 -5.83
N GLU A 735 36.70 -27.97 -6.27
CA GLU A 735 36.34 -27.73 -7.65
C GLU A 735 37.52 -27.99 -8.56
N MET A 736 38.72 -27.57 -8.14
CA MET A 736 39.90 -27.81 -8.95
C MET A 736 40.28 -29.27 -8.94
N ASN A 737 39.83 -30.01 -7.93
CA ASN A 737 40.31 -31.37 -7.74
C ASN A 737 39.58 -32.38 -8.61
N LEU A 738 38.25 -32.31 -8.68
CA LEU A 738 37.48 -33.35 -9.33
C LEU A 738 37.92 -33.54 -10.77
N LYS A 739 37.76 -34.76 -11.25
CA LYS A 739 38.28 -35.17 -12.54
C LYS A 739 37.52 -34.48 -13.67
N ASP A 740 37.78 -34.91 -14.89
CA ASP A 740 37.16 -34.27 -16.04
C ASP A 740 35.84 -34.89 -16.45
N LEU A 741 35.79 -36.17 -16.77
CA LEU A 741 34.51 -36.71 -17.19
C LEU A 741 33.48 -36.69 -16.07
N ASN A 742 33.91 -36.49 -14.83
CA ASN A 742 32.97 -36.28 -13.74
C ASN A 742 31.88 -35.30 -14.17
N ASN A 743 30.67 -35.52 -13.69
CA ASN A 743 29.53 -34.85 -14.32
C ASN A 743 29.31 -33.45 -13.78
N VAL A 744 29.13 -33.31 -12.46
CA VAL A 744 28.90 -31.99 -11.89
C VAL A 744 29.83 -30.98 -12.53
N LYS A 745 31.11 -31.32 -12.61
CA LYS A 745 32.02 -30.46 -13.32
C LYS A 745 31.69 -30.36 -14.79
N GLN A 746 31.09 -31.39 -15.38
CA GLN A 746 30.74 -31.21 -16.78
C GLN A 746 29.70 -30.13 -16.95
N MET A 747 28.64 -30.16 -16.15
CA MET A 747 27.61 -29.16 -16.39
C MET A 747 28.07 -27.78 -15.97
N VAL A 748 28.65 -27.65 -14.79
CA VAL A 748 29.03 -26.31 -14.36
C VAL A 748 29.85 -25.64 -15.44
N SER A 749 30.90 -26.31 -15.91
CA SER A 749 31.69 -25.81 -17.02
C SER A 749 30.88 -25.60 -18.28
N ALA A 750 29.81 -26.36 -18.47
CA ALA A 750 28.89 -26.02 -19.54
C ALA A 750 27.93 -24.95 -19.13
N GLY A 751 27.79 -24.70 -17.84
CA GLY A 751 26.95 -23.62 -17.41
C GLY A 751 25.47 -23.80 -17.62
N SER A 752 25.01 -25.02 -17.92
CA SER A 752 23.57 -25.23 -18.05
C SER A 752 22.86 -24.89 -16.76
N LYS A 753 23.33 -25.44 -15.66
CA LYS A 753 22.67 -25.24 -14.38
C LYS A 753 23.79 -25.17 -13.36
N GLY A 754 23.45 -24.95 -12.11
CA GLY A 754 24.44 -25.10 -11.05
C GLY A 754 25.42 -23.96 -11.05
N SER A 755 26.43 -24.09 -10.20
CA SER A 755 27.40 -23.04 -10.05
C SER A 755 28.66 -23.62 -9.43
N PHE A 756 29.51 -22.72 -8.96
CA PHE A 756 30.56 -23.13 -8.05
C PHE A 756 30.01 -23.42 -6.66
N ILE A 757 29.33 -22.43 -6.06
CA ILE A 757 28.91 -22.57 -4.68
C ILE A 757 28.09 -23.84 -4.49
N ASN A 758 27.43 -24.29 -5.56
CA ASN A 758 26.84 -25.61 -5.53
C ASN A 758 27.86 -26.64 -5.11
N ILE A 759 28.96 -26.75 -5.84
CA ILE A 759 29.89 -27.81 -5.54
C ILE A 759 30.48 -27.60 -4.16
N ALA A 760 30.75 -26.35 -3.80
CA ALA A 760 31.32 -26.11 -2.49
C ALA A 760 30.42 -26.61 -1.39
N GLN A 761 29.12 -26.64 -1.63
CA GLN A 761 28.25 -27.19 -0.60
C GLN A 761 27.98 -28.67 -0.77
N MET A 762 27.70 -29.15 -1.97
CA MET A 762 27.42 -30.57 -2.09
C MET A 762 28.61 -31.38 -1.64
N SER A 763 29.81 -30.87 -1.80
CA SER A 763 30.98 -31.67 -1.43
C SER A 763 31.71 -31.17 -0.22
N ALA A 764 32.01 -29.88 -0.16
CA ALA A 764 33.01 -29.37 0.76
C ALA A 764 32.45 -28.85 2.08
N CYS A 765 31.62 -27.82 2.04
CA CYS A 765 31.10 -27.25 3.27
C CYS A 765 29.98 -26.27 2.98
N VAL A 766 29.36 -25.76 4.04
CA VAL A 766 28.27 -24.80 3.86
C VAL A 766 28.58 -23.44 4.50
N GLY A 767 29.32 -23.40 5.58
CA GLY A 767 29.76 -22.15 6.15
C GLY A 767 28.84 -21.62 7.22
N GLN A 768 28.65 -20.31 7.20
CA GLN A 768 27.80 -19.62 8.16
C GLN A 768 26.41 -19.49 7.58
N GLN A 769 25.41 -19.33 8.45
CA GLN A 769 24.06 -19.09 7.98
C GLN A 769 23.57 -17.69 8.37
N MET A 770 22.78 -17.08 7.49
CA MET A 770 22.49 -15.66 7.59
C MET A 770 21.00 -15.37 7.63
N VAL A 771 20.59 -14.70 8.71
CA VAL A 771 19.22 -14.30 8.94
C VAL A 771 19.18 -12.79 9.04
N GLU A 772 18.83 -12.13 7.93
CA GLU A 772 18.84 -10.67 7.85
C GLU A 772 20.24 -10.12 8.11
N GLY A 773 21.17 -10.44 7.22
CA GLY A 773 22.50 -9.87 7.30
C GLY A 773 23.34 -10.35 8.45
N LYS A 774 23.00 -9.99 9.68
CA LYS A 774 23.82 -10.34 10.82
C LYS A 774 23.85 -11.84 11.00
N ARG A 775 24.71 -12.30 11.90
CA ARG A 775 24.69 -13.71 12.18
C ARG A 775 23.46 -14.08 12.99
N ILE A 776 23.34 -15.36 13.24
CA ILE A 776 22.20 -15.89 13.96
C ILE A 776 22.06 -15.22 15.31
N ALA A 777 20.89 -14.67 15.56
CA ALA A 777 20.66 -13.93 16.78
C ALA A 777 20.70 -14.87 17.97
N PHE A 778 20.48 -14.30 19.14
CA PHE A 778 20.19 -15.11 20.31
C PHE A 778 18.70 -15.08 20.58
N GLY A 779 17.96 -16.05 20.05
CA GLY A 779 16.57 -16.18 20.44
C GLY A 779 16.43 -16.28 21.95
N PHE A 780 16.97 -17.32 22.53
CA PHE A 780 17.06 -17.45 23.97
C PHE A 780 17.98 -16.36 24.50
N ALA A 781 18.30 -16.41 25.79
CA ALA A 781 19.19 -15.44 26.39
C ALA A 781 20.64 -15.91 26.30
N ASP A 782 21.44 -15.19 25.52
CA ASP A 782 22.89 -15.35 25.44
C ASP A 782 23.33 -16.61 24.75
N ARG A 783 22.60 -17.08 23.75
CA ARG A 783 22.92 -18.29 23.02
C ARG A 783 21.84 -18.50 21.99
N SER A 784 22.10 -19.35 21.02
CA SER A 784 21.07 -19.61 20.03
C SER A 784 20.19 -20.77 20.45
N LEU A 785 20.68 -21.66 21.31
CA LEU A 785 19.89 -22.85 21.63
C LEU A 785 20.02 -23.26 23.08
N PRO A 786 19.29 -24.19 23.55
CA PRO A 786 19.54 -24.66 24.90
C PRO A 786 20.63 -25.69 24.92
N HIS A 787 21.35 -25.80 23.82
CA HIS A 787 22.40 -26.80 23.71
C HIS A 787 23.79 -26.25 24.01
N PHE A 788 24.05 -24.98 23.76
CA PHE A 788 25.36 -24.44 24.06
C PHE A 788 25.24 -23.59 25.30
N THR A 789 26.36 -23.18 25.87
CA THR A 789 26.26 -22.32 27.03
C THR A 789 26.17 -20.88 26.58
N LYS A 790 26.40 -19.95 27.51
CA LYS A 790 26.27 -18.53 27.19
C LYS A 790 27.60 -17.94 26.76
N ASP A 791 27.51 -16.98 25.84
CA ASP A 791 28.70 -16.24 25.37
C ASP A 791 29.69 -17.16 24.68
N ASP A 792 29.24 -17.91 23.70
CA ASP A 792 30.08 -18.81 22.92
C ASP A 792 29.99 -18.39 21.46
N PHE A 793 30.85 -17.46 21.06
CA PHE A 793 30.81 -16.87 19.73
C PHE A 793 31.48 -17.73 18.68
N SER A 794 32.21 -18.75 19.09
CA SER A 794 32.93 -19.56 18.12
C SER A 794 31.95 -20.21 17.16
N PRO A 795 32.33 -20.37 15.92
CA PRO A 795 31.34 -20.45 14.86
C PRO A 795 30.42 -21.63 14.96
N GLU A 796 30.79 -22.67 15.68
CA GLU A 796 29.86 -23.80 15.74
C GLU A 796 28.54 -23.43 16.39
N SER A 797 28.54 -22.48 17.32
CA SER A 797 27.32 -22.13 18.04
C SER A 797 26.41 -21.27 17.18
N LYS A 798 26.87 -20.09 16.81
CA LYS A 798 26.06 -19.17 16.04
C LYS A 798 26.07 -19.55 14.57
N GLY A 799 26.31 -20.81 14.30
CA GLY A 799 25.86 -21.35 13.04
C GLY A 799 26.89 -21.41 11.95
N PHE A 800 27.97 -22.13 12.21
CA PHE A 800 28.93 -22.44 11.16
C PHE A 800 28.62 -23.83 10.65
N VAL A 801 27.81 -23.90 9.60
CA VAL A 801 27.36 -25.20 9.11
C VAL A 801 28.58 -25.90 8.53
N GLU A 802 29.17 -26.76 9.34
CA GLU A 802 30.53 -27.25 9.10
C GLU A 802 30.58 -28.31 8.04
N ASN A 803 29.68 -29.27 8.12
CA ASN A 803 29.69 -30.45 7.28
C ASN A 803 29.37 -30.08 5.85
N SER A 804 29.44 -31.05 4.97
CA SER A 804 28.78 -30.83 3.70
C SER A 804 27.66 -31.84 3.58
N TYR A 805 26.67 -31.53 2.75
CA TYR A 805 25.47 -32.36 2.78
C TYR A 805 25.84 -33.82 2.65
N LEU A 806 26.73 -34.14 1.73
CA LEU A 806 26.98 -35.53 1.43
C LEU A 806 27.34 -36.31 2.70
N ARG A 807 27.73 -35.61 3.76
CA ARG A 807 27.80 -36.25 5.07
C ARG A 807 26.51 -36.12 5.84
N GLY A 808 25.75 -35.07 5.60
CA GLY A 808 24.56 -34.94 6.39
C GLY A 808 24.81 -34.18 7.67
N LEU A 809 24.00 -33.16 7.89
CA LEU A 809 24.21 -32.21 8.95
C LEU A 809 23.99 -32.84 10.31
N THR A 810 24.44 -32.15 11.34
CA THR A 810 24.09 -32.55 12.69
C THR A 810 22.64 -32.19 12.96
N PRO A 811 22.19 -32.25 14.22
CA PRO A 811 20.95 -31.54 14.56
C PRO A 811 21.04 -30.03 14.48
N GLN A 812 21.80 -29.39 15.37
CA GLN A 812 21.75 -27.94 15.43
C GLN A 812 21.96 -27.33 14.07
N GLU A 813 22.90 -27.86 13.33
CA GLU A 813 23.11 -27.28 12.02
C GLU A 813 21.87 -27.45 11.18
N PHE A 814 21.18 -28.58 11.28
CA PHE A 814 19.97 -28.70 10.49
C PHE A 814 18.96 -27.64 10.86
N PHE A 815 18.79 -27.39 12.14
CA PHE A 815 17.77 -26.41 12.49
C PHE A 815 18.15 -25.02 11.99
N PHE A 816 19.43 -24.64 12.14
CA PHE A 816 19.84 -23.34 11.63
C PHE A 816 19.62 -23.24 10.15
N HIS A 817 20.06 -24.23 9.41
CA HIS A 817 19.89 -24.14 7.98
C HIS A 817 18.42 -24.07 7.62
N ALA A 818 17.56 -24.66 8.43
CA ALA A 818 16.14 -24.49 8.20
C ALA A 818 15.72 -23.06 8.41
N MET A 819 16.26 -22.42 9.43
CA MET A 819 15.92 -21.00 9.61
C MET A 819 16.33 -20.19 8.39
N ALA A 820 17.50 -20.45 7.85
CA ALA A 820 17.94 -19.69 6.70
C ALA A 820 17.01 -19.88 5.53
N GLY A 821 16.72 -21.14 5.21
CA GLY A 821 15.74 -21.36 4.16
C GLY A 821 14.42 -20.70 4.44
N ARG A 822 14.03 -20.62 5.70
CA ARG A 822 12.77 -19.96 6.02
C ARG A 822 12.84 -18.50 5.63
N GLU A 823 13.95 -17.85 5.93
CA GLU A 823 14.10 -16.48 5.48
C GLU A 823 13.98 -16.42 3.97
N GLY A 824 14.60 -17.38 3.29
CA GLY A 824 14.50 -17.38 1.85
C GLY A 824 13.06 -17.41 1.36
N LEU A 825 12.24 -18.25 1.97
CA LEU A 825 10.84 -18.35 1.57
C LEU A 825 10.05 -17.10 1.91
N ILE A 826 10.13 -16.65 3.16
CA ILE A 826 9.46 -15.40 3.53
C ILE A 826 9.79 -14.34 2.51
N ASP A 827 11.05 -14.24 2.15
CA ASP A 827 11.51 -13.25 1.18
C ASP A 827 10.81 -13.44 -0.15
N THR A 828 10.84 -14.66 -0.65
CA THR A 828 10.26 -14.92 -1.96
C THR A 828 8.77 -14.68 -1.99
N ALA A 829 8.08 -14.85 -0.87
CA ALA A 829 6.64 -14.70 -0.84
C ALA A 829 6.19 -13.30 -0.48
N VAL A 830 7.10 -12.45 -0.01
CA VAL A 830 6.77 -11.08 0.37
C VAL A 830 7.25 -10.05 -0.64
N LYS A 831 8.56 -10.04 -0.94
CA LYS A 831 9.06 -8.97 -1.82
C LYS A 831 8.30 -8.90 -3.14
N THR A 832 7.83 -10.03 -3.63
CA THR A 832 7.04 -10.02 -4.84
C THR A 832 5.88 -9.05 -4.78
N ALA A 833 5.29 -8.85 -3.60
CA ALA A 833 4.18 -7.90 -3.48
C ALA A 833 4.61 -6.51 -3.89
N GLU A 834 5.67 -6.03 -3.27
CA GLU A 834 6.15 -4.71 -3.59
C GLU A 834 6.58 -4.63 -5.05
N THR A 835 7.12 -5.71 -5.60
CA THR A 835 7.50 -5.63 -7.02
C THR A 835 6.30 -5.48 -7.92
N GLY A 836 5.23 -6.23 -7.66
CA GLY A 836 4.02 -6.04 -8.44
C GLY A 836 3.51 -4.62 -8.35
N TYR A 837 3.45 -4.08 -7.14
CA TYR A 837 2.98 -2.73 -6.97
C TYR A 837 3.81 -1.77 -7.81
N ILE A 838 5.12 -1.89 -7.70
CA ILE A 838 6.00 -0.95 -8.37
C ILE A 838 5.83 -1.04 -9.86
N GLN A 839 5.76 -2.25 -10.40
CA GLN A 839 5.57 -2.30 -11.84
C GLN A 839 4.25 -1.68 -12.25
N ARG A 840 3.22 -1.87 -11.44
CA ARG A 840 1.94 -1.27 -11.80
C ARG A 840 2.07 0.24 -11.89
N ARG A 841 2.66 0.86 -10.86
CA ARG A 841 2.81 2.30 -10.91
C ARG A 841 3.62 2.72 -12.11
N LEU A 842 4.78 2.11 -12.30
CA LEU A 842 5.66 2.58 -13.35
C LEU A 842 4.96 2.53 -14.68
N VAL A 843 4.15 1.51 -14.92
CA VAL A 843 3.49 1.47 -16.20
C VAL A 843 2.43 2.54 -16.29
N LYS A 844 1.60 2.68 -15.25
CA LYS A 844 0.51 3.65 -15.39
C LYS A 844 1.02 5.07 -15.57
N ALA A 845 2.07 5.47 -14.87
CA ALA A 845 2.55 6.83 -15.03
C ALA A 845 3.06 7.06 -16.44
N LEU A 846 3.53 6.00 -17.09
CA LEU A 846 4.08 6.10 -18.42
C LEU A 846 3.13 5.62 -19.49
N GLU A 847 1.96 5.19 -19.12
CA GLU A 847 1.39 4.24 -20.05
C GLU A 847 1.06 4.82 -21.40
N ASP A 848 1.43 6.03 -21.79
CA ASP A 848 1.04 6.55 -23.10
C ASP A 848 2.18 7.12 -23.94
N ILE A 849 3.33 7.39 -23.35
CA ILE A 849 4.37 8.17 -24.03
C ILE A 849 4.75 7.55 -25.36
N MET A 850 4.73 8.35 -26.40
CA MET A 850 4.74 7.85 -27.76
C MET A 850 5.63 8.69 -28.66
N VAL A 851 6.47 8.03 -29.43
CA VAL A 851 7.37 8.67 -30.37
C VAL A 851 6.60 9.13 -31.59
N HIS A 852 6.26 10.41 -31.67
CA HIS A 852 5.53 10.89 -32.82
C HIS A 852 6.48 10.98 -34.00
N TYR A 853 5.96 11.35 -35.16
CA TYR A 853 6.77 11.32 -36.37
C TYR A 853 7.79 12.39 -36.43
N ASP A 854 7.96 13.15 -35.36
CA ASP A 854 9.02 14.14 -35.28
C ASP A 854 10.17 13.61 -34.46
N GLY A 855 10.18 12.31 -34.22
CA GLY A 855 11.22 11.74 -33.41
C GLY A 855 11.34 12.36 -32.05
N THR A 856 10.28 12.95 -31.51
CA THR A 856 10.35 13.42 -30.14
C THR A 856 9.51 12.56 -29.24
N THR A 857 9.41 12.95 -27.99
CA THR A 857 8.80 12.10 -26.98
C THR A 857 7.70 12.89 -26.30
N ARG A 858 6.52 12.90 -26.90
CA ARG A 858 5.45 13.73 -26.38
C ARG A 858 4.44 12.85 -25.69
N ASN A 859 4.13 13.17 -24.44
CA ASN A 859 3.18 12.35 -23.71
C ASN A 859 1.77 12.71 -24.20
N SER A 860 0.76 12.41 -23.39
CA SER A 860 -0.62 12.59 -23.78
C SER A 860 -0.86 13.88 -24.55
N LEU A 861 -0.53 15.00 -23.93
CA LEU A 861 -0.72 16.29 -24.58
C LEU A 861 0.37 16.57 -25.59
N GLY A 862 1.60 16.54 -25.14
CA GLY A 862 2.69 17.19 -25.81
C GLY A 862 3.69 17.85 -24.91
N ASP A 863 3.57 17.71 -23.59
CA ASP A 863 4.67 18.18 -22.74
C ASP A 863 5.87 17.33 -23.05
N ILE A 864 6.67 17.78 -24.01
CA ILE A 864 7.71 16.94 -24.59
C ILE A 864 8.68 16.51 -23.51
N ILE A 865 9.25 15.32 -23.62
CA ILE A 865 10.09 14.77 -22.58
C ILE A 865 11.51 14.48 -23.05
N GLN A 866 11.69 14.24 -24.34
CA GLN A 866 13.02 14.15 -24.91
C GLN A 866 12.94 14.61 -26.36
N PHE A 867 13.73 15.64 -26.71
CA PHE A 867 13.60 16.19 -28.05
C PHE A 867 14.06 15.22 -29.11
N LEU A 868 14.84 14.21 -28.74
CA LEU A 868 15.15 13.18 -29.71
C LEU A 868 15.32 11.85 -28.99
N TYR A 869 14.50 10.88 -29.35
CA TYR A 869 14.23 9.74 -28.48
C TYR A 869 15.50 9.19 -27.87
N GLY A 870 15.70 9.41 -26.59
CA GLY A 870 16.92 8.94 -25.99
C GLY A 870 18.15 9.54 -26.63
N GLU A 871 18.06 10.76 -27.09
CA GLU A 871 19.22 11.53 -27.49
C GLU A 871 19.86 10.97 -28.76
N ASP A 872 19.23 9.99 -29.41
CA ASP A 872 19.87 9.44 -30.59
C ASP A 872 18.98 9.30 -31.82
N GLY A 873 17.79 8.73 -31.71
CA GLY A 873 17.08 8.24 -32.86
C GLY A 873 17.34 6.79 -33.15
N LEU A 874 18.22 6.16 -32.41
CA LEU A 874 18.56 4.76 -32.57
C LEU A 874 17.64 3.91 -31.73
N ASP A 875 16.92 3.00 -32.38
CA ASP A 875 16.15 2.01 -31.64
C ASP A 875 17.04 1.23 -30.70
N GLY A 876 16.47 0.82 -29.57
CA GLY A 876 17.23 0.08 -28.58
C GLY A 876 17.52 -1.36 -28.95
N THR A 877 17.01 -1.83 -30.08
CA THR A 877 17.29 -3.21 -30.40
C THR A 877 18.11 -3.39 -31.65
N GLN A 878 18.92 -2.42 -32.03
CA GLN A 878 19.77 -2.57 -33.18
C GLN A 878 21.20 -2.19 -32.91
N VAL A 879 21.71 -2.43 -31.71
CA VAL A 879 23.00 -1.90 -31.31
C VAL A 879 23.88 -3.01 -30.79
N GLU A 880 25.16 -2.69 -30.60
CA GLU A 880 26.13 -3.63 -30.05
C GLU A 880 27.11 -2.84 -29.18
N ARG A 881 27.81 -3.54 -28.28
CA ARG A 881 28.90 -2.87 -27.59
C ARG A 881 30.16 -2.91 -28.42
N GLN A 882 30.61 -1.74 -28.87
CA GLN A 882 31.77 -1.68 -29.72
C GLN A 882 32.83 -0.82 -29.06
N THR A 883 34.03 -0.94 -29.60
CA THR A 883 35.20 -0.29 -29.05
C THR A 883 35.46 0.94 -29.89
N ILE A 884 35.25 2.12 -29.30
CA ILE A 884 35.65 3.35 -29.97
C ILE A 884 37.17 3.38 -29.92
N ASP A 885 37.80 3.61 -31.06
CA ASP A 885 39.24 3.44 -31.16
C ASP A 885 40.03 4.60 -30.58
N THR A 886 39.73 5.81 -31.00
CA THR A 886 40.63 6.91 -30.77
C THR A 886 40.60 7.40 -29.35
N ILE A 887 39.96 6.69 -28.43
CA ILE A 887 39.92 7.16 -27.05
C ILE A 887 41.18 6.80 -26.28
N PRO A 888 41.61 5.54 -26.23
CA PRO A 888 42.78 5.22 -25.41
C PRO A 888 44.06 5.38 -26.22
N GLY A 889 45.15 4.86 -25.66
CA GLY A 889 46.41 4.79 -26.36
C GLY A 889 47.21 6.08 -26.24
N SER A 890 48.51 5.92 -26.09
CA SER A 890 49.37 7.08 -25.94
C SER A 890 49.50 7.81 -27.27
N ASP A 891 49.91 9.07 -27.18
CA ASP A 891 49.94 9.91 -28.36
C ASP A 891 50.85 9.33 -29.42
N LYS A 892 51.90 8.62 -29.01
CA LYS A 892 52.75 7.96 -29.98
C LYS A 892 51.95 6.98 -30.81
N ALA A 893 51.45 5.92 -30.18
CA ALA A 893 50.71 4.90 -30.91
C ALA A 893 49.61 5.53 -31.74
N PHE A 894 49.01 6.59 -31.21
CA PHE A 894 48.04 7.34 -31.99
C PHE A 894 48.65 7.79 -33.30
N HIS A 895 49.63 8.69 -33.21
CA HIS A 895 50.28 9.22 -34.38
C HIS A 895 50.85 8.14 -35.27
N LYS A 896 51.00 6.93 -34.74
CA LYS A 896 51.62 5.87 -35.50
C LYS A 896 50.61 5.13 -36.35
N ARG A 897 49.46 4.80 -35.77
CA ARG A 897 48.48 4.09 -36.58
C ARG A 897 47.83 5.01 -37.56
N TYR A 898 47.68 6.28 -37.21
CA TYR A 898 46.80 7.15 -37.97
C TYR A 898 47.50 8.08 -38.94
N TYR A 899 48.70 8.54 -38.63
CA TYR A 899 49.29 9.66 -39.37
C TYR A 899 49.87 9.20 -40.69
N VAL A 900 49.28 9.64 -41.76
CA VAL A 900 49.83 9.33 -43.07
C VAL A 900 51.03 10.24 -43.29
N ASP A 901 51.83 9.93 -44.29
CA ASP A 901 52.72 10.93 -44.87
C ASP A 901 52.87 10.65 -46.35
N LEU A 902 53.09 11.71 -47.11
CA LEU A 902 53.37 11.60 -48.53
C LEU A 902 54.78 12.08 -48.86
N MET A 903 55.52 12.55 -47.87
CA MET A 903 56.82 13.13 -48.12
C MET A 903 57.95 12.18 -47.73
N ASP A 904 58.16 11.97 -46.43
CA ASP A 904 59.13 10.96 -46.04
C ASP A 904 58.70 9.64 -46.61
N GLU A 905 59.62 8.94 -47.28
CA GLU A 905 59.23 7.75 -48.03
C GLU A 905 58.73 6.65 -47.10
N LYS A 906 59.22 6.61 -45.86
CA LYS A 906 58.85 5.51 -45.00
C LYS A 906 57.42 5.62 -44.51
N ASN A 907 56.98 6.81 -44.11
CA ASN A 907 55.67 7.00 -43.52
C ASN A 907 54.56 7.03 -44.55
N SER A 908 54.64 6.21 -45.58
CA SER A 908 53.73 6.31 -46.71
C SER A 908 52.83 5.09 -46.80
N ILE A 909 52.09 5.02 -47.91
CA ILE A 909 51.59 3.74 -48.40
C ILE A 909 52.78 2.91 -48.85
N LYS A 910 52.89 1.70 -48.32
CA LYS A 910 53.90 0.77 -48.75
C LYS A 910 53.58 0.27 -50.16
N PRO A 911 54.57 -0.20 -50.92
CA PRO A 911 54.33 -0.42 -52.35
C PRO A 911 53.44 -1.61 -52.70
N ASP A 912 53.59 -2.73 -52.00
CA ASP A 912 52.97 -3.96 -52.47
C ASP A 912 51.47 -3.99 -52.23
N VAL A 913 50.91 -2.95 -51.61
CA VAL A 913 49.50 -2.96 -51.28
C VAL A 913 48.65 -2.17 -52.25
N ILE A 914 49.24 -1.25 -53.01
CA ILE A 914 48.48 -0.51 -54.01
C ILE A 914 49.15 -0.66 -55.35
N GLU A 915 48.39 -0.33 -56.40
CA GLU A 915 48.89 -0.40 -57.77
C GLU A 915 49.77 0.79 -58.11
N TYR A 916 49.30 2.00 -57.81
CA TYR A 916 49.87 3.25 -58.29
C TYR A 916 50.92 3.83 -57.35
N ALA A 917 51.56 3.01 -56.51
CA ALA A 917 52.51 3.48 -55.51
C ALA A 917 53.56 4.41 -56.08
N ALA A 918 53.64 4.56 -57.41
CA ALA A 918 54.59 5.48 -58.00
C ALA A 918 54.08 6.91 -57.97
N ASP A 919 52.80 7.13 -58.24
CA ASP A 919 52.26 8.46 -58.47
C ASP A 919 52.04 9.24 -57.19
N ILE A 920 52.71 8.87 -56.10
CA ILE A 920 52.26 9.41 -54.83
C ILE A 920 53.33 10.22 -54.11
N LEU A 921 54.41 9.57 -53.70
CA LEU A 921 55.21 10.13 -52.62
C LEU A 921 55.76 11.49 -53.02
N GLY A 922 55.05 12.54 -52.61
CA GLY A 922 55.44 13.89 -52.88
C GLY A 922 54.33 14.88 -53.18
N ASP A 923 53.11 14.43 -53.49
CA ASP A 923 52.06 15.38 -53.81
C ASP A 923 51.78 16.26 -52.60
N VAL A 924 51.27 17.47 -52.85
CA VAL A 924 50.80 18.31 -51.76
C VAL A 924 49.27 18.36 -51.69
N GLU A 925 48.58 18.39 -52.84
CA GLU A 925 47.13 18.40 -52.80
C GLU A 925 46.58 17.21 -52.05
N LEU A 926 47.32 16.12 -52.02
CA LEU A 926 46.97 14.93 -51.26
C LEU A 926 47.33 15.10 -49.80
N GLN A 927 48.50 15.69 -49.54
CA GLN A 927 48.94 15.96 -48.19
C GLN A 927 47.97 16.87 -47.46
N LYS A 928 47.29 17.76 -48.18
CA LYS A 928 46.37 18.67 -47.50
C LYS A 928 45.08 17.98 -47.11
N GLU A 929 44.54 17.15 -47.99
CA GLU A 929 43.53 16.19 -47.58
C GLU A 929 43.92 15.59 -46.25
N LEU A 930 45.13 15.04 -46.20
CA LEU A 930 45.50 14.29 -45.02
C LEU A 930 45.71 15.17 -43.80
N ASN A 931 46.20 16.39 -43.98
CA ASN A 931 46.34 17.27 -42.83
C ASN A 931 44.98 17.60 -42.25
N SER A 932 44.00 17.85 -43.13
CA SER A 932 42.63 18.05 -42.69
C SER A 932 42.14 16.86 -41.90
N GLU A 933 42.26 15.66 -42.47
CA GLU A 933 41.67 14.50 -41.85
C GLU A 933 42.36 14.15 -40.55
N TYR A 934 43.66 14.40 -40.46
CA TYR A 934 44.33 14.16 -39.21
C TYR A 934 43.88 15.14 -38.14
N GLU A 935 43.75 16.43 -38.46
CA GLU A 935 43.21 17.29 -37.42
C GLU A 935 41.79 16.89 -37.07
N GLN A 936 41.05 16.36 -38.03
CA GLN A 936 39.71 15.89 -37.72
C GLN A 936 39.77 14.86 -36.61
N LEU A 937 40.64 13.88 -36.77
CA LEU A 937 40.84 12.96 -35.67
C LEU A 937 41.33 13.67 -34.42
N VAL A 938 42.14 14.70 -34.58
CA VAL A 938 42.62 15.39 -33.39
C VAL A 938 41.45 15.90 -32.57
N SER A 939 40.54 16.61 -33.23
CA SER A 939 39.39 17.16 -32.54
C SER A 939 38.56 16.05 -31.92
N ASP A 940 38.30 14.98 -32.66
CA ASP A 940 37.53 13.90 -32.06
C ASP A 940 38.20 13.38 -30.81
N ARG A 941 39.51 13.27 -30.81
CA ARG A 941 40.15 12.73 -29.62
C ARG A 941 40.00 13.69 -28.48
N LYS A 942 40.26 14.97 -28.72
CA LYS A 942 40.10 15.95 -27.66
C LYS A 942 38.67 15.97 -27.13
N PHE A 943 37.71 15.87 -28.03
CA PHE A 943 36.30 15.81 -27.72
C PHE A 943 36.01 14.64 -26.81
N LEU A 944 36.15 13.42 -27.31
CA LEU A 944 35.88 12.25 -26.48
C LEU A 944 36.79 12.20 -25.26
N ARG A 945 37.78 13.04 -25.19
CA ARG A 945 38.69 12.87 -24.08
C ARG A 945 38.46 13.88 -22.98
N GLU A 946 37.87 15.03 -23.30
CA GLU A 946 37.65 16.06 -22.30
C GLU A 946 36.18 16.28 -21.95
N ILE A 947 35.29 16.31 -22.94
CA ILE A 947 33.89 16.53 -22.69
C ILE A 947 33.21 15.28 -22.14
N VAL A 948 33.24 14.20 -22.91
CA VAL A 948 32.24 13.16 -22.74
C VAL A 948 32.72 12.03 -21.85
N PHE A 949 33.55 11.13 -22.37
CA PHE A 949 33.91 9.94 -21.62
C PHE A 949 35.10 10.32 -20.76
N VAL A 950 34.81 10.92 -19.61
CA VAL A 950 35.83 11.64 -18.87
C VAL A 950 36.96 10.71 -18.46
N ASN A 951 36.64 9.55 -17.90
CA ASN A 951 37.70 8.67 -17.46
C ASN A 951 38.04 7.59 -18.48
N GLY A 952 37.58 7.72 -19.73
CA GLY A 952 38.19 7.02 -20.82
C GLY A 952 37.69 5.62 -21.12
N ASP A 953 36.68 5.14 -20.40
CA ASP A 953 36.16 3.81 -20.67
C ASP A 953 35.68 3.73 -22.10
N HIS A 954 36.40 2.97 -22.91
CA HIS A 954 36.36 3.19 -24.35
C HIS A 954 35.44 2.25 -25.09
N ASN A 955 34.54 1.56 -24.40
CA ASN A 955 33.62 0.63 -25.04
C ASN A 955 32.19 1.07 -24.76
N TRP A 956 31.37 1.23 -25.79
CA TRP A 956 30.02 1.69 -25.56
C TRP A 956 29.05 1.09 -26.56
N PRO A 957 27.77 1.04 -26.25
CA PRO A 957 26.77 0.56 -27.19
C PRO A 957 26.58 1.57 -28.29
N LEU A 958 26.35 1.09 -29.51
CA LEU A 958 26.34 1.89 -30.72
C LEU A 958 25.62 1.16 -31.83
N PRO A 959 25.25 1.86 -32.88
CA PRO A 959 24.61 1.22 -34.02
C PRO A 959 25.57 0.45 -34.89
N VAL A 960 25.16 0.27 -36.14
CA VAL A 960 25.61 -0.76 -37.06
C VAL A 960 27.08 -1.09 -36.90
N ASN A 961 27.39 -2.38 -36.82
CA ASN A 961 28.71 -2.80 -36.38
C ASN A 961 29.66 -2.73 -37.56
N LEU A 962 30.72 -1.96 -37.43
CA LEU A 962 31.65 -1.85 -38.53
C LEU A 962 32.44 -3.13 -38.72
N ARG A 963 33.33 -3.42 -37.77
CA ARG A 963 34.22 -4.57 -37.87
C ARG A 963 33.56 -5.76 -38.53
N ARG A 964 32.33 -6.07 -38.15
CA ARG A 964 31.70 -7.24 -38.74
C ARG A 964 31.39 -7.03 -40.20
N ILE A 965 30.81 -5.87 -40.53
CA ILE A 965 30.58 -5.58 -41.94
C ILE A 965 31.88 -5.60 -42.70
N ILE A 966 32.94 -5.05 -42.13
CA ILE A 966 34.20 -5.01 -42.83
C ILE A 966 34.71 -6.42 -43.08
N GLN A 967 34.60 -7.30 -42.10
CA GLN A 967 35.16 -8.62 -42.34
C GLN A 967 34.30 -9.45 -43.28
N ASN A 968 32.99 -9.24 -43.30
CA ASN A 968 32.22 -9.77 -44.42
C ASN A 968 32.72 -9.22 -45.75
N ALA A 969 33.01 -7.93 -45.79
CA ALA A 969 33.60 -7.37 -47.00
C ALA A 969 34.87 -8.12 -47.38
N GLN A 970 35.78 -8.29 -46.42
CA GLN A 970 37.00 -9.04 -46.68
C GLN A 970 36.68 -10.35 -47.33
N GLN A 971 35.78 -11.11 -46.73
CA GLN A 971 35.54 -12.46 -47.19
C GLN A 971 34.90 -12.53 -48.55
N ILE A 972 33.87 -11.73 -48.83
CA ILE A 972 33.21 -11.89 -50.12
C ILE A 972 34.21 -11.71 -51.25
N PHE A 973 34.88 -10.57 -51.30
CA PHE A 973 35.77 -10.28 -52.41
C PHE A 973 37.18 -10.79 -52.19
N HIS A 974 37.35 -11.70 -51.23
CA HIS A 974 38.58 -12.49 -51.11
C HIS A 974 39.79 -11.61 -50.88
N LEU A 975 39.59 -10.42 -50.33
CA LEU A 975 40.67 -9.44 -50.31
C LEU A 975 41.70 -9.77 -49.24
N ASP A 976 42.09 -11.04 -49.25
CA ASP A 976 43.36 -11.51 -48.72
C ASP A 976 44.36 -11.59 -49.86
N ARG A 977 45.45 -12.33 -49.64
CA ARG A 977 46.52 -12.61 -50.59
C ARG A 977 47.28 -11.35 -50.99
N ALA A 978 47.19 -10.31 -50.17
CA ALA A 978 48.06 -9.12 -50.24
C ALA A 978 48.23 -8.64 -51.67
N LYS A 979 47.10 -8.40 -52.32
CA LYS A 979 47.17 -8.03 -53.72
C LYS A 979 47.13 -6.52 -53.81
N ALA A 980 47.93 -5.97 -54.73
CA ALA A 980 48.02 -4.52 -54.85
C ALA A 980 46.67 -3.92 -55.18
N SER A 981 46.29 -2.90 -54.42
CA SER A 981 44.95 -2.33 -54.50
C SER A 981 44.95 -1.06 -55.34
N ASP A 982 43.87 -0.87 -56.08
CA ASP A 982 43.70 0.31 -56.93
C ASP A 982 43.00 1.44 -56.21
N LEU A 983 43.24 1.61 -54.92
CA LEU A 983 42.46 2.49 -54.07
C LEU A 983 43.14 3.84 -53.98
N THR A 984 42.55 4.86 -54.59
CA THR A 984 43.18 6.17 -54.59
C THR A 984 42.69 6.99 -53.41
N ILE A 985 43.65 7.56 -52.68
CA ILE A 985 43.33 8.19 -51.39
C ILE A 985 42.19 9.19 -51.47
N PRO A 986 42.09 10.04 -52.48
CA PRO A 986 40.91 10.92 -52.55
C PRO A 986 39.61 10.16 -52.64
N GLU A 987 39.57 8.97 -53.25
CA GLU A 987 38.37 8.15 -53.16
C GLU A 987 37.97 7.93 -51.72
N ILE A 988 38.88 7.44 -50.90
CA ILE A 988 38.60 7.23 -49.49
C ILE A 988 38.05 8.49 -48.86
N ILE A 989 38.80 9.59 -48.94
CA ILE A 989 38.44 10.71 -48.09
C ILE A 989 37.17 11.36 -48.59
N HIS A 990 36.99 11.44 -49.90
CA HIS A 990 35.72 11.95 -50.39
C HIS A 990 34.57 11.03 -50.06
N GLY A 991 34.75 9.73 -50.14
CA GLY A 991 33.66 8.84 -49.78
C GLY A 991 33.25 9.03 -48.33
N VAL A 992 34.23 9.05 -47.44
CA VAL A 992 33.89 9.20 -46.03
C VAL A 992 33.24 10.54 -45.80
N ARG A 993 33.66 11.57 -46.50
CA ARG A 993 33.09 12.88 -46.24
C ARG A 993 31.69 12.97 -46.82
N ASP A 994 31.42 12.31 -47.94
CA ASP A 994 30.07 12.23 -48.44
C ASP A 994 29.20 11.28 -47.65
N LEU A 995 29.79 10.49 -46.76
CA LEU A 995 28.94 9.58 -46.02
C LEU A 995 28.14 10.34 -44.97
N CYS A 996 28.82 11.08 -44.10
CA CYS A 996 28.12 11.80 -43.04
C CYS A 996 27.21 12.91 -43.58
N LYS A 997 26.96 12.93 -44.89
CA LYS A 997 25.81 13.61 -45.46
C LYS A 997 24.65 12.67 -45.70
N LYS A 998 24.69 11.47 -45.13
CA LYS A 998 23.63 10.49 -45.38
C LYS A 998 23.28 9.65 -44.15
N LEU A 999 23.56 10.15 -42.95
CA LEU A 999 23.08 9.51 -41.73
C LEU A 999 21.91 10.31 -41.15
N PHE A 1000 20.81 10.28 -41.88
CA PHE A 1000 19.67 11.13 -41.58
C PHE A 1000 18.90 10.60 -40.38
N VAL A 1001 18.91 11.35 -39.29
CA VAL A 1001 18.01 11.02 -38.20
C VAL A 1001 16.81 11.95 -38.28
N LEU A 1002 17.04 13.23 -38.54
CA LEU A 1002 15.99 14.24 -38.54
C LEU A 1002 16.07 15.02 -39.84
N ARG A 1003 15.15 14.79 -40.76
CA ARG A 1003 15.24 15.40 -42.08
C ARG A 1003 14.75 16.84 -42.05
N GLY A 1004 14.85 17.50 -43.20
CA GLY A 1004 14.46 18.88 -43.34
C GLY A 1004 15.69 19.78 -43.47
N GLU A 1005 15.42 21.06 -43.77
CA GLU A 1005 16.55 21.97 -43.96
C GLU A 1005 16.43 23.22 -43.12
N ASN A 1006 15.37 23.35 -42.34
CA ASN A 1006 15.31 24.43 -41.38
C ASN A 1006 16.54 24.38 -40.48
N GLU A 1007 17.07 25.55 -40.16
CA GLU A 1007 18.44 25.60 -39.66
C GLU A 1007 18.60 24.84 -38.35
N LEU A 1008 17.59 24.90 -37.49
CA LEU A 1008 17.65 24.06 -36.30
C LEU A 1008 17.64 22.58 -36.62
N ILE A 1009 16.96 22.16 -37.69
CA ILE A 1009 17.04 20.76 -38.05
C ILE A 1009 18.48 20.32 -38.23
N LYS A 1010 19.26 21.09 -38.99
CA LYS A 1010 20.62 20.66 -39.27
C LYS A 1010 21.48 20.72 -38.02
N GLU A 1011 21.30 21.74 -37.20
CA GLU A 1011 22.07 21.75 -35.96
C GLU A 1011 21.74 20.52 -35.14
N ALA A 1012 20.50 20.07 -35.15
CA ALA A 1012 20.17 18.88 -34.39
C ALA A 1012 20.74 17.60 -35.00
N GLN A 1013 20.54 17.42 -36.31
CA GLN A 1013 21.19 16.31 -37.01
C GLN A 1013 22.62 16.15 -36.53
N GLN A 1014 23.40 17.21 -36.66
CA GLN A 1014 24.82 17.11 -36.38
C GLN A 1014 25.10 17.04 -34.89
N ASN A 1015 24.18 17.53 -34.06
CA ASN A 1015 24.37 17.33 -32.63
C ASN A 1015 24.20 15.88 -32.27
N ALA A 1016 23.39 15.15 -33.02
CA ALA A 1016 23.03 13.80 -32.62
C ALA A 1016 24.17 12.82 -32.84
N THR A 1017 24.56 12.64 -34.09
CA THR A 1017 25.43 11.54 -34.48
C THR A 1017 26.91 11.90 -34.37
N SER A 1018 27.31 12.72 -33.41
CA SER A 1018 28.73 12.95 -33.26
C SER A 1018 29.45 11.70 -32.81
N LEU A 1019 28.92 11.00 -31.82
CA LEU A 1019 29.62 9.83 -31.32
C LEU A 1019 29.72 8.75 -32.38
N PHE A 1020 28.65 8.52 -33.13
CA PHE A 1020 28.70 7.54 -34.21
C PHE A 1020 29.57 8.00 -35.37
N GLN A 1021 29.57 9.30 -35.69
CA GLN A 1021 30.54 9.73 -36.67
C GLN A 1021 31.95 9.49 -36.18
N CYS A 1022 32.17 9.65 -34.88
CA CYS A 1022 33.49 9.39 -34.33
C CYS A 1022 33.88 7.94 -34.53
N LEU A 1023 32.93 7.04 -34.34
CA LEU A 1023 33.26 5.64 -34.56
C LEU A 1023 33.61 5.39 -36.03
N VAL A 1024 32.75 5.83 -36.94
CA VAL A 1024 33.01 5.55 -38.36
C VAL A 1024 34.36 6.09 -38.78
N ARG A 1025 34.65 7.34 -38.46
CA ARG A 1025 35.96 7.86 -38.83
C ARG A 1025 37.08 7.25 -38.00
N ALA A 1026 36.77 6.68 -36.84
CA ALA A 1026 37.83 6.02 -36.10
C ALA A 1026 38.24 4.71 -36.76
N ARG A 1027 37.36 4.09 -37.53
CA ARG A 1027 37.77 2.90 -38.27
C ARG A 1027 38.25 3.22 -39.69
N LEU A 1028 37.39 3.77 -40.54
CA LEU A 1028 37.77 3.88 -41.94
C LEU A 1028 38.67 5.08 -42.18
N ALA A 1029 39.64 5.24 -41.29
CA ALA A 1029 40.72 6.18 -41.55
C ALA A 1029 41.56 5.63 -42.70
N THR A 1030 42.40 6.48 -43.27
CA THR A 1030 43.00 6.12 -44.56
C THR A 1030 44.17 5.15 -44.39
N ARG A 1031 45.04 5.39 -43.42
CA ARG A 1031 46.06 4.39 -43.15
C ARG A 1031 45.43 3.04 -42.83
N ARG A 1032 44.39 2.99 -42.02
CA ARG A 1032 43.95 1.68 -41.58
C ARG A 1032 43.44 0.87 -42.74
N ILE A 1033 42.70 1.50 -43.65
CA ILE A 1033 42.31 0.80 -44.87
C ILE A 1033 43.53 0.37 -45.66
N LEU A 1034 44.38 1.30 -46.02
CA LEU A 1034 45.41 0.92 -46.98
C LEU A 1034 46.52 0.10 -46.36
N GLU A 1035 46.49 -0.12 -45.05
CA GLU A 1035 47.56 -0.84 -44.40
C GLU A 1035 47.09 -2.18 -43.85
N GLU A 1036 45.82 -2.30 -43.48
CA GLU A 1036 45.42 -3.54 -42.80
C GLU A 1036 44.20 -4.22 -43.42
N PHE A 1037 43.18 -3.48 -43.79
CA PHE A 1037 41.98 -4.13 -44.30
C PHE A 1037 41.99 -4.33 -45.79
N ARG A 1038 42.91 -3.69 -46.51
CA ARG A 1038 43.25 -4.04 -47.88
C ARG A 1038 42.01 -4.13 -48.77
N LEU A 1039 41.08 -3.21 -48.54
CA LEU A 1039 39.89 -3.26 -49.36
C LEU A 1039 40.25 -2.93 -50.80
N ASN A 1040 39.26 -2.86 -51.67
CA ASN A 1040 39.51 -2.40 -53.02
C ASN A 1040 38.59 -1.23 -53.33
N ARG A 1041 38.28 -1.04 -54.60
CA ARG A 1041 37.24 -0.09 -54.96
C ARG A 1041 35.87 -0.74 -54.88
N ASP A 1042 35.71 -1.92 -55.46
CA ASP A 1042 34.42 -2.58 -55.37
C ASP A 1042 34.00 -2.78 -53.93
N ALA A 1043 34.77 -3.59 -53.18
CA ALA A 1043 34.42 -3.91 -51.80
C ALA A 1043 34.19 -2.64 -51.01
N PHE A 1044 34.91 -1.59 -51.34
CA PHE A 1044 34.72 -0.37 -50.59
C PHE A 1044 33.37 0.26 -50.88
N GLU A 1045 33.00 0.37 -52.15
CA GLU A 1045 31.69 0.91 -52.43
C GLU A 1045 30.62 0.05 -51.79
N TRP A 1046 30.87 -1.25 -51.71
CA TRP A 1046 29.90 -2.11 -51.08
C TRP A 1046 29.76 -1.77 -49.60
N VAL A 1047 30.89 -1.59 -48.90
CA VAL A 1047 30.82 -1.26 -47.49
C VAL A 1047 30.07 0.04 -47.28
N LEU A 1048 30.30 1.02 -48.15
CA LEU A 1048 29.56 2.26 -47.99
C LEU A 1048 28.07 2.03 -48.16
N GLY A 1049 27.68 1.38 -49.24
CA GLY A 1049 26.27 1.10 -49.42
C GLY A 1049 25.66 0.45 -48.19
N THR A 1050 26.34 -0.53 -47.64
CA THR A 1050 25.74 -1.24 -46.52
C THR A 1050 25.68 -0.39 -45.27
N ILE A 1051 26.73 0.36 -44.93
CA ILE A 1051 26.63 1.11 -43.68
C ILE A 1051 25.56 2.17 -43.79
N GLU A 1052 25.40 2.74 -44.98
CA GLU A 1052 24.23 3.56 -45.22
C GLU A 1052 22.95 2.84 -44.87
N ALA A 1053 22.70 1.73 -45.56
CA ALA A 1053 21.39 1.09 -45.42
C ALA A 1053 21.11 0.69 -43.98
N GLN A 1054 22.10 0.19 -43.27
CA GLN A 1054 21.79 -0.24 -41.92
C GLN A 1054 21.74 0.89 -40.92
N PHE A 1055 22.48 1.98 -41.10
CA PHE A 1055 22.10 3.05 -40.21
C PHE A 1055 20.72 3.54 -40.50
N GLN A 1056 20.21 3.35 -41.70
CA GLN A 1056 18.79 3.57 -41.85
C GLN A 1056 17.98 2.62 -41.00
N ARG A 1057 18.19 1.32 -41.16
CA ARG A 1057 17.25 0.41 -40.54
C ARG A 1057 17.28 0.44 -39.02
N SER A 1058 18.15 1.19 -38.40
CA SER A 1058 18.16 1.25 -36.95
C SER A 1058 17.60 2.56 -36.41
N LEU A 1059 16.66 3.14 -37.11
CA LEU A 1059 15.91 4.27 -36.57
C LEU A 1059 14.64 3.79 -35.91
N VAL A 1060 14.45 4.19 -34.65
CA VAL A 1060 13.30 3.73 -33.90
C VAL A 1060 12.01 4.18 -34.56
N HIS A 1061 11.13 3.26 -34.77
CA HIS A 1061 10.03 3.48 -35.67
C HIS A 1061 8.96 4.33 -35.02
N PRO A 1062 8.47 5.32 -35.71
CA PRO A 1062 7.48 6.20 -35.13
C PRO A 1062 6.20 5.49 -34.78
N GLY A 1063 5.82 5.61 -33.52
CA GLY A 1063 4.70 4.94 -32.92
C GLY A 1063 5.06 4.10 -31.74
N GLU A 1064 6.17 3.38 -31.80
CA GLU A 1064 6.59 2.43 -30.78
C GLU A 1064 6.35 2.95 -29.38
N MET A 1065 5.32 2.47 -28.69
CA MET A 1065 4.98 3.07 -27.41
C MET A 1065 6.05 2.88 -26.37
N VAL A 1066 7.27 3.31 -26.69
CA VAL A 1066 8.44 2.99 -25.90
C VAL A 1066 8.23 3.10 -24.40
N GLY A 1067 7.45 4.05 -23.93
CA GLY A 1067 7.42 4.32 -22.51
C GLY A 1067 7.05 3.09 -21.71
N VAL A 1068 6.10 2.33 -22.20
CA VAL A 1068 5.76 1.08 -21.55
C VAL A 1068 6.96 0.16 -21.50
N ILE A 1069 7.71 0.08 -22.59
CA ILE A 1069 8.88 -0.77 -22.61
C ILE A 1069 9.81 -0.34 -21.51
N ALA A 1070 9.90 0.95 -21.30
CA ALA A 1070 10.73 1.45 -20.23
C ALA A 1070 10.26 0.94 -18.89
N ALA A 1071 8.97 1.10 -18.62
CA ALA A 1071 8.48 0.62 -17.33
C ALA A 1071 8.79 -0.83 -17.14
N GLN A 1072 8.47 -1.64 -18.14
CA GLN A 1072 8.61 -3.07 -17.95
C GLN A 1072 10.05 -3.46 -17.74
N SER A 1073 10.95 -2.99 -18.59
CA SER A 1073 12.33 -3.41 -18.42
C SER A 1073 13.07 -2.57 -17.41
N ILE A 1074 12.38 -1.79 -16.61
CA ILE A 1074 13.03 -1.37 -15.37
C ILE A 1074 12.53 -2.25 -14.25
N GLY A 1075 11.22 -2.50 -14.21
CA GLY A 1075 10.67 -3.27 -13.12
C GLY A 1075 11.02 -4.74 -13.18
N GLU A 1076 11.27 -5.26 -14.35
CA GLU A 1076 11.56 -6.67 -14.49
C GLU A 1076 12.83 -7.02 -13.74
N PRO A 1077 13.98 -6.38 -14.00
CA PRO A 1077 15.16 -6.69 -13.20
C PRO A 1077 14.99 -6.25 -11.76
N ALA A 1078 13.98 -5.43 -11.47
CA ALA A 1078 13.63 -5.23 -10.09
C ALA A 1078 12.99 -6.48 -9.51
N THR A 1079 12.37 -7.29 -10.35
CA THR A 1079 11.82 -8.55 -9.85
C THR A 1079 12.93 -9.49 -9.44
N GLN A 1080 13.83 -9.80 -10.35
CA GLN A 1080 14.73 -10.91 -10.11
C GLN A 1080 15.89 -10.51 -9.20
N MET A 1081 15.75 -9.38 -8.52
CA MET A 1081 16.84 -8.90 -7.70
C MET A 1081 16.52 -9.02 -6.22
N ASN A 1095 28.15 -0.16 3.26
CA ASN A 1095 27.08 -0.05 4.24
C ASN A 1095 25.99 0.89 3.72
N VAL A 1096 25.25 0.45 2.72
CA VAL A 1096 24.24 1.28 2.07
C VAL A 1096 22.98 0.47 1.83
N THR A 1097 22.06 1.07 1.08
CA THR A 1097 20.80 0.44 0.72
C THR A 1097 20.82 0.03 -0.75
N LEU A 1098 20.35 -1.18 -1.03
CA LEU A 1098 20.25 -1.66 -2.39
C LEU A 1098 19.00 -2.49 -2.56
N GLY A 1099 18.70 -2.79 -3.82
CA GLY A 1099 17.55 -3.60 -4.14
C GLY A 1099 16.24 -2.84 -4.04
N VAL A 1100 15.21 -3.61 -3.72
CA VAL A 1100 13.85 -3.05 -3.68
C VAL A 1100 13.73 -1.90 -2.71
N PRO A 1101 14.32 -1.92 -1.52
CA PRO A 1101 14.14 -0.76 -0.65
C PRO A 1101 14.63 0.51 -1.27
N ARG A 1102 15.78 0.49 -1.92
CA ARG A 1102 16.27 1.71 -2.54
C ARG A 1102 15.40 2.13 -3.69
N LEU A 1103 15.05 1.19 -4.56
CA LEU A 1103 14.24 1.57 -5.72
C LEU A 1103 12.90 2.12 -5.26
N LYS A 1104 12.45 1.68 -4.10
CA LYS A 1104 11.22 2.18 -3.50
C LYS A 1104 11.40 3.61 -2.99
N GLU A 1105 12.49 3.87 -2.28
CA GLU A 1105 12.71 5.21 -1.76
C GLU A 1105 13.13 6.16 -2.86
N ILE A 1106 13.35 5.67 -4.08
CA ILE A 1106 13.60 6.60 -5.16
C ILE A 1106 12.35 6.83 -6.01
N LEU A 1107 11.54 5.81 -6.23
CA LEU A 1107 10.36 6.14 -7.00
C LEU A 1107 9.38 6.98 -6.18
N ASN A 1108 9.23 6.67 -4.91
CA ASN A 1108 8.46 7.52 -4.00
C ASN A 1108 9.28 8.70 -3.55
N VAL A 1109 9.58 9.67 -4.41
CA VAL A 1109 10.73 10.53 -4.13
C VAL A 1109 10.63 11.09 -2.74
N ALA A 1110 11.47 10.58 -1.86
CA ALA A 1110 11.25 10.74 -0.45
C ALA A 1110 12.40 11.51 0.15
N LYS A 1111 12.06 12.39 1.08
CA LYS A 1111 13.05 13.31 1.61
C LYS A 1111 13.76 12.72 2.81
N ASN A 1112 13.47 11.48 3.15
CA ASN A 1112 14.11 10.82 4.29
C ASN A 1112 14.47 9.39 3.92
N ILE A 1113 15.60 9.21 3.24
CA ILE A 1113 16.08 7.87 2.92
C ILE A 1113 16.77 7.29 4.13
N LYS A 1114 17.02 5.98 4.10
CA LYS A 1114 17.38 5.26 5.32
C LYS A 1114 18.70 5.75 5.88
N THR A 1115 19.70 5.93 5.02
CA THR A 1115 20.96 6.55 5.40
C THR A 1115 21.56 7.23 4.18
N PRO A 1116 21.47 8.55 4.12
CA PRO A 1116 21.93 9.27 2.93
C PRO A 1116 23.44 9.34 2.89
N ALA A 1117 23.96 9.97 1.84
CA ALA A 1117 25.40 10.01 1.71
C ALA A 1117 25.83 11.22 0.90
N LEU A 1118 27.06 11.65 1.18
CA LEU A 1118 27.75 12.63 0.36
C LEU A 1118 29.03 12.05 -0.17
N THR A 1119 29.50 12.63 -1.27
CA THR A 1119 30.86 12.44 -1.74
C THR A 1119 31.48 13.84 -1.79
N VAL A 1120 32.66 13.98 -1.22
CA VAL A 1120 33.37 15.24 -1.14
C VAL A 1120 34.75 15.03 -1.75
N TYR A 1121 34.99 15.69 -2.89
CA TYR A 1121 36.30 15.60 -3.52
C TYR A 1121 37.20 16.71 -3.04
N LEU A 1122 38.48 16.46 -3.09
CA LEU A 1122 39.45 17.48 -2.72
C LEU A 1122 40.34 17.83 -3.90
N ASP A 1123 40.91 19.03 -3.85
CA ASP A 1123 41.86 19.46 -4.85
C ASP A 1123 43.04 18.51 -4.90
N ARG A 1124 43.74 18.51 -6.03
CA ARG A 1124 44.83 17.56 -6.18
C ARG A 1124 45.90 17.75 -5.12
N GLU A 1125 46.21 19.00 -4.75
CA GLU A 1125 47.26 19.30 -3.79
C GLU A 1125 47.04 18.64 -2.45
N ILE A 1126 45.92 17.95 -2.28
CA ILE A 1126 45.69 17.10 -1.14
C ILE A 1126 45.28 15.71 -1.59
N ALA A 1127 44.82 15.56 -2.83
CA ALA A 1127 44.31 14.28 -3.30
C ALA A 1127 45.33 13.19 -3.20
N LEU A 1128 46.61 13.54 -3.14
CA LEU A 1128 47.69 12.60 -2.95
C LEU A 1128 48.35 12.79 -1.60
N ASP A 1129 48.06 13.91 -0.94
CA ASP A 1129 48.53 14.15 0.41
C ASP A 1129 47.59 13.42 1.34
N ILE A 1130 48.03 13.16 2.55
CA ILE A 1130 47.12 12.58 3.51
C ILE A 1130 46.92 13.48 4.72
N GLU A 1131 47.96 14.19 5.14
CA GLU A 1131 47.86 14.93 6.39
C GLU A 1131 46.98 16.16 6.23
N LYS A 1132 47.15 16.85 5.11
CA LYS A 1132 46.20 17.89 4.73
C LYS A 1132 44.79 17.33 4.68
N ALA A 1133 44.62 16.13 4.15
CA ALA A 1133 43.30 15.53 4.15
C ALA A 1133 42.81 15.30 5.57
N LYS A 1134 43.68 14.85 6.46
CA LYS A 1134 43.23 14.67 7.84
C LYS A 1134 42.73 15.97 8.43
N VAL A 1135 43.45 17.07 8.19
CA VAL A 1135 43.00 18.34 8.74
C VAL A 1135 41.67 18.74 8.13
N ILE A 1136 41.53 18.56 6.81
CA ILE A 1136 40.27 18.93 6.18
C ILE A 1136 39.12 18.17 6.80
N GLN A 1137 39.24 16.85 6.86
CA GLN A 1137 38.16 16.08 7.46
C GLN A 1137 37.83 16.62 8.83
N SER A 1138 38.83 16.65 9.71
CA SER A 1138 38.58 17.12 11.07
C SER A 1138 37.85 18.46 11.08
N SER A 1139 38.11 19.32 10.11
CA SER A 1139 37.35 20.56 10.07
C SER A 1139 35.91 20.32 9.63
N ILE A 1140 35.65 19.29 8.82
CA ILE A 1140 34.29 19.04 8.37
C ILE A 1140 33.46 18.30 9.41
N GLU A 1141 34.06 17.39 10.15
CA GLU A 1141 33.35 16.65 11.19
C GLU A 1141 32.56 17.60 12.07
N TYR A 1142 31.25 17.61 11.88
CA TYR A 1142 30.44 18.34 12.83
C TYR A 1142 30.60 17.76 14.22
N THR A 1143 30.54 18.62 15.22
CA THR A 1143 30.90 18.21 16.56
C THR A 1143 30.29 19.14 17.57
N THR A 1144 29.39 18.62 18.38
CA THR A 1144 28.89 19.32 19.54
C THR A 1144 29.81 19.07 20.72
N LEU A 1145 29.73 19.95 21.72
CA LEU A 1145 30.46 19.71 22.95
C LEU A 1145 30.11 18.36 23.53
N LYS A 1146 28.86 17.94 23.37
CA LYS A 1146 28.42 16.62 23.75
C LYS A 1146 29.30 15.52 23.19
N ASN A 1147 29.96 15.78 22.05
CA ASN A 1147 30.82 14.79 21.43
C ASN A 1147 32.13 14.61 22.16
N VAL A 1148 32.51 15.53 23.04
CA VAL A 1148 33.76 15.40 23.77
C VAL A 1148 33.49 15.44 25.26
N THR A 1149 32.24 15.70 25.62
CA THR A 1149 31.90 15.88 27.01
C THR A 1149 32.02 14.57 27.77
N SER A 1150 32.58 14.63 28.97
CA SER A 1150 32.74 13.46 29.80
C SER A 1150 31.66 13.31 30.88
N ALA A 1151 31.14 14.42 31.39
CA ALA A 1151 30.10 14.37 32.42
C ALA A 1151 29.49 15.76 32.55
N THR A 1152 28.53 15.89 33.47
CA THR A 1152 27.89 17.17 33.78
C THR A 1152 27.97 17.38 35.28
N GLU A 1153 28.01 18.63 35.72
CA GLU A 1153 28.22 18.89 37.14
C GLU A 1153 27.58 20.22 37.52
N ILE A 1154 26.84 20.23 38.64
CA ILE A 1154 26.36 21.46 39.26
C ILE A 1154 26.90 21.53 40.67
N TYR A 1155 27.81 22.47 40.92
CA TYR A 1155 28.33 22.66 42.26
C TYR A 1155 27.83 23.99 42.82
N TYR A 1156 27.86 24.15 44.13
CA TYR A 1156 27.42 25.40 44.73
C TYR A 1156 28.61 26.11 45.35
N ASP A 1157 29.13 27.13 44.66
CA ASP A 1157 30.24 27.94 45.13
C ASP A 1157 29.73 29.32 45.50
N PRO A 1158 29.46 29.57 46.78
CA PRO A 1158 29.12 30.93 47.20
C PRO A 1158 30.33 31.74 47.62
N ASP A 1159 31.52 31.16 47.55
CA ASP A 1159 32.72 31.81 48.05
C ASP A 1159 33.61 32.22 46.89
N PRO A 1160 33.66 33.51 46.55
CA PRO A 1160 34.55 33.98 45.49
C PRO A 1160 36.02 34.08 45.86
N THR A 1161 36.46 33.43 46.94
CA THR A 1161 37.87 33.37 47.28
C THR A 1161 38.42 31.96 47.17
N SER A 1162 37.72 30.97 47.70
CA SER A 1162 38.09 29.58 47.56
C SER A 1162 36.81 28.74 47.44
N THR A 1163 36.96 27.43 47.56
CA THR A 1163 35.83 26.53 47.32
C THR A 1163 35.88 25.39 48.30
N VAL A 1164 34.96 24.44 48.09
CA VAL A 1164 34.90 23.21 48.88
C VAL A 1164 35.55 22.10 48.06
N ILE A 1165 35.48 22.22 46.73
CA ILE A 1165 36.23 21.31 45.87
C ILE A 1165 37.70 21.41 46.24
N GLU A 1166 38.33 20.28 46.51
CA GLU A 1166 39.76 20.28 46.73
C GLU A 1166 40.56 20.42 45.44
N GLU A 1167 40.17 19.67 44.40
CA GLU A 1167 40.97 19.53 43.18
C GLU A 1167 41.22 20.88 42.50
N ASP A 1168 40.43 21.88 42.86
CA ASP A 1168 40.47 23.17 42.18
C ASP A 1168 41.41 24.14 42.87
N PHE A 1169 41.72 23.93 44.15
CA PHE A 1169 42.25 24.98 45.00
C PHE A 1169 43.48 25.64 44.40
N ASP A 1170 44.45 24.83 43.97
CA ASP A 1170 45.68 25.37 43.41
C ASP A 1170 45.42 26.18 42.15
N THR A 1171 44.72 25.57 41.18
CA THR A 1171 44.52 26.23 39.89
C THR A 1171 43.56 27.41 40.00
N VAL A 1172 42.58 27.33 40.91
CA VAL A 1172 41.71 28.48 41.09
C VAL A 1172 42.40 29.62 41.83
N GLU A 1173 43.18 29.35 42.89
CA GLU A 1173 43.99 30.42 43.46
C GLU A 1173 44.98 30.95 42.45
N ALA A 1174 45.38 30.13 41.48
CA ALA A 1174 46.09 30.68 40.33
C ALA A 1174 45.18 31.56 39.49
N TYR A 1175 43.87 31.31 39.51
CA TYR A 1175 42.96 32.09 38.69
C TYR A 1175 42.23 33.19 39.44
N PHE A 1176 41.86 32.97 40.71
CA PHE A 1176 41.23 34.04 41.49
C PHE A 1176 41.96 35.35 41.36
N SER A 1177 43.29 35.32 41.35
CA SER A 1177 44.09 36.49 41.13
C SER A 1177 45.31 36.07 40.34
N GLN A 1190 25.97 38.58 40.27
CA GLN A 1190 26.79 37.38 40.12
C GLN A 1190 26.09 36.19 40.78
N SER A 1191 26.20 35.02 40.16
CA SER A 1191 25.39 33.87 40.58
C SER A 1191 26.28 32.81 41.24
N PRO A 1192 25.89 32.28 42.40
CA PRO A 1192 26.81 31.39 43.13
C PRO A 1192 26.82 29.97 42.62
N TRP A 1193 25.74 29.50 42.02
CA TRP A 1193 25.64 28.11 41.59
C TRP A 1193 26.62 27.89 40.45
N LEU A 1194 27.80 27.39 40.78
CA LEU A 1194 28.82 27.21 39.77
C LEU A 1194 28.50 25.98 38.94
N LEU A 1195 28.32 26.17 37.64
CA LEU A 1195 28.12 25.06 36.72
C LEU A 1195 29.50 24.58 36.32
N ARG A 1196 29.62 23.31 35.96
CA ARG A 1196 30.92 22.73 35.73
C ARG A 1196 30.80 21.53 34.81
N LEU A 1197 31.81 21.36 33.97
CA LEU A 1197 31.82 20.18 33.11
C LEU A 1197 33.24 19.79 32.78
N GLU A 1198 33.41 18.51 32.47
CA GLU A 1198 34.71 17.86 32.37
C GLU A 1198 34.88 17.29 30.98
N LEU A 1199 36.06 17.48 30.41
CA LEU A 1199 36.31 17.07 29.04
C LEU A 1199 37.30 15.91 29.00
N ASP A 1200 37.26 15.16 27.90
CA ASP A 1200 38.11 13.99 27.72
C ASP A 1200 39.36 14.30 26.91
N ARG A 1201 40.51 14.30 27.58
CA ARG A 1201 41.78 14.60 26.91
C ARG A 1201 42.01 13.68 25.72
N ALA A 1202 41.62 12.41 25.84
CA ALA A 1202 41.70 11.54 24.69
C ALA A 1202 40.87 12.07 23.54
N ARG A 1203 39.63 12.49 23.81
CA ARG A 1203 38.86 13.12 22.76
C ARG A 1203 39.38 14.52 22.46
N MET A 1204 40.02 15.18 23.43
CA MET A 1204 40.54 16.51 23.16
C MET A 1204 41.66 16.48 22.12
N LEU A 1205 42.45 15.41 22.13
CA LEU A 1205 43.31 15.14 20.99
C LEU A 1205 42.52 14.71 19.78
N ASP A 1206 41.73 13.64 19.93
CA ASP A 1206 41.05 13.04 18.79
C ASP A 1206 40.20 14.04 18.03
N LYS A 1207 39.98 15.21 18.61
CA LYS A 1207 39.27 16.29 17.93
C LYS A 1207 40.12 17.55 17.86
N GLN A 1208 41.35 17.51 18.37
CA GLN A 1208 42.35 18.54 18.13
C GLN A 1208 41.92 19.89 18.69
N LEU A 1209 41.86 19.97 20.01
CA LEU A 1209 41.20 21.08 20.69
C LEU A 1209 41.88 21.39 22.01
N THR A 1210 41.49 22.51 22.61
CA THR A 1210 42.09 23.02 23.84
C THR A 1210 41.00 23.32 24.84
N MET A 1211 41.41 23.72 26.06
CA MET A 1211 40.49 24.45 26.91
C MET A 1211 40.18 25.82 26.34
N ASN A 1212 41.22 26.50 25.84
CA ASN A 1212 41.07 27.86 25.35
C ASN A 1212 40.06 27.92 24.22
N GLN A 1213 40.27 27.13 23.17
CA GLN A 1213 39.42 27.21 21.99
C GLN A 1213 37.96 27.00 22.35
N VAL A 1214 37.68 26.02 23.20
CA VAL A 1214 36.29 25.68 23.44
C VAL A 1214 35.65 26.70 24.38
N ALA A 1215 36.41 27.20 25.36
CA ALA A 1215 35.88 28.31 26.15
C ALA A 1215 35.56 29.49 25.25
N ASP A 1216 36.39 29.70 24.22
CA ASP A 1216 36.10 30.71 23.22
C ASP A 1216 34.79 30.43 22.53
N LYS A 1217 34.58 29.19 22.11
CA LYS A 1217 33.37 28.87 21.39
C LYS A 1217 32.15 29.00 22.28
N ILE A 1218 32.33 28.79 23.59
CA ILE A 1218 31.24 29.05 24.53
C ILE A 1218 30.91 30.53 24.55
N SER A 1219 31.92 31.37 24.72
CA SER A 1219 31.68 32.79 24.73
C SER A 1219 31.25 33.32 23.37
N GLU A 1220 31.34 32.51 22.32
CA GLU A 1220 30.80 32.92 21.03
C GLU A 1220 29.34 33.33 21.14
N VAL A 1221 28.53 32.56 21.88
CA VAL A 1221 27.12 32.89 22.07
C VAL A 1221 26.75 33.01 23.53
N PHE A 1222 27.69 32.84 24.45
CA PHE A 1222 27.48 33.08 25.87
C PHE A 1222 28.33 34.27 26.30
N SER A 1223 28.21 35.36 25.55
CA SER A 1223 29.04 36.54 25.74
C SER A 1223 28.96 37.08 27.16
N ASP A 1224 27.80 37.63 27.54
CA ASP A 1224 27.61 38.17 28.88
C ASP A 1224 26.36 37.62 29.55
N ASP A 1225 26.03 36.36 29.29
CA ASP A 1225 25.09 35.64 30.13
C ASP A 1225 25.78 34.68 31.08
N LEU A 1226 27.06 34.44 30.89
CA LEU A 1226 27.70 33.33 31.60
C LEU A 1226 29.17 33.65 31.72
N PHE A 1227 29.61 33.99 32.93
CA PHE A 1227 31.03 34.09 33.19
C PHE A 1227 31.70 32.75 32.96
N VAL A 1228 32.66 32.74 32.05
CA VAL A 1228 33.40 31.55 31.70
C VAL A 1228 34.69 31.55 32.51
N MET A 1229 35.10 30.37 32.94
CA MET A 1229 36.30 30.15 33.72
C MET A 1229 36.87 28.81 33.32
N TRP A 1230 38.12 28.78 32.86
CA TRP A 1230 38.64 27.49 32.45
C TRP A 1230 39.96 27.23 33.16
N SER A 1231 40.04 26.09 33.84
CA SER A 1231 41.25 25.68 34.51
C SER A 1231 42.28 25.28 33.47
N GLU A 1232 43.55 25.32 33.88
CA GLU A 1232 44.64 25.27 32.92
C GLU A 1232 44.71 23.95 32.18
N ASP A 1233 45.59 23.92 31.18
CA ASP A 1233 45.77 22.75 30.32
C ASP A 1233 46.32 21.56 31.08
N ASN A 1234 47.26 21.80 31.99
CA ASN A 1234 47.88 20.75 32.79
C ASN A 1234 47.04 20.36 33.99
N ALA A 1235 45.87 20.96 34.16
CA ALA A 1235 44.99 20.56 35.24
C ALA A 1235 44.70 19.07 35.16
N ASP A 1236 44.55 18.46 36.33
CA ASP A 1236 44.36 17.02 36.39
C ASP A 1236 43.18 16.56 35.55
N LYS A 1237 42.12 17.36 35.50
CA LYS A 1237 40.93 17.05 34.72
C LYS A 1237 40.50 18.29 33.96
N LEU A 1238 40.03 18.09 32.74
CA LEU A 1238 39.71 19.20 31.85
C LEU A 1238 38.40 19.82 32.31
N ILE A 1239 38.52 20.82 33.17
CA ILE A 1239 37.40 21.38 33.91
C ILE A 1239 37.03 22.72 33.32
N ILE A 1240 35.73 22.99 33.26
CA ILE A 1240 35.21 24.28 32.83
C ILE A 1240 34.17 24.69 33.87
N ARG A 1241 34.21 25.95 34.29
CA ARG A 1241 33.48 26.46 35.45
C ARG A 1241 32.80 27.77 35.08
N CYS A 1242 31.49 27.83 35.29
CA CYS A 1242 30.69 28.90 34.71
C CYS A 1242 29.74 29.48 35.74
N ARG A 1243 29.48 30.78 35.64
CA ARG A 1243 28.59 31.47 36.55
C ARG A 1243 27.51 32.19 35.77
N VAL A 1244 26.29 32.18 36.28
CA VAL A 1244 25.23 32.91 35.61
C VAL A 1244 25.40 34.41 35.84
N ILE A 1245 25.17 35.18 34.78
CA ILE A 1245 25.31 36.63 34.89
C ILE A 1245 23.97 37.32 34.70
N GLU A 1258 14.86 31.21 41.46
CA GLU A 1258 15.12 29.89 40.91
C GLU A 1258 16.41 29.90 40.10
N GLU A 1259 17.43 29.13 40.52
CA GLU A 1259 18.63 28.99 39.70
C GLU A 1259 19.01 27.53 39.44
N ASP A 1260 18.21 26.59 39.92
CA ASP A 1260 18.51 25.22 39.55
C ASP A 1260 18.07 24.97 38.12
N GLN A 1261 16.77 25.07 37.85
CA GLN A 1261 16.28 24.83 36.50
C GLN A 1261 16.75 25.89 35.51
N MET A 1262 16.98 27.11 35.98
CA MET A 1262 17.64 28.08 35.13
C MET A 1262 18.96 27.51 34.63
N LEU A 1263 19.84 27.14 35.56
CA LEU A 1263 21.14 26.63 35.17
C LEU A 1263 21.02 25.32 34.41
N LYS A 1264 19.94 24.57 34.62
CA LYS A 1264 19.82 23.27 33.97
C LYS A 1264 19.33 23.40 32.54
N ARG A 1265 18.36 24.28 32.29
CA ARG A 1265 18.08 24.63 30.91
C ARG A 1265 19.34 25.15 30.25
N ILE A 1266 20.14 25.95 30.98
CA ILE A 1266 21.42 26.35 30.44
C ILE A 1266 22.26 25.13 30.08
N GLU A 1267 22.31 24.15 30.96
CA GLU A 1267 23.23 23.05 30.77
C GLU A 1267 22.79 22.17 29.60
N ALA A 1268 21.51 21.88 29.51
CA ALA A 1268 20.99 21.10 28.39
C ALA A 1268 21.14 21.87 27.09
N HIS A 1269 20.82 23.17 27.11
CA HIS A 1269 20.97 23.98 25.92
C HIS A 1269 22.42 24.01 25.47
N MET A 1270 23.35 24.05 26.42
CA MET A 1270 24.78 23.95 26.12
C MET A 1270 25.06 22.67 25.38
N LEU A 1271 24.88 21.55 26.06
CA LEU A 1271 25.19 20.26 25.47
C LEU A 1271 24.44 20.01 24.18
N ASP A 1272 23.41 20.78 23.89
CA ASP A 1272 22.75 20.66 22.60
C ASP A 1272 23.44 21.53 21.56
N LEU A 1273 23.77 22.76 21.90
CA LEU A 1273 24.08 23.77 20.89
C LEU A 1273 25.54 24.15 20.82
N ILE A 1274 26.36 23.84 21.82
CA ILE A 1274 27.76 24.19 21.73
C ILE A 1274 28.37 23.45 20.56
N ALA A 1275 28.47 24.14 19.42
CA ALA A 1275 29.06 23.56 18.23
C ALA A 1275 30.53 23.96 18.17
N LEU A 1276 31.40 22.97 18.28
CA LEU A 1276 32.82 23.22 18.40
C LEU A 1276 33.42 23.59 17.05
N ARG A 1277 33.24 22.73 16.05
CA ARG A 1277 33.55 23.06 14.68
C ARG A 1277 32.78 22.09 13.81
N GLY A 1278 33.01 22.18 12.52
CA GLY A 1278 32.30 21.31 11.60
C GLY A 1278 31.04 21.95 11.07
N ILE A 1279 30.16 21.10 10.55
CA ILE A 1279 28.97 21.54 9.84
C ILE A 1279 27.78 20.77 10.39
N PRO A 1280 26.87 21.39 11.09
CA PRO A 1280 25.72 20.65 11.61
C PRO A 1280 24.88 20.03 10.50
N GLY A 1281 24.84 18.70 10.51
CA GLY A 1281 24.12 17.95 9.51
C GLY A 1281 24.98 16.83 8.96
N ILE A 1282 26.24 16.81 9.36
CA ILE A 1282 27.23 15.89 8.83
C ILE A 1282 27.92 15.24 10.02
N SER A 1283 27.43 14.10 10.43
CA SER A 1283 27.76 13.59 11.75
C SER A 1283 29.04 12.78 11.81
N LYS A 1284 29.48 12.18 10.70
CA LYS A 1284 30.63 11.32 10.76
C LYS A 1284 31.17 11.14 9.36
N VAL A 1285 32.48 11.31 9.20
CA VAL A 1285 33.11 11.39 7.89
C VAL A 1285 34.15 10.31 7.76
N TYR A 1286 34.22 9.69 6.59
CA TYR A 1286 35.16 8.63 6.36
C TYR A 1286 36.22 9.05 5.37
N MET A 1287 37.46 8.77 5.72
CA MET A 1287 38.62 8.97 4.87
C MET A 1287 38.70 7.78 3.93
N VAL A 1288 38.53 8.01 2.63
CA VAL A 1288 38.34 6.94 1.66
C VAL A 1288 39.30 7.15 0.49
N LYS A 1289 39.50 6.10 -0.31
CA LYS A 1289 40.37 6.11 -1.50
C LYS A 1289 39.55 5.83 -2.75
N HIS A 1290 39.77 6.63 -3.80
CA HIS A 1290 39.09 6.39 -5.07
C HIS A 1290 40.08 6.29 -6.22
N LYS A 1291 40.27 5.08 -6.74
CA LYS A 1291 41.14 4.88 -7.88
C LYS A 1291 40.53 5.55 -9.10
N VAL A 1292 41.37 6.04 -9.99
CA VAL A 1292 40.84 6.73 -11.17
C VAL A 1292 41.84 6.65 -12.29
N SER A 1293 41.32 6.64 -13.50
CA SER A 1293 42.14 6.83 -14.69
C SER A 1293 42.46 8.31 -14.85
N VAL A 1294 43.72 8.61 -15.15
CA VAL A 1294 44.17 9.98 -15.36
C VAL A 1294 44.90 9.97 -16.69
N PRO A 1295 44.59 10.87 -17.60
CA PRO A 1295 45.32 10.88 -18.87
C PRO A 1295 46.76 11.33 -18.68
N ASP A 1296 47.68 10.40 -18.94
CA ASP A 1296 49.10 10.63 -18.77
C ASP A 1296 49.63 11.41 -19.96
N GLU A 1297 50.82 12.01 -19.80
CA GLU A 1297 51.36 12.96 -20.76
C GLU A 1297 51.78 12.31 -22.07
N SER A 1298 51.80 11.00 -22.14
CA SER A 1298 51.94 10.36 -23.44
C SER A 1298 50.60 10.13 -24.10
N GLY A 1299 49.51 10.32 -23.38
CA GLY A 1299 48.19 10.12 -23.90
C GLY A 1299 47.49 8.88 -23.41
N GLU A 1300 48.21 7.95 -22.81
CA GLU A 1300 47.62 6.68 -22.44
C GLU A 1300 47.25 6.69 -20.96
N TYR A 1301 46.05 6.23 -20.69
CA TYR A 1301 45.45 6.46 -19.38
C TYR A 1301 46.13 5.64 -18.31
N LYS A 1302 46.50 6.29 -17.22
CA LYS A 1302 47.19 5.62 -16.15
C LYS A 1302 46.37 5.69 -14.88
N ASN A 1303 46.19 4.55 -14.26
CA ASN A 1303 45.37 4.52 -13.07
C ASN A 1303 46.16 5.06 -11.90
N GLU A 1304 45.46 5.48 -10.86
CA GLU A 1304 46.15 6.12 -9.76
C GLU A 1304 45.25 6.13 -8.53
N GLU A 1305 45.87 6.15 -7.36
CA GLU A 1305 45.17 6.27 -6.10
C GLU A 1305 45.07 7.73 -5.72
N LEU A 1306 43.92 8.11 -5.17
CA LEU A 1306 43.74 9.44 -4.62
C LEU A 1306 43.26 9.34 -3.19
N TRP A 1307 42.69 10.43 -2.71
CA TRP A 1307 41.93 10.41 -1.49
C TRP A 1307 40.66 11.19 -1.72
N ALA A 1308 39.60 10.79 -1.04
CA ALA A 1308 38.35 11.51 -1.08
C ALA A 1308 37.65 11.31 0.24
N LEU A 1309 36.56 12.04 0.43
CA LEU A 1309 35.82 11.99 1.68
C LEU A 1309 34.39 11.63 1.37
N GLU A 1310 33.75 10.93 2.29
CA GLU A 1310 32.32 10.63 2.20
C GLU A 1310 31.77 10.81 3.60
N THR A 1311 30.47 11.04 3.70
CA THR A 1311 29.93 11.59 4.93
C THR A 1311 28.67 10.87 5.33
N ASP A 1312 28.22 11.16 6.54
CA ASP A 1312 26.96 10.63 7.02
C ASP A 1312 25.96 11.76 7.23
N GLY A 1313 24.87 11.73 6.47
CA GLY A 1313 23.98 12.86 6.43
C GLY A 1313 24.38 13.81 5.32
N ILE A 1314 23.49 14.74 5.00
CA ILE A 1314 23.66 15.57 3.82
C ILE A 1314 23.45 17.02 4.19
N ASN A 1315 24.28 17.89 3.64
CA ASN A 1315 24.20 19.32 3.93
C ASN A 1315 25.03 20.02 2.86
N LEU A 1316 24.40 20.41 1.78
CA LEU A 1316 25.21 20.53 0.58
C LEU A 1316 25.90 21.89 0.50
N ALA A 1317 25.16 22.96 0.72
CA ALA A 1317 25.73 24.28 0.48
C ALA A 1317 26.81 24.60 1.49
N GLU A 1318 26.63 24.17 2.73
CA GLU A 1318 27.66 24.45 3.72
C GLU A 1318 28.94 23.68 3.45
N VAL A 1319 28.86 22.65 2.62
CA VAL A 1319 30.08 21.88 2.36
C VAL A 1319 30.77 22.33 1.10
N MET A 1320 30.03 22.64 0.04
CA MET A 1320 30.75 23.01 -1.19
C MET A 1320 31.67 24.20 -1.04
N ALA A 1321 31.88 24.73 0.16
CA ALA A 1321 32.62 25.98 0.29
C ALA A 1321 33.76 25.94 1.28
N VAL A 1322 33.76 25.02 2.24
CA VAL A 1322 34.79 25.00 3.28
C VAL A 1322 36.17 24.98 2.61
N PRO A 1323 37.10 25.83 3.03
CA PRO A 1323 38.26 26.15 2.19
C PRO A 1323 39.03 24.90 1.80
N GLY A 1324 39.23 24.72 0.50
CA GLY A 1324 40.01 23.62 0.01
C GLY A 1324 39.21 22.43 -0.44
N VAL A 1325 37.97 22.61 -0.87
CA VAL A 1325 37.15 21.49 -1.31
C VAL A 1325 36.66 21.76 -2.72
N ASP A 1326 36.75 20.77 -3.58
CA ASP A 1326 36.58 21.04 -4.99
C ASP A 1326 35.10 21.29 -5.24
N SER A 1327 34.73 22.54 -5.31
CA SER A 1327 33.35 22.93 -5.47
C SER A 1327 32.83 22.66 -6.84
N SER A 1328 33.60 22.05 -7.71
CA SER A 1328 33.06 21.73 -9.02
C SER A 1328 32.44 20.36 -9.05
N ARG A 1329 32.56 19.59 -7.97
CA ARG A 1329 32.34 18.16 -8.06
C ARG A 1329 31.43 17.59 -6.98
N THR A 1330 31.28 18.22 -5.82
CA THR A 1330 30.66 17.57 -4.69
C THR A 1330 29.36 16.89 -5.09
N TYR A 1331 29.13 15.70 -4.55
CA TYR A 1331 28.00 14.89 -4.96
C TYR A 1331 27.26 14.32 -3.77
N SER A 1332 25.94 14.27 -3.89
CA SER A 1332 25.09 13.71 -2.87
C SER A 1332 24.19 12.66 -3.47
N ASN A 1333 23.70 11.76 -2.63
CA ASN A 1333 22.73 10.81 -3.13
C ASN A 1333 21.31 11.31 -2.94
N SER A 1334 20.95 11.74 -1.73
CA SER A 1334 19.60 12.22 -1.48
C SER A 1334 19.38 13.49 -2.27
N PHE A 1335 18.84 13.33 -3.46
CA PHE A 1335 19.05 14.28 -4.51
C PHE A 1335 18.05 15.41 -4.55
N VAL A 1336 16.97 15.34 -3.77
CA VAL A 1336 16.10 16.50 -3.72
C VAL A 1336 16.86 17.69 -3.17
N GLU A 1337 17.81 17.43 -2.26
CA GLU A 1337 18.68 18.51 -1.83
C GLU A 1337 19.41 19.11 -3.01
N ILE A 1338 19.78 18.27 -3.98
CA ILE A 1338 20.36 18.78 -5.21
C ILE A 1338 19.37 19.65 -5.94
N LEU A 1339 18.10 19.26 -5.93
CA LEU A 1339 17.14 20.15 -6.54
C LEU A 1339 17.19 21.51 -5.89
N SER A 1340 17.19 21.55 -4.57
CA SER A 1340 17.21 22.83 -3.88
C SER A 1340 18.44 23.64 -4.26
N VAL A 1341 19.59 23.00 -4.31
CA VAL A 1341 20.84 23.71 -4.45
C VAL A 1341 21.27 23.81 -5.90
N LEU A 1342 21.57 22.70 -6.54
CA LEU A 1342 22.24 22.73 -7.83
C LEU A 1342 21.26 22.66 -8.98
N GLY A 1343 20.12 23.28 -8.83
CA GLY A 1343 19.25 23.48 -9.97
C GLY A 1343 18.55 22.22 -10.41
N ILE A 1344 18.23 22.17 -11.70
CA ILE A 1344 17.42 21.06 -12.20
C ILE A 1344 18.28 19.99 -12.88
N GLU A 1345 19.27 20.37 -13.67
CA GLU A 1345 19.90 19.35 -14.48
C GLU A 1345 20.75 18.43 -13.64
N ALA A 1346 21.39 18.96 -12.62
CA ALA A 1346 22.09 18.09 -11.70
C ALA A 1346 21.13 17.20 -10.96
N THR A 1347 19.94 17.69 -10.60
CA THR A 1347 18.98 16.78 -10.03
C THR A 1347 18.74 15.63 -10.97
N ARG A 1348 18.59 15.93 -12.25
CA ARG A 1348 18.31 14.89 -13.22
C ARG A 1348 19.43 13.87 -13.26
N SER A 1349 20.66 14.33 -13.41
CA SER A 1349 21.73 13.37 -13.56
C SER A 1349 22.06 12.67 -12.25
N SER A 1350 21.78 13.27 -11.11
CA SER A 1350 21.92 12.54 -9.86
C SER A 1350 20.90 11.43 -9.80
N LEU A 1351 19.67 11.73 -10.22
CA LEU A 1351 18.67 10.68 -10.36
C LEU A 1351 19.22 9.54 -11.20
N TYR A 1352 19.82 9.88 -12.33
CA TYR A 1352 20.31 8.85 -13.22
C TYR A 1352 21.41 8.04 -12.56
N LYS A 1353 22.28 8.71 -11.84
CA LYS A 1353 23.36 7.98 -11.20
C LYS A 1353 22.83 7.01 -10.17
N GLU A 1354 21.81 7.42 -9.41
CA GLU A 1354 21.29 6.51 -8.40
C GLU A 1354 20.60 5.32 -9.03
N ILE A 1355 19.76 5.57 -10.03
CA ILE A 1355 19.07 4.45 -10.66
C ILE A 1355 20.06 3.51 -11.30
N LEU A 1356 21.03 4.05 -12.04
CA LEU A 1356 22.00 3.17 -12.65
C LEU A 1356 22.76 2.39 -11.61
N ASN A 1357 23.14 3.03 -10.51
CA ASN A 1357 23.80 2.30 -9.43
C ASN A 1357 22.99 1.09 -9.03
N VAL A 1358 21.73 1.29 -8.70
CA VAL A 1358 21.00 0.16 -8.15
C VAL A 1358 20.64 -0.91 -9.18
N ILE A 1359 20.16 -0.54 -10.36
CA ILE A 1359 19.85 -1.56 -11.36
C ILE A 1359 21.12 -2.27 -11.78
N ALA A 1360 22.17 -1.53 -12.09
CA ALA A 1360 23.39 -2.18 -12.51
C ALA A 1360 24.31 -2.39 -11.32
N PHE A 1361 23.72 -2.66 -10.16
CA PHE A 1361 24.55 -3.11 -9.05
C PHE A 1361 25.01 -4.53 -9.21
N ASP A 1362 24.07 -5.46 -9.36
CA ASP A 1362 24.39 -6.87 -9.32
C ASP A 1362 24.71 -7.42 -10.70
N GLY A 1363 25.52 -6.69 -11.46
CA GLY A 1363 25.84 -7.12 -12.81
C GLY A 1363 24.71 -7.12 -13.81
N SER A 1364 23.52 -6.66 -13.43
CA SER A 1364 22.49 -6.49 -14.44
C SER A 1364 22.82 -5.28 -15.30
N TYR A 1365 22.27 -5.27 -16.48
CA TYR A 1365 22.55 -4.20 -17.43
C TYR A 1365 21.27 -3.73 -18.09
N VAL A 1366 21.16 -2.43 -18.30
CA VAL A 1366 19.99 -1.86 -18.97
C VAL A 1366 20.46 -0.78 -19.92
N ASN A 1367 20.01 -0.86 -21.17
CA ASN A 1367 20.32 0.16 -22.13
C ASN A 1367 20.08 1.54 -21.52
N TYR A 1368 20.82 2.53 -22.02
CA TYR A 1368 20.67 3.87 -21.49
C TYR A 1368 19.26 4.37 -21.67
N ARG A 1369 18.72 4.17 -22.86
CA ARG A 1369 17.58 4.94 -23.25
C ARG A 1369 16.39 4.73 -22.33
N HIS A 1370 16.33 3.61 -21.62
CA HIS A 1370 15.19 3.39 -20.73
C HIS A 1370 15.31 4.18 -19.45
N MET A 1371 16.39 4.03 -18.72
CA MET A 1371 16.58 4.90 -17.58
C MET A 1371 16.52 6.36 -18.00
N ALA A 1372 16.92 6.66 -19.23
CA ALA A 1372 16.74 8.02 -19.70
C ALA A 1372 15.28 8.42 -19.73
N LEU A 1373 14.46 7.63 -20.40
CA LEU A 1373 13.05 7.96 -20.50
C LEU A 1373 12.44 8.14 -19.13
N LEU A 1374 12.79 7.25 -18.20
CA LEU A 1374 12.24 7.39 -16.86
C LEU A 1374 12.73 8.65 -16.20
N VAL A 1375 14.03 8.89 -16.15
CA VAL A 1375 14.49 10.07 -15.44
C VAL A 1375 14.02 11.33 -16.11
N ASP A 1376 13.55 11.27 -17.36
CA ASP A 1376 13.05 12.47 -17.98
C ASP A 1376 11.58 12.70 -17.75
N VAL A 1377 10.79 11.67 -17.49
CA VAL A 1377 9.49 12.03 -16.98
C VAL A 1377 9.60 12.66 -15.60
N MET A 1378 10.49 12.17 -14.76
CA MET A 1378 10.51 12.67 -13.39
C MET A 1378 11.03 14.11 -13.25
N THR A 1379 11.49 14.73 -14.33
CA THR A 1379 11.79 16.16 -14.32
C THR A 1379 11.34 16.80 -15.61
N SER A 1380 10.08 16.60 -15.94
CA SER A 1380 9.45 17.44 -16.93
C SER A 1380 9.12 18.79 -16.34
N ARG A 1381 8.52 18.79 -15.16
CA ARG A 1381 7.92 20.00 -14.62
C ARG A 1381 8.80 20.63 -13.56
N GLY A 1382 10.11 20.44 -13.67
CA GLY A 1382 11.01 21.07 -12.76
C GLY A 1382 10.90 20.64 -11.33
N TYR A 1383 9.73 20.31 -10.84
CA TYR A 1383 9.64 19.75 -9.52
C TYR A 1383 9.63 18.25 -9.67
N LEU A 1384 10.17 17.55 -8.68
CA LEU A 1384 10.29 16.11 -8.81
C LEU A 1384 8.93 15.43 -8.84
N MET A 1385 8.42 15.17 -10.03
CA MET A 1385 7.09 14.61 -10.17
C MET A 1385 7.15 13.14 -9.75
N ALA A 1386 7.26 12.93 -8.44
CA ALA A 1386 7.45 11.59 -7.91
C ALA A 1386 6.44 10.63 -8.52
N ILE A 1387 6.82 9.37 -8.63
CA ILE A 1387 5.93 8.36 -9.20
C ILE A 1387 5.16 7.75 -8.04
N THR A 1388 4.08 8.43 -7.67
CA THR A 1388 3.08 7.87 -6.78
C THR A 1388 1.73 8.17 -7.42
N ARG A 1389 0.67 8.04 -6.64
CA ARG A 1389 -0.61 8.55 -7.09
C ARG A 1389 -0.60 10.06 -7.18
N HIS A 1390 0.32 10.71 -6.47
CA HIS A 1390 0.35 12.17 -6.48
C HIS A 1390 1.08 12.70 -7.69
N GLY A 1391 1.83 11.86 -8.38
CA GLY A 1391 2.51 12.28 -9.58
C GLY A 1391 1.58 12.20 -10.76
N ILE A 1392 0.90 11.07 -10.89
CA ILE A 1392 -0.08 10.96 -11.95
C ILE A 1392 -1.24 11.93 -11.72
N ASN A 1393 -1.83 11.93 -10.53
CA ASN A 1393 -3.12 12.58 -10.37
C ASN A 1393 -3.07 14.07 -10.65
N ARG A 1394 -2.08 14.75 -10.10
CA ARG A 1394 -1.96 16.18 -10.23
C ARG A 1394 -1.36 16.59 -11.55
N ALA A 1395 -1.37 15.71 -12.55
CA ALA A 1395 -0.95 16.07 -13.88
C ALA A 1395 -2.14 16.63 -14.66
N ASP A 1396 -1.84 17.57 -15.55
CA ASP A 1396 -2.89 18.19 -16.35
C ASP A 1396 -3.38 17.29 -17.46
N THR A 1397 -3.13 15.99 -17.35
CA THR A 1397 -3.70 15.02 -18.27
C THR A 1397 -5.21 15.02 -18.14
N GLY A 1398 -5.89 14.25 -18.98
CA GLY A 1398 -7.34 14.23 -18.92
C GLY A 1398 -7.84 13.70 -17.58
N ALA A 1399 -9.16 13.59 -17.46
CA ALA A 1399 -9.73 13.05 -16.24
C ALA A 1399 -9.67 11.53 -16.23
N LEU A 1400 -10.02 10.88 -17.34
CA LEU A 1400 -10.15 9.44 -17.29
C LEU A 1400 -8.82 8.74 -17.09
N MET A 1401 -7.86 8.96 -17.99
CA MET A 1401 -6.58 8.26 -17.87
C MET A 1401 -6.05 8.33 -16.45
N ARG A 1402 -6.39 9.39 -15.74
CA ARG A 1402 -6.06 9.44 -14.33
C ARG A 1402 -7.03 8.63 -13.50
N CYS A 1403 -8.28 8.52 -13.94
CA CYS A 1403 -9.29 7.96 -13.06
C CYS A 1403 -9.08 6.48 -12.83
N SER A 1404 -8.15 5.86 -13.54
CA SER A 1404 -8.00 4.42 -13.46
C SER A 1404 -6.87 3.99 -12.56
N PHE A 1405 -6.20 4.91 -11.88
CA PHE A 1405 -5.01 4.52 -11.15
C PHE A 1405 -5.31 4.21 -9.69
N GLU A 1406 -5.67 5.23 -8.92
CA GLU A 1406 -6.02 5.08 -7.52
C GLU A 1406 -6.88 6.28 -7.16
N GLU A 1407 -7.71 6.10 -6.14
CA GLU A 1407 -8.66 7.14 -5.77
C GLU A 1407 -9.54 7.52 -6.95
N THR A 1408 -10.24 6.53 -7.51
CA THR A 1408 -11.13 6.83 -8.62
C THR A 1408 -12.31 7.69 -8.20
N VAL A 1409 -12.83 7.48 -7.00
CA VAL A 1409 -14.00 8.19 -6.57
C VAL A 1409 -13.74 9.69 -6.58
N GLU A 1410 -12.78 10.12 -5.77
CA GLU A 1410 -12.59 11.54 -5.52
C GLU A 1410 -12.15 12.25 -6.79
N ILE A 1411 -11.34 11.60 -7.62
CA ILE A 1411 -11.07 12.20 -8.91
C ILE A 1411 -12.33 12.45 -9.69
N LEU A 1412 -13.21 11.46 -9.80
CA LEU A 1412 -14.42 11.69 -10.57
C LEU A 1412 -15.26 12.81 -10.00
N PHE A 1413 -15.37 12.88 -8.68
CA PHE A 1413 -16.23 13.91 -8.12
C PHE A 1413 -15.62 15.31 -8.21
N GLU A 1414 -14.31 15.44 -8.05
CA GLU A 1414 -13.73 16.73 -8.38
C GLU A 1414 -13.97 17.11 -9.83
N ALA A 1415 -13.70 16.18 -10.76
CA ALA A 1415 -13.86 16.50 -12.17
C ALA A 1415 -15.30 16.88 -12.48
N GLY A 1416 -16.24 16.27 -11.78
CA GLY A 1416 -17.60 16.71 -11.97
C GLY A 1416 -17.84 18.12 -11.50
N ALA A 1417 -17.03 18.60 -10.55
CA ALA A 1417 -17.22 19.90 -9.96
C ALA A 1417 -16.42 20.98 -10.66
N ALA A 1418 -15.73 20.65 -11.72
CA ALA A 1418 -14.92 21.67 -12.37
C ALA A 1418 -15.08 21.65 -13.88
N ALA A 1419 -15.94 20.80 -14.41
CA ALA A 1419 -16.27 20.87 -15.82
C ALA A 1419 -15.04 20.70 -16.68
N GLU A 1420 -14.36 19.57 -16.49
CA GLU A 1420 -13.14 19.30 -17.24
C GLU A 1420 -13.48 18.88 -18.66
N LEU A 1421 -12.46 18.79 -19.48
CA LEU A 1421 -12.61 18.36 -20.86
C LEU A 1421 -11.54 17.34 -21.18
N ASP A 1422 -11.87 16.07 -21.03
CA ASP A 1422 -10.91 14.99 -21.19
C ASP A 1422 -10.86 14.64 -22.68
N ASP A 1423 -9.87 15.19 -23.37
CA ASP A 1423 -9.88 15.24 -24.82
C ASP A 1423 -9.60 13.91 -25.48
N CYS A 1424 -9.76 12.79 -24.78
CA CYS A 1424 -9.69 11.47 -25.39
C CYS A 1424 -8.41 11.26 -26.21
N ARG A 1425 -7.24 11.46 -25.61
CA ARG A 1425 -6.02 11.08 -26.33
C ARG A 1425 -5.20 10.03 -25.61
N GLY A 1426 -5.33 9.88 -24.31
CA GLY A 1426 -4.63 8.81 -23.63
C GLY A 1426 -5.02 7.48 -24.22
N VAL A 1427 -4.29 6.44 -23.84
CA VAL A 1427 -4.71 5.12 -24.28
C VAL A 1427 -5.60 4.47 -23.23
N SER A 1428 -5.43 4.82 -21.97
CA SER A 1428 -6.39 4.42 -20.96
C SER A 1428 -7.82 4.64 -21.46
N GLU A 1429 -8.13 5.87 -21.84
CA GLU A 1429 -9.46 6.17 -22.36
C GLU A 1429 -9.83 5.25 -23.49
N ASN A 1430 -9.16 5.38 -24.62
CA ASN A 1430 -9.63 4.67 -25.79
C ASN A 1430 -9.59 3.17 -25.65
N VAL A 1431 -9.03 2.65 -24.56
CA VAL A 1431 -9.39 1.30 -24.15
C VAL A 1431 -10.76 1.29 -23.52
N MET A 1432 -10.96 2.06 -22.45
CA MET A 1432 -12.23 1.99 -21.73
C MET A 1432 -13.38 2.56 -22.53
N LEU A 1433 -13.13 3.09 -23.71
CA LEU A 1433 -14.16 3.34 -24.68
C LEU A 1433 -13.92 2.62 -25.97
N GLY A 1434 -13.20 1.50 -25.90
CA GLY A 1434 -13.14 0.55 -26.98
C GLY A 1434 -13.12 1.18 -28.34
N GLN A 1435 -12.08 1.94 -28.61
CA GLN A 1435 -11.86 2.50 -29.92
C GLN A 1435 -10.50 2.09 -30.43
N LEU A 1436 -10.34 2.16 -31.74
CA LEU A 1436 -9.08 1.78 -32.33
C LEU A 1436 -8.02 2.72 -31.79
N ALA A 1437 -7.23 2.25 -30.84
CA ALA A 1437 -6.45 3.15 -30.00
C ALA A 1437 -5.51 4.02 -30.83
N PRO A 1438 -5.07 5.14 -30.28
CA PRO A 1438 -4.06 5.95 -30.98
C PRO A 1438 -2.63 5.63 -30.54
N MET A 1439 -2.19 4.43 -30.88
CA MET A 1439 -0.80 4.03 -30.74
C MET A 1439 -0.57 2.97 -31.78
N GLY A 1440 0.63 2.40 -31.77
CA GLY A 1440 0.94 1.30 -32.64
C GLY A 1440 0.29 1.44 -34.00
N THR A 1441 -0.43 0.42 -34.43
CA THR A 1441 -1.11 0.45 -35.71
C THR A 1441 -2.33 1.32 -35.70
N GLY A 1442 -2.56 2.06 -34.63
CA GLY A 1442 -3.62 3.04 -34.62
C GLY A 1442 -3.04 4.43 -34.68
N ALA A 1443 -1.77 4.53 -35.03
CA ALA A 1443 -1.16 5.83 -35.20
C ALA A 1443 -1.43 6.45 -36.54
N PHE A 1444 -2.28 5.87 -37.38
CA PHE A 1444 -2.54 6.51 -38.66
C PHE A 1444 -3.70 5.92 -39.42
N ASP A 1445 -4.47 6.75 -40.11
CA ASP A 1445 -5.60 6.25 -40.85
C ASP A 1445 -5.14 5.48 -42.07
N VAL A 1446 -6.11 5.02 -42.85
CA VAL A 1446 -5.81 4.32 -44.08
C VAL A 1446 -6.79 4.79 -45.13
N MET A 1447 -6.28 5.49 -46.14
CA MET A 1447 -7.11 6.05 -47.18
C MET A 1447 -7.51 4.99 -48.18
N ILE A 1448 -8.33 5.37 -49.14
CA ILE A 1448 -8.36 4.70 -50.43
C ILE A 1448 -7.84 5.67 -51.46
N ASP A 1449 -6.94 5.19 -52.32
CA ASP A 1449 -6.30 6.07 -53.28
C ASP A 1449 -7.16 6.18 -54.51
N GLU A 1450 -7.62 7.39 -54.78
CA GLU A 1450 -8.26 7.67 -56.05
C GLU A 1450 -7.29 7.58 -57.21
N LYS A 1451 -6.13 8.23 -57.10
CA LYS A 1451 -5.20 8.28 -58.21
C LYS A 1451 -4.84 6.87 -58.66
N LEU A 1452 -4.74 5.95 -57.71
CA LEU A 1452 -4.12 4.67 -58.03
C LEU A 1452 -5.11 3.74 -58.70
N LEU A 1453 -6.35 3.68 -58.22
CA LEU A 1453 -7.38 3.02 -59.01
C LEU A 1453 -7.67 3.73 -60.31
N THR A 1454 -7.36 5.02 -60.44
CA THR A 1454 -7.50 5.62 -61.76
C THR A 1454 -6.46 5.08 -62.73
N SER A 1455 -5.21 4.94 -62.27
CA SER A 1455 -4.21 4.36 -63.15
C SER A 1455 -4.52 2.90 -63.48
N LEU A 1456 -5.26 2.23 -62.60
CA LEU A 1456 -5.53 0.80 -62.66
C LEU A 1456 -6.73 0.47 -63.54
N PRO A 1457 -6.95 -0.82 -63.82
CA PRO A 1457 -8.21 -1.28 -64.39
C PRO A 1457 -9.34 -1.17 -63.39
N ASP B 9 23.63 -52.22 34.08
CA ASP B 9 23.27 -51.49 32.88
C ASP B 9 24.17 -51.73 31.69
N ASP B 10 23.89 -50.93 30.67
CA ASP B 10 24.78 -50.67 29.57
C ASP B 10 24.47 -49.26 29.10
N THR B 11 24.91 -48.91 27.91
CA THR B 11 24.49 -47.63 27.34
C THR B 11 23.09 -47.77 26.79
N ILE B 12 22.24 -46.80 27.07
CA ILE B 12 20.94 -46.82 26.44
C ILE B 12 21.17 -46.81 24.95
N THR B 13 20.85 -47.91 24.30
CA THR B 13 21.10 -48.01 22.86
C THR B 13 20.17 -47.06 22.14
N THR B 14 20.28 -47.00 20.82
CA THR B 14 19.26 -46.29 20.08
C THR B 14 17.90 -46.93 20.31
N GLU B 15 17.81 -48.24 20.15
CA GLU B 15 16.46 -48.74 20.09
C GLU B 15 15.74 -48.63 21.42
N ASP B 16 16.46 -48.40 22.51
CA ASP B 16 15.75 -48.18 23.76
C ASP B 16 15.08 -46.82 23.77
N CYS B 17 15.75 -45.83 23.19
CA CYS B 17 15.01 -44.62 22.88
C CYS B 17 13.79 -44.95 22.02
N TRP B 18 13.89 -45.97 21.19
CA TRP B 18 12.71 -46.26 20.39
C TRP B 18 11.64 -47.03 21.13
N THR B 19 11.96 -47.77 22.17
CA THR B 19 10.89 -48.32 22.96
C THR B 19 10.20 -47.22 23.76
N VAL B 20 10.97 -46.21 24.18
CA VAL B 20 10.31 -45.13 24.91
C VAL B 20 9.35 -44.37 24.00
N ILE B 21 9.78 -44.02 22.79
CA ILE B 21 8.77 -43.46 21.89
C ILE B 21 7.63 -44.45 21.63
N SER B 22 7.89 -45.76 21.65
CA SER B 22 6.76 -46.65 21.46
C SER B 22 5.74 -46.48 22.57
N ALA B 23 6.17 -46.55 23.82
CA ALA B 23 5.23 -46.39 24.93
C ALA B 23 4.53 -45.06 24.86
N PHE B 24 5.24 -44.03 24.40
CA PHE B 24 4.59 -42.74 24.30
C PHE B 24 3.45 -42.78 23.31
N PHE B 25 3.72 -43.13 22.07
CA PHE B 25 2.58 -43.22 21.18
C PHE B 25 1.62 -44.32 21.56
N GLU B 26 1.96 -45.13 22.54
CA GLU B 26 1.07 -46.17 22.99
C GLU B 26 0.10 -45.67 24.03
N GLU B 27 0.43 -44.58 24.71
CA GLU B 27 -0.53 -44.03 25.64
C GLU B 27 -1.29 -42.88 25.02
N LYS B 28 -0.59 -41.87 24.55
CA LYS B 28 -1.32 -40.68 24.14
C LYS B 28 -1.95 -40.80 22.77
N GLY B 29 -1.36 -41.55 21.87
CA GLY B 29 -1.84 -41.45 20.51
C GLY B 29 -1.44 -40.10 19.95
N LEU B 30 -1.59 -39.95 18.66
CA LEU B 30 -1.14 -38.74 18.02
C LEU B 30 -1.82 -37.51 18.59
N VAL B 31 -3.14 -37.50 18.70
CA VAL B 31 -3.87 -36.25 18.82
C VAL B 31 -4.44 -36.02 20.20
N SER B 32 -3.82 -36.60 21.21
CA SER B 32 -4.37 -36.66 22.56
C SER B 32 -4.97 -35.38 23.08
N GLN B 33 -4.33 -34.25 22.78
CA GLN B 33 -4.65 -33.02 23.47
C GLN B 33 -6.07 -32.56 23.18
N GLN B 34 -6.52 -32.72 21.93
CA GLN B 34 -7.89 -32.40 21.61
C GLN B 34 -8.83 -33.09 22.57
N LEU B 35 -8.61 -34.36 22.82
CA LEU B 35 -9.54 -35.09 23.66
C LEU B 35 -9.36 -34.73 25.10
N ASP B 36 -8.13 -34.55 25.56
CA ASP B 36 -8.00 -34.14 26.94
C ASP B 36 -8.55 -32.74 27.17
N SER B 37 -8.32 -31.83 26.23
CA SER B 37 -8.89 -30.50 26.44
C SER B 37 -10.41 -30.51 26.33
N PHE B 38 -10.96 -31.07 25.27
CA PHE B 38 -12.39 -31.16 25.11
C PHE B 38 -13.03 -31.81 26.32
N ASP B 39 -12.41 -32.85 26.86
CA ASP B 39 -13.00 -33.49 28.01
C ASP B 39 -12.98 -32.59 29.22
N GLU B 40 -11.84 -31.97 29.47
CA GLU B 40 -11.79 -31.00 30.56
C GLU B 40 -12.91 -29.99 30.42
N PHE B 41 -13.15 -29.54 29.20
CA PHE B 41 -14.28 -28.65 28.93
C PHE B 41 -15.57 -29.26 29.43
N MET B 42 -16.01 -30.32 28.76
CA MET B 42 -17.33 -30.87 29.04
C MET B 42 -17.51 -31.20 30.50
N GLU B 43 -16.43 -31.44 31.23
CA GLU B 43 -16.64 -31.92 32.59
C GLU B 43 -16.62 -30.82 33.61
N THR B 44 -15.84 -29.77 33.40
CA THR B 44 -15.80 -28.77 34.47
C THR B 44 -16.05 -27.36 33.94
N SER B 45 -15.66 -27.12 32.70
CA SER B 45 -15.79 -25.78 32.15
C SER B 45 -17.24 -25.32 32.12
N ILE B 46 -18.16 -26.18 31.72
CA ILE B 46 -19.53 -25.68 31.63
C ILE B 46 -20.15 -25.56 33.00
N GLN B 47 -19.92 -26.54 33.85
CA GLN B 47 -20.37 -26.43 35.23
C GLN B 47 -19.96 -25.11 35.84
N ASP B 48 -18.74 -24.65 35.56
CA ASP B 48 -18.30 -23.41 36.18
C ASP B 48 -18.41 -22.21 35.26
N LEU B 49 -18.98 -22.36 34.07
CA LEU B 49 -19.58 -21.21 33.42
C LEU B 49 -20.92 -20.88 34.05
N VAL B 50 -21.67 -21.90 34.42
CA VAL B 50 -22.94 -21.64 35.07
C VAL B 50 -22.73 -20.75 36.28
N TRP B 51 -21.94 -21.21 37.21
CA TRP B 51 -21.84 -20.53 38.48
C TRP B 51 -21.11 -19.22 38.37
N GLU B 52 -21.04 -18.66 37.18
CA GLU B 52 -20.55 -17.30 37.03
C GLU B 52 -21.58 -16.32 37.54
N GLU B 53 -22.76 -16.30 36.89
CA GLU B 53 -23.89 -15.48 37.29
C GLU B 53 -24.90 -16.43 37.93
N PRO B 54 -24.69 -16.78 39.19
CA PRO B 54 -25.52 -17.85 39.78
C PRO B 54 -26.98 -17.49 39.92
N ARG B 55 -27.35 -16.21 39.86
CA ARG B 55 -28.73 -15.80 40.11
C ARG B 55 -29.13 -14.58 39.32
N LEU B 56 -30.34 -14.61 38.80
CA LEU B 56 -31.06 -13.42 38.40
C LEU B 56 -31.93 -12.91 39.54
N ILE B 57 -32.36 -11.66 39.43
CA ILE B 57 -33.23 -11.05 40.42
C ILE B 57 -34.21 -10.13 39.71
N LEU B 58 -35.49 -10.29 40.01
CA LEU B 58 -36.45 -9.20 39.95
C LEU B 58 -36.93 -8.87 41.36
N ASP B 59 -37.01 -7.58 41.65
CA ASP B 59 -37.43 -7.16 42.98
C ASP B 59 -38.44 -6.04 42.89
N GLN B 60 -39.71 -6.37 43.13
CA GLN B 60 -40.79 -5.39 43.08
C GLN B 60 -41.16 -5.12 44.53
N PRO B 61 -40.63 -4.07 45.12
CA PRO B 61 -40.82 -3.85 46.55
C PRO B 61 -42.23 -3.44 46.91
N ALA B 62 -42.77 -2.43 46.23
CA ALA B 62 -43.95 -1.80 46.78
C ALA B 62 -44.71 -1.08 45.68
N GLN B 63 -46.01 -0.91 45.94
CA GLN B 63 -46.88 -0.01 45.20
C GLN B 63 -46.88 -0.31 43.69
N HIS B 64 -47.39 -1.48 43.35
CA HIS B 64 -47.83 -1.77 41.99
C HIS B 64 -49.32 -1.52 41.85
N THR B 65 -49.71 -0.25 41.96
CA THR B 65 -51.10 0.14 42.18
C THR B 65 -51.68 -0.63 43.36
N ASN B 66 -50.78 -0.99 44.27
CA ASN B 66 -51.10 -1.75 45.47
C ASN B 66 -51.57 -0.80 46.57
N GLU B 67 -51.97 -1.38 47.69
CA GLU B 67 -52.21 -0.60 48.91
C GLU B 67 -50.91 -0.47 49.70
N LYS B 68 -49.84 -0.12 48.99
CA LYS B 68 -48.49 -0.10 49.52
C LYS B 68 -48.19 -1.41 50.25
N ASP B 69 -48.71 -2.52 49.76
CA ASP B 69 -48.34 -3.81 50.33
C ASP B 69 -46.89 -4.03 49.98
N ASN B 70 -45.98 -3.41 50.74
CA ASN B 70 -44.60 -3.27 50.33
C ASN B 70 -43.94 -4.63 50.38
N ILE B 71 -44.42 -5.55 49.55
CA ILE B 71 -43.92 -6.92 49.48
C ILE B 71 -42.82 -6.96 48.45
N ASN B 72 -41.61 -7.34 48.87
CA ASN B 72 -40.53 -7.56 47.92
C ASN B 72 -40.88 -8.78 47.07
N LYS B 73 -41.42 -8.49 45.89
CA LYS B 73 -41.60 -9.53 44.88
C LYS B 73 -40.23 -9.79 44.26
N ARG B 74 -39.32 -10.29 45.08
CA ARG B 74 -38.02 -10.72 44.60
C ARG B 74 -38.17 -12.11 44.04
N TYR B 75 -38.42 -12.17 42.74
CA TYR B 75 -38.32 -13.38 41.94
C TYR B 75 -36.84 -13.65 41.72
N GLU B 76 -36.33 -14.66 42.40
CA GLU B 76 -34.91 -14.99 42.38
C GLU B 76 -34.80 -16.31 41.64
N ILE B 77 -34.17 -16.27 40.46
CA ILE B 77 -33.94 -17.46 39.66
C ILE B 77 -32.50 -17.88 39.82
N ARG B 78 -32.30 -18.99 40.52
CA ARG B 78 -30.99 -19.47 40.90
C ARG B 78 -30.65 -20.68 40.05
N PHE B 79 -29.52 -20.63 39.35
CA PHE B 79 -29.15 -21.72 38.44
C PHE B 79 -28.62 -22.91 39.20
N GLY B 80 -28.81 -24.09 38.63
CA GLY B 80 -28.36 -25.28 39.31
C GLY B 80 -27.59 -26.26 38.45
N LYS B 81 -27.86 -27.54 38.67
CA LYS B 81 -26.98 -28.60 38.18
C LYS B 81 -26.96 -28.64 36.65
N ILE B 82 -25.94 -29.28 36.12
CA ILE B 82 -25.93 -29.64 34.71
C ILE B 82 -25.95 -31.15 34.59
N TYR B 83 -26.71 -31.66 33.64
CA TYR B 83 -26.74 -33.09 33.33
C TYR B 83 -26.56 -33.27 31.84
N LEU B 84 -25.86 -34.34 31.46
CA LEU B 84 -25.60 -34.64 30.05
C LEU B 84 -25.82 -36.12 29.79
N SER B 85 -26.43 -36.43 28.64
CA SER B 85 -26.59 -37.81 28.24
C SER B 85 -26.05 -37.94 26.82
N ARG B 86 -25.88 -39.18 26.37
CA ARG B 86 -25.28 -39.49 25.09
C ARG B 86 -26.00 -38.72 23.98
N PRO B 87 -25.37 -38.56 22.82
CA PRO B 87 -26.08 -37.91 21.72
C PRO B 87 -27.36 -38.67 21.44
N THR B 88 -28.34 -37.96 20.91
CA THR B 88 -29.65 -38.56 20.81
C THR B 88 -30.34 -38.10 19.54
N MET B 89 -30.92 -39.04 18.81
CA MET B 89 -31.64 -38.77 17.57
C MET B 89 -33.11 -38.69 17.88
N THR B 90 -33.63 -37.47 17.96
CA THR B 90 -35.07 -37.28 18.06
C THR B 90 -35.66 -37.04 16.69
N GLU B 91 -36.45 -38.00 16.23
CA GLU B 91 -36.99 -37.96 14.88
C GLU B 91 -38.01 -36.84 14.73
N ALA B 92 -38.64 -36.80 13.56
CA ALA B 92 -39.90 -36.07 13.41
C ALA B 92 -41.07 -36.91 13.90
N ASP B 93 -40.97 -38.23 13.77
CA ASP B 93 -42.02 -39.12 14.24
C ASP B 93 -42.28 -38.92 15.72
N GLY B 94 -41.22 -38.73 16.51
CA GLY B 94 -41.32 -38.67 17.95
C GLY B 94 -40.45 -39.68 18.66
N THR B 95 -39.89 -40.63 17.92
CA THR B 95 -39.02 -41.62 18.53
C THR B 95 -37.65 -41.03 18.82
N THR B 96 -36.96 -41.64 19.76
CA THR B 96 -35.58 -41.29 20.07
C THR B 96 -34.74 -42.55 20.10
N HIS B 97 -33.47 -42.42 19.74
CA HIS B 97 -32.56 -43.54 19.78
C HIS B 97 -31.14 -43.01 19.70
N ALA B 98 -30.19 -43.85 20.11
CA ALA B 98 -28.79 -43.46 20.09
C ALA B 98 -28.36 -43.28 18.64
N MET B 99 -28.01 -42.05 18.27
CA MET B 99 -27.43 -41.88 16.95
C MET B 99 -26.05 -42.52 16.93
N PHE B 100 -25.50 -42.65 15.74
CA PHE B 100 -24.11 -43.03 15.63
C PHE B 100 -23.44 -42.29 14.50
N PRO B 101 -22.15 -42.00 14.65
CA PRO B 101 -21.46 -41.20 13.66
C PRO B 101 -21.76 -41.60 12.26
N GLN B 102 -21.91 -42.90 12.02
CA GLN B 102 -22.18 -43.30 10.66
C GLN B 102 -23.52 -42.76 10.20
N GLU B 103 -24.58 -43.05 10.95
CA GLU B 103 -25.87 -42.53 10.58
C GLU B 103 -25.83 -41.02 10.50
N ALA B 104 -25.01 -40.41 11.36
CA ALA B 104 -24.84 -38.97 11.30
C ALA B 104 -24.40 -38.55 9.92
N ARG B 105 -23.24 -39.02 9.49
CA ARG B 105 -22.73 -38.54 8.21
C ARG B 105 -23.67 -38.88 7.09
N LEU B 106 -24.39 -40.00 7.20
CA LEU B 106 -25.16 -40.41 6.06
C LEU B 106 -26.39 -39.55 5.83
N ARG B 107 -26.75 -38.72 6.81
CA ARG B 107 -28.08 -38.13 6.83
C ARG B 107 -28.06 -36.60 6.96
N ASN B 108 -26.91 -35.96 6.83
CA ASN B 108 -26.81 -34.53 7.13
C ASN B 108 -27.44 -34.22 8.47
N LEU B 109 -27.00 -34.88 9.51
CA LEU B 109 -27.44 -34.52 10.84
C LEU B 109 -26.38 -33.68 11.54
N THR B 110 -26.44 -33.61 12.86
CA THR B 110 -25.40 -32.95 13.63
C THR B 110 -25.25 -33.65 14.97
N TYR B 111 -24.19 -34.40 15.09
CA TYR B 111 -23.92 -35.19 16.27
C TYR B 111 -23.87 -34.25 17.44
N SER B 112 -24.90 -34.25 18.26
CA SER B 112 -25.03 -33.26 19.31
C SER B 112 -25.56 -33.93 20.56
N SER B 113 -25.37 -33.27 21.66
CA SER B 113 -25.87 -33.77 22.92
C SER B 113 -26.74 -32.75 23.62
N PRO B 114 -27.93 -33.13 24.04
CA PRO B 114 -28.77 -32.20 24.79
C PRO B 114 -28.16 -31.93 26.15
N VAL B 115 -28.35 -30.72 26.63
CA VAL B 115 -27.73 -30.27 27.88
C VAL B 115 -28.84 -29.96 28.86
N TYR B 116 -29.11 -30.84 29.80
CA TYR B 116 -30.23 -30.57 30.68
C TYR B 116 -29.84 -29.76 31.89
N LEU B 117 -30.72 -28.81 32.23
CA LEU B 117 -30.38 -27.66 33.05
C LEU B 117 -31.45 -27.41 34.11
N ASP B 118 -31.01 -27.04 35.31
CA ASP B 118 -31.89 -26.72 36.42
C ASP B 118 -32.03 -25.20 36.57
N MET B 119 -33.27 -24.76 36.78
CA MET B 119 -33.55 -23.33 36.87
C MET B 119 -34.47 -23.13 38.06
N GLU B 120 -33.87 -23.07 39.25
CA GLU B 120 -34.58 -23.13 40.53
C GLU B 120 -35.16 -21.76 40.84
N LYS B 121 -36.49 -21.66 40.81
CA LYS B 121 -37.18 -20.39 40.92
C LYS B 121 -37.68 -20.21 42.36
N SER B 122 -37.60 -18.99 42.88
CA SER B 122 -38.08 -18.76 44.23
C SER B 122 -38.44 -17.30 44.47
N MET B 123 -38.90 -17.04 45.69
CA MET B 123 -39.37 -15.72 46.11
C MET B 123 -38.73 -15.35 47.42
N PHE B 124 -38.08 -14.20 47.46
CA PHE B 124 -37.81 -13.57 48.75
C PHE B 124 -39.11 -13.06 49.33
N THR B 125 -39.37 -13.36 50.59
CA THR B 125 -40.37 -12.64 51.36
C THR B 125 -39.59 -11.90 52.44
N SER B 126 -39.01 -10.78 52.04
CA SER B 126 -38.27 -9.86 52.91
C SER B 126 -38.59 -8.52 52.29
N ILE B 127 -39.65 -7.90 52.79
CA ILE B 127 -40.48 -7.03 51.97
C ILE B 127 -40.28 -5.58 52.39
N ASP B 128 -40.15 -4.69 51.41
CA ASP B 128 -39.93 -3.28 51.70
C ASP B 128 -40.56 -2.37 50.65
N GLY B 153 -39.33 -25.27 36.64
CA GLY B 153 -38.63 -25.50 37.88
C GLY B 153 -38.00 -26.87 37.92
N ASN B 154 -37.35 -27.24 36.81
CA ASN B 154 -36.85 -28.60 36.73
C ASN B 154 -35.80 -28.65 35.63
N LYS B 155 -35.44 -29.85 35.20
CA LYS B 155 -34.55 -29.99 34.08
C LYS B 155 -35.11 -29.31 32.85
N VAL B 156 -34.39 -28.36 32.32
CA VAL B 156 -34.72 -27.82 31.02
C VAL B 156 -33.71 -28.27 29.98
N HIS B 157 -34.22 -28.78 28.88
CA HIS B 157 -33.50 -28.89 27.63
C HIS B 157 -33.22 -27.49 27.15
N ILE B 158 -31.94 -27.15 26.96
CA ILE B 158 -31.61 -25.77 26.62
C ILE B 158 -30.75 -25.63 25.38
N GLY B 159 -30.17 -26.71 24.88
CA GLY B 159 -29.28 -26.60 23.75
C GLY B 159 -28.39 -27.81 23.63
N LYS B 160 -27.58 -27.78 22.59
CA LYS B 160 -26.89 -28.98 22.13
C LYS B 160 -25.39 -28.74 21.96
N VAL B 161 -24.62 -29.07 22.97
CA VAL B 161 -23.17 -29.11 22.85
C VAL B 161 -22.82 -30.30 21.96
N PRO B 162 -22.03 -30.14 20.91
CA PRO B 162 -21.72 -31.29 20.06
C PRO B 162 -20.47 -32.01 20.51
N ILE B 163 -20.60 -33.31 20.73
CA ILE B 163 -19.53 -34.12 21.28
C ILE B 163 -18.45 -34.28 20.23
N MET B 164 -17.19 -34.21 20.68
CA MET B 164 -16.02 -34.46 19.84
C MET B 164 -15.71 -35.94 19.77
N LEU B 165 -15.70 -36.48 18.56
CA LEU B 165 -15.63 -37.93 18.43
C LEU B 165 -14.50 -38.48 19.28
N ARG B 166 -14.72 -39.67 19.80
CA ARG B 166 -13.73 -40.29 20.66
C ARG B 166 -13.48 -39.48 21.91
N SER B 167 -14.44 -38.68 22.36
CA SER B 167 -14.29 -38.16 23.70
C SER B 167 -14.58 -39.27 24.70
N LYS B 168 -14.78 -38.88 25.95
CA LYS B 168 -15.40 -39.82 26.85
C LYS B 168 -16.90 -39.83 26.65
N PHE B 169 -17.42 -38.81 26.00
CA PHE B 169 -18.84 -38.60 25.91
C PHE B 169 -19.37 -38.86 24.52
N CYS B 170 -18.58 -39.51 23.68
CA CYS B 170 -19.15 -40.03 22.45
C CYS B 170 -19.48 -41.51 22.65
N SER B 171 -20.11 -42.08 21.64
CA SER B 171 -20.55 -43.47 21.73
C SER B 171 -19.45 -44.46 21.39
N LEU B 172 -18.36 -43.99 20.78
CA LEU B 172 -17.38 -44.91 20.22
C LEU B 172 -16.15 -44.99 21.10
N ARG B 173 -16.19 -44.42 22.29
CA ARG B 173 -15.03 -44.54 23.16
C ARG B 173 -14.74 -45.99 23.48
N THR B 174 -15.70 -46.69 24.03
CA THR B 174 -15.53 -48.07 24.46
C THR B 174 -15.88 -48.99 23.30
N LEU B 175 -16.26 -50.23 23.63
CA LEU B 175 -16.99 -51.10 22.72
C LEU B 175 -16.24 -51.84 21.61
N ASP B 176 -15.29 -52.69 22.00
CA ASP B 176 -15.17 -54.00 21.35
C ASP B 176 -14.81 -53.95 19.87
N GLU B 177 -13.54 -53.68 19.57
CA GLU B 177 -13.09 -53.25 18.25
C GLU B 177 -13.86 -53.86 17.09
N VAL B 178 -14.20 -55.15 17.18
CA VAL B 178 -15.04 -55.77 16.15
C VAL B 178 -16.38 -55.04 16.07
N ASP B 179 -16.97 -54.76 17.21
CA ASP B 179 -18.20 -53.98 17.18
C ASP B 179 -17.97 -52.57 16.68
N LEU B 180 -16.77 -52.01 16.89
CA LEU B 180 -16.49 -50.76 16.20
C LEU B 180 -16.61 -50.96 14.70
N TYR B 181 -16.15 -52.10 14.19
CA TYR B 181 -16.46 -52.41 12.81
C TYR B 181 -17.95 -52.42 12.60
N LYS B 182 -18.72 -52.97 13.53
CA LYS B 182 -20.15 -52.98 13.30
C LYS B 182 -20.72 -51.60 13.15
N MET B 183 -19.98 -50.56 13.55
CA MET B 183 -20.50 -49.22 13.44
C MET B 183 -19.94 -48.49 12.23
N LYS B 184 -19.07 -49.13 11.46
CA LYS B 184 -18.43 -48.58 10.28
C LYS B 184 -17.34 -47.57 10.64
N GLU B 185 -16.86 -47.59 11.88
CA GLU B 185 -15.82 -46.69 12.33
C GLU B 185 -14.46 -47.31 12.06
N CYS B 186 -13.89 -46.97 10.91
CA CYS B 186 -12.57 -47.46 10.53
C CYS B 186 -11.54 -47.22 11.63
N PRO B 187 -11.11 -48.27 12.33
CA PRO B 187 -10.44 -48.04 13.63
C PRO B 187 -9.17 -47.26 13.53
N TYR B 188 -8.60 -47.06 12.35
CA TYR B 188 -7.43 -46.21 12.30
C TYR B 188 -7.75 -44.78 12.52
N ASP B 189 -9.02 -44.42 12.52
CA ASP B 189 -9.41 -43.04 12.77
C ASP B 189 -9.23 -42.73 14.24
N MET B 190 -8.95 -41.47 14.53
CA MET B 190 -8.96 -41.00 15.90
C MET B 190 -9.84 -39.79 16.12
N GLY B 191 -10.76 -39.49 15.22
CA GLY B 191 -11.74 -38.47 15.52
C GLY B 191 -11.08 -37.13 15.69
N GLY B 192 -11.14 -36.61 16.90
CA GLY B 192 -10.62 -35.30 17.18
C GLY B 192 -11.48 -34.18 16.65
N TYR B 193 -12.45 -34.46 15.80
CA TYR B 193 -13.24 -33.42 15.20
C TYR B 193 -14.71 -33.67 15.47
N PHE B 194 -15.53 -32.66 15.20
CA PHE B 194 -16.96 -32.69 15.44
C PHE B 194 -17.64 -32.98 14.12
N VAL B 195 -18.94 -33.21 14.18
CA VAL B 195 -19.75 -33.34 12.97
C VAL B 195 -20.83 -32.28 13.05
N ILE B 196 -21.16 -31.66 11.93
CA ILE B 196 -22.14 -30.57 11.90
C ILE B 196 -22.86 -30.57 10.57
N ASN B 197 -24.18 -30.48 10.60
CA ASN B 197 -25.00 -30.56 9.40
C ASN B 197 -24.60 -31.72 8.50
N GLY B 198 -23.97 -32.72 9.08
CA GLY B 198 -23.43 -33.78 8.29
C GLY B 198 -21.93 -33.71 8.09
N SER B 199 -21.44 -32.59 7.58
CA SER B 199 -20.03 -32.56 7.25
C SER B 199 -19.18 -32.64 8.52
N GLU B 200 -17.87 -32.59 8.32
CA GLU B 200 -16.89 -32.78 9.38
C GLU B 200 -16.24 -31.45 9.69
N LYS B 201 -16.01 -31.16 10.96
CA LYS B 201 -15.37 -29.89 11.26
C LYS B 201 -14.34 -30.07 12.33
N VAL B 202 -13.29 -29.25 12.26
CA VAL B 202 -12.15 -29.38 13.16
C VAL B 202 -11.91 -28.05 13.87
N LEU B 203 -11.05 -28.08 14.88
CA LEU B 203 -10.67 -26.85 15.56
C LEU B 203 -9.19 -26.58 15.35
N ILE B 204 -8.91 -25.53 14.59
CA ILE B 204 -7.55 -25.07 14.41
C ILE B 204 -7.14 -24.24 15.61
N ALA B 205 -6.55 -24.89 16.60
CA ALA B 205 -6.29 -24.21 17.87
C ALA B 205 -5.63 -22.87 17.58
N GLN B 206 -6.11 -21.80 18.22
CA GLN B 206 -5.56 -20.48 17.99
C GLN B 206 -4.39 -20.20 18.93
N GLU B 207 -3.71 -19.09 18.66
CA GLU B 207 -2.55 -18.69 19.44
C GLU B 207 -2.65 -17.24 19.86
N ARG B 208 -2.79 -17.05 21.17
CA ARG B 208 -2.92 -15.73 21.76
C ARG B 208 -1.66 -15.38 22.55
N SER B 209 -1.32 -14.10 22.53
CA SER B 209 -0.20 -13.60 23.29
C SER B 209 -0.50 -13.65 24.78
N ALA B 210 0.53 -13.91 25.57
CA ALA B 210 0.29 -14.42 26.90
C ALA B 210 -0.44 -13.41 27.75
N ALA B 211 -1.28 -13.91 28.63
CA ALA B 211 -1.83 -13.06 29.67
C ALA B 211 -1.00 -13.20 30.93
N ASN B 212 -0.91 -12.10 31.68
CA ASN B 212 -0.36 -12.09 33.05
C ASN B 212 1.16 -12.13 33.08
N ILE B 213 1.83 -11.41 32.19
CA ILE B 213 3.27 -11.19 32.28
C ILE B 213 3.54 -9.74 31.92
N VAL B 214 4.79 -9.30 32.08
CA VAL B 214 5.14 -7.89 32.07
C VAL B 214 6.03 -7.63 30.85
N GLN B 215 5.41 -7.39 29.71
CA GLN B 215 6.17 -7.29 28.48
C GLN B 215 6.69 -5.88 28.30
N VAL B 216 7.88 -5.74 27.73
CA VAL B 216 8.55 -4.44 27.68
C VAL B 216 9.01 -4.15 26.27
N PHE B 217 8.20 -3.46 25.50
CA PHE B 217 8.50 -3.17 24.12
C PHE B 217 9.15 -1.80 24.02
N LYS B 218 9.74 -1.51 22.87
CA LYS B 218 10.03 -0.14 22.49
C LYS B 218 9.11 0.29 21.37
N LYS B 219 8.70 1.55 21.41
CA LYS B 219 7.97 2.11 20.29
C LYS B 219 8.98 2.62 19.27
N ALA B 220 8.52 2.78 18.04
CA ALA B 220 9.33 3.35 16.97
C ALA B 220 9.74 4.78 17.32
N ALA B 221 10.56 5.36 16.44
CA ALA B 221 11.15 6.66 16.72
C ALA B 221 10.12 7.79 16.79
N PRO B 222 9.18 7.94 15.83
CA PRO B 222 8.32 9.13 15.85
C PRO B 222 7.29 9.14 16.97
N SER B 223 7.76 9.18 18.19
CA SER B 223 6.87 9.20 19.34
C SER B 223 7.62 9.72 20.55
N PRO B 224 6.92 10.33 21.51
CA PRO B 224 7.56 10.75 22.75
C PRO B 224 7.93 9.62 23.69
N ILE B 225 7.77 8.37 23.27
CA ILE B 225 7.84 7.21 24.14
C ILE B 225 8.99 6.33 23.68
N SER B 226 9.85 5.93 24.61
CA SER B 226 10.92 5.03 24.28
C SER B 226 10.58 3.59 24.64
N HIS B 227 9.83 3.41 25.72
CA HIS B 227 9.62 2.10 26.28
C HIS B 227 8.20 1.96 26.82
N VAL B 228 7.55 0.87 26.48
CA VAL B 228 6.17 0.60 26.89
C VAL B 228 6.14 -0.67 27.71
N ALA B 229 5.60 -0.59 28.93
CA ALA B 229 5.47 -1.75 29.81
C ALA B 229 4.02 -2.18 29.80
N GLU B 230 3.71 -3.23 29.05
CA GLU B 230 2.35 -3.64 28.78
C GLU B 230 2.03 -4.96 29.45
N ILE B 231 0.77 -5.11 29.83
CA ILE B 231 0.24 -6.38 30.32
C ILE B 231 -1.17 -6.52 29.77
N ARG B 232 -1.57 -7.76 29.50
CA ARG B 232 -2.93 -8.05 29.07
C ARG B 232 -3.63 -8.86 30.14
N SER B 233 -4.21 -8.18 31.12
CA SER B 233 -4.75 -8.91 32.26
C SER B 233 -5.99 -9.66 31.85
N ALA B 234 -6.24 -10.78 32.54
CA ALA B 234 -7.37 -11.65 32.23
C ALA B 234 -7.49 -12.67 33.36
N LEU B 235 -8.72 -12.84 33.86
CA LEU B 235 -8.91 -13.70 35.03
C LEU B 235 -8.42 -15.11 34.79
N GLU B 236 -7.77 -15.67 35.81
CA GLU B 236 -7.19 -17.00 35.72
C GLU B 236 -8.22 -18.00 35.20
N LYS B 237 -9.33 -18.13 35.90
CA LYS B 237 -10.38 -19.03 35.44
C LYS B 237 -11.08 -18.41 34.25
N GLY B 238 -11.48 -19.26 33.31
CA GLY B 238 -12.13 -18.84 32.09
C GLY B 238 -11.18 -18.40 30.99
N SER B 239 -10.09 -17.73 31.35
CA SER B 239 -9.09 -17.25 30.40
C SER B 239 -9.72 -16.33 29.36
N ARG B 240 -10.25 -15.21 29.84
CA ARG B 240 -10.90 -14.23 28.99
C ARG B 240 -10.39 -12.84 29.33
N LEU B 241 -10.27 -11.99 28.31
CA LEU B 241 -9.71 -10.66 28.48
C LEU B 241 -10.52 -9.81 29.44
N ILE B 242 -9.83 -9.16 30.35
CA ILE B 242 -10.48 -8.23 31.28
C ILE B 242 -10.08 -6.82 30.86
N SER B 243 -8.79 -6.50 30.91
CA SER B 243 -8.29 -5.17 30.73
C SER B 243 -6.91 -5.20 30.09
N THR B 244 -6.42 -4.01 29.72
CA THR B 244 -5.11 -3.88 29.09
C THR B 244 -4.46 -2.59 29.60
N MET B 245 -3.80 -2.68 30.74
CA MET B 245 -3.21 -1.49 31.34
C MET B 245 -1.87 -1.19 30.68
N GLN B 246 -1.77 -0.04 30.03
CA GLN B 246 -0.51 0.30 29.40
C GLN B 246 0.25 1.29 30.27
N ILE B 247 1.56 1.27 30.15
CA ILE B 247 2.40 2.32 30.72
C ILE B 247 3.32 2.84 29.64
N LYS B 248 3.53 4.14 29.62
CA LYS B 248 4.30 4.80 28.59
C LYS B 248 5.38 5.63 29.27
N LEU B 249 6.53 5.76 28.63
CA LEU B 249 7.57 6.64 29.14
C LEU B 249 7.75 7.82 28.19
N TYR B 250 7.10 8.94 28.47
CA TYR B 250 7.19 10.07 27.56
C TYR B 250 8.55 10.75 27.66
N GLY B 251 9.06 11.19 26.52
CA GLY B 251 10.33 11.89 26.44
C GLY B 251 11.38 11.11 25.68
N ARG B 252 11.48 11.37 24.39
CA ARG B 252 12.47 10.74 23.54
C ARG B 252 13.85 11.32 23.89
N GLU B 253 14.85 11.00 23.08
CA GLU B 253 16.19 11.52 23.28
C GLU B 253 16.21 13.03 23.11
N ASP B 254 16.33 13.76 24.21
CA ASP B 254 16.56 15.21 24.21
C ASP B 254 15.35 15.99 23.69
N LYS B 255 14.26 15.97 24.46
CA LYS B 255 13.06 16.72 24.10
C LYS B 255 12.12 16.78 25.30
N GLY B 256 11.76 18.00 25.71
CA GLY B 256 10.83 18.13 26.81
C GLY B 256 11.43 17.64 28.12
N THR B 257 12.40 18.39 28.66
CA THR B 257 13.34 17.94 29.68
C THR B 257 12.80 16.89 30.65
N GLY B 258 11.52 16.98 30.99
CA GLY B 258 10.91 16.01 31.87
C GLY B 258 10.76 14.61 31.27
N ARG B 259 11.45 13.65 31.87
CA ARG B 259 11.36 12.25 31.47
C ARG B 259 10.44 11.48 32.42
N THR B 260 9.14 11.64 32.19
CA THR B 260 8.15 11.12 33.11
C THR B 260 7.32 10.02 32.49
N ILE B 261 6.47 9.46 33.34
CA ILE B 261 5.77 8.22 33.05
C ILE B 261 4.28 8.50 33.16
N LYS B 262 3.52 8.01 32.21
CA LYS B 262 2.09 8.17 32.31
C LYS B 262 1.41 6.81 32.22
N ALA B 263 0.45 6.60 33.10
CA ALA B 263 -0.32 5.37 33.10
C ALA B 263 -1.45 5.52 32.11
N THR B 264 -1.99 4.39 31.65
CA THR B 264 -3.15 4.37 30.79
C THR B 264 -4.01 3.20 31.18
N LEU B 265 -5.28 3.47 31.41
CA LEU B 265 -6.17 2.53 32.07
C LEU B 265 -7.34 2.22 31.13
N PRO B 266 -8.31 1.42 31.55
CA PRO B 266 -9.52 1.29 30.74
C PRO B 266 -10.62 2.22 31.22
N TYR B 267 -11.59 2.44 30.34
CA TYR B 267 -12.70 3.35 30.61
C TYR B 267 -12.18 4.71 31.03
N VAL B 268 -11.16 5.19 30.31
CA VAL B 268 -10.79 6.59 30.32
C VAL B 268 -10.55 7.01 28.87
N LYS B 269 -10.53 8.33 28.67
CA LYS B 269 -10.24 8.93 27.38
C LYS B 269 -8.93 9.69 27.42
N GLN B 270 -8.15 9.51 28.49
CA GLN B 270 -7.13 10.49 28.83
C GLN B 270 -6.19 9.85 29.83
N ASP B 271 -4.94 10.28 29.77
CA ASP B 271 -3.86 9.54 30.38
C ASP B 271 -3.48 10.14 31.73
N ILE B 272 -2.94 9.30 32.62
CA ILE B 272 -2.62 9.75 33.96
C ILE B 272 -1.12 9.60 34.23
N PRO B 273 -0.45 10.62 34.74
CA PRO B 273 0.90 10.41 35.26
C PRO B 273 0.87 9.65 36.57
N ILE B 274 2.01 9.09 36.93
CA ILE B 274 2.00 7.87 37.73
C ILE B 274 1.81 8.19 39.20
N VAL B 275 2.69 9.03 39.76
CA VAL B 275 2.67 9.14 41.20
C VAL B 275 1.31 9.65 41.64
N ILE B 276 0.58 10.28 40.73
CA ILE B 276 -0.86 10.42 40.92
C ILE B 276 -1.48 9.11 41.33
N VAL B 277 -1.34 8.08 40.50
CA VAL B 277 -2.07 6.85 40.76
C VAL B 277 -1.50 6.11 41.95
N PHE B 278 -0.19 6.25 42.20
CA PHE B 278 0.33 5.61 43.40
C PHE B 278 -0.25 6.24 44.65
N ARG B 279 -0.11 7.55 44.79
CA ARG B 279 -0.74 8.19 45.94
C ARG B 279 -2.23 7.88 45.98
N ALA B 280 -2.85 7.67 44.81
CA ALA B 280 -4.27 7.40 44.77
C ALA B 280 -4.60 6.05 45.37
N LEU B 281 -3.75 5.07 45.12
CA LEU B 281 -4.08 3.76 45.65
C LEU B 281 -3.58 3.56 47.07
N GLY B 282 -3.08 4.60 47.73
CA GLY B 282 -2.81 4.47 49.14
C GLY B 282 -1.36 4.53 49.56
N VAL B 283 -0.52 5.15 48.74
CA VAL B 283 0.83 5.51 49.17
C VAL B 283 0.97 7.01 48.93
N VAL B 284 0.57 7.81 49.91
CA VAL B 284 0.59 9.25 49.72
C VAL B 284 1.96 9.85 50.05
N PRO B 285 2.68 9.42 51.08
CA PRO B 285 4.02 9.98 51.29
C PRO B 285 5.02 9.33 50.35
N ASP B 286 5.78 10.17 49.65
CA ASP B 286 6.52 9.66 48.51
C ASP B 286 7.66 8.76 48.94
N GLY B 287 8.26 9.06 50.10
CA GLY B 287 9.34 8.22 50.60
C GLY B 287 8.99 6.74 50.54
N GLU B 288 7.81 6.40 51.02
CA GLU B 288 7.39 5.02 50.89
C GLU B 288 7.25 4.61 49.44
N ILE B 289 6.92 5.55 48.55
CA ILE B 289 6.77 5.16 47.16
C ILE B 289 8.11 4.74 46.57
N LEU B 290 9.11 5.61 46.66
CA LEU B 290 10.42 5.21 46.18
C LEU B 290 10.93 3.99 46.91
N GLN B 291 10.46 3.76 48.13
CA GLN B 291 10.81 2.52 48.78
C GLN B 291 10.20 1.34 48.03
N HIS B 292 8.91 1.44 47.71
CA HIS B 292 8.24 0.40 46.92
C HIS B 292 8.96 0.14 45.61
N ILE B 293 9.44 1.18 44.95
CA ILE B 293 10.02 0.95 43.63
C ILE B 293 11.51 0.67 43.68
N CYS B 294 12.29 1.64 44.12
CA CYS B 294 13.74 1.51 44.06
C CYS B 294 14.20 0.32 44.88
N TYR B 295 15.07 -0.50 44.30
CA TYR B 295 15.61 -1.65 44.99
C TYR B 295 17.12 -1.58 45.14
N ASP B 296 17.78 -0.64 44.44
CA ASP B 296 19.20 -0.35 44.62
C ASP B 296 19.32 1.12 44.98
N GLU B 297 19.75 1.40 46.20
CA GLU B 297 19.73 2.77 46.68
C GLU B 297 20.80 3.64 46.03
N ASN B 298 21.93 3.08 45.62
CA ASN B 298 22.94 3.86 44.93
C ASN B 298 22.56 4.15 43.49
N ASP B 299 21.60 3.42 42.94
CA ASP B 299 21.22 3.54 41.53
C ASP B 299 20.66 4.94 41.32
N TRP B 300 21.56 5.90 41.44
CA TRP B 300 21.19 7.29 41.41
C TRP B 300 20.53 7.70 40.11
N GLN B 301 20.78 6.99 39.01
CA GLN B 301 20.10 7.31 37.76
C GLN B 301 18.62 6.98 37.84
N MET B 302 18.30 5.87 38.49
CA MET B 302 16.90 5.55 38.75
C MET B 302 16.21 6.73 39.43
N LEU B 303 16.76 7.17 40.56
CA LEU B 303 16.24 8.36 41.22
C LEU B 303 16.26 9.55 40.27
N GLU B 304 17.24 9.59 39.38
CA GLU B 304 17.49 10.82 38.64
C GLU B 304 16.47 10.97 37.53
N MET B 305 15.89 9.87 37.09
CA MET B 305 14.76 9.97 36.18
C MET B 305 13.44 9.89 36.93
N LEU B 306 13.47 9.47 38.18
CA LEU B 306 12.27 9.53 39.02
C LEU B 306 11.85 10.95 39.33
N LYS B 307 12.77 11.72 39.92
CA LYS B 307 12.47 13.04 40.47
C LYS B 307 11.57 13.87 39.56
N PRO B 308 11.72 13.81 38.23
CA PRO B 308 10.65 14.35 37.39
C PRO B 308 9.26 13.93 37.81
N CYS B 309 9.01 12.63 37.94
CA CYS B 309 7.66 12.17 38.22
C CYS B 309 7.21 12.60 39.60
N ILE B 310 8.06 12.41 40.61
CA ILE B 310 7.69 12.82 41.96
C ILE B 310 7.30 14.28 41.99
N GLU B 311 8.17 15.13 41.48
CA GLU B 311 7.94 16.55 41.67
C GLU B 311 6.86 17.08 40.75
N GLU B 312 6.47 16.31 39.72
CA GLU B 312 5.34 16.79 38.93
C GLU B 312 4.02 16.29 39.49
N GLY B 313 4.03 15.14 40.16
CA GLY B 313 2.82 14.72 40.82
C GLY B 313 2.68 15.30 42.22
N PHE B 314 3.70 16.03 42.66
CA PHE B 314 3.68 16.62 44.00
C PHE B 314 2.49 17.55 44.22
N VAL B 315 1.88 18.07 43.15
CA VAL B 315 0.75 18.98 43.29
C VAL B 315 -0.48 18.32 43.92
N ILE B 316 -0.43 17.02 44.19
CA ILE B 316 -1.54 16.29 44.79
C ILE B 316 -0.99 15.55 46.00
N GLN B 317 -1.25 16.06 47.19
CA GLN B 317 -0.55 15.57 48.36
C GLN B 317 -1.40 14.71 49.28
N ASP B 318 -2.57 14.26 48.82
CA ASP B 318 -3.40 13.40 49.65
C ASP B 318 -4.33 12.62 48.73
N LYS B 319 -5.28 11.89 49.33
CA LYS B 319 -5.96 10.82 48.63
C LYS B 319 -7.06 11.33 47.71
N GLU B 320 -8.05 11.98 48.28
CA GLU B 320 -9.29 12.12 47.55
C GLU B 320 -9.23 13.15 46.43
N VAL B 321 -8.36 14.16 46.50
CA VAL B 321 -8.20 14.99 45.33
C VAL B 321 -7.48 14.23 44.24
N ALA B 322 -6.72 13.20 44.60
CA ALA B 322 -6.16 12.34 43.57
C ALA B 322 -7.25 11.52 42.90
N LEU B 323 -8.07 10.86 43.69
CA LEU B 323 -9.21 10.15 43.12
C LEU B 323 -10.05 11.07 42.26
N ASP B 324 -10.20 12.31 42.69
CA ASP B 324 -10.94 13.28 41.89
C ASP B 324 -10.20 13.63 40.61
N PHE B 325 -8.88 13.79 40.67
CA PHE B 325 -8.18 14.10 39.43
C PHE B 325 -8.31 12.97 38.46
N ILE B 326 -8.52 11.77 38.98
CA ILE B 326 -8.85 10.65 38.09
C ILE B 326 -10.25 10.79 37.51
N GLY B 327 -11.26 10.92 38.37
CA GLY B 327 -12.63 11.08 37.89
C GLY B 327 -12.79 12.24 36.93
N ARG B 328 -11.99 13.29 37.08
CA ARG B 328 -11.99 14.40 36.14
C ARG B 328 -11.64 13.94 34.74
N ARG B 329 -11.15 12.71 34.60
CA ARG B 329 -11.09 12.03 33.34
C ARG B 329 -11.96 10.80 33.31
N GLY B 330 -11.96 10.05 34.42
CA GLY B 330 -12.43 8.69 34.43
C GLY B 330 -13.92 8.52 34.26
N SER B 331 -14.41 8.81 33.06
CA SER B 331 -15.79 8.59 32.66
C SER B 331 -16.80 9.10 33.68
N ALA B 332 -16.37 9.93 34.62
CA ALA B 332 -17.29 10.50 35.58
C ALA B 332 -18.10 11.59 34.90
N ALA B 333 -19.38 11.30 34.67
CA ALA B 333 -20.26 12.29 34.07
C ALA B 333 -20.29 13.53 34.95
N LEU B 334 -20.11 14.68 34.33
CA LEU B 334 -20.04 15.92 35.06
C LEU B 334 -21.29 16.09 35.90
N GLY B 335 -21.15 16.80 37.02
CA GLY B 335 -22.22 16.94 37.98
C GLY B 335 -22.26 15.88 39.05
N ILE B 336 -21.82 14.66 38.74
CA ILE B 336 -21.58 13.65 39.76
C ILE B 336 -20.79 14.33 40.88
N ARG B 337 -21.35 14.37 42.08
CA ARG B 337 -20.75 15.17 43.12
C ARG B 337 -19.37 14.63 43.48
N ARG B 338 -18.61 15.44 44.20
CA ARG B 338 -17.23 15.10 44.45
C ARG B 338 -17.09 13.77 45.18
N GLU B 339 -17.86 13.56 46.23
CA GLU B 339 -17.76 12.26 46.90
C GLU B 339 -18.29 11.14 46.01
N LYS B 340 -19.31 11.40 45.19
CA LYS B 340 -19.72 10.39 44.22
C LYS B 340 -18.69 10.14 43.13
N ARG B 341 -18.08 11.19 42.59
CA ARG B 341 -17.00 11.01 41.63
C ARG B 341 -15.88 10.18 42.22
N ILE B 342 -15.57 10.41 43.49
CA ILE B 342 -14.54 9.65 44.18
C ILE B 342 -14.98 8.21 44.39
N GLN B 343 -16.24 7.98 44.66
CA GLN B 343 -16.73 6.61 44.71
C GLN B 343 -16.51 5.92 43.35
N TYR B 344 -16.75 6.66 42.27
CA TYR B 344 -16.56 6.07 40.95
C TYR B 344 -15.10 5.75 40.68
N ALA B 345 -14.21 6.68 41.01
CA ALA B 345 -12.80 6.39 40.89
C ALA B 345 -12.45 5.12 41.66
N LYS B 346 -12.86 5.05 42.93
CA LYS B 346 -12.70 3.80 43.67
C LYS B 346 -13.22 2.61 42.90
N ASP B 347 -14.28 2.80 42.11
CA ASP B 347 -14.77 1.68 41.31
C ASP B 347 -13.79 1.27 40.23
N ILE B 348 -13.41 2.17 39.31
CA ILE B 348 -12.49 1.75 38.25
C ILE B 348 -11.18 1.22 38.80
N LEU B 349 -10.69 1.76 39.90
CA LEU B 349 -9.49 1.22 40.53
C LEU B 349 -9.82 0.17 41.56
N GLN B 350 -11.05 -0.33 41.57
CA GLN B 350 -11.38 -1.56 42.27
C GLN B 350 -11.37 -2.72 41.30
N LYS B 351 -12.27 -2.70 40.34
CA LYS B 351 -12.22 -3.64 39.23
C LYS B 351 -11.24 -3.08 38.22
N GLU B 352 -11.30 -3.60 37.00
CA GLU B 352 -10.91 -2.88 35.77
C GLU B 352 -9.55 -2.23 35.86
N LEU B 353 -8.69 -2.63 36.79
CA LEU B 353 -7.32 -2.19 36.82
C LEU B 353 -6.56 -3.11 37.76
N LEU B 354 -5.61 -3.82 37.21
CA LEU B 354 -5.00 -4.93 37.92
C LEU B 354 -6.08 -5.87 38.41
N PRO B 355 -6.95 -6.36 37.55
CA PRO B 355 -8.00 -7.24 38.05
C PRO B 355 -7.45 -8.50 38.65
N HIS B 356 -6.70 -9.29 37.89
CA HIS B 356 -6.57 -10.69 38.22
C HIS B 356 -5.84 -10.90 39.54
N ILE B 357 -5.11 -9.91 40.03
CA ILE B 357 -4.39 -10.10 41.29
C ILE B 357 -5.37 -10.41 42.40
N THR B 358 -6.31 -9.50 42.63
CA THR B 358 -7.30 -9.65 43.68
C THR B 358 -8.38 -8.58 43.48
N GLN B 359 -9.63 -8.97 43.70
CA GLN B 359 -10.75 -8.07 43.50
C GLN B 359 -11.53 -7.77 44.77
N GLU B 360 -11.27 -8.48 45.86
CA GLU B 360 -11.69 -7.99 47.16
C GLU B 360 -10.87 -6.75 47.49
N GLU B 361 -11.32 -6.01 48.50
CA GLU B 361 -10.54 -4.87 48.97
C GLU B 361 -9.99 -5.15 50.37
N GLY B 362 -9.20 -4.20 50.88
CA GLY B 362 -8.15 -4.52 51.81
C GLY B 362 -6.93 -5.07 51.12
N PHE B 363 -6.92 -5.03 49.79
CA PHE B 363 -5.86 -5.59 48.98
C PHE B 363 -5.42 -4.61 47.91
N GLU B 364 -5.29 -3.34 48.27
CA GLU B 364 -4.58 -2.41 47.39
C GLU B 364 -3.08 -2.57 47.53
N THR B 365 -2.62 -3.11 48.66
CA THR B 365 -1.19 -3.33 48.84
C THR B 365 -0.62 -4.17 47.71
N ARG B 366 -1.35 -5.21 47.32
CA ARG B 366 -0.80 -6.12 46.33
C ARG B 366 -0.81 -5.49 44.96
N LYS B 367 -1.88 -4.78 44.62
CA LYS B 367 -1.89 -3.99 43.40
C LYS B 367 -0.72 -3.03 43.37
N THR B 368 -0.41 -2.42 44.50
CA THR B 368 0.70 -1.47 44.53
C THR B 368 2.01 -2.16 44.23
N PHE B 369 2.40 -3.15 45.03
CA PHE B 369 3.69 -3.77 44.78
C PHE B 369 3.79 -4.29 43.37
N PHE B 370 2.67 -4.71 42.77
CA PHE B 370 2.81 -5.19 41.42
C PHE B 370 3.03 -4.05 40.43
N LEU B 371 2.37 -2.92 40.67
CA LEU B 371 2.84 -1.77 39.91
C LEU B 371 4.33 -1.62 40.07
N GLY B 372 4.78 -1.64 41.32
CA GLY B 372 6.17 -1.38 41.59
C GLY B 372 7.04 -2.23 40.73
N TYR B 373 6.68 -3.49 40.57
CA TYR B 373 7.41 -4.30 39.62
C TYR B 373 7.33 -3.69 38.23
N MET B 374 6.15 -3.29 37.78
CA MET B 374 6.08 -2.82 36.40
C MET B 374 6.99 -1.64 36.18
N VAL B 375 7.00 -0.72 37.12
CA VAL B 375 7.87 0.44 36.99
C VAL B 375 9.32 0.02 37.00
N ASN B 376 9.72 -0.81 37.96
CA ASN B 376 11.11 -1.21 38.05
C ASN B 376 11.55 -1.80 36.73
N ARG B 377 10.65 -2.52 36.07
CA ARG B 377 11.04 -3.11 34.81
C ARG B 377 11.13 -2.05 33.72
N LEU B 378 10.18 -1.13 33.70
CA LEU B 378 10.25 -0.15 32.64
C LEU B 378 11.52 0.67 32.76
N LEU B 379 12.00 0.88 33.97
CA LEU B 379 13.26 1.58 34.15
C LEU B 379 14.46 0.72 33.80
N LEU B 380 14.43 -0.56 34.14
CA LEU B 380 15.55 -1.39 33.74
C LEU B 380 15.61 -1.56 32.25
N CYS B 381 14.56 -1.19 31.53
CA CYS B 381 14.68 -1.30 30.07
C CYS B 381 14.81 0.04 29.37
N ALA B 382 14.45 1.14 30.00
CA ALA B 382 14.76 2.41 29.37
C ALA B 382 16.25 2.74 29.46
N LEU B 383 16.90 2.35 30.54
CA LEU B 383 18.33 2.57 30.70
C LEU B 383 19.17 1.55 29.95
N GLU B 384 18.53 0.64 29.24
CA GLU B 384 19.21 -0.38 28.44
C GLU B 384 20.13 -1.25 29.30
N ARG B 385 19.84 -1.29 30.60
CA ARG B 385 20.50 -2.18 31.53
C ARG B 385 19.91 -3.57 31.49
N LYS B 386 18.98 -3.80 30.57
CA LYS B 386 18.34 -5.08 30.32
C LYS B 386 17.63 -4.96 28.99
N ASP B 387 17.82 -5.96 28.15
CA ASP B 387 17.30 -5.88 26.81
C ASP B 387 15.79 -5.83 26.82
N GLN B 388 15.24 -5.26 25.76
CA GLN B 388 13.80 -5.31 25.57
C GLN B 388 13.38 -6.75 25.39
N ASP B 389 12.15 -7.05 25.74
CA ASP B 389 11.64 -8.39 25.48
C ASP B 389 11.01 -8.46 24.10
N ASP B 390 11.20 -9.60 23.46
CA ASP B 390 10.95 -9.74 22.05
C ASP B 390 9.75 -10.62 21.83
N ARG B 391 9.01 -10.33 20.77
CA ARG B 391 7.67 -10.85 20.62
C ARG B 391 7.63 -12.34 20.33
N ASP B 392 8.51 -12.85 19.49
CA ASP B 392 8.31 -14.19 18.96
C ASP B 392 8.66 -15.27 19.97
N HIS B 393 9.09 -14.91 21.16
CA HIS B 393 9.54 -15.91 22.12
C HIS B 393 8.39 -16.86 22.37
N PHE B 394 8.56 -18.12 22.01
CA PHE B 394 7.42 -19.01 22.05
C PHE B 394 7.07 -19.44 23.46
N GLY B 395 7.99 -19.29 24.42
CA GLY B 395 7.65 -19.60 25.79
C GLY B 395 6.68 -18.61 26.39
N LYS B 396 6.66 -17.39 25.88
CA LYS B 396 5.70 -16.39 26.31
C LYS B 396 4.50 -16.31 25.40
N LYS B 397 4.06 -17.43 24.85
CA LYS B 397 2.74 -17.46 24.25
C LYS B 397 1.95 -18.57 24.90
N ARG B 398 0.77 -18.79 24.36
CA ARG B 398 -0.11 -19.82 24.83
C ARG B 398 -0.81 -20.36 23.61
N LEU B 399 -1.35 -21.57 23.72
CA LEU B 399 -2.26 -22.04 22.69
C LEU B 399 -3.62 -22.28 23.32
N ASP B 400 -4.65 -22.08 22.51
CA ASP B 400 -6.03 -22.27 22.92
C ASP B 400 -6.64 -23.34 22.03
N LEU B 401 -7.05 -24.44 22.64
CA LEU B 401 -7.47 -25.64 21.93
C LEU B 401 -8.98 -25.54 21.67
N ALA B 402 -9.61 -26.69 21.42
CA ALA B 402 -11.06 -26.76 21.50
C ALA B 402 -11.58 -26.35 22.86
N GLY B 403 -10.84 -26.65 23.92
CA GLY B 403 -11.33 -26.42 25.26
C GLY B 403 -11.72 -24.98 25.54
N PRO B 404 -10.74 -24.13 25.81
CA PRO B 404 -11.07 -22.73 26.08
C PRO B 404 -11.87 -22.07 24.97
N LEU B 405 -11.79 -22.55 23.73
CA LEU B 405 -12.59 -21.94 22.68
C LEU B 405 -14.07 -22.16 22.89
N LEU B 406 -14.48 -23.41 23.09
CA LEU B 406 -15.87 -23.59 23.46
C LEU B 406 -16.16 -22.89 24.77
N ALA B 407 -15.21 -22.85 25.69
CA ALA B 407 -15.50 -22.18 26.95
C ALA B 407 -15.96 -20.76 26.72
N ASN B 408 -15.26 -20.02 25.85
CA ASN B 408 -15.66 -18.63 25.64
C ASN B 408 -16.94 -18.53 24.83
N LEU B 409 -17.04 -19.25 23.72
CA LEU B 409 -18.25 -19.06 22.95
C LEU B 409 -19.47 -19.49 23.73
N PHE B 410 -19.26 -20.35 24.72
CA PHE B 410 -20.39 -20.82 25.49
C PHE B 410 -20.73 -19.85 26.61
N ARG B 411 -19.73 -19.26 27.25
CA ARG B 411 -20.04 -18.17 28.17
C ARG B 411 -20.87 -17.11 27.48
N ILE B 412 -20.48 -16.72 26.28
CA ILE B 412 -21.19 -15.62 25.63
C ILE B 412 -22.62 -16.02 25.30
N LEU B 413 -22.81 -17.11 24.55
CA LEU B 413 -24.20 -17.38 24.24
C LEU B 413 -25.02 -17.72 25.47
N PHE B 414 -24.38 -18.14 26.55
CA PHE B 414 -25.14 -18.40 27.75
C PHE B 414 -25.67 -17.10 28.34
N ARG B 415 -24.87 -16.04 28.28
CA ARG B 415 -25.41 -14.74 28.67
C ARG B 415 -26.56 -14.33 27.78
N LYS B 416 -26.46 -14.59 26.48
CA LYS B 416 -27.53 -14.11 25.62
C LYS B 416 -28.84 -14.82 25.93
N LEU B 417 -28.74 -16.12 26.19
CA LEU B 417 -29.91 -16.83 26.70
C LEU B 417 -30.43 -16.18 27.96
N THR B 418 -29.54 -15.85 28.89
CA THR B 418 -30.01 -15.34 30.16
C THR B 418 -30.68 -13.98 30.00
N ARG B 419 -30.24 -13.19 29.03
CA ARG B 419 -30.99 -11.97 28.76
C ARG B 419 -32.37 -12.25 28.20
N GLU B 420 -32.55 -13.26 27.34
CA GLU B 420 -33.94 -13.53 26.95
C GLU B 420 -34.76 -14.01 28.13
N ILE B 421 -34.18 -14.85 28.98
CA ILE B 421 -34.98 -15.34 30.10
C ILE B 421 -35.25 -14.24 31.10
N TYR B 422 -34.37 -13.28 31.22
CA TYR B 422 -34.68 -12.13 32.05
C TYR B 422 -35.83 -11.35 31.45
N ARG B 423 -35.85 -11.20 30.13
CA ARG B 423 -37.01 -10.62 29.47
C ARG B 423 -38.29 -11.37 29.84
N TYR B 424 -38.30 -12.68 29.62
CA TYR B 424 -39.50 -13.46 29.85
C TYR B 424 -39.89 -13.47 31.31
N MET B 425 -38.96 -13.15 32.22
CA MET B 425 -39.39 -12.85 33.58
C MET B 425 -40.30 -11.63 33.59
N GLN B 426 -39.85 -10.53 33.00
CA GLN B 426 -40.57 -9.27 33.09
C GLN B 426 -41.78 -9.21 32.19
N ARG B 427 -42.44 -10.33 31.91
CA ARG B 427 -43.83 -10.28 31.52
C ARG B 427 -44.72 -11.15 32.39
N CYS B 428 -44.31 -12.38 32.68
CA CYS B 428 -45.15 -13.30 33.42
C CYS B 428 -45.05 -13.08 34.92
N ILE B 429 -44.55 -11.93 35.34
CA ILE B 429 -44.58 -11.56 36.74
C ILE B 429 -45.49 -10.36 36.92
N GLU B 430 -45.54 -9.49 35.91
CA GLU B 430 -46.51 -8.40 35.94
C GLU B 430 -47.91 -8.93 35.68
N THR B 431 -48.12 -9.64 34.57
CA THR B 431 -49.35 -10.39 34.39
C THR B 431 -49.44 -11.54 35.38
N ASP B 432 -48.41 -11.70 36.23
CA ASP B 432 -48.44 -12.57 37.40
C ASP B 432 -48.78 -14.00 37.02
N ARG B 433 -48.01 -14.51 36.05
CA ARG B 433 -48.24 -15.82 35.47
C ARG B 433 -47.16 -16.78 35.96
N ASP B 434 -47.59 -17.82 36.67
CA ASP B 434 -46.66 -18.81 37.19
C ASP B 434 -46.00 -19.56 36.03
N PHE B 435 -45.05 -18.92 35.36
CA PHE B 435 -44.49 -19.44 34.13
C PHE B 435 -43.87 -20.82 34.32
N ASN B 436 -43.79 -21.56 33.22
CA ASN B 436 -43.57 -23.00 33.30
C ASN B 436 -42.10 -23.39 33.22
N LEU B 437 -41.25 -22.52 32.67
CA LEU B 437 -39.82 -22.79 32.52
C LEU B 437 -39.56 -23.92 31.55
N ASN B 438 -40.61 -24.54 31.05
CA ASN B 438 -40.46 -25.52 30.00
C ASN B 438 -40.64 -24.89 28.63
N LEU B 439 -41.36 -23.78 28.56
CA LEU B 439 -41.53 -23.04 27.32
C LEU B 439 -40.71 -21.77 27.34
N ALA B 440 -40.00 -21.52 28.42
CA ALA B 440 -39.35 -20.26 28.69
C ALA B 440 -37.92 -20.20 28.18
N VAL B 441 -37.40 -21.29 27.65
CA VAL B 441 -36.01 -21.39 27.25
C VAL B 441 -35.98 -21.65 25.75
N LYS B 442 -35.83 -20.61 24.95
CA LYS B 442 -35.81 -20.81 23.50
C LYS B 442 -34.52 -21.52 23.18
N SER B 443 -34.54 -22.84 23.30
CA SER B 443 -33.33 -23.64 23.10
C SER B 443 -32.85 -23.59 21.68
N THR B 444 -33.45 -22.77 20.84
CA THR B 444 -32.79 -22.46 19.59
C THR B 444 -31.60 -21.56 19.78
N THR B 445 -31.47 -20.92 20.95
CA THR B 445 -30.42 -19.95 21.16
C THR B 445 -29.06 -20.61 20.99
N ILE B 446 -28.71 -21.46 21.94
CA ILE B 446 -27.39 -22.04 21.96
C ILE B 446 -27.18 -22.94 20.77
N THR B 447 -28.22 -23.60 20.28
CA THR B 447 -28.05 -24.50 19.16
C THR B 447 -27.72 -23.76 17.88
N SER B 448 -28.58 -22.86 17.43
CA SER B 448 -28.20 -22.15 16.21
C SER B 448 -26.94 -21.34 16.43
N GLY B 449 -26.69 -20.91 17.67
CA GLY B 449 -25.43 -20.24 17.95
C GLY B 449 -24.23 -21.12 17.62
N LEU B 450 -24.07 -22.23 18.34
CA LEU B 450 -22.92 -23.10 18.10
C LEU B 450 -22.88 -23.61 16.68
N LYS B 451 -24.01 -24.03 16.14
CA LYS B 451 -23.98 -24.63 14.83
C LYS B 451 -23.56 -23.62 13.77
N TYR B 452 -23.98 -22.36 13.90
CA TYR B 452 -23.48 -21.40 12.92
C TYR B 452 -22.06 -21.02 13.21
N SER B 453 -21.69 -20.95 14.47
CA SER B 453 -20.31 -20.69 14.81
C SER B 453 -19.37 -21.70 14.21
N LEU B 454 -19.81 -22.91 13.94
CA LEU B 454 -18.92 -23.89 13.35
C LEU B 454 -19.17 -24.11 11.87
N ALA B 455 -20.33 -23.73 11.35
CA ALA B 455 -20.64 -24.05 9.96
C ALA B 455 -19.77 -23.27 8.99
N THR B 456 -19.53 -22.01 9.29
CA THR B 456 -18.55 -21.23 8.58
C THR B 456 -17.46 -20.72 9.50
N GLY B 457 -17.60 -20.88 10.80
CA GLY B 457 -16.52 -20.54 11.67
C GLY B 457 -16.29 -19.07 11.85
N ASN B 458 -17.15 -18.22 11.33
CA ASN B 458 -16.99 -16.83 11.70
C ASN B 458 -17.19 -16.80 13.20
N TRP B 459 -16.11 -17.02 13.93
CA TRP B 459 -16.16 -17.43 15.32
C TRP B 459 -16.71 -16.29 16.16
N GLY B 460 -18.01 -16.28 16.32
CA GLY B 460 -18.73 -15.18 16.92
C GLY B 460 -20.20 -15.36 16.60
N GLU B 461 -21.01 -14.44 17.10
CA GLU B 461 -22.45 -14.54 16.89
C GLU B 461 -22.79 -14.21 15.44
N GLN B 462 -23.96 -14.67 15.01
CA GLN B 462 -24.30 -14.57 13.59
C GLN B 462 -24.41 -13.13 13.12
N LYS B 463 -24.87 -12.23 13.97
CA LYS B 463 -25.11 -10.87 13.53
C LYS B 463 -23.84 -10.03 13.49
N LYS B 464 -22.72 -10.59 13.93
CA LYS B 464 -21.47 -9.84 14.05
C LYS B 464 -20.38 -10.51 13.25
N ALA B 465 -20.69 -10.81 11.99
CA ALA B 465 -19.71 -11.43 11.11
C ALA B 465 -18.37 -10.71 11.18
N MET B 466 -18.34 -9.46 10.76
CA MET B 466 -17.12 -8.68 10.88
C MET B 466 -16.88 -8.34 12.35
N SER B 467 -15.71 -7.76 12.62
CA SER B 467 -15.22 -7.57 13.99
C SER B 467 -15.19 -8.90 14.74
N SER B 468 -14.89 -9.97 14.02
CA SER B 468 -14.88 -11.31 14.60
C SER B 468 -13.77 -12.13 13.97
N ARG B 469 -13.12 -12.95 14.80
CA ARG B 469 -11.94 -13.73 14.43
C ARG B 469 -12.35 -14.80 13.44
N ALA B 470 -12.06 -14.59 12.16
CA ALA B 470 -12.68 -15.41 11.14
C ALA B 470 -11.89 -16.69 10.91
N GLY B 471 -12.55 -17.68 10.33
CA GLY B 471 -11.90 -18.91 9.93
C GLY B 471 -11.25 -19.64 11.08
N VAL B 472 -12.03 -20.30 11.92
CA VAL B 472 -11.46 -20.98 13.08
C VAL B 472 -11.87 -22.44 13.11
N SER B 473 -12.92 -22.78 12.39
CA SER B 473 -13.18 -24.17 12.09
C SER B 473 -12.95 -24.44 10.62
N GLN B 474 -12.36 -25.58 10.29
CA GLN B 474 -12.08 -25.91 8.91
C GLN B 474 -12.66 -27.27 8.56
N VAL B 475 -12.84 -27.50 7.26
CA VAL B 475 -13.37 -28.75 6.75
C VAL B 475 -12.28 -29.80 6.72
N LEU B 476 -12.28 -30.71 7.68
CA LEU B 476 -11.18 -31.63 7.86
C LEU B 476 -10.92 -32.43 6.61
N ASN B 477 -9.69 -32.37 6.12
CA ASN B 477 -9.41 -32.76 4.75
C ASN B 477 -8.96 -34.20 4.67
N ARG B 478 -9.74 -35.01 3.97
CA ARG B 478 -9.51 -36.43 3.83
C ARG B 478 -9.01 -36.75 2.44
N TYR B 479 -8.08 -35.98 1.92
CA TYR B 479 -7.62 -36.36 0.59
C TYR B 479 -6.49 -37.37 0.67
N THR B 480 -6.05 -37.69 1.89
CA THR B 480 -5.08 -38.73 2.17
C THR B 480 -5.02 -38.91 3.67
N TYR B 481 -4.24 -39.87 4.14
CA TYR B 481 -4.15 -39.98 5.58
C TYR B 481 -3.14 -38.98 6.15
N SER B 482 -2.13 -38.62 5.37
CA SER B 482 -1.16 -37.67 5.92
C SER B 482 -1.79 -36.33 6.21
N SER B 483 -2.64 -35.84 5.30
CA SER B 483 -3.28 -34.56 5.53
C SER B 483 -4.04 -34.63 6.83
N THR B 484 -5.03 -35.52 6.89
CA THR B 484 -5.84 -35.66 8.08
C THR B 484 -4.98 -35.74 9.33
N LEU B 485 -3.76 -36.25 9.24
CA LEU B 485 -2.93 -36.06 10.43
C LEU B 485 -2.53 -34.62 10.64
N SER B 486 -1.82 -34.02 9.70
CA SER B 486 -1.41 -32.62 9.92
C SER B 486 -2.59 -31.80 10.40
N HIS B 487 -3.68 -31.91 9.69
CA HIS B 487 -4.73 -30.93 9.72
C HIS B 487 -5.53 -31.00 11.00
N LEU B 488 -5.23 -31.96 11.87
CA LEU B 488 -5.73 -31.97 13.23
C LEU B 488 -4.85 -31.21 14.19
N ARG B 489 -3.65 -30.90 13.77
CA ARG B 489 -2.68 -30.28 14.64
C ARG B 489 -2.39 -28.85 14.23
N ARG B 490 -2.80 -28.44 13.04
CA ARG B 490 -2.33 -27.20 12.46
C ARG B 490 -2.66 -26.04 13.38
N THR B 491 -1.74 -25.12 13.55
CA THR B 491 -2.01 -23.93 14.33
C THR B 491 -1.90 -22.67 13.49
N ASN B 492 -2.76 -21.72 13.81
CA ASN B 492 -2.82 -20.46 13.10
C ASN B 492 -2.41 -19.39 14.09
N THR B 493 -2.35 -18.15 13.62
CA THR B 493 -2.11 -17.03 14.51
C THR B 493 -2.69 -15.76 13.91
N PRO B 494 -3.58 -15.10 14.59
CA PRO B 494 -4.40 -14.12 13.94
C PRO B 494 -3.66 -12.79 13.92
N ILE B 495 -2.34 -12.84 13.74
CA ILE B 495 -1.61 -11.58 13.63
C ILE B 495 -2.10 -10.83 12.42
N GLY B 496 -2.97 -11.45 11.63
CA GLY B 496 -3.56 -10.84 10.47
C GLY B 496 -2.46 -10.65 9.46
N ARG B 497 -2.80 -10.03 8.35
CA ARG B 497 -1.81 -9.78 7.33
C ARG B 497 -1.71 -8.30 7.02
N ASP B 498 -2.41 -7.47 7.81
CA ASP B 498 -2.12 -6.05 7.96
C ASP B 498 -0.92 -5.92 8.88
N GLY B 499 0.26 -5.83 8.28
CA GLY B 499 1.53 -5.97 8.97
C GLY B 499 2.28 -7.16 8.42
N LYS B 500 2.96 -6.91 7.30
CA LYS B 500 3.89 -7.84 6.72
C LYS B 500 5.28 -7.61 7.26
N LEU B 501 5.39 -6.83 8.33
CA LEU B 501 6.59 -6.81 9.14
C LEU B 501 7.08 -8.24 9.27
N ALA B 502 8.22 -8.51 8.66
CA ALA B 502 8.65 -9.86 8.45
C ALA B 502 9.24 -10.50 9.70
N LYS B 503 8.87 -10.03 10.87
CA LYS B 503 9.37 -10.62 12.09
C LYS B 503 8.56 -11.83 12.57
N PRO B 504 7.24 -11.77 12.63
CA PRO B 504 6.52 -12.94 13.15
C PRO B 504 6.59 -14.14 12.24
N ARG B 505 7.21 -14.04 11.09
CA ARG B 505 7.28 -15.17 10.18
C ARG B 505 8.56 -15.97 10.31
N GLN B 506 9.63 -15.41 10.85
CA GLN B 506 10.89 -16.13 10.88
C GLN B 506 10.96 -17.09 12.05
N LEU B 507 11.57 -18.23 11.82
CA LEU B 507 11.50 -19.32 12.79
C LEU B 507 12.34 -18.92 14.00
N HIS B 508 11.78 -18.04 14.82
CA HIS B 508 12.50 -17.57 15.98
C HIS B 508 12.92 -18.71 16.88
N ASN B 509 14.08 -18.56 17.50
CA ASN B 509 14.92 -19.69 17.90
C ASN B 509 14.38 -20.48 19.05
N THR B 510 13.19 -20.21 19.54
CA THR B 510 12.75 -21.16 20.55
C THR B 510 11.89 -22.24 19.95
N HIS B 511 11.78 -22.30 18.65
CA HIS B 511 11.00 -23.37 18.10
C HIS B 511 11.78 -24.65 17.99
N TRP B 512 12.82 -24.83 18.80
CA TRP B 512 13.50 -26.11 18.86
C TRP B 512 12.64 -27.09 19.62
N GLY B 513 11.86 -27.87 18.90
CA GLY B 513 11.17 -28.97 19.51
C GLY B 513 9.77 -28.66 19.95
N LEU B 514 9.29 -27.46 19.72
CA LEU B 514 7.93 -27.13 20.08
C LEU B 514 7.05 -26.91 18.87
N VAL B 515 7.63 -26.60 17.71
CA VAL B 515 6.93 -26.67 16.45
C VAL B 515 7.90 -27.25 15.44
N CYS B 516 7.50 -27.31 14.19
CA CYS B 516 8.22 -28.04 13.16
C CYS B 516 8.88 -27.12 12.17
N PRO B 517 10.18 -27.27 11.90
CA PRO B 517 10.81 -26.43 10.89
C PRO B 517 10.58 -26.87 9.49
N ALA B 518 10.13 -28.09 9.27
CA ALA B 518 9.96 -28.53 7.88
C ALA B 518 8.58 -28.18 7.37
N GLU B 519 7.56 -28.41 8.19
CA GLU B 519 6.20 -28.19 7.76
C GLU B 519 5.86 -26.72 7.85
N THR B 520 5.09 -26.23 6.88
CA THR B 520 4.28 -25.02 6.96
C THR B 520 3.78 -24.68 5.57
N PRO B 521 2.68 -23.96 5.43
CA PRO B 521 2.20 -23.61 4.09
C PRO B 521 3.16 -22.70 3.36
N GLU B 522 2.72 -22.25 2.20
CA GLU B 522 3.55 -21.44 1.33
C GLU B 522 2.73 -20.33 0.70
N GLY B 523 3.41 -19.29 0.24
CA GLY B 523 2.73 -18.11 -0.25
C GLY B 523 2.27 -17.24 0.91
N GLN B 524 0.96 -17.01 0.98
CA GLN B 524 0.43 -16.12 2.00
C GLN B 524 0.71 -16.61 3.40
N ALA B 525 0.04 -17.68 3.81
CA ALA B 525 0.10 -18.09 5.20
C ALA B 525 1.50 -18.49 5.64
N CYS B 526 2.48 -18.31 4.76
CA CYS B 526 3.84 -18.71 5.04
C CYS B 526 4.29 -18.19 6.40
N GLY B 527 4.98 -19.03 7.15
CA GLY B 527 5.56 -18.62 8.38
C GLY B 527 4.59 -18.47 9.54
N LEU B 528 3.33 -18.16 9.26
CA LEU B 528 2.37 -18.08 10.37
C LEU B 528 1.85 -19.45 10.75
N VAL B 529 1.32 -20.17 9.77
CA VAL B 529 0.60 -21.40 10.07
C VAL B 529 1.60 -22.45 10.52
N LYS B 530 1.71 -22.64 11.80
CA LYS B 530 2.74 -23.46 12.42
C LYS B 530 2.14 -24.81 12.75
N ASN B 531 2.98 -25.83 12.89
CA ASN B 531 2.53 -27.18 13.16
C ASN B 531 3.32 -27.78 14.31
N LEU B 532 2.79 -28.82 14.91
CA LEU B 532 3.31 -29.20 16.20
C LEU B 532 4.39 -30.25 16.09
N SER B 533 5.40 -30.12 16.95
CA SER B 533 6.46 -31.09 17.06
C SER B 533 5.89 -32.42 17.52
N LEU B 534 6.37 -33.49 16.92
CA LEU B 534 5.81 -34.81 17.17
C LEU B 534 5.87 -35.21 18.65
N LEU B 535 6.26 -34.31 19.52
CA LEU B 535 6.14 -34.52 20.95
C LEU B 535 5.59 -33.29 21.63
N SER B 536 4.63 -32.64 20.99
CA SER B 536 3.95 -31.50 21.58
C SER B 536 2.97 -32.03 22.61
N GLY B 537 3.04 -31.49 23.80
CA GLY B 537 2.03 -31.77 24.80
C GLY B 537 1.51 -30.48 25.38
N ILE B 538 0.20 -30.31 25.32
CA ILE B 538 -0.46 -29.08 25.76
C ILE B 538 -1.08 -29.31 27.12
N SER B 539 -0.90 -28.37 28.02
CA SER B 539 -1.27 -28.61 29.39
C SER B 539 -2.76 -28.47 29.58
N ILE B 540 -3.33 -29.37 30.38
CA ILE B 540 -4.66 -29.20 30.92
C ILE B 540 -4.75 -27.91 31.71
N GLY B 541 -3.84 -27.75 32.66
CA GLY B 541 -3.91 -26.63 33.57
C GLY B 541 -4.41 -27.06 34.92
N SER B 542 -3.49 -27.21 35.87
CA SER B 542 -3.83 -27.62 37.20
C SER B 542 -4.17 -26.39 38.01
N PRO B 543 -5.02 -26.50 39.00
CA PRO B 543 -5.31 -25.34 39.84
C PRO B 543 -4.10 -24.91 40.64
N SER B 544 -4.03 -23.61 40.91
CA SER B 544 -2.87 -23.02 41.55
C SER B 544 -2.86 -23.24 43.05
N GLU B 545 -4.00 -23.59 43.62
CA GLU B 545 -4.06 -23.70 45.08
C GLU B 545 -3.06 -24.68 45.68
N PRO B 546 -2.91 -25.92 45.19
CA PRO B 546 -1.92 -26.80 45.80
C PRO B 546 -0.52 -26.24 45.69
N ILE B 547 -0.17 -25.64 44.56
CA ILE B 547 1.13 -25.00 44.43
C ILE B 547 1.32 -23.95 45.49
N ILE B 548 0.34 -23.07 45.66
CA ILE B 548 0.40 -22.07 46.71
C ILE B 548 0.65 -22.73 48.03
N ASN B 549 -0.07 -23.81 48.32
CA ASN B 549 0.08 -24.46 49.60
C ASN B 549 1.48 -25.00 49.78
N PHE B 550 2.04 -25.62 48.75
CA PHE B 550 3.39 -26.15 48.90
C PHE B 550 4.40 -25.04 49.12
N LEU B 551 4.27 -23.95 48.38
CA LEU B 551 5.20 -22.84 48.57
C LEU B 551 5.13 -22.36 50.00
N GLU B 552 3.96 -21.95 50.45
CA GLU B 552 3.87 -21.45 51.80
C GLU B 552 4.10 -22.52 52.83
N GLU B 553 4.13 -23.78 52.42
CA GLU B 553 4.58 -24.83 53.31
C GLU B 553 6.08 -24.76 53.54
N TRP B 554 6.79 -24.00 52.72
CA TRP B 554 8.23 -23.88 52.87
C TRP B 554 8.65 -22.45 53.24
N GLY B 555 7.69 -21.63 53.61
CA GLY B 555 8.00 -20.42 54.36
C GLY B 555 8.23 -19.17 53.55
N MET B 556 7.72 -19.12 52.33
CA MET B 556 7.74 -17.87 51.59
C MET B 556 7.19 -16.75 52.47
N GLU B 557 7.86 -15.62 52.44
CA GLU B 557 7.05 -14.82 53.35
C GLU B 557 6.13 -13.91 52.55
N PRO B 558 4.89 -13.74 53.00
CA PRO B 558 3.91 -13.03 52.19
C PRO B 558 4.34 -11.59 52.01
N LEU B 559 3.88 -10.99 50.91
CA LEU B 559 4.40 -9.70 50.47
C LEU B 559 4.69 -8.71 51.57
N GLU B 560 3.78 -8.53 52.51
CA GLU B 560 3.91 -7.52 53.56
C GLU B 560 5.16 -7.69 54.40
N ASP B 561 5.74 -8.88 54.45
CA ASP B 561 7.02 -9.06 55.13
C ASP B 561 8.19 -8.65 54.27
N TYR B 562 7.92 -7.93 53.18
CA TYR B 562 8.96 -7.35 52.35
C TYR B 562 9.16 -5.91 52.78
N ASP B 563 10.33 -5.61 53.31
CA ASP B 563 10.73 -4.23 53.59
C ASP B 563 11.99 -3.98 52.78
N PRO B 564 11.89 -3.40 51.58
CA PRO B 564 13.06 -3.38 50.68
C PRO B 564 14.29 -2.75 51.31
N ALA B 565 14.14 -1.71 52.12
CA ALA B 565 15.29 -1.19 52.85
C ALA B 565 15.85 -2.24 53.79
N GLN B 566 15.06 -3.27 54.12
CA GLN B 566 15.57 -4.32 55.00
C GLN B 566 15.94 -5.56 54.21
N HIS B 567 15.41 -5.71 53.00
CA HIS B 567 15.69 -6.88 52.18
C HIS B 567 16.04 -6.40 50.78
N THR B 568 17.25 -6.70 50.33
CA THR B 568 17.69 -6.25 49.01
C THR B 568 18.20 -7.36 48.12
N LYS B 569 18.13 -8.63 48.55
CA LYS B 569 18.81 -9.69 47.81
C LYS B 569 17.95 -10.94 47.61
N SER B 570 16.75 -11.02 48.17
CA SER B 570 16.00 -12.27 48.14
C SER B 570 15.34 -12.48 46.79
N THR B 571 14.44 -13.46 46.73
CA THR B 571 13.74 -13.81 45.49
C THR B 571 12.28 -13.42 45.55
N ARG B 572 11.81 -12.72 44.52
CA ARG B 572 10.43 -12.26 44.40
C ARG B 572 9.58 -13.29 43.66
N ILE B 573 8.80 -14.06 44.41
CA ILE B 573 8.20 -15.30 43.94
C ILE B 573 6.90 -15.03 43.20
N PHE B 574 6.83 -15.51 41.98
CA PHE B 574 5.65 -15.37 41.13
C PHE B 574 4.73 -16.56 41.31
N VAL B 575 3.47 -16.42 40.89
CA VAL B 575 2.62 -17.55 40.50
C VAL B 575 1.73 -17.06 39.36
N ASN B 576 2.19 -17.17 38.13
CA ASN B 576 1.46 -16.81 36.91
C ASN B 576 1.56 -15.35 36.52
N GLY B 577 2.07 -14.49 37.36
CA GLY B 577 1.84 -13.08 37.10
C GLY B 577 1.08 -12.46 38.23
N VAL B 578 1.13 -13.11 39.39
CA VAL B 578 0.70 -12.51 40.64
C VAL B 578 1.79 -12.76 41.67
N TRP B 579 2.69 -11.81 41.79
CA TRP B 579 3.70 -11.93 42.81
C TRP B 579 3.03 -12.07 44.15
N THR B 580 3.57 -12.91 45.01
CA THR B 580 2.91 -13.16 46.27
C THR B 580 3.83 -13.10 47.47
N GLY B 581 5.11 -13.32 47.30
CA GLY B 581 5.97 -13.33 48.46
C GLY B 581 7.41 -13.26 48.05
N ILE B 582 8.26 -13.50 49.02
CA ILE B 582 9.69 -13.44 48.82
C ILE B 582 10.28 -14.61 49.58
N HIS B 583 11.50 -14.96 49.21
CA HIS B 583 12.19 -15.85 50.11
C HIS B 583 13.65 -15.48 50.15
N ARG B 584 14.21 -15.56 51.36
CA ARG B 584 15.62 -15.27 51.52
C ARG B 584 16.45 -16.19 50.63
N ASP B 585 16.41 -17.50 50.87
CA ASP B 585 17.26 -18.46 50.18
C ASP B 585 16.45 -19.47 49.37
N PRO B 586 16.49 -19.38 48.04
CA PRO B 586 15.56 -20.14 47.20
C PRO B 586 16.12 -21.44 46.65
N SER B 587 17.41 -21.69 46.85
CA SER B 587 18.02 -22.89 46.28
C SER B 587 17.32 -24.17 46.71
N MET B 588 17.33 -24.46 48.01
CA MET B 588 16.67 -25.64 48.53
C MET B 588 15.21 -25.69 48.10
N LEU B 589 14.54 -24.55 48.11
CA LEU B 589 13.16 -24.49 47.66
C LEU B 589 13.03 -25.09 46.28
N VAL B 590 13.73 -24.51 45.31
CA VAL B 590 13.50 -24.94 43.93
C VAL B 590 13.93 -26.37 43.75
N SER B 591 14.93 -26.80 44.51
CA SER B 591 15.35 -28.20 44.41
C SER B 591 14.21 -29.12 44.78
N THR B 592 13.66 -28.94 45.97
CA THR B 592 12.58 -29.82 46.42
C THR B 592 11.37 -29.70 45.50
N MET B 593 11.13 -28.50 44.99
CA MET B 593 9.98 -28.35 44.11
C MET B 593 10.17 -29.14 42.83
N ARG B 594 11.35 -29.09 42.23
CA ARG B 594 11.51 -29.84 41.01
C ARG B 594 11.45 -31.32 41.29
N ASP B 595 12.04 -31.75 42.41
CA ASP B 595 11.84 -33.14 42.79
C ASP B 595 10.39 -33.52 42.81
N LEU B 596 9.55 -32.74 43.50
CA LEU B 596 8.16 -33.15 43.57
C LEU B 596 7.48 -33.13 42.22
N ARG B 597 7.75 -32.13 41.38
CA ARG B 597 7.18 -32.23 40.05
C ARG B 597 7.55 -33.54 39.39
N ARG B 598 8.74 -34.06 39.67
CA ARG B 598 9.10 -35.37 39.15
C ARG B 598 8.45 -36.50 39.94
N SER B 599 8.07 -36.26 41.19
CA SER B 599 7.57 -37.33 42.05
C SER B 599 6.09 -37.57 41.80
N GLY B 600 5.39 -36.55 41.30
CA GLY B 600 4.06 -36.75 40.79
C GLY B 600 2.99 -36.06 41.62
N ALA B 601 3.27 -35.80 42.89
CA ALA B 601 2.27 -35.19 43.75
C ALA B 601 1.80 -33.86 43.20
N ILE B 602 2.70 -33.12 42.57
CA ILE B 602 2.35 -31.94 41.84
C ILE B 602 1.96 -32.36 40.44
N SER B 603 1.13 -31.59 39.79
CA SER B 603 0.74 -31.90 38.44
C SER B 603 1.98 -32.14 37.59
N PRO B 604 1.98 -33.15 36.73
CA PRO B 604 3.16 -33.44 35.93
C PRO B 604 3.45 -32.44 34.84
N GLU B 605 2.80 -31.30 34.80
CA GLU B 605 2.98 -30.34 33.71
C GLU B 605 3.02 -28.91 34.19
N VAL B 606 3.32 -28.69 35.47
CA VAL B 606 3.68 -27.38 36.00
C VAL B 606 5.01 -27.01 35.38
N SER B 607 5.34 -25.71 35.31
CA SER B 607 6.63 -25.35 34.73
C SER B 607 7.48 -24.52 35.68
N ILE B 608 7.99 -25.13 36.73
CA ILE B 608 8.89 -24.42 37.63
C ILE B 608 10.04 -23.86 36.83
N ILE B 609 10.44 -22.62 37.11
CA ILE B 609 11.53 -21.95 36.42
C ILE B 609 12.29 -21.09 37.41
N ARG B 610 13.61 -21.19 37.40
CA ARG B 610 14.46 -20.28 38.15
C ARG B 610 15.33 -19.50 37.20
N ASP B 611 15.38 -18.20 37.37
CA ASP B 611 16.11 -17.36 36.46
C ASP B 611 16.94 -16.36 37.25
N ILE B 612 18.20 -16.74 37.50
CA ILE B 612 19.01 -16.05 38.50
C ILE B 612 19.50 -14.68 38.03
N ARG B 613 19.32 -14.35 36.75
CA ARG B 613 19.62 -13.01 36.27
C ARG B 613 18.70 -11.97 36.90
N GLU B 614 17.62 -12.42 37.53
CA GLU B 614 16.62 -11.46 37.98
C GLU B 614 16.19 -11.64 39.42
N ARG B 615 16.70 -12.63 40.13
CA ARG B 615 16.19 -13.02 41.44
C ARG B 615 14.70 -13.35 41.33
N GLU B 616 14.28 -13.69 40.12
CA GLU B 616 12.92 -14.11 39.85
C GLU B 616 12.85 -15.61 39.93
N PHE B 617 11.67 -16.10 40.26
CA PHE B 617 11.48 -17.54 40.41
C PHE B 617 10.04 -17.87 40.10
N LYS B 618 9.76 -18.27 38.88
CA LYS B 618 8.38 -18.40 38.46
C LYS B 618 7.93 -19.83 38.61
N ILE B 619 6.62 -19.99 38.80
CA ILE B 619 5.95 -21.27 38.70
C ILE B 619 4.69 -20.99 37.93
N PHE B 620 4.70 -21.24 36.65
CA PHE B 620 3.45 -21.17 35.94
C PHE B 620 2.56 -22.33 36.35
N THR B 621 1.25 -22.05 36.48
CA THR B 621 0.24 -23.09 36.45
C THR B 621 -0.86 -22.72 35.47
N ASP B 622 -0.49 -22.35 34.26
CA ASP B 622 -1.46 -21.95 33.27
C ASP B 622 -1.95 -23.13 32.45
N VAL B 623 -3.04 -22.91 31.75
CA VAL B 623 -3.46 -23.78 30.65
C VAL B 623 -3.15 -23.12 29.32
N GLY B 624 -2.47 -23.85 28.44
CA GLY B 624 -2.16 -23.35 27.12
C GLY B 624 -0.68 -23.20 26.81
N ARG B 625 0.21 -23.53 27.76
CA ARG B 625 1.64 -23.52 27.52
C ARG B 625 2.01 -24.70 26.63
N VAL B 626 2.93 -24.52 25.69
CA VAL B 626 3.34 -25.60 24.79
C VAL B 626 4.51 -26.33 25.44
N TYR B 627 4.59 -27.64 25.29
CA TYR B 627 5.74 -28.33 25.86
C TYR B 627 6.07 -29.65 25.20
N ARG B 628 7.27 -30.15 25.55
CA ARG B 628 7.74 -31.46 25.11
C ARG B 628 8.50 -32.09 26.27
N PRO B 629 8.73 -33.40 26.24
CA PRO B 629 9.41 -34.07 27.34
C PRO B 629 10.89 -34.29 27.07
N LEU B 630 11.58 -34.78 28.09
CA LEU B 630 13.02 -35.04 28.00
C LEU B 630 13.50 -35.98 29.08
N PHE B 631 14.68 -36.58 28.86
CA PHE B 631 15.27 -37.48 29.84
C PHE B 631 15.91 -36.67 30.96
N ILE B 632 16.06 -37.30 32.11
CA ILE B 632 16.49 -36.59 33.30
C ILE B 632 17.91 -36.91 33.66
N VAL B 633 18.85 -36.17 33.09
CA VAL B 633 20.24 -36.32 33.46
C VAL B 633 20.40 -36.19 34.96
N GLU B 634 21.02 -37.19 35.58
CA GLU B 634 21.22 -37.07 37.02
C GLU B 634 22.18 -35.94 37.28
N ASP B 635 21.74 -34.95 38.03
CA ASP B 635 22.43 -33.67 38.11
C ASP B 635 22.99 -33.36 39.48
N ASP B 636 23.40 -34.37 40.24
CA ASP B 636 23.98 -34.14 41.56
C ASP B 636 25.31 -34.85 41.65
N GLU B 637 26.22 -34.28 42.44
CA GLU B 637 27.44 -34.99 42.82
C GLU B 637 27.33 -35.40 44.30
N SER B 638 26.32 -36.22 44.56
CA SER B 638 26.20 -36.89 45.86
C SER B 638 26.06 -38.36 45.55
N LYS B 639 25.88 -38.66 44.28
CA LYS B 639 25.86 -40.01 43.78
C LYS B 639 26.64 -40.03 42.47
N ASP B 640 27.51 -41.01 42.34
CA ASP B 640 28.32 -41.09 41.13
C ASP B 640 27.49 -41.44 39.91
N ASN B 641 26.17 -41.46 40.04
CA ASN B 641 25.32 -41.49 38.88
C ASN B 641 25.52 -40.25 38.02
N LYS B 642 26.23 -39.24 38.52
CA LYS B 642 26.32 -37.97 37.82
C LYS B 642 26.76 -38.17 36.38
N GLY B 643 26.26 -37.32 35.50
CA GLY B 643 26.58 -37.45 34.10
C GLY B 643 25.78 -38.54 33.43
N GLU B 644 25.49 -39.61 34.15
CA GLU B 644 24.77 -40.69 33.52
C GLU B 644 23.28 -40.39 33.49
N LEU B 645 22.61 -40.95 32.48
CA LEU B 645 21.16 -40.87 32.40
C LEU B 645 20.54 -41.56 33.58
N ARG B 646 19.27 -41.31 33.83
CA ARG B 646 18.64 -41.97 34.95
C ARG B 646 17.81 -43.14 34.52
N ILE B 647 17.38 -43.19 33.26
CA ILE B 647 16.63 -44.35 32.80
C ILE B 647 17.59 -45.50 32.50
N THR B 648 17.82 -46.34 33.49
CA THR B 648 18.61 -47.55 33.38
C THR B 648 17.93 -48.51 32.41
N LYS B 649 18.57 -49.64 32.14
CA LYS B 649 17.90 -50.61 31.28
C LYS B 649 16.75 -51.29 31.98
N GLU B 650 16.71 -51.23 33.31
CA GLU B 650 15.55 -51.71 34.03
C GLU B 650 14.27 -51.21 33.39
N HIS B 651 14.24 -49.93 33.09
CA HIS B 651 13.00 -49.36 32.64
C HIS B 651 12.65 -49.83 31.24
N ILE B 652 13.62 -49.94 30.36
CA ILE B 652 13.29 -50.46 29.05
C ILE B 652 12.76 -51.87 29.17
N ARG B 653 13.37 -52.68 30.03
CA ARG B 653 12.86 -54.03 30.18
C ARG B 653 11.41 -54.02 30.61
N LYS B 654 11.09 -53.29 31.67
CA LYS B 654 9.71 -53.26 32.12
C LYS B 654 8.78 -52.81 31.01
N ILE B 655 9.10 -51.69 30.36
CA ILE B 655 8.25 -51.21 29.29
C ILE B 655 8.09 -52.26 28.21
N GLN B 656 9.05 -53.16 28.09
CA GLN B 656 8.93 -54.26 27.18
C GLN B 656 7.91 -55.29 27.65
N GLN B 657 7.96 -55.69 28.91
CA GLN B 657 6.96 -56.61 29.40
C GLN B 657 5.57 -56.04 29.32
N GLY B 658 5.40 -54.79 29.71
CA GLY B 658 4.08 -54.21 29.82
C GLY B 658 3.48 -54.25 31.21
N TYR B 659 4.25 -54.65 32.21
CA TYR B 659 3.72 -54.75 33.56
C TYR B 659 4.86 -54.57 34.53
N ASP B 660 4.53 -54.22 35.75
CA ASP B 660 5.54 -53.92 36.75
C ASP B 660 5.94 -55.19 37.47
N ASP B 661 7.23 -55.32 37.71
CA ASP B 661 7.75 -56.51 38.38
C ASP B 661 7.91 -56.26 39.87
N ASP B 662 6.81 -55.90 40.51
CA ASP B 662 6.62 -55.89 41.96
C ASP B 662 7.84 -55.42 42.76
N VAL B 675 -0.86 -51.92 34.73
CA VAL B 675 -0.27 -51.55 33.45
C VAL B 675 0.85 -50.58 33.76
N TYR B 676 1.85 -50.48 32.88
CA TYR B 676 3.02 -49.66 33.19
C TYR B 676 3.52 -49.02 31.89
N GLY B 677 2.89 -47.92 31.49
CA GLY B 677 3.20 -47.26 30.26
C GLY B 677 3.62 -45.82 30.45
N TRP B 678 3.54 -45.06 29.37
CA TRP B 678 4.16 -43.74 29.31
C TRP B 678 3.97 -42.93 30.58
N SER B 679 2.72 -42.62 30.91
CA SER B 679 2.49 -41.71 32.02
C SER B 679 3.14 -42.25 33.29
N SER B 680 3.30 -43.55 33.38
CA SER B 680 4.02 -44.04 34.53
C SER B 680 5.50 -43.74 34.45
N LEU B 681 6.08 -43.69 33.25
CA LEU B 681 7.43 -43.16 33.16
C LEU B 681 7.49 -41.79 33.77
N VAL B 682 6.70 -40.88 33.21
CA VAL B 682 6.80 -39.49 33.66
C VAL B 682 6.65 -39.41 35.16
N THR B 683 5.55 -39.91 35.71
CA THR B 683 5.36 -39.82 37.15
C THR B 683 6.38 -40.63 37.93
N SER B 684 7.16 -41.48 37.26
CA SER B 684 8.09 -42.31 37.99
C SER B 684 9.39 -41.61 38.33
N GLY B 685 9.89 -40.75 37.45
CA GLY B 685 11.06 -39.98 37.75
C GLY B 685 12.14 -40.02 36.71
N VAL B 686 11.82 -40.32 35.46
CA VAL B 686 12.86 -40.49 34.48
C VAL B 686 12.67 -39.62 33.25
N ILE B 687 11.51 -39.05 33.07
CA ILE B 687 11.28 -38.12 31.98
C ILE B 687 10.47 -37.00 32.56
N GLU B 688 10.84 -35.77 32.25
CA GLU B 688 10.06 -34.66 32.78
C GLU B 688 9.78 -33.71 31.63
N TYR B 689 8.77 -32.90 31.81
CA TYR B 689 8.35 -32.03 30.74
C TYR B 689 9.02 -30.68 30.90
N VAL B 690 9.41 -30.10 29.77
CA VAL B 690 9.88 -28.74 29.74
C VAL B 690 9.03 -28.04 28.71
N ASP B 691 8.70 -26.80 29.00
CA ASP B 691 7.81 -26.04 28.15
C ASP B 691 8.60 -25.03 27.33
N GLY B 692 7.92 -24.01 26.83
CA GLY B 692 8.59 -23.01 26.04
C GLY B 692 9.52 -22.10 26.81
N GLU B 693 9.37 -22.02 28.13
CA GLU B 693 10.26 -21.11 28.83
C GLU B 693 11.37 -21.84 29.56
N GLU B 694 11.01 -22.74 30.48
CA GLU B 694 12.05 -23.41 31.24
C GLU B 694 13.16 -23.91 30.37
N GLU B 695 12.87 -24.18 29.10
CA GLU B 695 13.88 -24.58 28.16
C GLU B 695 14.91 -23.49 27.96
N GLU B 696 14.78 -22.38 28.67
CA GLU B 696 15.86 -21.41 28.74
C GLU B 696 16.95 -21.85 29.71
N THR B 697 16.58 -22.23 30.90
CA THR B 697 17.54 -22.28 32.00
C THR B 697 18.02 -23.70 32.26
N ILE B 698 18.19 -24.48 31.20
CA ILE B 698 18.62 -25.87 31.31
C ILE B 698 19.72 -26.14 30.29
N MET B 699 20.04 -27.42 30.12
CA MET B 699 21.18 -27.79 29.30
C MET B 699 20.90 -29.11 28.62
N ILE B 700 21.07 -29.18 27.31
CA ILE B 700 20.69 -30.37 26.56
C ILE B 700 21.88 -30.93 25.79
N ALA B 701 22.18 -32.20 26.03
CA ALA B 701 23.03 -32.95 25.14
C ALA B 701 22.19 -33.56 24.04
N MET B 702 22.79 -33.67 22.86
CA MET B 702 22.00 -34.11 21.74
C MET B 702 21.60 -35.56 21.88
N THR B 703 22.54 -36.48 21.83
CA THR B 703 22.10 -37.84 22.06
C THR B 703 22.83 -38.40 23.27
N PRO B 704 22.24 -39.40 23.94
CA PRO B 704 22.84 -39.92 25.16
C PRO B 704 24.27 -40.37 25.01
N GLU B 705 24.83 -40.32 23.81
CA GLU B 705 26.22 -40.64 23.60
C GLU B 705 27.14 -39.48 23.94
N ASP B 706 26.59 -38.27 24.12
CA ASP B 706 27.42 -37.14 24.49
C ASP B 706 27.40 -36.84 25.97
N LEU B 707 26.83 -37.69 26.79
CA LEU B 707 26.98 -37.47 28.22
C LEU B 707 28.43 -37.45 28.62
N GLN B 708 29.11 -38.57 28.45
CA GLN B 708 30.52 -38.63 28.79
C GLN B 708 31.28 -37.70 27.87
N THR B 709 32.35 -37.11 28.38
CA THR B 709 33.26 -36.36 27.51
C THR B 709 33.79 -37.32 26.46
N ARG B 710 33.41 -37.08 25.21
CA ARG B 710 33.67 -38.04 24.14
C ARG B 710 35.01 -37.73 23.47
N SER B 711 35.65 -38.78 22.95
CA SER B 711 36.94 -38.67 22.31
C SER B 711 36.79 -38.86 20.81
N LEU B 719 41.34 -41.30 15.39
CA LEU B 719 40.51 -40.15 15.05
C LEU B 719 40.72 -39.70 13.60
N ASN B 720 39.85 -38.80 13.16
CA ASN B 720 39.86 -38.21 11.82
C ASN B 720 39.71 -39.29 10.75
N ASP B 721 38.55 -39.92 10.75
CA ASP B 721 38.11 -40.75 9.64
C ASP B 721 36.91 -40.08 8.98
N THR B 722 36.86 -40.13 7.64
CA THR B 722 35.98 -39.28 6.84
C THR B 722 34.58 -39.83 6.70
N ALA B 723 34.13 -40.66 7.61
CA ALA B 723 32.85 -41.35 7.44
C ALA B 723 31.72 -40.72 8.22
N LYS B 724 31.95 -40.33 9.46
CA LYS B 724 30.89 -39.84 10.32
C LYS B 724 30.75 -38.33 10.17
N ARG B 725 30.00 -37.74 11.08
CA ARG B 725 29.67 -36.33 11.12
C ARG B 725 30.33 -35.70 12.34
N ILE B 726 30.38 -34.37 12.35
CA ILE B 726 31.22 -33.65 13.29
C ILE B 726 30.33 -33.11 14.40
N LYS B 727 30.40 -33.71 15.58
CA LYS B 727 29.81 -33.11 16.77
C LYS B 727 30.85 -32.20 17.44
N PRO B 728 30.40 -31.21 18.21
CA PRO B 728 31.33 -30.48 19.09
C PRO B 728 31.68 -31.32 20.31
N GLU B 729 32.94 -31.22 20.73
CA GLU B 729 33.39 -32.07 21.83
C GLU B 729 33.01 -31.49 23.18
N MET B 730 32.48 -30.26 23.21
CA MET B 730 32.33 -29.47 24.44
C MET B 730 33.69 -29.04 24.99
N SER B 731 34.33 -28.12 24.29
CA SER B 731 35.67 -27.65 24.61
C SER B 731 35.69 -26.47 25.60
N THR B 732 34.57 -26.14 26.24
CA THR B 732 34.57 -25.03 27.19
C THR B 732 34.95 -25.49 28.59
N SER B 733 34.20 -26.44 29.15
CA SER B 733 34.39 -26.81 30.54
C SER B 733 35.10 -28.15 30.64
N SER B 734 36.20 -28.19 31.40
CA SER B 734 36.84 -29.47 31.68
C SER B 734 35.98 -30.36 32.56
N HIS B 735 34.90 -29.82 33.11
CA HIS B 735 33.89 -30.62 33.82
C HIS B 735 32.53 -29.98 33.60
N HIS B 736 31.73 -30.57 32.71
CA HIS B 736 30.45 -29.97 32.34
C HIS B 736 29.36 -30.36 33.32
N THR B 737 28.20 -29.73 33.13
CA THR B 737 27.01 -30.00 33.92
C THR B 737 25.83 -30.04 32.98
N PHE B 738 25.52 -31.21 32.46
CA PHE B 738 24.24 -31.41 31.81
C PHE B 738 23.16 -31.64 32.86
N THR B 739 21.93 -31.32 32.51
CA THR B 739 20.79 -31.76 33.31
C THR B 739 19.64 -32.25 32.47
N HIS B 740 19.82 -32.41 31.16
CA HIS B 740 18.78 -32.97 30.32
C HIS B 740 19.42 -33.54 29.07
N CYS B 741 18.87 -34.62 28.57
CA CYS B 741 19.38 -35.25 27.38
C CYS B 741 18.25 -35.69 26.48
N GLU B 742 18.29 -35.31 25.21
CA GLU B 742 17.19 -35.59 24.30
C GLU B 742 16.82 -37.05 24.30
N ILE B 743 15.59 -37.33 23.86
CA ILE B 743 15.24 -38.69 23.47
C ILE B 743 15.91 -39.04 22.15
N HIS B 744 15.49 -38.38 21.09
CA HIS B 744 16.12 -38.63 19.82
C HIS B 744 15.67 -37.52 18.90
N PRO B 745 16.59 -36.77 18.32
CA PRO B 745 16.23 -35.49 17.75
C PRO B 745 15.52 -35.61 16.42
N SER B 746 15.49 -36.78 15.83
CA SER B 746 14.57 -36.91 14.71
C SER B 746 13.15 -36.59 15.09
N MET B 747 12.87 -36.42 16.37
CA MET B 747 11.61 -35.88 16.81
C MET B 747 11.60 -34.38 16.91
N ILE B 748 12.18 -33.67 15.94
CA ILE B 748 11.76 -32.29 15.80
C ILE B 748 10.83 -32.12 14.63
N LEU B 749 10.66 -33.13 13.81
CA LEU B 749 9.94 -32.85 12.59
C LEU B 749 8.44 -32.85 12.84
N GLY B 750 7.70 -32.47 11.82
CA GLY B 750 6.26 -32.52 11.92
C GLY B 750 5.72 -33.84 11.44
N VAL B 751 4.42 -34.02 11.66
CA VAL B 751 3.80 -35.28 11.34
C VAL B 751 3.80 -35.51 9.85
N ALA B 752 3.89 -34.46 9.06
CA ALA B 752 4.02 -34.63 7.63
C ALA B 752 5.42 -34.45 7.15
N ALA B 753 6.41 -34.61 8.01
CA ALA B 753 7.79 -34.42 7.63
C ALA B 753 8.69 -35.55 8.06
N SER B 754 8.31 -36.34 9.07
CA SER B 754 9.08 -37.55 9.29
C SER B 754 9.03 -38.44 8.07
N ILE B 755 8.03 -38.25 7.21
CA ILE B 755 7.92 -39.01 5.98
C ILE B 755 9.11 -38.80 5.08
N ILE B 756 9.70 -37.63 5.11
CA ILE B 756 10.85 -37.40 4.25
C ILE B 756 11.96 -38.34 4.69
N PRO B 757 12.49 -39.18 3.82
CA PRO B 757 13.51 -40.12 4.26
C PRO B 757 14.89 -39.54 4.04
N PHE B 758 15.73 -39.65 5.05
CA PHE B 758 16.97 -38.89 5.07
C PHE B 758 16.62 -37.43 4.82
N PRO B 759 16.05 -36.74 5.79
CA PRO B 759 15.74 -35.34 5.57
C PRO B 759 16.96 -34.49 5.64
N ASP B 760 17.89 -34.81 6.53
CA ASP B 760 18.96 -33.90 6.91
C ASP B 760 20.10 -33.87 5.90
N HIS B 761 19.97 -34.59 4.80
CA HIS B 761 20.89 -34.43 3.69
C HIS B 761 20.22 -33.56 2.64
N ASN B 762 19.55 -32.49 3.09
CA ASN B 762 18.81 -31.64 2.16
C ASN B 762 18.90 -30.15 2.43
N GLN B 763 18.38 -29.40 1.47
CA GLN B 763 18.26 -27.95 1.50
C GLN B 763 16.83 -27.60 1.91
N SER B 764 16.67 -26.79 2.95
CA SER B 764 15.38 -26.75 3.59
C SER B 764 14.23 -26.44 2.63
N PRO B 765 14.35 -25.51 1.67
CA PRO B 765 13.21 -25.28 0.78
C PRO B 765 12.69 -26.56 0.17
N ARG B 766 13.51 -27.59 0.12
CA ARG B 766 12.95 -28.85 -0.31
C ARG B 766 12.19 -29.56 0.78
N ASN B 767 12.68 -29.62 2.02
CA ASN B 767 11.80 -30.15 3.07
C ASN B 767 10.46 -29.46 3.01
N THR B 768 10.47 -28.17 2.78
CA THR B 768 9.22 -27.44 2.80
C THR B 768 8.31 -27.89 1.68
N TYR B 769 8.80 -27.92 0.43
CA TYR B 769 7.89 -28.42 -0.60
C TYR B 769 7.48 -29.86 -0.31
N GLN B 770 8.28 -30.60 0.43
CA GLN B 770 7.84 -31.95 0.75
C GLN B 770 6.63 -31.91 1.63
N SER B 771 6.78 -31.42 2.84
CA SER B 771 5.62 -31.44 3.72
C SER B 771 4.54 -30.49 3.26
N ALA B 772 4.68 -29.91 2.06
CA ALA B 772 3.52 -29.33 1.43
C ALA B 772 3.05 -30.07 0.19
N MET B 773 3.68 -31.18 -0.16
CA MET B 773 3.11 -32.03 -1.19
C MET B 773 2.69 -33.39 -0.71
N GLY B 774 3.48 -34.03 0.15
CA GLY B 774 3.08 -35.31 0.70
C GLY B 774 1.67 -35.28 1.24
N LYS B 775 1.22 -34.12 1.71
CA LYS B 775 -0.16 -33.98 2.13
C LYS B 775 -1.12 -33.82 0.98
N GLN B 776 -0.73 -34.21 -0.23
CA GLN B 776 -1.67 -34.26 -1.32
C GLN B 776 -1.61 -35.60 -2.06
N ALA B 777 -1.08 -36.62 -1.42
CA ALA B 777 -0.88 -37.89 -2.10
C ALA B 777 -2.17 -38.65 -2.27
N MET B 778 -2.47 -39.07 -3.49
CA MET B 778 -3.52 -40.05 -3.67
C MET B 778 -3.16 -41.28 -2.87
N GLY B 779 -4.16 -41.91 -2.29
CA GLY B 779 -3.84 -43.03 -1.43
C GLY B 779 -5.05 -43.65 -0.80
N VAL B 780 -4.91 -44.08 0.44
CA VAL B 780 -5.94 -44.83 1.12
C VAL B 780 -6.09 -44.24 2.50
N PHE B 781 -7.11 -43.41 2.68
CA PHE B 781 -7.14 -42.57 3.85
C PHE B 781 -7.83 -43.23 5.03
N LEU B 782 -9.01 -43.80 4.84
CA LEU B 782 -9.57 -44.65 5.86
C LEU B 782 -10.11 -45.90 5.20
N THR B 783 -9.97 -46.99 5.90
CA THR B 783 -10.25 -48.28 5.32
C THR B 783 -11.73 -48.55 5.16
N ASN B 784 -12.58 -47.53 5.10
CA ASN B 784 -14.00 -47.79 4.86
C ASN B 784 -14.58 -46.89 3.82
N TYR B 785 -13.87 -46.63 2.74
CA TYR B 785 -14.48 -45.81 1.71
C TYR B 785 -15.80 -46.36 1.23
N ASN B 786 -16.12 -47.63 1.50
CA ASN B 786 -17.37 -48.17 0.99
C ASN B 786 -18.57 -47.48 1.61
N VAL B 787 -18.51 -47.19 2.90
CA VAL B 787 -19.70 -46.69 3.57
C VAL B 787 -19.74 -45.17 3.63
N ARG B 788 -18.67 -44.51 4.04
CA ARG B 788 -18.64 -43.06 3.95
C ARG B 788 -19.09 -42.66 2.56
N MET B 789 -19.80 -41.56 2.48
CA MET B 789 -20.15 -41.00 1.20
C MET B 789 -19.75 -39.54 1.19
N ASP B 790 -18.60 -39.26 0.59
CA ASP B 790 -17.96 -37.96 0.71
C ASP B 790 -17.84 -37.31 -0.65
N THR B 791 -17.58 -36.02 -0.64
CA THR B 791 -17.62 -35.26 -1.87
C THR B 791 -16.47 -35.59 -2.80
N MET B 792 -15.28 -35.77 -2.25
CA MET B 792 -14.16 -36.35 -2.96
C MET B 792 -13.69 -37.56 -2.19
N ALA B 793 -13.08 -38.48 -2.88
CA ALA B 793 -12.19 -39.43 -2.24
C ALA B 793 -11.30 -39.95 -3.34
N ASN B 794 -10.13 -40.46 -3.00
CA ASN B 794 -9.35 -41.05 -4.08
C ASN B 794 -8.56 -42.22 -3.59
N ILE B 795 -8.90 -43.40 -4.07
CA ILE B 795 -8.13 -44.58 -3.74
C ILE B 795 -7.23 -44.90 -4.90
N LEU B 796 -5.96 -45.01 -4.60
CA LEU B 796 -4.97 -45.49 -5.54
C LEU B 796 -5.10 -47.00 -5.57
N TYR B 797 -5.06 -47.58 -6.75
CA TYR B 797 -5.27 -49.02 -6.83
C TYR B 797 -4.35 -49.78 -5.88
N TYR B 798 -3.06 -49.79 -6.16
CA TYR B 798 -2.12 -50.74 -5.57
C TYR B 798 -1.08 -50.00 -4.75
N PRO B 799 -1.32 -49.84 -3.51
CA PRO B 799 -0.43 -49.06 -2.68
C PRO B 799 0.78 -49.87 -2.36
N GLN B 800 1.84 -49.27 -1.82
CA GLN B 800 3.03 -50.01 -1.41
C GLN B 800 3.75 -49.29 -0.29
N LYS B 801 3.90 -49.94 0.83
CA LYS B 801 4.77 -49.39 1.85
C LYS B 801 6.14 -49.23 1.24
N PRO B 802 6.79 -48.12 1.46
CA PRO B 802 8.03 -47.85 0.77
C PRO B 802 9.20 -48.27 1.60
N LEU B 803 10.39 -48.23 0.99
CA LEU B 803 11.58 -48.84 1.55
C LEU B 803 12.37 -47.88 2.44
N ALA B 804 12.34 -46.60 2.11
CA ALA B 804 13.14 -45.64 2.86
C ALA B 804 12.41 -45.21 4.13
N LYS B 805 11.92 -46.20 4.85
CA LYS B 805 11.11 -45.91 6.02
C LYS B 805 11.95 -45.24 7.09
N THR B 806 11.29 -44.67 8.07
CA THR B 806 11.98 -44.16 9.24
C THR B 806 11.73 -45.09 10.41
N GLN B 807 12.03 -44.64 11.61
CA GLN B 807 11.50 -45.26 12.80
C GLN B 807 10.22 -44.58 13.24
N ALA B 808 9.69 -43.64 12.47
CA ALA B 808 8.43 -43.02 12.85
C ALA B 808 7.24 -43.55 12.07
N MET B 809 7.43 -43.98 10.83
CA MET B 809 6.31 -44.67 10.19
C MET B 809 5.95 -45.94 10.91
N GLU B 810 6.76 -46.35 11.87
CA GLU B 810 6.33 -47.29 12.89
C GLU B 810 5.25 -46.70 13.78
N TYR B 811 4.81 -45.49 13.54
CA TYR B 811 3.79 -44.89 14.41
C TYR B 811 2.73 -44.13 13.65
N LEU B 812 3.01 -43.69 12.42
CA LEU B 812 1.97 -43.02 11.67
C LEU B 812 1.18 -43.98 10.83
N LYS B 813 1.32 -45.27 11.05
CA LYS B 813 0.55 -46.25 10.32
C LYS B 813 0.70 -46.09 8.82
N PHE B 814 1.59 -45.21 8.37
CA PHE B 814 1.77 -44.95 6.96
C PHE B 814 2.12 -46.20 6.18
N ARG B 815 2.69 -47.20 6.84
CA ARG B 815 3.04 -48.44 6.17
C ARG B 815 1.90 -49.43 6.14
N GLU B 816 0.93 -49.32 7.03
CA GLU B 816 -0.29 -50.09 6.91
C GLU B 816 -1.29 -49.39 6.02
N LEU B 817 -0.95 -48.19 5.55
CA LEU B 817 -1.89 -47.32 4.86
C LEU B 817 -1.10 -46.37 3.99
N PRO B 818 -0.33 -46.87 3.08
CA PRO B 818 0.52 -45.98 2.30
C PRO B 818 -0.28 -45.16 1.33
N ALA B 819 0.41 -44.30 0.59
CA ALA B 819 -0.22 -43.53 -0.47
C ALA B 819 0.75 -43.34 -1.61
N GLY B 820 1.63 -44.29 -1.81
CA GLY B 820 2.59 -44.10 -2.87
C GLY B 820 3.20 -45.40 -3.33
N GLN B 821 3.94 -45.32 -4.43
CA GLN B 821 4.40 -46.50 -5.12
C GLN B 821 5.90 -46.46 -5.29
N ASN B 822 6.50 -47.59 -5.67
CA ASN B 822 7.94 -47.65 -5.89
C ASN B 822 8.23 -47.97 -7.34
N ALA B 823 8.79 -47.01 -8.06
CA ALA B 823 9.09 -47.26 -9.45
C ALA B 823 10.58 -47.13 -9.71
N ILE B 824 11.02 -47.76 -10.80
CA ILE B 824 12.43 -47.76 -11.19
C ILE B 824 12.76 -46.42 -11.83
N VAL B 825 13.49 -45.62 -11.09
CA VAL B 825 13.89 -44.29 -11.51
C VAL B 825 15.27 -44.36 -12.12
N ALA B 826 15.43 -43.72 -13.27
CA ALA B 826 16.67 -43.83 -14.03
C ALA B 826 17.14 -42.43 -14.39
N ILE B 827 18.01 -41.87 -13.56
CA ILE B 827 18.31 -40.46 -13.66
C ILE B 827 19.26 -40.21 -14.82
N ALA B 828 18.72 -39.95 -16.00
CA ALA B 828 19.59 -39.87 -17.16
C ALA B 828 18.84 -39.24 -18.31
N CYS B 829 19.30 -38.08 -18.76
CA CYS B 829 18.69 -37.45 -19.91
C CYS B 829 18.62 -38.45 -21.02
N TYR B 830 17.49 -38.54 -21.69
CA TYR B 830 17.29 -39.64 -22.62
C TYR B 830 17.07 -39.16 -24.04
N SER B 831 15.99 -38.46 -24.33
CA SER B 831 15.85 -37.91 -25.67
C SER B 831 15.29 -36.52 -25.58
N GLY B 832 15.59 -35.85 -24.48
CA GLY B 832 15.18 -34.48 -24.33
C GLY B 832 13.72 -34.25 -24.09
N TYR B 833 12.90 -35.28 -24.07
CA TYR B 833 11.55 -35.03 -23.61
C TYR B 833 11.48 -34.80 -22.14
N ASN B 834 12.52 -35.09 -21.37
CA ASN B 834 12.34 -34.84 -19.96
C ASN B 834 13.02 -33.57 -19.50
N GLN B 835 13.15 -32.55 -20.35
CA GLN B 835 13.84 -31.32 -19.99
C GLN B 835 13.01 -30.43 -19.06
N GLU B 836 13.67 -29.76 -18.11
CA GLU B 836 13.01 -28.82 -17.21
C GLU B 836 11.93 -29.50 -16.36
N ASP B 837 12.35 -30.55 -15.68
CA ASP B 837 11.55 -31.30 -14.73
C ASP B 837 10.43 -32.12 -15.35
N SER B 838 10.20 -32.10 -16.65
CA SER B 838 9.29 -33.12 -17.14
C SER B 838 9.98 -34.47 -17.01
N MET B 839 9.20 -35.52 -16.81
CA MET B 839 9.77 -36.85 -16.61
C MET B 839 9.04 -37.76 -17.56
N ILE B 840 9.43 -39.02 -17.61
CA ILE B 840 8.87 -39.92 -18.59
C ILE B 840 8.45 -41.20 -17.91
N MET B 841 7.41 -41.83 -18.45
CA MET B 841 6.84 -43.02 -17.86
C MET B 841 6.64 -44.05 -18.97
N ASN B 842 6.98 -45.29 -18.68
CA ASN B 842 6.90 -46.37 -19.66
C ASN B 842 5.47 -46.84 -19.79
N GLN B 843 4.88 -46.63 -20.96
CA GLN B 843 3.44 -46.80 -21.08
C GLN B 843 2.99 -48.17 -20.63
N SER B 844 3.57 -49.22 -21.20
CA SER B 844 3.22 -50.54 -20.72
C SER B 844 3.40 -50.64 -19.23
N SER B 845 4.39 -49.92 -18.68
CA SER B 845 4.60 -50.01 -17.26
C SER B 845 3.48 -49.33 -16.49
N ILE B 846 2.62 -48.59 -17.18
CA ILE B 846 1.37 -48.14 -16.56
C ILE B 846 0.33 -49.22 -16.67
N ASP B 847 0.18 -49.75 -17.88
CA ASP B 847 -0.90 -50.70 -18.12
C ASP B 847 -0.84 -51.88 -17.18
N ARG B 848 0.26 -52.09 -16.52
CA ARG B 848 0.29 -53.06 -15.45
C ARG B 848 -0.20 -52.49 -14.15
N GLY B 849 -0.85 -51.34 -14.18
CA GLY B 849 -1.60 -50.89 -13.03
C GLY B 849 -0.86 -49.88 -12.19
N LEU B 850 0.11 -49.22 -12.77
CA LEU B 850 0.93 -48.32 -11.97
C LEU B 850 0.14 -47.05 -11.72
N PHE B 851 0.05 -46.63 -10.46
CA PHE B 851 -0.61 -45.38 -10.11
C PHE B 851 -2.01 -45.26 -10.70
N ARG B 852 -2.80 -46.32 -10.68
CA ARG B 852 -4.13 -46.23 -11.25
C ARG B 852 -5.14 -45.83 -10.17
N SER B 853 -5.94 -44.80 -10.46
CA SER B 853 -6.66 -44.03 -9.45
C SER B 853 -8.16 -44.27 -9.47
N LEU B 854 -8.74 -44.62 -8.33
CA LEU B 854 -10.19 -44.58 -8.21
C LEU B 854 -10.64 -43.20 -7.76
N PHE B 855 -11.87 -42.85 -8.12
CA PHE B 855 -12.39 -41.51 -7.89
C PHE B 855 -13.85 -41.57 -7.50
N PHE B 856 -14.17 -40.98 -6.35
CA PHE B 856 -15.45 -41.01 -5.69
C PHE B 856 -16.00 -39.61 -5.55
N ARG B 857 -17.25 -39.41 -5.93
CA ARG B 857 -17.85 -38.09 -5.80
C ARG B 857 -19.29 -38.24 -5.35
N SER B 858 -19.61 -37.67 -4.19
CA SER B 858 -20.91 -37.83 -3.58
C SER B 858 -21.77 -36.61 -3.86
N TYR B 859 -22.64 -36.71 -4.84
CA TYR B 859 -23.64 -35.68 -5.02
C TYR B 859 -24.55 -35.67 -3.81
N MET B 860 -25.56 -34.81 -3.84
CA MET B 860 -26.61 -34.87 -2.83
C MET B 860 -27.66 -33.86 -3.23
N ASP B 861 -28.91 -34.17 -2.94
CA ASP B 861 -29.99 -33.24 -3.22
C ASP B 861 -31.20 -33.63 -2.37
N GLN B 862 -32.12 -32.69 -2.23
CA GLN B 862 -33.30 -32.91 -1.40
C GLN B 862 -34.38 -31.90 -1.77
N GLU B 863 -35.57 -32.10 -1.20
CA GLU B 863 -36.71 -31.22 -1.40
C GLU B 863 -36.71 -30.12 -0.34
N LYS B 864 -37.52 -29.10 -0.57
CA LYS B 864 -37.78 -28.10 0.45
C LYS B 864 -39.28 -27.92 0.63
N ARG B 865 -39.69 -27.67 1.88
CA ARG B 865 -41.10 -27.51 2.23
C ARG B 865 -41.45 -26.04 2.08
N PHE B 866 -41.78 -25.63 0.86
CA PHE B 866 -42.14 -24.25 0.54
C PHE B 866 -43.40 -23.78 1.25
N GLY B 867 -44.38 -24.64 1.40
CA GLY B 867 -45.59 -24.36 2.15
C GLY B 867 -46.23 -25.69 2.39
N ILE B 868 -46.84 -25.82 3.56
CA ILE B 868 -47.22 -27.13 4.08
C ILE B 868 -48.04 -27.91 3.04
N SER B 869 -48.53 -27.24 2.01
CA SER B 869 -49.26 -27.89 0.93
C SER B 869 -48.52 -27.83 -0.39
N ILE B 870 -47.41 -27.11 -0.47
CA ILE B 870 -46.60 -27.02 -1.68
C ILE B 870 -45.21 -27.52 -1.35
N VAL B 871 -44.90 -28.75 -1.74
CA VAL B 871 -43.56 -29.28 -1.61
C VAL B 871 -43.12 -29.77 -2.97
N GLU B 872 -41.87 -30.16 -3.08
CA GLU B 872 -41.26 -30.56 -4.35
C GLU B 872 -41.42 -32.05 -4.54
N GLU B 873 -41.08 -32.54 -5.73
CA GLU B 873 -41.44 -33.91 -6.09
C GLU B 873 -40.29 -34.60 -6.79
N PHE B 874 -39.92 -35.78 -6.30
CA PHE B 874 -38.98 -36.63 -7.03
C PHE B 874 -39.75 -37.40 -8.08
N GLU B 875 -39.63 -36.97 -9.34
CA GLU B 875 -40.25 -37.70 -10.43
C GLU B 875 -39.44 -37.51 -11.69
N LYS B 876 -39.55 -38.50 -12.55
CA LYS B 876 -39.24 -38.27 -13.95
C LYS B 876 -40.18 -37.21 -14.49
N PRO B 877 -39.69 -36.02 -14.77
CA PRO B 877 -40.57 -34.97 -15.27
C PRO B 877 -40.98 -35.25 -16.70
N THR B 878 -42.20 -34.84 -17.03
CA THR B 878 -42.66 -34.99 -18.40
C THR B 878 -42.05 -33.91 -19.27
N ARG B 879 -42.67 -33.72 -20.42
CA ARG B 879 -42.29 -32.65 -21.34
C ARG B 879 -43.43 -31.71 -21.60
N ALA B 880 -44.57 -31.90 -20.93
CA ALA B 880 -45.72 -31.01 -21.05
C ALA B 880 -46.17 -30.48 -19.70
N THR B 881 -46.05 -31.29 -18.63
CA THR B 881 -46.46 -30.87 -17.30
C THR B 881 -45.39 -30.07 -16.57
N THR B 882 -44.25 -29.81 -17.21
CA THR B 882 -43.14 -29.09 -16.63
C THR B 882 -42.56 -28.12 -17.65
N LEU B 883 -41.99 -27.02 -17.17
CA LEU B 883 -41.43 -26.00 -18.05
C LEU B 883 -39.91 -25.92 -17.92
N ARG B 884 -39.26 -25.31 -18.90
CA ARG B 884 -37.81 -25.08 -18.89
C ARG B 884 -37.03 -26.36 -18.61
N LEU B 885 -37.14 -27.27 -19.56
CA LEU B 885 -36.44 -28.54 -19.47
C LEU B 885 -34.97 -28.38 -19.84
N LYS B 886 -34.10 -29.03 -19.07
CA LYS B 886 -32.67 -28.96 -19.31
C LYS B 886 -32.33 -29.33 -20.75
N HIS B 887 -31.22 -28.79 -21.22
CA HIS B 887 -30.77 -29.10 -22.57
C HIS B 887 -30.30 -30.54 -22.70
N GLY B 888 -29.91 -31.19 -21.62
CA GLY B 888 -29.54 -32.58 -21.67
C GLY B 888 -30.74 -33.48 -21.84
N THR B 889 -30.49 -34.78 -21.65
CA THR B 889 -31.57 -35.75 -21.75
C THR B 889 -31.80 -36.40 -20.38
N TYR B 890 -32.91 -37.11 -20.26
CA TYR B 890 -33.37 -37.66 -18.99
C TYR B 890 -33.45 -39.17 -19.01
N GLU B 891 -33.03 -39.81 -20.11
CA GLU B 891 -33.38 -41.20 -20.36
C GLU B 891 -33.21 -42.06 -19.12
N LYS B 892 -32.16 -41.83 -18.37
CA LYS B 892 -31.69 -42.84 -17.45
C LYS B 892 -32.45 -42.84 -16.14
N LEU B 893 -33.27 -41.84 -15.89
CA LEU B 893 -33.99 -41.78 -14.64
C LEU B 893 -34.90 -42.99 -14.49
N ASP B 894 -35.37 -43.22 -13.27
CA ASP B 894 -36.28 -44.32 -12.97
C ASP B 894 -37.71 -43.83 -12.83
N GLU B 895 -38.59 -44.75 -12.41
CA GLU B 895 -39.95 -44.38 -12.07
C GLU B 895 -39.98 -43.26 -11.07
N ASP B 896 -39.07 -43.28 -10.10
CA ASP B 896 -38.96 -42.20 -9.13
C ASP B 896 -37.72 -41.35 -9.36
N GLY B 897 -37.30 -41.22 -10.63
CA GLY B 897 -36.32 -40.25 -11.04
C GLY B 897 -34.88 -40.55 -10.67
N LEU B 898 -34.63 -41.12 -9.49
CA LEU B 898 -33.31 -41.53 -9.08
C LEU B 898 -32.83 -42.60 -10.04
N ILE B 899 -31.71 -42.34 -10.72
CA ILE B 899 -31.14 -43.36 -11.57
C ILE B 899 -30.69 -44.53 -10.71
N ALA B 900 -30.79 -45.73 -11.26
CA ALA B 900 -30.38 -46.92 -10.53
C ALA B 900 -28.93 -47.26 -10.84
N PRO B 901 -28.18 -47.79 -9.88
CA PRO B 901 -26.75 -48.02 -10.10
C PRO B 901 -26.52 -48.91 -11.29
N GLY B 902 -25.36 -48.73 -11.91
CA GLY B 902 -24.92 -49.57 -12.98
C GLY B 902 -25.03 -48.97 -14.36
N VAL B 903 -25.87 -47.97 -14.55
CA VAL B 903 -26.01 -47.36 -15.86
C VAL B 903 -24.72 -46.65 -16.18
N ARG B 904 -24.32 -46.72 -17.44
CA ARG B 904 -23.19 -45.89 -17.88
C ARG B 904 -23.63 -44.44 -17.94
N VAL B 905 -22.94 -43.57 -17.20
CA VAL B 905 -23.26 -42.15 -17.23
C VAL B 905 -22.16 -41.41 -17.96
N SER B 906 -22.56 -40.57 -18.90
CA SER B 906 -21.68 -39.60 -19.53
C SER B 906 -21.87 -38.28 -18.82
N GLY B 907 -21.24 -37.24 -19.34
CA GLY B 907 -21.55 -35.91 -18.86
C GLY B 907 -22.98 -35.54 -19.22
N ASP B 908 -23.55 -34.62 -18.45
CA ASP B 908 -24.78 -33.90 -18.78
C ASP B 908 -26.05 -34.74 -18.72
N ASP B 909 -26.02 -35.92 -18.13
CA ASP B 909 -27.24 -36.72 -17.98
C ASP B 909 -27.70 -36.68 -16.54
N ILE B 910 -28.98 -36.40 -16.36
CA ILE B 910 -29.48 -36.09 -15.04
C ILE B 910 -29.35 -37.32 -14.15
N ILE B 911 -29.31 -37.11 -12.84
CA ILE B 911 -29.39 -38.20 -11.90
C ILE B 911 -30.57 -38.06 -10.94
N ILE B 912 -30.81 -36.87 -10.43
CA ILE B 912 -31.88 -36.68 -9.47
C ILE B 912 -32.90 -35.75 -10.11
N GLY B 913 -34.08 -36.29 -10.41
CA GLY B 913 -35.11 -35.54 -11.08
C GLY B 913 -36.13 -34.95 -10.13
N LYS B 914 -35.95 -33.69 -9.81
CA LYS B 914 -36.77 -33.02 -8.80
C LYS B 914 -37.39 -31.79 -9.45
N THR B 915 -38.72 -31.68 -9.38
CA THR B 915 -39.42 -30.56 -9.98
C THR B 915 -40.03 -29.72 -8.89
N THR B 916 -40.23 -28.48 -9.17
CA THR B 916 -40.90 -27.68 -8.16
C THR B 916 -42.20 -27.14 -8.71
N PRO B 917 -43.32 -27.31 -8.02
CA PRO B 917 -44.58 -26.85 -8.59
C PRO B 917 -44.64 -25.33 -8.66
N ILE B 918 -45.14 -24.83 -9.78
CA ILE B 918 -45.30 -23.38 -9.93
C ILE B 918 -46.51 -22.93 -9.13
N PRO B 919 -46.38 -21.99 -8.21
CA PRO B 919 -47.54 -21.39 -7.58
C PRO B 919 -48.35 -20.61 -8.60
N PRO B 920 -49.66 -20.86 -8.70
CA PRO B 920 -50.51 -20.35 -9.78
C PRO B 920 -50.62 -18.83 -9.79
N TYR B 931 -53.02 -26.21 -17.26
CA TYR B 931 -52.07 -27.19 -16.76
C TYR B 931 -50.70 -26.58 -16.60
N HIS B 932 -49.68 -27.41 -16.74
CA HIS B 932 -48.33 -26.91 -17.00
C HIS B 932 -47.84 -26.03 -15.85
N THR B 933 -47.78 -26.63 -14.66
CA THR B 933 -47.48 -25.89 -13.44
C THR B 933 -46.25 -26.40 -12.70
N LYS B 934 -45.38 -27.15 -13.35
CA LYS B 934 -44.14 -27.56 -12.74
C LYS B 934 -42.95 -26.91 -13.42
N ARG B 935 -41.95 -26.56 -12.62
CA ARG B 935 -40.70 -25.99 -13.09
C ARG B 935 -39.66 -27.09 -12.97
N ASP B 936 -38.85 -27.24 -14.01
CA ASP B 936 -37.80 -28.25 -14.06
C ASP B 936 -36.66 -27.85 -13.15
N ALA B 937 -36.31 -28.69 -12.18
CA ALA B 937 -35.32 -28.31 -11.20
C ALA B 937 -34.39 -29.44 -10.81
N SER B 938 -33.94 -30.22 -11.78
CA SER B 938 -33.17 -31.41 -11.48
C SER B 938 -31.68 -31.11 -11.42
N THR B 939 -30.92 -32.02 -10.80
CA THR B 939 -29.48 -31.89 -10.63
C THR B 939 -28.74 -32.55 -11.77
N PRO B 940 -27.82 -31.87 -12.42
CA PRO B 940 -27.08 -32.48 -13.52
C PRO B 940 -25.82 -33.18 -13.02
N LEU B 941 -25.29 -34.03 -13.88
CA LEU B 941 -23.95 -34.56 -13.77
C LEU B 941 -23.03 -33.71 -14.64
N ARG B 942 -21.86 -33.37 -14.08
CA ARG B 942 -21.06 -32.27 -14.61
C ARG B 942 -20.58 -32.52 -16.04
N SER B 943 -19.90 -31.52 -16.58
CA SER B 943 -19.70 -31.40 -18.01
C SER B 943 -18.47 -32.12 -18.55
N THR B 944 -17.63 -32.71 -17.71
CA THR B 944 -16.44 -33.36 -18.23
C THR B 944 -16.21 -34.77 -17.69
N GLU B 945 -17.09 -35.28 -16.86
CA GLU B 945 -16.81 -36.53 -16.17
C GLU B 945 -17.59 -37.66 -16.80
N ASN B 946 -17.10 -38.87 -16.61
CA ASN B 946 -17.75 -40.09 -17.05
C ASN B 946 -17.89 -40.99 -15.85
N GLY B 947 -18.55 -42.13 -16.03
CA GLY B 947 -18.40 -43.15 -15.02
C GLY B 947 -19.63 -44.00 -14.84
N ILE B 948 -19.73 -44.55 -13.64
CA ILE B 948 -20.71 -45.55 -13.32
C ILE B 948 -21.29 -45.27 -11.95
N VAL B 949 -22.57 -44.98 -11.90
CA VAL B 949 -23.26 -44.72 -10.66
C VAL B 949 -23.08 -45.92 -9.75
N ASP B 950 -23.02 -45.70 -8.45
CA ASP B 950 -22.70 -46.80 -7.57
C ASP B 950 -23.72 -47.13 -6.50
N GLN B 951 -23.95 -46.23 -5.54
CA GLN B 951 -24.62 -46.66 -4.30
C GLN B 951 -25.56 -45.55 -3.84
N VAL B 952 -26.80 -45.61 -4.29
CA VAL B 952 -27.74 -44.54 -4.04
C VAL B 952 -28.32 -44.71 -2.66
N LEU B 953 -27.77 -44.01 -1.68
CA LEU B 953 -28.36 -43.98 -0.37
C LEU B 953 -29.63 -43.16 -0.39
N LEU B 954 -30.65 -43.68 0.27
CA LEU B 954 -31.94 -43.02 0.39
C LEU B 954 -32.43 -43.13 1.82
N THR B 955 -32.84 -42.00 2.36
CA THR B 955 -33.38 -41.93 3.71
C THR B 955 -34.18 -40.65 3.82
N THR B 956 -34.55 -40.29 5.04
CA THR B 956 -35.35 -39.10 5.26
C THR B 956 -34.55 -38.08 6.05
N ASN B 957 -34.53 -36.86 5.55
CA ASN B 957 -33.89 -35.75 6.24
C ASN B 957 -34.53 -35.59 7.61
N GLN B 958 -33.90 -34.78 8.46
CA GLN B 958 -34.50 -34.43 9.73
C GLN B 958 -35.85 -33.78 9.54
N GLU B 959 -36.08 -33.19 8.37
CA GLU B 959 -37.28 -32.41 8.15
C GLU B 959 -38.51 -33.27 7.99
N GLY B 960 -38.35 -34.51 7.55
CA GLY B 960 -39.47 -35.33 7.14
C GLY B 960 -39.62 -35.43 5.63
N LEU B 961 -38.65 -34.93 4.88
CA LEU B 961 -38.65 -35.11 3.43
C LEU B 961 -37.78 -36.31 3.07
N LYS B 962 -37.88 -36.77 1.82
CA LYS B 962 -36.89 -37.70 1.37
C LYS B 962 -35.52 -37.05 1.34
N PHE B 963 -34.52 -37.84 0.99
CA PHE B 963 -33.16 -37.41 1.14
C PHE B 963 -32.27 -38.44 0.48
N VAL B 964 -31.49 -37.99 -0.50
CA VAL B 964 -30.71 -38.90 -1.31
C VAL B 964 -29.26 -38.48 -1.28
N LYS B 965 -28.39 -39.48 -1.20
CA LYS B 965 -26.99 -39.27 -1.51
C LYS B 965 -26.62 -40.23 -2.63
N VAL B 966 -25.82 -39.74 -3.56
CA VAL B 966 -25.41 -40.50 -4.72
C VAL B 966 -23.89 -40.47 -4.76
N ARG B 967 -23.26 -41.63 -4.83
CA ARG B 967 -21.82 -41.75 -4.94
C ARG B 967 -21.45 -42.27 -6.32
N MET B 968 -21.14 -41.35 -7.23
CA MET B 968 -20.70 -41.78 -8.55
C MET B 968 -19.19 -41.96 -8.53
N ARG B 969 -18.68 -42.82 -9.39
CA ARG B 969 -17.24 -43.05 -9.33
C ARG B 969 -16.69 -43.51 -10.68
N THR B 970 -15.37 -43.41 -10.82
CA THR B 970 -14.65 -43.78 -12.04
C THR B 970 -13.18 -44.03 -11.74
N THR B 971 -12.39 -44.32 -12.79
CA THR B 971 -10.98 -44.66 -12.66
C THR B 971 -10.13 -43.90 -13.67
N LYS B 972 -9.26 -43.04 -13.15
CA LYS B 972 -8.39 -42.18 -13.94
C LYS B 972 -6.97 -42.72 -13.92
N VAL B 973 -6.26 -42.57 -15.03
CA VAL B 973 -5.04 -43.32 -15.27
C VAL B 973 -3.96 -42.38 -15.80
N PRO B 974 -2.77 -42.38 -15.22
CA PRO B 974 -1.71 -41.47 -15.63
C PRO B 974 -1.57 -41.27 -17.12
N GLN B 975 -1.72 -40.03 -17.55
CA GLN B 975 -1.55 -39.63 -18.93
C GLN B 975 -0.77 -38.32 -18.91
N ILE B 976 -0.60 -37.72 -20.09
CA ILE B 976 0.28 -36.57 -20.20
C ILE B 976 -0.25 -35.41 -19.37
N GLY B 977 0.51 -35.02 -18.37
CA GLY B 977 0.11 -33.98 -17.45
C GLY B 977 -0.13 -34.49 -16.05
N ASP B 978 -0.67 -35.71 -15.92
CA ASP B 978 -0.97 -36.25 -14.61
C ASP B 978 0.26 -36.15 -13.73
N LYS B 979 0.15 -35.37 -12.67
CA LYS B 979 1.34 -34.95 -11.94
C LYS B 979 1.92 -36.08 -11.09
N PHE B 980 3.10 -35.84 -10.52
CA PHE B 980 3.87 -36.74 -9.65
C PHE B 980 4.86 -35.92 -8.85
N ALA B 981 5.45 -36.55 -7.83
CA ALA B 981 6.45 -35.85 -7.06
C ALA B 981 7.07 -36.79 -6.07
N SER B 982 8.38 -36.83 -6.04
CA SER B 982 9.08 -37.76 -5.17
C SER B 982 8.98 -37.24 -3.77
N ARG B 983 9.77 -37.77 -2.87
CA ARG B 983 9.75 -37.22 -1.54
C ARG B 983 10.88 -36.25 -1.31
N HIS B 984 11.24 -35.47 -2.33
CA HIS B 984 12.16 -34.37 -2.11
C HIS B 984 11.88 -33.19 -3.02
N GLY B 985 10.62 -32.94 -3.36
CA GLY B 985 10.30 -31.81 -4.18
C GLY B 985 10.64 -31.98 -5.63
N GLN B 986 11.35 -33.02 -6.00
CA GLN B 986 11.76 -33.16 -7.39
C GLN B 986 10.55 -33.37 -8.29
N LYS B 987 9.54 -32.53 -8.15
CA LYS B 987 8.22 -32.79 -8.69
C LYS B 987 8.23 -32.60 -10.19
N GLY B 988 7.06 -32.59 -10.77
CA GLY B 988 6.97 -32.39 -12.19
C GLY B 988 6.10 -33.45 -12.81
N THR B 989 5.66 -33.24 -14.03
CA THR B 989 4.64 -34.09 -14.61
C THR B 989 5.19 -34.91 -15.76
N ILE B 990 4.36 -35.85 -16.22
CA ILE B 990 4.68 -36.76 -17.31
C ILE B 990 4.75 -35.98 -18.60
N GLY B 991 5.82 -36.15 -19.36
CA GLY B 991 5.96 -35.42 -20.59
C GLY B 991 5.52 -36.22 -21.80
N VAL B 992 5.68 -37.55 -21.74
CA VAL B 992 5.46 -38.38 -22.92
C VAL B 992 5.50 -39.83 -22.48
N THR B 993 5.04 -40.72 -23.35
CA THR B 993 4.91 -42.13 -23.04
C THR B 993 5.63 -42.98 -24.09
N TYR B 994 6.48 -43.88 -23.61
CA TYR B 994 7.15 -44.87 -24.44
C TYR B 994 6.66 -46.26 -24.10
N ARG B 995 6.59 -47.12 -25.10
CA ARG B 995 6.18 -48.50 -24.89
C ARG B 995 7.33 -49.24 -24.21
N HIS B 996 7.17 -50.54 -23.98
CA HIS B 996 8.06 -51.21 -23.04
C HIS B 996 9.45 -51.38 -23.62
N GLU B 997 9.57 -51.51 -24.92
CA GLU B 997 10.91 -51.71 -25.42
C GLU B 997 11.68 -50.40 -25.55
N ASP B 998 11.04 -49.33 -26.03
CA ASP B 998 11.81 -48.18 -26.48
C ASP B 998 12.59 -47.51 -25.36
N MET B 999 12.37 -47.92 -24.13
CA MET B 999 13.14 -47.35 -23.06
C MET B 999 14.56 -47.87 -23.15
N PRO B 1000 15.47 -47.36 -22.33
CA PRO B 1000 16.71 -48.08 -22.13
C PRO B 1000 16.40 -49.35 -21.39
N PHE B 1001 17.45 -50.13 -21.11
CA PHE B 1001 17.27 -51.31 -20.27
C PHE B 1001 18.61 -51.94 -19.97
N SER B 1002 18.87 -52.22 -18.72
CA SER B 1002 20.19 -52.67 -18.34
C SER B 1002 20.37 -54.10 -18.81
N ALA B 1003 21.39 -54.75 -18.28
CA ALA B 1003 21.81 -56.02 -18.83
C ALA B 1003 20.87 -57.15 -18.46
N GLU B 1004 20.44 -57.21 -17.21
CA GLU B 1004 19.66 -58.33 -16.73
C GLU B 1004 18.29 -58.41 -17.37
N GLY B 1005 17.80 -57.33 -17.97
CA GLY B 1005 16.45 -57.28 -18.47
C GLY B 1005 15.58 -56.23 -17.80
N ILE B 1006 16.02 -55.66 -16.68
CA ILE B 1006 15.30 -54.57 -16.06
C ILE B 1006 15.03 -53.50 -17.09
N VAL B 1007 14.02 -52.68 -16.87
CA VAL B 1007 13.84 -51.49 -17.69
C VAL B 1007 13.73 -50.33 -16.72
N PRO B 1008 13.59 -49.12 -17.14
CA PRO B 1008 13.34 -48.07 -16.16
C PRO B 1008 11.85 -47.97 -15.99
N ASP B 1009 11.36 -47.19 -15.05
CA ASP B 1009 9.95 -46.90 -14.98
C ASP B 1009 9.62 -45.47 -15.27
N LEU B 1010 10.31 -44.56 -14.60
CA LEU B 1010 9.93 -43.17 -14.51
C LEU B 1010 11.23 -42.37 -14.48
N ILE B 1011 11.53 -41.66 -15.56
CA ILE B 1011 12.89 -41.17 -15.84
C ILE B 1011 12.98 -39.67 -15.50
N ILE B 1012 13.45 -39.34 -14.30
CA ILE B 1012 13.59 -37.92 -13.99
C ILE B 1012 14.67 -37.38 -14.91
N ASN B 1013 14.90 -36.08 -14.87
CA ASN B 1013 15.94 -35.46 -15.69
C ASN B 1013 17.06 -34.91 -14.81
N PRO B 1014 18.28 -35.43 -14.97
CA PRO B 1014 19.35 -35.10 -14.03
C PRO B 1014 19.46 -33.62 -13.74
N HIS B 1015 19.41 -32.79 -14.79
CA HIS B 1015 19.48 -31.34 -14.63
C HIS B 1015 18.63 -30.83 -13.48
N ALA B 1016 17.72 -31.62 -12.97
CA ALA B 1016 17.09 -31.20 -11.76
C ALA B 1016 18.08 -31.13 -10.62
N ILE B 1017 19.06 -32.01 -10.58
CA ILE B 1017 19.72 -32.23 -9.30
C ILE B 1017 20.76 -31.17 -8.94
N PRO B 1018 21.73 -30.86 -9.80
CA PRO B 1018 22.92 -30.17 -9.28
C PRO B 1018 22.63 -28.78 -8.77
N SER B 1019 21.58 -28.12 -9.25
CA SER B 1019 21.24 -26.84 -8.66
C SER B 1019 20.31 -26.96 -7.49
N ARG B 1020 19.72 -28.13 -7.27
CA ARG B 1020 18.76 -28.17 -6.18
C ARG B 1020 19.37 -28.70 -4.91
N MET B 1021 20.61 -29.12 -4.96
CA MET B 1021 21.32 -29.55 -3.76
C MET B 1021 20.43 -30.45 -2.90
N THR B 1022 19.88 -31.50 -3.48
CA THR B 1022 19.09 -32.48 -2.74
C THR B 1022 19.72 -33.84 -2.88
N VAL B 1023 20.74 -34.07 -2.07
CA VAL B 1023 21.48 -35.31 -2.12
C VAL B 1023 20.65 -36.44 -1.56
N ALA B 1024 19.68 -36.11 -0.71
CA ALA B 1024 18.85 -37.15 -0.13
C ALA B 1024 18.22 -38.00 -1.19
N HIS B 1025 17.88 -37.44 -2.33
CA HIS B 1025 17.18 -38.26 -3.31
C HIS B 1025 18.09 -39.35 -3.84
N LEU B 1026 19.32 -39.00 -4.16
CA LEU B 1026 20.22 -40.06 -4.56
C LEU B 1026 20.41 -41.04 -3.41
N ILE B 1027 20.85 -40.56 -2.24
CA ILE B 1027 21.12 -41.49 -1.16
C ILE B 1027 19.95 -42.43 -0.95
N GLU B 1028 18.74 -41.94 -1.12
CA GLU B 1028 17.60 -42.83 -1.03
C GLU B 1028 17.65 -43.89 -2.08
N CYS B 1029 17.77 -43.50 -3.34
CA CYS B 1029 17.68 -44.50 -4.40
C CYS B 1029 18.73 -45.58 -4.21
N LEU B 1030 19.92 -45.19 -3.78
CA LEU B 1030 20.93 -46.18 -3.41
C LEU B 1030 20.40 -47.11 -2.34
N LEU B 1031 20.02 -46.55 -1.19
CA LEU B 1031 19.52 -47.38 -0.11
C LEU B 1031 18.44 -48.32 -0.57
N SER B 1032 17.55 -47.87 -1.45
CA SER B 1032 16.50 -48.76 -1.91
C SER B 1032 17.07 -49.93 -2.68
N LYS B 1033 18.03 -49.65 -3.57
CA LYS B 1033 18.60 -50.74 -4.33
C LYS B 1033 19.13 -51.80 -3.39
N VAL B 1034 19.81 -51.36 -2.33
CA VAL B 1034 20.27 -52.31 -1.33
C VAL B 1034 19.10 -53.01 -0.65
N GLY B 1035 18.11 -52.24 -0.23
CA GLY B 1035 17.01 -52.82 0.50
C GLY B 1035 16.28 -53.89 -0.27
N SER B 1036 16.12 -53.71 -1.56
CA SER B 1036 15.49 -54.75 -2.35
C SER B 1036 16.41 -55.96 -2.46
N ILE B 1037 17.69 -55.74 -2.75
CA ILE B 1037 18.55 -56.88 -2.98
C ILE B 1037 18.67 -57.75 -1.72
N ARG B 1038 19.20 -57.21 -0.63
CA ARG B 1038 19.23 -58.06 0.54
C ARG B 1038 17.86 -58.42 1.03
N GLY B 1039 16.86 -57.59 0.74
CA GLY B 1039 15.53 -57.90 1.18
C GLY B 1039 15.16 -57.46 2.57
N TYR B 1040 15.36 -56.19 2.90
CA TYR B 1040 14.78 -55.66 4.11
C TYR B 1040 14.83 -54.14 4.04
N GLU B 1041 13.92 -53.52 4.75
CA GLU B 1041 13.63 -52.09 4.62
C GLU B 1041 14.74 -51.31 5.30
N GLY B 1042 15.34 -50.37 4.57
CA GLY B 1042 16.53 -49.70 5.06
C GLY B 1042 16.20 -48.53 5.98
N ASP B 1043 16.93 -48.45 7.08
CA ASP B 1043 16.61 -47.47 8.11
C ASP B 1043 17.12 -46.11 7.73
N ALA B 1044 16.23 -45.24 7.29
CA ALA B 1044 16.59 -43.87 6.94
C ALA B 1044 16.31 -42.90 8.06
N THR B 1045 16.37 -43.33 9.30
CA THR B 1045 16.18 -42.38 10.38
C THR B 1045 17.24 -41.30 10.26
N PRO B 1046 16.84 -40.04 10.15
CA PRO B 1046 17.82 -38.96 10.17
C PRO B 1046 18.64 -38.99 11.45
N PHE B 1047 19.74 -38.24 11.42
CA PHE B 1047 20.55 -38.00 12.62
C PHE B 1047 21.08 -39.30 13.22
N THR B 1048 21.24 -40.33 12.40
CA THR B 1048 21.79 -41.59 12.81
C THR B 1048 23.20 -41.75 12.28
N ASP B 1049 23.71 -42.97 12.32
CA ASP B 1049 25.11 -43.21 12.01
C ASP B 1049 25.31 -43.94 10.69
N LEU B 1050 24.34 -43.88 9.79
CA LEU B 1050 24.48 -44.57 8.52
C LEU B 1050 25.22 -43.68 7.54
N THR B 1051 26.37 -44.13 7.09
CA THR B 1051 27.20 -43.34 6.19
C THR B 1051 26.66 -43.43 4.77
N VAL B 1052 27.44 -42.99 3.80
CA VAL B 1052 27.22 -43.38 2.42
C VAL B 1052 28.14 -44.53 2.02
N ASP B 1053 29.25 -44.72 2.73
CA ASP B 1053 30.11 -45.86 2.42
C ASP B 1053 29.46 -47.16 2.80
N ALA B 1054 29.18 -47.36 4.09
CA ALA B 1054 28.66 -48.65 4.54
C ALA B 1054 27.57 -49.15 3.61
N VAL B 1055 26.70 -48.23 3.17
CA VAL B 1055 25.75 -48.59 2.12
C VAL B 1055 26.47 -49.07 0.89
N SER B 1056 27.49 -48.34 0.44
CA SER B 1056 28.17 -48.71 -0.79
C SER B 1056 28.78 -50.10 -0.70
N ASN B 1057 29.43 -50.40 0.42
CA ASN B 1057 30.01 -51.72 0.56
C ASN B 1057 28.94 -52.79 0.49
N LEU B 1058 27.90 -52.65 1.31
CA LEU B 1058 26.85 -53.66 1.26
C LEU B 1058 26.36 -53.83 -0.15
N LEU B 1059 26.38 -52.75 -0.92
CA LEU B 1059 25.93 -52.87 -2.30
C LEU B 1059 26.90 -53.72 -3.11
N ARG B 1060 28.19 -53.40 -3.04
CA ARG B 1060 29.09 -54.03 -4.00
C ARG B 1060 29.29 -55.49 -3.67
N ASP B 1061 29.16 -55.85 -2.40
CA ASP B 1061 29.22 -57.24 -1.99
C ASP B 1061 28.21 -58.11 -2.73
N ASN B 1062 27.10 -57.55 -3.17
CA ASN B 1062 26.09 -58.30 -3.89
C ASN B 1062 26.29 -58.22 -5.39
N GLY B 1063 27.45 -57.76 -5.81
CA GLY B 1063 27.73 -57.74 -7.22
C GLY B 1063 27.05 -56.61 -7.94
N TYR B 1064 27.29 -55.39 -7.49
CA TYR B 1064 26.87 -54.21 -8.24
C TYR B 1064 27.86 -53.09 -7.98
N GLN B 1065 27.92 -52.15 -8.92
CA GLN B 1065 28.87 -51.06 -8.82
C GLN B 1065 28.60 -50.18 -7.62
N SER B 1066 29.61 -50.00 -6.78
CA SER B 1066 29.35 -49.58 -5.41
C SER B 1066 28.98 -48.12 -5.29
N ARG B 1067 28.86 -47.42 -6.40
CA ARG B 1067 28.37 -46.05 -6.39
C ARG B 1067 27.15 -45.90 -7.29
N GLY B 1068 26.24 -46.86 -7.23
CA GLY B 1068 24.93 -46.77 -7.82
C GLY B 1068 24.83 -47.22 -9.26
N PHE B 1069 25.78 -46.86 -10.10
CA PHE B 1069 25.61 -46.95 -11.54
C PHE B 1069 25.31 -48.35 -12.02
N GLU B 1070 24.69 -48.43 -13.19
CA GLU B 1070 24.75 -49.65 -13.97
C GLU B 1070 24.85 -49.34 -15.45
N VAL B 1071 25.56 -50.22 -16.15
CA VAL B 1071 25.77 -50.13 -17.59
C VAL B 1071 24.41 -50.26 -18.23
N MET B 1072 23.97 -49.25 -18.94
CA MET B 1072 22.69 -49.38 -19.59
C MET B 1072 22.81 -49.31 -21.09
N TYR B 1073 21.70 -49.59 -21.73
CA TYR B 1073 21.57 -49.89 -23.14
C TYR B 1073 20.52 -49.00 -23.76
N ASN B 1074 20.84 -48.45 -24.91
CA ASN B 1074 19.80 -47.84 -25.71
C ASN B 1074 18.84 -48.90 -26.19
N GLY B 1075 17.58 -48.51 -26.34
CA GLY B 1075 16.57 -49.41 -26.81
C GLY B 1075 16.25 -49.31 -28.27
N HIS B 1076 16.69 -48.27 -28.94
CA HIS B 1076 16.41 -48.14 -30.36
C HIS B 1076 17.46 -48.79 -31.24
N THR B 1077 18.66 -48.97 -30.76
CA THR B 1077 19.68 -49.59 -31.60
C THR B 1077 20.55 -50.57 -30.86
N GLY B 1078 20.26 -50.82 -29.59
CA GLY B 1078 21.06 -51.73 -28.82
C GLY B 1078 22.46 -51.24 -28.55
N LYS B 1079 22.96 -50.34 -29.38
CA LYS B 1079 24.28 -49.77 -29.21
C LYS B 1079 24.43 -49.19 -27.82
N LYS B 1080 25.42 -49.68 -27.08
CA LYS B 1080 25.55 -49.25 -25.69
C LYS B 1080 25.49 -47.75 -25.59
N LEU B 1081 24.88 -47.26 -24.54
CA LEU B 1081 24.98 -45.85 -24.22
C LEU B 1081 26.37 -45.57 -23.68
N MET B 1082 27.06 -44.61 -24.32
CA MET B 1082 28.46 -44.36 -24.02
C MET B 1082 28.69 -44.06 -22.56
N ALA B 1083 27.68 -43.59 -21.86
CA ALA B 1083 27.85 -43.23 -20.46
C ALA B 1083 27.12 -44.23 -19.60
N GLN B 1084 27.50 -44.27 -18.33
CA GLN B 1084 26.83 -45.12 -17.38
C GLN B 1084 25.83 -44.30 -16.58
N VAL B 1085 24.77 -44.95 -16.14
CA VAL B 1085 23.55 -44.29 -15.69
C VAL B 1085 23.21 -44.72 -14.27
N PHE B 1086 22.68 -43.79 -13.49
CA PHE B 1086 22.21 -44.12 -12.15
C PHE B 1086 20.92 -44.89 -12.32
N PHE B 1087 20.53 -45.67 -11.31
CA PHE B 1087 19.45 -46.60 -11.58
C PHE B 1087 18.90 -47.30 -10.36
N GLY B 1088 17.63 -47.14 -10.02
CA GLY B 1088 17.14 -47.89 -8.89
C GLY B 1088 15.63 -47.90 -8.74
N PRO B 1089 15.14 -48.40 -7.62
CA PRO B 1089 13.75 -48.14 -7.25
C PRO B 1089 13.70 -46.99 -6.28
N THR B 1090 12.79 -46.07 -6.53
CA THR B 1090 12.60 -44.93 -5.66
C THR B 1090 11.11 -44.68 -5.54
N TYR B 1091 10.73 -43.99 -4.48
CA TYR B 1091 9.35 -43.96 -4.04
C TYR B 1091 8.67 -42.69 -4.51
N TYR B 1092 7.81 -42.80 -5.48
CA TYR B 1092 7.08 -41.60 -5.81
C TYR B 1092 5.71 -41.69 -5.19
N GLN B 1093 4.94 -40.61 -5.35
CA GLN B 1093 3.60 -40.56 -4.84
C GLN B 1093 2.77 -39.61 -5.66
N ARG B 1094 1.71 -40.13 -6.23
CA ARG B 1094 0.80 -39.40 -7.13
C ARG B 1094 0.32 -38.12 -6.44
N LEU B 1095 0.06 -37.09 -7.22
CA LEU B 1095 -0.51 -35.84 -6.72
C LEU B 1095 -1.77 -35.46 -7.47
N ARG B 1096 -2.64 -34.74 -6.77
CA ARG B 1096 -4.00 -34.56 -7.25
C ARG B 1096 -4.06 -33.89 -8.61
N HIS B 1097 -3.31 -32.84 -8.83
CA HIS B 1097 -3.71 -31.89 -9.84
C HIS B 1097 -3.68 -32.53 -11.22
N MET B 1098 -4.78 -33.17 -11.57
CA MET B 1098 -4.82 -33.99 -12.76
C MET B 1098 -5.08 -33.08 -13.94
N VAL B 1099 -4.73 -33.53 -15.12
CA VAL B 1099 -4.86 -32.64 -16.26
C VAL B 1099 -6.33 -32.34 -16.58
N ASP B 1100 -7.26 -33.13 -16.07
CA ASP B 1100 -8.67 -32.78 -16.28
C ASP B 1100 -9.28 -32.07 -15.09
N ASP B 1101 -8.47 -31.60 -14.16
CA ASP B 1101 -8.95 -30.64 -13.19
C ASP B 1101 -8.43 -29.24 -13.44
N LYS B 1102 -7.85 -28.96 -14.61
CA LYS B 1102 -7.50 -27.61 -14.98
C LYS B 1102 -7.79 -27.28 -16.43
N ILE B 1103 -7.74 -28.25 -17.33
CA ILE B 1103 -8.00 -27.94 -18.72
C ILE B 1103 -9.43 -27.48 -18.87
N HIS B 1104 -9.73 -26.88 -20.02
CA HIS B 1104 -10.79 -25.90 -20.06
C HIS B 1104 -10.87 -25.33 -21.46
N ALA B 1105 -11.93 -24.59 -21.74
CA ALA B 1105 -12.02 -23.83 -22.96
C ALA B 1105 -13.21 -22.92 -22.86
N ARG B 1106 -13.41 -22.11 -23.89
CA ARG B 1106 -14.66 -21.40 -24.01
C ARG B 1106 -14.87 -20.86 -25.40
N ALA B 1107 -15.86 -21.39 -26.09
CA ALA B 1107 -16.27 -20.78 -27.34
C ALA B 1107 -16.93 -19.44 -27.08
N ARG B 1108 -18.10 -19.48 -26.46
CA ARG B 1108 -18.90 -18.33 -26.04
C ARG B 1108 -19.64 -18.77 -24.80
N GLY B 1109 -20.88 -18.37 -24.67
CA GLY B 1109 -21.76 -19.09 -23.79
C GLY B 1109 -22.42 -18.23 -22.76
N PRO B 1110 -22.44 -18.73 -21.53
CA PRO B 1110 -23.15 -18.06 -20.44
C PRO B 1110 -22.43 -16.79 -20.03
N VAL B 1111 -23.19 -15.76 -19.77
CA VAL B 1111 -22.69 -14.43 -19.44
C VAL B 1111 -23.27 -14.05 -18.10
N GLN B 1112 -22.65 -13.10 -17.42
CA GLN B 1112 -23.35 -12.60 -16.25
C GLN B 1112 -24.53 -11.79 -16.74
N VAL B 1113 -25.41 -11.43 -15.81
CA VAL B 1113 -26.49 -10.52 -16.19
C VAL B 1113 -26.12 -9.09 -15.86
N LEU B 1114 -25.36 -8.88 -14.77
CA LEU B 1114 -25.06 -7.51 -14.37
C LEU B 1114 -24.21 -6.79 -15.40
N THR B 1115 -23.44 -7.53 -16.19
CA THR B 1115 -22.53 -6.87 -17.13
C THR B 1115 -22.50 -7.47 -18.52
N ARG B 1116 -23.06 -8.65 -18.74
CA ARG B 1116 -22.78 -9.44 -19.93
C ARG B 1116 -21.31 -9.75 -20.07
N GLN B 1117 -20.51 -9.51 -19.06
CA GLN B 1117 -19.19 -10.02 -19.37
C GLN B 1117 -19.12 -11.51 -19.03
N PRO B 1118 -18.52 -12.31 -19.91
CA PRO B 1118 -18.52 -13.77 -19.71
C PRO B 1118 -18.10 -14.21 -18.32
N VAL B 1119 -18.68 -15.34 -17.87
CA VAL B 1119 -18.83 -15.59 -16.44
C VAL B 1119 -17.58 -16.16 -15.82
N GLU B 1120 -17.64 -16.39 -14.52
CA GLU B 1120 -16.48 -16.70 -13.71
C GLU B 1120 -16.42 -18.18 -13.38
N GLY B 1121 -15.24 -18.77 -13.49
CA GLY B 1121 -15.05 -20.12 -13.02
C GLY B 1121 -14.93 -21.12 -14.15
N ARG B 1122 -14.55 -22.34 -13.80
CA ARG B 1122 -14.31 -23.35 -14.82
C ARG B 1122 -15.56 -24.16 -15.10
N SER B 1123 -16.23 -24.62 -14.04
CA SER B 1123 -17.34 -25.55 -14.21
C SER B 1123 -18.55 -24.90 -14.88
N ARG B 1124 -18.40 -23.71 -15.44
CA ARG B 1124 -19.53 -22.98 -16.01
C ARG B 1124 -19.28 -22.48 -17.42
N ASP B 1125 -18.39 -23.12 -18.17
CA ASP B 1125 -17.96 -22.58 -19.46
C ASP B 1125 -17.50 -21.14 -19.31
N GLY B 1126 -16.75 -20.90 -18.24
CA GLY B 1126 -16.24 -19.59 -17.98
C GLY B 1126 -15.22 -19.19 -19.03
N GLY B 1127 -14.61 -18.03 -18.82
CA GLY B 1127 -13.64 -17.49 -19.73
C GLY B 1127 -12.46 -16.92 -18.96
N LEU B 1128 -11.50 -16.40 -19.72
CA LEU B 1128 -10.25 -15.98 -19.10
C LEU B 1128 -10.13 -14.47 -19.01
N ARG B 1129 -9.26 -14.03 -18.11
CA ARG B 1129 -9.14 -12.63 -17.75
C ARG B 1129 -8.01 -12.03 -18.57
N PHE B 1130 -8.35 -11.10 -19.45
CA PHE B 1130 -7.34 -10.34 -20.17
C PHE B 1130 -6.96 -9.22 -19.24
N GLY B 1131 -6.21 -9.56 -18.20
CA GLY B 1131 -5.98 -8.66 -17.09
C GLY B 1131 -5.07 -7.50 -17.45
N GLU B 1132 -5.09 -6.49 -16.58
CA GLU B 1132 -4.31 -5.28 -16.79
C GLU B 1132 -2.97 -5.57 -17.43
N MET B 1133 -2.14 -6.34 -16.77
CA MET B 1133 -0.79 -6.50 -17.22
C MET B 1133 -0.74 -7.01 -18.64
N GLU B 1134 -1.76 -7.74 -19.07
CA GLU B 1134 -1.87 -8.02 -20.49
C GLU B 1134 -2.17 -6.77 -21.28
N ARG B 1135 -2.94 -5.85 -20.72
CA ARG B 1135 -3.04 -4.58 -21.44
C ARG B 1135 -1.66 -3.96 -21.58
N ASP B 1136 -0.84 -4.05 -20.53
CA ASP B 1136 0.53 -3.54 -20.63
C ASP B 1136 1.25 -4.16 -21.81
N CYS B 1137 1.30 -5.47 -21.85
CA CYS B 1137 1.99 -6.11 -22.94
C CYS B 1137 1.44 -5.70 -24.28
N MET B 1138 0.17 -5.96 -24.53
CA MET B 1138 -0.36 -5.73 -25.87
C MET B 1138 -0.31 -4.27 -26.26
N ILE B 1139 -0.10 -3.39 -25.29
CA ILE B 1139 0.34 -2.05 -25.64
C ILE B 1139 1.77 -2.09 -26.13
N ALA B 1140 2.67 -2.65 -25.35
CA ALA B 1140 4.08 -2.53 -25.72
C ALA B 1140 4.33 -3.11 -27.09
N HIS B 1141 3.69 -4.23 -27.41
CA HIS B 1141 3.77 -4.70 -28.78
C HIS B 1141 3.10 -3.71 -29.72
N GLY B 1142 2.35 -2.78 -29.20
CA GLY B 1142 1.76 -1.76 -30.03
C GLY B 1142 0.57 -2.20 -30.82
N ALA B 1143 0.42 -3.48 -31.14
CA ALA B 1143 -0.65 -3.80 -32.06
C ALA B 1143 -1.99 -3.57 -31.40
N ALA B 1144 -2.61 -2.42 -31.63
CA ALA B 1144 -3.86 -2.14 -30.95
C ALA B 1144 -5.09 -2.65 -31.67
N GLY B 1145 -5.04 -2.87 -32.98
CA GLY B 1145 -6.19 -3.50 -33.61
C GLY B 1145 -6.61 -4.72 -32.82
N PHE B 1146 -5.63 -5.44 -32.30
CA PHE B 1146 -5.94 -6.56 -31.44
C PHE B 1146 -6.51 -6.10 -30.12
N LEU B 1147 -5.89 -5.11 -29.48
CA LEU B 1147 -6.36 -4.73 -28.16
C LEU B 1147 -7.79 -4.23 -28.22
N LYS B 1148 -8.22 -3.77 -29.38
CA LYS B 1148 -9.64 -3.53 -29.57
C LYS B 1148 -10.39 -4.83 -29.70
N GLU B 1149 -10.02 -5.65 -30.67
CA GLU B 1149 -10.76 -6.89 -30.87
C GLU B 1149 -10.60 -7.84 -29.69
N ARG B 1150 -10.10 -7.36 -28.57
CA ARG B 1150 -10.36 -8.07 -27.32
C ARG B 1150 -11.46 -7.40 -26.52
N LEU B 1151 -11.18 -6.25 -25.93
CA LEU B 1151 -12.04 -5.73 -24.88
C LEU B 1151 -13.35 -5.18 -25.41
N MET B 1152 -13.74 -5.56 -26.61
CA MET B 1152 -14.95 -5.10 -27.27
C MET B 1152 -15.80 -6.21 -27.86
N GLU B 1153 -15.20 -7.34 -28.21
CA GLU B 1153 -15.89 -8.34 -28.98
C GLU B 1153 -15.81 -9.73 -28.39
N ALA B 1154 -14.81 -10.02 -27.58
CA ALA B 1154 -14.88 -11.20 -26.74
C ALA B 1154 -15.61 -10.87 -25.45
N SER B 1155 -16.43 -9.86 -25.51
CA SER B 1155 -17.19 -9.33 -24.38
C SER B 1155 -18.48 -8.73 -24.93
N ASP B 1156 -19.02 -7.80 -24.18
CA ASP B 1156 -20.25 -7.10 -24.50
C ASP B 1156 -20.15 -6.14 -25.66
N ALA B 1157 -20.07 -6.64 -26.89
CA ALA B 1157 -20.23 -5.74 -28.02
C ALA B 1157 -21.62 -5.14 -27.94
N PHE B 1158 -21.68 -3.84 -27.66
CA PHE B 1158 -22.94 -3.25 -27.26
C PHE B 1158 -23.16 -1.98 -28.04
N ARG B 1159 -24.41 -1.55 -28.12
CA ARG B 1159 -24.75 -0.38 -28.90
C ARG B 1159 -25.64 0.54 -28.07
N VAL B 1160 -25.38 1.84 -28.16
CA VAL B 1160 -26.16 2.89 -27.52
C VAL B 1160 -26.32 4.03 -28.51
N HIS B 1161 -27.20 4.98 -28.18
CA HIS B 1161 -27.44 6.13 -29.02
C HIS B 1161 -27.09 7.41 -28.29
N VAL B 1162 -26.92 8.50 -29.03
CA VAL B 1162 -26.68 9.82 -28.43
C VAL B 1162 -27.40 10.91 -29.20
N CYS B 1163 -27.90 11.89 -28.45
CA CYS B 1163 -28.36 13.15 -29.01
C CYS B 1163 -27.16 14.06 -29.21
N GLY B 1164 -26.97 14.52 -30.43
CA GLY B 1164 -25.77 15.26 -30.69
C GLY B 1164 -25.63 16.55 -29.92
N ILE B 1165 -26.67 17.00 -29.25
CA ILE B 1165 -26.63 18.33 -28.66
C ILE B 1165 -26.50 18.24 -27.15
N CYS B 1166 -27.46 17.63 -26.48
CA CYS B 1166 -27.26 17.39 -25.06
C CYS B 1166 -26.17 16.39 -24.81
N GLY B 1167 -25.86 15.57 -25.81
CA GLY B 1167 -24.80 14.62 -25.66
C GLY B 1167 -25.01 13.57 -24.61
N LEU B 1168 -26.13 12.87 -24.61
CA LEU B 1168 -26.31 11.81 -23.65
C LEU B 1168 -26.81 10.53 -24.27
N MET B 1169 -26.92 9.52 -23.42
CA MET B 1169 -27.55 8.24 -23.67
C MET B 1169 -28.97 8.24 -23.14
N SER B 1170 -29.79 9.13 -23.67
CA SER B 1170 -31.16 9.26 -23.19
C SER B 1170 -32.16 8.83 -24.22
N VAL B 1171 -31.75 8.74 -25.47
CA VAL B 1171 -32.70 8.67 -26.56
C VAL B 1171 -33.65 7.51 -26.35
N ILE B 1172 -34.91 7.83 -26.25
CA ILE B 1172 -35.95 6.85 -26.50
C ILE B 1172 -35.95 6.57 -27.98
N ALA B 1173 -35.79 5.30 -28.35
CA ALA B 1173 -35.60 4.93 -29.73
C ALA B 1173 -36.34 3.64 -30.04
N ASN B 1174 -37.47 3.74 -30.75
CA ASN B 1174 -38.08 2.57 -31.35
C ASN B 1174 -37.47 2.33 -32.71
N LEU B 1175 -37.22 1.08 -33.00
CA LEU B 1175 -36.67 0.71 -34.28
C LEU B 1175 -37.72 0.25 -35.27
N LYS B 1176 -38.61 -0.65 -34.88
CA LYS B 1176 -39.52 -1.19 -35.89
C LYS B 1176 -40.50 -0.15 -36.41
N LYS B 1177 -40.68 0.96 -35.70
CA LYS B 1177 -41.38 2.11 -36.26
C LYS B 1177 -40.45 3.24 -36.64
N ASN B 1178 -39.15 3.12 -36.34
CA ASN B 1178 -38.13 4.08 -36.76
C ASN B 1178 -38.39 5.48 -36.21
N GLN B 1179 -38.42 5.58 -34.89
CA GLN B 1179 -38.61 6.87 -34.25
C GLN B 1179 -37.46 7.11 -33.28
N PHE B 1180 -37.28 8.36 -32.88
CA PHE B 1180 -36.21 8.74 -31.98
C PHE B 1180 -36.63 10.00 -31.26
N GLU B 1181 -36.06 10.22 -30.09
CA GLU B 1181 -36.45 11.41 -29.33
C GLU B 1181 -35.47 11.61 -28.19
N CYS B 1182 -35.04 12.84 -28.00
CA CYS B 1182 -34.28 13.21 -26.81
C CYS B 1182 -35.21 13.97 -25.88
N ARG B 1183 -35.95 13.24 -25.06
CA ARG B 1183 -37.03 13.91 -24.36
C ARG B 1183 -36.57 14.88 -23.30
N SER B 1184 -35.28 15.14 -23.21
CA SER B 1184 -34.82 16.25 -22.41
C SER B 1184 -34.63 17.52 -23.24
N CYS B 1185 -34.61 17.40 -24.55
CA CYS B 1185 -34.24 18.52 -25.40
C CYS B 1185 -35.08 18.62 -26.65
N LYS B 1186 -36.06 17.75 -26.85
CA LYS B 1186 -36.91 17.82 -28.02
C LYS B 1186 -36.08 17.79 -29.30
N ASN B 1187 -35.08 16.92 -29.32
CA ASN B 1187 -34.31 16.70 -30.53
C ASN B 1187 -34.78 15.41 -31.18
N LYS B 1188 -34.92 15.44 -32.50
CA LYS B 1188 -35.38 14.28 -33.25
C LYS B 1188 -34.56 14.00 -34.50
N THR B 1189 -33.48 14.72 -34.74
CA THR B 1189 -32.71 14.41 -35.93
C THR B 1189 -31.25 14.17 -35.59
N ASN B 1190 -30.67 15.06 -34.80
CA ASN B 1190 -29.25 15.01 -34.51
C ASN B 1190 -28.98 13.90 -33.51
N ILE B 1191 -28.93 12.68 -34.02
CA ILE B 1191 -28.77 11.49 -33.20
C ILE B 1191 -27.84 10.53 -33.89
N TYR B 1192 -27.01 9.83 -33.11
CA TYR B 1192 -26.08 8.88 -33.68
C TYR B 1192 -26.11 7.60 -32.88
N GLN B 1193 -25.49 6.55 -33.42
CA GLN B 1193 -25.23 5.36 -32.62
C GLN B 1193 -23.74 5.19 -32.40
N LEU B 1194 -23.39 4.76 -31.20
CA LEU B 1194 -22.02 4.44 -30.85
C LEU B 1194 -21.83 2.95 -30.82
N HIS B 1195 -20.65 2.53 -30.38
CA HIS B 1195 -20.30 1.15 -30.12
C HIS B 1195 -19.40 1.16 -28.90
N ILE B 1196 -19.95 0.86 -27.73
CA ILE B 1196 -19.10 0.93 -26.55
C ILE B 1196 -19.31 -0.34 -25.75
N PRO B 1197 -18.38 -0.64 -24.86
CA PRO B 1197 -18.50 -1.87 -24.08
C PRO B 1197 -19.57 -1.75 -23.03
N TYR B 1198 -20.57 -2.63 -23.12
CA TYR B 1198 -21.71 -2.56 -22.21
C TYR B 1198 -21.28 -2.40 -20.77
N ALA B 1199 -20.06 -2.77 -20.45
CA ALA B 1199 -19.53 -2.39 -19.15
C ALA B 1199 -19.33 -0.88 -19.06
N ALA B 1200 -18.92 -0.25 -20.15
CA ALA B 1200 -18.81 1.21 -20.11
C ALA B 1200 -20.17 1.85 -19.91
N LYS B 1201 -21.18 1.38 -20.60
CA LYS B 1201 -22.48 2.01 -20.44
C LYS B 1201 -22.99 1.79 -19.03
N LEU B 1202 -22.74 0.62 -18.44
CA LEU B 1202 -23.05 0.44 -17.03
C LEU B 1202 -22.37 1.49 -16.18
N LEU B 1203 -21.10 1.73 -16.45
CA LEU B 1203 -20.41 2.76 -15.69
C LEU B 1203 -21.13 4.09 -15.79
N PHE B 1204 -21.42 4.50 -17.02
CA PHE B 1204 -22.05 5.80 -17.19
C PHE B 1204 -23.34 5.91 -16.39
N GLN B 1205 -24.13 4.86 -16.37
CA GLN B 1205 -25.38 4.93 -15.62
C GLN B 1205 -25.13 4.99 -14.13
N GLU B 1206 -24.19 4.22 -13.60
CA GLU B 1206 -23.94 4.35 -12.16
C GLU B 1206 -23.55 5.78 -11.83
N LEU B 1207 -22.77 6.39 -12.71
CA LEU B 1207 -22.47 7.81 -12.55
C LEU B 1207 -23.74 8.64 -12.51
N MET B 1208 -24.53 8.61 -13.59
CA MET B 1208 -25.70 9.47 -13.62
C MET B 1208 -26.63 9.18 -12.46
N ALA B 1209 -26.39 8.11 -11.73
CA ALA B 1209 -27.07 8.00 -10.47
C ALA B 1209 -26.32 8.68 -9.34
N MET B 1210 -25.05 9.03 -9.52
CA MET B 1210 -24.40 9.83 -8.49
C MET B 1210 -24.35 11.32 -8.81
N ASN B 1211 -25.10 11.80 -9.79
CA ASN B 1211 -25.04 13.20 -10.23
C ASN B 1211 -23.65 13.57 -10.72
N ILE B 1212 -23.26 12.97 -11.83
CA ILE B 1212 -22.19 13.43 -12.69
C ILE B 1212 -22.68 13.13 -14.09
N ALA B 1213 -22.37 14.01 -15.04
CA ALA B 1213 -23.05 13.95 -16.32
C ALA B 1213 -22.05 13.68 -17.44
N PRO B 1214 -21.65 12.43 -17.65
CA PRO B 1214 -20.64 12.20 -18.68
C PRO B 1214 -21.25 12.41 -20.04
N ARG B 1215 -21.05 13.59 -20.59
CA ARG B 1215 -21.52 13.88 -21.90
C ARG B 1215 -20.51 13.32 -22.88
N LEU B 1216 -20.99 12.51 -23.81
CA LEU B 1216 -20.18 12.00 -24.89
C LEU B 1216 -20.46 12.88 -26.11
N TYR B 1217 -19.51 13.72 -26.45
CA TYR B 1217 -19.62 14.46 -27.69
C TYR B 1217 -18.87 13.72 -28.77
N THR B 1218 -19.37 13.79 -29.99
CA THR B 1218 -18.72 13.06 -31.07
C THR B 1218 -17.83 13.94 -31.93
N GLU B 1219 -17.79 15.23 -31.70
CA GLU B 1219 -17.01 16.11 -32.55
C GLU B 1219 -16.02 16.94 -31.75
N ARG B 1220 -14.87 17.18 -32.36
CA ARG B 1220 -13.84 17.97 -31.70
C ARG B 1220 -14.13 19.46 -31.82
N SER B 1221 -14.13 20.13 -30.69
CA SER B 1221 -14.21 21.59 -30.68
C SER B 1221 -13.11 22.22 -29.85
N GLY B 1222 -12.70 21.59 -28.76
CA GLY B 1222 -11.64 22.12 -27.93
C GLY B 1222 -11.92 23.50 -27.35
N GLU C 4 25.27 -68.26 -42.65
CA GLU C 4 26.32 -67.70 -41.80
C GLU C 4 25.92 -67.59 -40.32
N PRO C 5 24.80 -66.94 -40.02
CA PRO C 5 24.42 -66.75 -38.62
C PRO C 5 24.32 -68.08 -37.90
N LYS C 6 24.56 -68.06 -36.61
CA LYS C 6 24.59 -69.31 -35.86
C LYS C 6 23.90 -69.15 -34.53
N VAL C 7 23.65 -70.25 -33.89
CA VAL C 7 22.89 -70.25 -32.65
C VAL C 7 23.51 -71.19 -31.66
N ASN C 8 23.39 -70.86 -30.40
CA ASN C 8 23.92 -71.72 -29.38
C ASN C 8 23.13 -71.51 -28.11
N ILE C 9 22.09 -72.32 -27.91
CA ILE C 9 21.47 -72.47 -26.61
C ILE C 9 22.56 -72.75 -25.59
N ILE C 10 22.31 -72.44 -24.33
CA ILE C 10 23.19 -72.84 -23.26
C ILE C 10 22.44 -73.51 -22.12
N ASN C 11 21.54 -72.79 -21.50
CA ASN C 11 20.63 -73.39 -20.54
C ASN C 11 19.21 -73.13 -20.97
N ALA C 12 18.39 -74.18 -20.89
CA ALA C 12 17.09 -74.12 -21.51
C ALA C 12 16.09 -74.86 -20.66
N GLN C 13 14.87 -74.35 -20.65
CA GLN C 13 13.72 -75.04 -20.11
C GLN C 13 12.55 -74.48 -20.91
N ASP C 14 11.34 -74.54 -20.37
CA ASP C 14 10.23 -74.03 -21.16
C ASP C 14 10.05 -72.53 -21.03
N ASP C 15 10.59 -71.91 -19.99
CA ASP C 15 10.37 -70.49 -19.80
C ASP C 15 11.60 -69.64 -20.12
N GLU C 16 12.79 -70.06 -19.72
CA GLU C 16 13.96 -69.22 -20.00
C GLU C 16 14.91 -69.99 -20.87
N VAL C 17 15.55 -69.29 -21.78
CA VAL C 17 16.34 -69.92 -22.84
C VAL C 17 17.57 -69.06 -23.11
N GLU C 18 18.64 -69.33 -22.39
CA GLU C 18 19.81 -68.47 -22.38
C GLU C 18 20.66 -68.83 -23.59
N LEU C 19 20.38 -68.19 -24.73
CA LEU C 19 21.03 -68.56 -25.96
C LEU C 19 22.14 -67.58 -26.25
N MET C 20 22.95 -67.88 -27.25
CA MET C 20 24.10 -67.07 -27.62
C MET C 20 24.10 -66.87 -29.12
N LEU C 21 23.22 -65.99 -29.57
CA LEU C 21 23.17 -65.69 -30.99
C LEU C 21 24.46 -65.01 -31.36
N SER C 22 25.19 -65.57 -32.30
CA SER C 22 26.48 -65.02 -32.65
C SER C 22 26.57 -64.78 -34.15
N ASP C 23 27.46 -63.87 -34.51
CA ASP C 23 27.86 -63.65 -35.89
C ASP C 23 26.72 -63.07 -36.71
N VAL C 24 25.98 -62.17 -36.07
CA VAL C 24 25.02 -61.32 -36.74
C VAL C 24 25.19 -59.90 -36.20
N ASN C 25 24.56 -58.97 -36.89
CA ASN C 25 24.73 -57.56 -36.64
C ASN C 25 24.29 -57.20 -35.24
N LEU C 26 24.33 -55.91 -34.95
CA LEU C 26 23.72 -55.42 -33.72
C LEU C 26 22.26 -55.09 -33.93
N SER C 27 21.95 -54.40 -35.01
CA SER C 27 20.55 -54.06 -35.24
C SER C 27 19.71 -55.30 -35.35
N LEU C 28 20.27 -56.39 -35.83
CA LEU C 28 19.41 -57.55 -36.00
C LEU C 28 19.02 -58.13 -34.67
N ALA C 29 19.95 -58.25 -33.74
CA ALA C 29 19.58 -58.67 -32.41
C ALA C 29 18.59 -57.70 -31.80
N ASN C 30 18.76 -56.41 -32.07
CA ASN C 30 17.84 -55.48 -31.43
C ASN C 30 16.44 -55.60 -31.99
N SER C 31 16.31 -55.66 -33.32
CA SER C 31 15.01 -55.90 -33.92
C SER C 31 14.38 -57.14 -33.35
N LEU C 32 15.16 -58.21 -33.20
CA LEU C 32 14.61 -59.41 -32.62
C LEU C 32 14.09 -59.16 -31.22
N ARG C 33 14.83 -58.39 -30.42
CA ARG C 33 14.38 -58.16 -29.07
C ARG C 33 13.06 -57.41 -29.05
N ARG C 34 12.98 -56.34 -29.82
CA ARG C 34 11.73 -55.60 -29.85
C ARG C 34 10.59 -56.46 -30.37
N THR C 35 10.86 -57.41 -31.25
CA THR C 35 9.78 -58.26 -31.72
C THR C 35 9.31 -59.19 -30.63
N MET C 36 10.23 -59.85 -29.96
CA MET C 36 9.79 -60.71 -28.87
C MET C 36 9.11 -59.94 -27.77
N LEU C 37 9.28 -58.63 -27.68
CA LEU C 37 8.45 -58.02 -26.65
C LEU C 37 7.18 -57.39 -27.16
N ALA C 38 7.13 -56.94 -28.41
CA ALA C 38 5.93 -56.29 -28.88
C ALA C 38 5.04 -57.20 -29.70
N GLU C 39 5.50 -57.62 -30.88
CA GLU C 39 4.56 -57.99 -31.93
C GLU C 39 4.37 -59.50 -32.07
N VAL C 40 4.31 -60.24 -30.98
CA VAL C 40 4.03 -61.67 -31.01
C VAL C 40 2.63 -61.89 -30.48
N PRO C 41 1.64 -62.18 -31.33
CA PRO C 41 0.25 -62.14 -30.89
C PRO C 41 -0.07 -63.18 -29.83
N THR C 42 -0.82 -62.77 -28.82
CA THR C 42 -1.43 -63.72 -27.91
C THR C 42 -2.92 -63.43 -27.74
N LEU C 43 -3.49 -64.02 -26.70
CA LEU C 43 -4.92 -64.17 -26.54
C LEU C 43 -5.28 -63.87 -25.10
N ALA C 44 -6.04 -62.82 -24.89
CA ALA C 44 -6.26 -62.41 -23.52
C ALA C 44 -7.64 -61.79 -23.39
N ILE C 45 -8.04 -61.55 -22.15
CA ILE C 45 -9.37 -61.07 -21.81
C ILE C 45 -9.53 -59.63 -22.24
N ASP C 46 -10.59 -59.36 -22.98
CA ASP C 46 -10.77 -58.05 -23.61
C ASP C 46 -12.10 -57.38 -23.31
N LEU C 47 -13.17 -58.13 -23.04
CA LEU C 47 -14.45 -57.53 -22.67
C LEU C 47 -15.06 -58.27 -21.51
N VAL C 48 -14.74 -57.86 -20.31
CA VAL C 48 -15.46 -58.32 -19.14
C VAL C 48 -16.90 -57.86 -19.33
N GLU C 49 -17.86 -58.69 -18.93
CA GLU C 49 -19.27 -58.32 -18.88
C GLU C 49 -19.85 -58.81 -17.57
N ILE C 50 -19.74 -58.00 -16.53
CA ILE C 50 -20.19 -58.41 -15.22
C ILE C 50 -21.70 -58.62 -15.24
N LYS C 51 -22.14 -59.73 -14.66
CA LYS C 51 -23.57 -59.91 -14.42
C LYS C 51 -23.89 -59.74 -12.96
N MET C 52 -22.98 -60.08 -12.05
CA MET C 52 -23.32 -59.83 -10.66
C MET C 52 -22.09 -59.70 -9.81
N ASN C 53 -22.03 -58.64 -9.03
CA ASN C 53 -20.97 -58.43 -8.08
C ASN C 53 -21.54 -58.07 -6.72
N THR C 54 -20.99 -58.71 -5.71
CA THR C 54 -21.28 -58.41 -4.32
C THR C 54 -20.00 -58.51 -3.51
N SER C 55 -18.87 -58.29 -4.17
CA SER C 55 -17.58 -58.40 -3.53
C SER C 55 -17.40 -57.25 -2.56
N VAL C 56 -16.14 -56.96 -2.23
CA VAL C 56 -15.80 -55.63 -1.73
C VAL C 56 -15.01 -54.84 -2.74
N LEU C 57 -14.58 -55.44 -3.83
CA LEU C 57 -13.76 -54.80 -4.83
C LEU C 57 -14.63 -54.17 -5.88
N ALA C 58 -14.13 -53.11 -6.48
CA ALA C 58 -14.83 -52.46 -7.56
C ALA C 58 -14.99 -53.41 -8.73
N ASP C 59 -15.66 -52.96 -9.78
CA ASP C 59 -15.98 -53.80 -10.92
C ASP C 59 -14.87 -53.79 -11.97
N GLU C 60 -14.68 -52.63 -12.59
CA GLU C 60 -13.57 -52.41 -13.52
C GLU C 60 -12.25 -52.90 -12.95
N PHE C 61 -12.14 -52.99 -11.63
CA PHE C 61 -10.94 -53.53 -11.01
C PHE C 61 -10.74 -54.99 -11.39
N ILE C 62 -11.74 -55.83 -11.08
CA ILE C 62 -11.60 -57.22 -11.42
C ILE C 62 -11.59 -57.37 -12.93
N SER C 63 -12.26 -56.46 -13.63
CA SER C 63 -12.05 -56.40 -15.07
C SER C 63 -10.57 -56.26 -15.38
N HIS C 64 -9.93 -55.30 -14.77
CA HIS C 64 -8.52 -55.04 -14.99
C HIS C 64 -7.68 -56.29 -14.77
N ARG C 65 -7.82 -56.92 -13.61
CA ARG C 65 -6.96 -58.07 -13.37
C ARG C 65 -7.23 -59.18 -14.36
N LEU C 66 -8.48 -59.60 -14.51
CA LEU C 66 -8.76 -60.63 -15.49
C LEU C 66 -8.21 -60.26 -16.86
N GLY C 67 -8.14 -58.97 -17.15
CA GLY C 67 -7.63 -58.56 -18.44
C GLY C 67 -6.17 -58.91 -18.66
N LEU C 68 -5.48 -59.32 -17.60
CA LEU C 68 -4.06 -59.58 -17.78
C LEU C 68 -3.73 -61.05 -17.86
N ILE C 69 -4.56 -61.91 -17.29
CA ILE C 69 -4.21 -63.28 -16.96
C ILE C 69 -3.50 -63.98 -18.12
N PRO C 70 -2.44 -64.75 -17.85
CA PRO C 70 -1.80 -65.51 -18.92
C PRO C 70 -2.74 -66.62 -19.40
N LEU C 71 -2.86 -66.74 -20.71
CA LEU C 71 -3.72 -67.74 -21.31
C LEU C 71 -2.95 -68.64 -22.26
N VAL C 72 -3.16 -69.94 -22.09
CA VAL C 72 -2.46 -70.92 -22.90
C VAL C 72 -2.81 -70.64 -24.35
N SER C 73 -1.86 -70.08 -25.08
CA SER C 73 -2.19 -69.50 -26.38
C SER C 73 -1.39 -70.15 -27.47
N GLU C 74 -1.02 -71.40 -27.25
CA GLU C 74 -0.13 -72.10 -28.16
C GLU C 74 -0.67 -72.12 -29.59
N ASP C 75 -1.99 -72.08 -29.76
CA ASP C 75 -2.61 -72.22 -31.06
C ASP C 75 -3.16 -70.90 -31.55
N VAL C 76 -2.83 -69.82 -30.86
CA VAL C 76 -3.52 -68.56 -31.07
C VAL C 76 -3.38 -68.05 -32.49
N GLU C 77 -2.35 -68.48 -33.21
CA GLU C 77 -2.06 -67.93 -34.52
C GLU C 77 -2.87 -68.55 -35.64
N GLU C 78 -4.02 -69.15 -35.34
CA GLU C 78 -4.95 -69.61 -36.35
C GLU C 78 -6.34 -69.04 -36.16
N MET C 79 -6.43 -67.84 -35.62
CA MET C 79 -7.66 -67.28 -35.09
C MET C 79 -7.72 -65.80 -35.44
N LYS C 80 -8.61 -65.44 -36.36
CA LYS C 80 -8.52 -64.14 -37.03
C LYS C 80 -8.61 -62.99 -36.03
N TYR C 81 -8.16 -61.81 -36.47
CA TYR C 81 -8.12 -60.63 -35.62
C TYR C 81 -9.51 -60.13 -35.27
N SER C 82 -9.59 -59.49 -34.09
CA SER C 82 -10.86 -59.07 -33.55
C SER C 82 -11.56 -58.08 -34.45
N ARG C 83 -10.79 -57.20 -35.08
CA ARG C 83 -11.40 -56.15 -35.88
C ARG C 83 -11.66 -56.57 -37.31
N ASP C 84 -11.34 -57.80 -37.67
CA ASP C 84 -11.39 -58.18 -39.08
C ASP C 84 -12.08 -59.52 -39.29
N CYS C 85 -12.90 -59.97 -38.33
CA CYS C 85 -13.66 -61.19 -38.49
C CYS C 85 -14.94 -60.90 -39.26
N THR C 86 -15.26 -61.76 -40.23
CA THR C 86 -16.36 -61.48 -41.16
C THR C 86 -17.71 -61.48 -40.48
N CYS C 87 -17.76 -61.63 -39.17
CA CYS C 87 -19.01 -61.63 -38.42
C CYS C 87 -19.14 -60.31 -37.69
N GLU C 88 -20.26 -60.16 -36.97
CA GLU C 88 -20.43 -59.04 -36.06
C GLU C 88 -19.72 -59.32 -34.74
N ASP C 89 -20.03 -58.49 -33.74
CA ASP C 89 -19.43 -58.59 -32.42
C ASP C 89 -19.55 -60.01 -31.88
N TYR C 90 -18.69 -60.35 -30.93
CA TYR C 90 -18.15 -61.70 -30.76
C TYR C 90 -19.07 -62.85 -31.13
N CYS C 91 -18.56 -63.74 -31.97
CA CYS C 91 -19.08 -65.09 -32.12
C CYS C 91 -17.98 -66.01 -31.64
N ASP C 92 -18.10 -67.31 -31.85
CA ASP C 92 -17.10 -68.22 -31.34
C ASP C 92 -16.01 -68.51 -32.38
N GLU C 93 -15.89 -67.69 -33.41
CA GLU C 93 -14.80 -67.83 -34.35
C GLU C 93 -13.56 -67.07 -33.93
N CYS C 94 -13.73 -65.80 -33.50
CA CYS C 94 -12.63 -64.93 -33.10
C CYS C 94 -12.74 -64.56 -31.63
N SER C 95 -13.10 -65.51 -30.79
CA SER C 95 -13.24 -65.26 -29.37
C SER C 95 -13.34 -66.59 -28.66
N VAL C 96 -12.82 -66.63 -27.46
CA VAL C 96 -13.07 -67.73 -26.56
C VAL C 96 -13.65 -67.14 -25.30
N VAL C 97 -14.78 -67.70 -24.87
CA VAL C 97 -15.59 -67.10 -23.81
C VAL C 97 -15.33 -67.88 -22.53
N LEU C 98 -15.14 -67.18 -21.43
CA LEU C 98 -14.80 -67.81 -20.17
C LEU C 98 -15.72 -67.28 -19.08
N GLU C 99 -16.45 -68.16 -18.41
CA GLU C 99 -17.33 -67.70 -17.33
C GLU C 99 -16.86 -68.20 -15.99
N LEU C 100 -16.83 -67.30 -15.02
CA LEU C 100 -16.51 -67.64 -13.66
C LEU C 100 -17.60 -67.13 -12.76
N SER C 101 -17.90 -67.87 -11.70
CA SER C 101 -18.92 -67.43 -10.76
C SER C 101 -18.79 -68.24 -9.48
N ALA C 102 -18.12 -67.68 -8.49
CA ALA C 102 -18.09 -68.33 -7.19
C ALA C 102 -18.90 -67.55 -6.20
N ARG C 103 -19.19 -68.17 -5.06
CA ARG C 103 -20.08 -67.55 -4.11
C ARG C 103 -19.78 -68.13 -2.75
N HIS C 104 -19.16 -67.36 -1.87
CA HIS C 104 -18.81 -67.89 -0.56
C HIS C 104 -20.10 -68.05 0.21
N GLU C 105 -20.82 -69.10 -0.14
CA GLU C 105 -22.08 -69.43 0.48
C GLU C 105 -21.81 -70.12 1.80
N GLY C 106 -22.61 -69.80 2.80
CA GLY C 106 -22.28 -70.20 4.15
C GLY C 106 -21.71 -69.00 4.85
N GLU C 107 -22.24 -68.68 6.03
CA GLU C 107 -22.01 -67.39 6.66
C GLU C 107 -20.81 -67.41 7.58
N GLU C 108 -19.72 -68.07 7.19
CA GLU C 108 -18.46 -67.97 7.92
C GLU C 108 -17.31 -68.42 7.05
N GLY C 109 -16.27 -67.60 6.97
CA GLY C 109 -15.03 -67.95 6.32
C GLY C 109 -14.76 -67.09 5.10
N THR C 110 -13.62 -67.34 4.48
CA THR C 110 -13.13 -66.57 3.34
C THR C 110 -12.99 -67.51 2.15
N THR C 111 -13.19 -66.99 0.95
CA THR C 111 -13.02 -67.76 -0.28
C THR C 111 -12.07 -67.02 -1.21
N ASP C 112 -10.98 -67.68 -1.57
CA ASP C 112 -9.99 -67.14 -2.50
C ASP C 112 -10.42 -67.45 -3.92
N VAL C 113 -11.02 -66.50 -4.60
CA VAL C 113 -11.43 -66.84 -5.96
C VAL C 113 -10.21 -66.82 -6.85
N TYR C 114 -9.58 -67.96 -7.04
CA TYR C 114 -8.36 -68.00 -7.81
C TYR C 114 -8.62 -67.86 -9.29
N SER C 115 -7.60 -68.18 -10.07
CA SER C 115 -7.79 -68.21 -11.51
C SER C 115 -8.11 -69.62 -11.97
N SER C 116 -7.61 -70.63 -11.26
CA SER C 116 -7.93 -72.00 -11.64
C SER C 116 -9.41 -72.22 -11.75
N SER C 117 -10.22 -71.45 -11.02
CA SER C 117 -11.66 -71.59 -11.07
C SER C 117 -12.25 -71.13 -12.40
N LEU C 118 -11.50 -70.41 -13.22
CA LEU C 118 -12.01 -70.06 -14.53
C LEU C 118 -12.23 -71.30 -15.35
N ILE C 119 -13.46 -71.50 -15.77
CA ILE C 119 -13.84 -72.64 -16.60
C ILE C 119 -14.09 -72.13 -18.00
N LYS C 120 -13.36 -72.64 -18.97
CA LYS C 120 -13.72 -72.36 -20.35
C LYS C 120 -15.13 -72.86 -20.58
N VAL C 121 -16.01 -71.99 -21.06
CA VAL C 121 -17.31 -72.43 -21.52
C VAL C 121 -17.25 -72.97 -22.93
N SER C 122 -16.80 -72.14 -23.86
CA SER C 122 -16.79 -72.53 -25.25
C SER C 122 -15.55 -71.92 -25.89
N GLY C 123 -15.39 -72.13 -27.19
CA GLY C 123 -14.24 -71.66 -27.92
C GLY C 123 -13.99 -72.48 -29.17
N PRO C 124 -13.48 -71.87 -30.24
CA PRO C 124 -13.29 -72.64 -31.48
C PRO C 124 -12.21 -73.70 -31.27
N GLY C 125 -12.64 -74.82 -30.72
CA GLY C 125 -11.74 -75.91 -30.38
C GLY C 125 -11.45 -76.82 -31.55
N ASN C 126 -10.67 -77.86 -31.27
CA ASN C 126 -10.15 -78.04 -29.90
C ASN C 126 -8.74 -77.50 -29.82
N LEU C 127 -8.49 -76.43 -30.57
CA LEU C 127 -7.26 -75.68 -30.45
C LEU C 127 -7.02 -75.38 -28.98
N ASN C 128 -5.92 -75.89 -28.43
CA ASN C 128 -5.71 -75.83 -26.99
C ASN C 128 -5.48 -74.38 -26.57
N VAL C 129 -6.56 -73.61 -26.58
CA VAL C 129 -6.47 -72.19 -26.32
C VAL C 129 -7.28 -71.85 -25.09
N GLY C 130 -7.25 -70.58 -24.73
CA GLY C 130 -8.19 -70.01 -23.81
C GLY C 130 -8.06 -70.42 -22.37
N GLU C 131 -7.51 -71.57 -22.08
CA GLU C 131 -7.44 -71.99 -20.69
C GLU C 131 -6.57 -70.99 -19.92
N PRO C 132 -6.74 -70.88 -18.63
CA PRO C 132 -5.72 -70.20 -17.84
C PRO C 132 -4.48 -71.06 -17.82
N VAL C 133 -3.36 -70.44 -17.47
CA VAL C 133 -2.10 -71.15 -17.50
C VAL C 133 -1.72 -71.61 -16.11
N ARG C 134 -1.11 -72.79 -16.02
CA ARG C 134 -0.81 -73.43 -14.75
C ARG C 134 0.68 -73.69 -14.65
N ARG C 135 1.27 -73.31 -13.52
CA ARG C 135 2.65 -73.72 -13.27
C ARG C 135 2.69 -75.22 -13.22
N ASP C 136 2.08 -75.74 -12.18
CA ASP C 136 1.98 -77.16 -11.94
C ASP C 136 0.54 -77.53 -12.24
N ASP C 137 0.15 -78.77 -11.98
CA ASP C 137 -1.26 -79.08 -12.14
C ASP C 137 -2.03 -78.96 -10.83
N TYR C 138 -1.33 -78.84 -9.71
CA TYR C 138 -1.90 -78.42 -8.43
C TYR C 138 -1.65 -76.95 -8.19
N ASP C 139 -1.73 -76.15 -9.24
CA ASP C 139 -1.32 -74.76 -9.20
C ASP C 139 -2.58 -73.90 -9.21
N GLN C 140 -2.93 -73.39 -8.03
CA GLN C 140 -4.15 -72.60 -7.90
C GLN C 140 -4.10 -71.40 -8.82
N GLY C 141 -3.08 -70.56 -8.67
CA GLY C 141 -2.85 -69.51 -9.64
C GLY C 141 -3.07 -68.10 -9.14
N ILE C 142 -3.54 -67.23 -10.03
CA ILE C 142 -3.73 -65.82 -9.71
C ILE C 142 -4.75 -65.69 -8.58
N LEU C 143 -4.69 -64.58 -7.85
CA LEU C 143 -5.54 -64.35 -6.68
C LEU C 143 -6.53 -63.24 -6.94
N LEU C 144 -7.57 -63.55 -7.72
CA LEU C 144 -8.45 -62.54 -8.30
C LEU C 144 -9.27 -61.78 -7.30
N CYS C 145 -9.53 -62.34 -6.13
CA CYS C 145 -10.45 -61.70 -5.20
C CYS C 145 -10.56 -62.52 -3.94
N LYS C 146 -10.98 -61.85 -2.87
CA LYS C 146 -11.38 -62.55 -1.66
C LYS C 146 -12.85 -62.26 -1.41
N LEU C 147 -13.59 -63.27 -0.98
CA LEU C 147 -14.98 -63.09 -0.62
C LEU C 147 -15.25 -63.53 0.81
N ARG C 148 -16.29 -62.95 1.37
CA ARG C 148 -16.90 -63.34 2.64
C ARG C 148 -18.38 -63.60 2.43
N ASN C 149 -19.09 -63.79 3.54
CA ASN C 149 -20.50 -64.12 3.58
C ASN C 149 -21.33 -63.40 2.53
N HIS C 150 -22.10 -64.18 1.76
CA HIS C 150 -23.07 -63.72 0.78
C HIS C 150 -22.45 -62.91 -0.35
N GLN C 151 -21.14 -62.79 -0.40
CA GLN C 151 -20.53 -61.95 -1.40
C GLN C 151 -20.41 -62.75 -2.69
N GLU C 152 -21.50 -62.81 -3.44
CA GLU C 152 -21.50 -63.53 -4.70
C GLU C 152 -20.73 -62.76 -5.74
N LEU C 153 -20.08 -63.48 -6.65
CA LEU C 153 -19.40 -62.90 -7.81
C LEU C 153 -19.71 -63.77 -9.02
N ASN C 154 -20.06 -63.16 -10.15
CA ASN C 154 -20.46 -63.88 -11.35
C ASN C 154 -20.18 -63.01 -12.56
N ILE C 155 -19.33 -63.50 -13.45
CA ILE C 155 -18.69 -62.72 -14.49
C ILE C 155 -18.49 -63.56 -15.73
N ARG C 156 -18.58 -62.91 -16.87
CA ARG C 156 -18.41 -63.55 -18.17
C ARG C 156 -17.32 -62.78 -18.89
N CYS C 157 -16.52 -63.47 -19.71
CA CYS C 157 -15.39 -62.84 -20.35
C CYS C 157 -15.28 -63.24 -21.81
N ILE C 158 -15.05 -62.25 -22.64
CA ILE C 158 -14.54 -62.46 -23.98
C ILE C 158 -13.03 -62.50 -23.90
N ALA C 159 -12.42 -63.21 -24.84
CA ALA C 159 -10.97 -63.22 -24.98
C ALA C 159 -10.63 -63.10 -26.46
N LYS C 160 -9.78 -62.16 -26.79
CA LYS C 160 -9.46 -61.88 -28.18
C LYS C 160 -7.96 -61.92 -28.40
N LYS C 161 -7.56 -61.73 -29.64
CA LYS C 161 -6.19 -61.92 -30.07
C LYS C 161 -5.57 -60.59 -30.48
N GLY C 162 -4.59 -60.14 -29.70
CA GLY C 162 -4.02 -58.83 -29.90
C GLY C 162 -2.51 -58.85 -29.76
N ILE C 163 -1.90 -57.72 -30.10
CA ILE C 163 -0.44 -57.61 -30.10
C ILE C 163 -0.06 -56.83 -28.86
N ALA C 164 1.19 -56.45 -28.72
CA ALA C 164 1.51 -55.65 -27.54
C ALA C 164 1.34 -54.16 -27.75
N LYS C 165 1.46 -53.66 -28.98
CA LYS C 165 1.18 -52.24 -29.19
C LYS C 165 -0.20 -51.87 -28.70
N GLU C 166 -1.12 -52.83 -28.66
CA GLU C 166 -2.43 -52.55 -28.12
C GLU C 166 -2.33 -52.28 -26.64
N HIS C 167 -1.57 -53.08 -25.92
CA HIS C 167 -1.62 -52.92 -24.48
C HIS C 167 -0.53 -53.79 -23.91
N ALA C 168 -0.39 -53.76 -22.60
CA ALA C 168 0.59 -54.58 -21.92
C ALA C 168 0.04 -55.93 -21.54
N LYS C 169 -1.02 -56.39 -22.17
CA LYS C 169 -1.53 -57.68 -21.79
C LYS C 169 -1.29 -58.74 -22.85
N TRP C 170 -1.21 -58.35 -24.11
CA TRP C 170 -0.70 -59.31 -25.07
C TRP C 170 0.80 -59.29 -25.10
N SER C 171 1.42 -59.05 -23.95
CA SER C 171 2.87 -59.11 -23.81
C SER C 171 3.34 -60.53 -23.61
N PRO C 172 3.63 -61.28 -24.66
CA PRO C 172 3.87 -62.70 -24.47
C PRO C 172 5.04 -62.96 -23.55
N CYS C 173 6.12 -62.25 -23.72
CA CYS C 173 7.36 -62.53 -23.02
C CYS C 173 7.60 -61.45 -22.00
N SER C 174 8.27 -61.77 -20.92
CA SER C 174 8.30 -60.81 -19.86
C SER C 174 9.52 -59.91 -19.97
N ALA C 175 10.71 -60.43 -19.77
CA ALA C 175 11.82 -59.55 -19.46
C ALA C 175 13.07 -60.04 -20.18
N ILE C 176 13.34 -59.49 -21.34
CA ILE C 176 14.44 -59.93 -22.19
C ILE C 176 15.73 -59.37 -21.64
N ALA C 177 16.66 -60.25 -21.30
CA ALA C 177 18.01 -59.83 -20.96
C ALA C 177 18.80 -59.58 -22.22
N PHE C 178 20.05 -59.12 -22.05
CA PHE C 178 20.85 -58.80 -23.21
C PHE C 178 22.25 -58.39 -22.75
N GLU C 179 23.31 -58.81 -23.46
CA GLU C 179 24.59 -58.09 -23.40
C GLU C 179 25.61 -58.75 -24.31
N TYR C 180 26.52 -57.92 -24.83
CA TYR C 180 27.52 -58.38 -25.78
C TYR C 180 28.81 -57.62 -25.56
N ASP C 181 29.93 -58.29 -25.79
CA ASP C 181 31.23 -57.71 -25.53
C ASP C 181 31.31 -57.30 -24.08
N PRO C 182 31.26 -58.25 -23.15
CA PRO C 182 31.36 -57.90 -21.73
C PRO C 182 32.68 -57.29 -21.35
N HIS C 183 33.72 -57.44 -22.15
CA HIS C 183 34.98 -56.78 -21.81
C HIS C 183 35.26 -55.55 -22.66
N ASN C 184 34.24 -54.80 -23.04
CA ASN C 184 34.46 -53.45 -23.53
C ASN C 184 35.36 -53.44 -24.75
N LYS C 185 35.65 -54.62 -25.29
CA LYS C 185 36.74 -54.69 -26.24
C LYS C 185 36.44 -53.96 -27.52
N LEU C 186 35.36 -53.21 -27.54
CA LEU C 186 35.09 -52.27 -28.59
C LEU C 186 35.21 -50.83 -28.12
N LYS C 187 35.41 -50.63 -26.83
CA LYS C 187 35.38 -49.28 -26.26
C LYS C 187 34.09 -48.57 -26.67
N HIS C 188 33.00 -49.31 -26.68
CA HIS C 188 31.70 -48.67 -26.85
C HIS C 188 31.25 -47.97 -25.58
N THR C 189 31.78 -48.38 -24.45
CA THR C 189 31.39 -47.72 -23.22
C THR C 189 32.52 -46.83 -22.75
N ASP C 190 32.38 -46.30 -21.55
CA ASP C 190 33.40 -45.44 -21.01
C ASP C 190 33.27 -45.44 -19.49
N PHE C 191 33.84 -46.44 -18.84
CA PHE C 191 33.50 -46.68 -17.45
C PHE C 191 33.84 -45.48 -16.59
N TRP C 192 32.86 -45.06 -15.81
CA TRP C 192 33.11 -44.13 -14.73
C TRP C 192 33.99 -44.81 -13.73
N PHE C 193 34.80 -44.05 -13.03
CA PHE C 193 35.74 -44.65 -12.09
C PHE C 193 36.32 -43.55 -11.25
N GLU C 194 36.74 -43.89 -10.05
CA GLU C 194 37.46 -42.91 -9.25
C GLU C 194 38.92 -43.30 -9.15
N VAL C 195 39.18 -44.51 -8.71
CA VAL C 195 40.52 -44.98 -8.39
C VAL C 195 41.08 -45.82 -9.54
N ASP C 196 40.27 -46.71 -10.09
CA ASP C 196 40.68 -47.53 -11.22
C ASP C 196 39.45 -48.10 -11.88
N ALA C 197 39.51 -48.29 -13.19
CA ALA C 197 38.37 -48.92 -13.84
C ALA C 197 38.22 -50.37 -13.44
N LYS C 198 39.22 -51.19 -13.73
CA LYS C 198 39.05 -52.63 -13.63
C LYS C 198 38.63 -53.10 -12.25
N LYS C 199 38.81 -52.28 -11.23
CA LYS C 199 38.33 -52.75 -9.94
C LYS C 199 36.80 -52.81 -9.91
N GLU C 200 36.14 -51.66 -9.98
CA GLU C 200 34.80 -51.57 -9.44
C GLU C 200 33.73 -52.22 -10.29
N TRP C 201 33.70 -52.01 -11.59
CA TRP C 201 32.67 -52.59 -12.42
C TRP C 201 32.75 -54.10 -12.35
N PRO C 202 31.90 -54.78 -11.59
CA PRO C 202 32.05 -56.21 -11.43
C PRO C 202 31.86 -56.89 -12.78
N ASP C 203 32.58 -57.97 -12.97
CA ASP C 203 32.59 -58.55 -14.28
C ASP C 203 31.27 -59.26 -14.54
N SER C 204 30.80 -59.15 -15.77
CA SER C 204 29.50 -59.67 -16.13
C SER C 204 29.48 -61.18 -16.02
N LYS C 205 28.28 -61.71 -15.82
CA LYS C 205 28.04 -63.14 -15.81
C LYS C 205 28.54 -63.82 -17.06
N TYR C 206 29.09 -63.06 -18.01
CA TYR C 206 29.70 -63.60 -19.21
C TYR C 206 31.19 -63.38 -19.25
N ALA C 207 31.87 -63.57 -18.12
CA ALA C 207 33.31 -63.46 -18.14
C ALA C 207 33.92 -64.54 -19.02
N THR C 208 33.71 -65.79 -18.68
CA THR C 208 34.50 -66.84 -19.29
C THR C 208 34.21 -67.07 -20.76
N TRP C 209 33.13 -66.54 -21.29
CA TRP C 209 32.80 -66.89 -22.66
C TRP C 209 33.71 -66.20 -23.67
N GLU C 210 34.43 -65.16 -23.28
CA GLU C 210 35.43 -64.56 -24.15
C GLU C 210 36.65 -64.24 -23.30
N GLU C 211 37.83 -64.25 -23.92
CA GLU C 211 39.09 -64.26 -23.20
C GLU C 211 39.58 -62.84 -22.94
N PRO C 212 40.20 -62.62 -21.79
CA PRO C 212 40.46 -61.25 -21.33
C PRO C 212 41.38 -60.54 -22.31
N PRO C 213 41.49 -59.21 -22.21
CA PRO C 213 42.26 -58.46 -23.20
C PRO C 213 43.75 -58.55 -22.94
N LYS C 214 44.51 -58.53 -24.03
CA LYS C 214 45.90 -58.60 -23.60
C LYS C 214 46.43 -57.20 -23.30
N PRO C 215 47.39 -57.09 -22.37
CA PRO C 215 47.89 -55.77 -21.99
C PRO C 215 48.46 -54.96 -23.15
N GLY C 216 49.37 -55.54 -23.94
CA GLY C 216 49.92 -54.80 -25.06
C GLY C 216 49.01 -54.66 -26.26
N GLU C 217 47.82 -55.25 -26.19
CA GLU C 217 46.91 -55.19 -27.31
C GLU C 217 46.55 -53.75 -27.64
N VAL C 218 46.61 -53.41 -28.92
CA VAL C 218 46.19 -52.10 -29.38
C VAL C 218 44.67 -52.12 -29.57
N PHE C 219 44.08 -50.96 -29.81
CA PHE C 219 42.66 -50.92 -30.16
C PHE C 219 42.46 -51.50 -31.54
N ASP C 220 41.60 -52.49 -31.67
CA ASP C 220 41.18 -52.90 -32.99
C ASP C 220 40.20 -51.88 -33.53
N TYR C 221 40.65 -51.04 -34.43
CA TYR C 221 39.76 -50.02 -34.98
C TYR C 221 38.80 -50.59 -36.02
N LYS C 222 38.84 -51.89 -36.27
CA LYS C 222 37.97 -52.45 -37.29
C LYS C 222 36.98 -53.47 -36.76
N ALA C 223 37.13 -53.88 -35.50
CA ALA C 223 36.27 -54.91 -34.92
C ALA C 223 34.82 -54.44 -34.86
N LYS C 224 33.93 -55.34 -34.47
CA LYS C 224 32.50 -55.08 -34.36
C LYS C 224 31.92 -55.86 -33.20
N PRO C 225 30.73 -55.49 -32.74
CA PRO C 225 30.00 -56.38 -31.85
C PRO C 225 29.56 -57.58 -32.64
N ASN C 226 30.03 -58.75 -32.24
CA ASN C 226 29.81 -59.88 -33.12
C ASN C 226 29.18 -61.06 -32.42
N ARG C 227 29.19 -61.10 -31.10
CA ARG C 227 28.48 -62.12 -30.36
C ARG C 227 27.46 -61.42 -29.49
N PHE C 228 26.56 -62.19 -28.89
CA PHE C 228 25.55 -61.64 -28.00
C PHE C 228 25.26 -62.67 -26.93
N TYR C 229 24.46 -62.29 -25.95
CA TYR C 229 23.83 -63.28 -25.09
C TYR C 229 22.51 -62.70 -24.68
N MET C 230 21.42 -63.36 -25.01
CA MET C 230 20.12 -62.88 -24.59
C MET C 230 19.41 -64.00 -23.85
N THR C 231 18.20 -63.75 -23.39
CA THR C 231 17.58 -64.61 -22.39
C THR C 231 16.08 -64.37 -22.32
N VAL C 232 15.32 -65.08 -23.14
CA VAL C 232 13.90 -64.78 -23.30
C VAL C 232 13.18 -65.52 -22.18
N GLU C 233 12.56 -64.78 -21.28
CA GLU C 233 11.62 -65.40 -20.37
C GLU C 233 10.18 -65.23 -20.86
N THR C 234 9.32 -66.11 -20.38
CA THR C 234 7.89 -66.00 -20.57
C THR C 234 7.17 -66.43 -19.31
N THR C 235 6.05 -65.78 -19.04
CA THR C 235 5.21 -66.11 -17.91
C THR C 235 4.58 -67.49 -18.03
N GLY C 236 4.65 -68.10 -19.21
CA GLY C 236 4.04 -69.38 -19.46
C GLY C 236 3.02 -69.36 -20.57
N SER C 237 2.51 -68.20 -20.94
CA SER C 237 1.48 -68.12 -21.96
C SER C 237 1.89 -68.81 -23.25
N LEU C 238 3.18 -68.86 -23.55
CA LEU C 238 3.64 -69.56 -24.72
C LEU C 238 4.85 -70.42 -24.34
N LYS C 239 5.32 -71.20 -25.28
CA LYS C 239 6.53 -71.98 -25.08
C LYS C 239 7.72 -71.28 -25.72
N ALA C 240 8.73 -71.01 -24.89
CA ALA C 240 9.80 -70.09 -25.25
C ALA C 240 10.31 -70.32 -26.66
N ASN C 241 10.44 -71.58 -27.04
CA ASN C 241 10.84 -71.84 -28.41
C ASN C 241 9.81 -71.31 -29.39
N GLN C 242 8.53 -71.40 -29.06
CA GLN C 242 7.55 -70.75 -29.91
C GLN C 242 7.75 -69.25 -29.90
N VAL C 243 8.13 -68.69 -28.77
CA VAL C 243 8.47 -67.28 -28.75
C VAL C 243 9.40 -66.97 -29.90
N PHE C 244 10.56 -67.58 -29.87
CA PHE C 244 11.59 -67.20 -30.82
C PHE C 244 11.14 -67.52 -32.24
N SER C 245 10.58 -68.71 -32.42
CA SER C 245 10.18 -69.12 -33.75
C SER C 245 9.15 -68.15 -34.32
N ARG C 246 8.30 -67.62 -33.46
CA ARG C 246 7.26 -66.72 -33.91
C ARG C 246 7.75 -65.31 -34.10
N GLY C 247 8.68 -64.86 -33.27
CA GLY C 247 9.33 -63.60 -33.55
C GLY C 247 9.87 -63.63 -34.95
N ILE C 248 10.56 -64.72 -35.30
CA ILE C 248 11.12 -64.85 -36.63
C ILE C 248 10.04 -64.86 -37.68
N LYS C 249 8.99 -65.63 -37.44
CA LYS C 249 7.94 -65.68 -38.45
C LYS C 249 7.35 -64.30 -38.67
N THR C 250 7.06 -63.59 -37.60
CA THR C 250 6.43 -62.30 -37.72
C THR C 250 7.31 -61.36 -38.51
N LEU C 251 8.60 -61.41 -38.23
CA LEU C 251 9.46 -60.43 -38.85
C LEU C 251 9.61 -60.74 -40.33
N GLN C 252 9.71 -62.02 -40.65
CA GLN C 252 9.58 -62.44 -42.03
C GLN C 252 8.32 -61.87 -42.66
N GLU C 253 7.20 -61.97 -41.95
CA GLU C 253 5.95 -61.58 -42.58
C GLU C 253 5.89 -60.08 -42.78
N LYS C 254 6.48 -59.33 -41.85
CA LYS C 254 6.49 -57.88 -42.00
C LYS C 254 7.34 -57.45 -43.19
N LEU C 255 8.56 -57.97 -43.29
CA LEU C 255 9.38 -57.64 -44.45
C LEU C 255 8.76 -58.15 -45.73
N ALA C 256 8.05 -59.26 -45.67
CA ALA C 256 7.36 -59.71 -46.86
C ALA C 256 6.31 -58.71 -47.26
N ASN C 257 5.56 -58.20 -46.29
CA ASN C 257 4.59 -57.17 -46.57
C ASN C 257 5.26 -55.98 -47.24
N VAL C 258 6.42 -55.59 -46.76
CA VAL C 258 7.09 -54.42 -47.32
C VAL C 258 7.54 -54.67 -48.74
N LEU C 259 8.16 -55.82 -48.98
CA LEU C 259 8.58 -56.17 -50.33
C LEU C 259 7.38 -56.14 -51.25
N PHE C 260 6.27 -56.67 -50.77
CA PHE C 260 5.06 -56.66 -51.56
C PHE C 260 4.58 -55.24 -51.82
N GLU C 261 4.74 -54.34 -50.87
CA GLU C 261 4.28 -52.98 -51.08
C GLU C 261 5.11 -52.28 -52.15
N LEU C 262 6.43 -52.46 -52.08
CA LEU C 262 7.29 -51.95 -53.12
C LEU C 262 6.85 -52.47 -54.47
N GLU C 263 6.71 -53.79 -54.58
CA GLU C 263 6.23 -54.36 -55.83
C GLU C 263 4.85 -53.85 -56.19
N ASN C 264 4.06 -53.44 -55.20
CA ASN C 264 2.72 -52.96 -55.46
C ASN C 264 2.74 -51.63 -56.18
N SER C 265 3.52 -50.67 -55.66
CA SER C 265 3.78 -49.48 -56.44
C SER C 265 4.28 -49.85 -57.83
N ARG C 266 5.07 -50.91 -57.91
CA ARG C 266 5.56 -51.43 -59.16
C ARG C 266 4.43 -52.15 -59.89
N VAL D 3 -29.44 13.24 -39.66
CA VAL D 3 -28.48 12.39 -40.34
C VAL D 3 -27.49 13.24 -41.12
N SER D 4 -27.99 14.00 -42.09
CA SER D 4 -27.16 14.88 -42.91
C SER D 4 -26.99 16.21 -42.19
N THR D 5 -25.84 16.85 -42.42
CA THR D 5 -25.43 18.00 -41.61
C THR D 5 -25.03 19.17 -42.49
N SER D 6 -24.45 20.18 -41.84
CA SER D 6 -23.88 21.34 -42.51
C SER D 6 -22.53 21.68 -41.91
N THR D 7 -21.95 22.80 -42.31
CA THR D 7 -20.61 23.15 -41.83
C THR D 7 -20.63 23.53 -40.35
N VAL D 8 -21.71 24.15 -39.88
CA VAL D 8 -21.81 24.54 -38.48
C VAL D 8 -22.84 23.65 -37.80
N GLY D 9 -22.58 23.32 -36.54
CA GLY D 9 -23.48 22.50 -35.75
C GLY D 9 -23.63 22.95 -34.31
N GLU D 22 -37.02 30.95 -33.48
CA GLU D 22 -38.16 30.71 -34.35
C GLU D 22 -38.15 31.59 -35.61
N GLU D 23 -38.67 31.04 -36.70
CA GLU D 23 -38.83 31.81 -37.92
C GLU D 23 -40.04 32.72 -37.83
N ASN D 24 -39.92 33.91 -38.42
CA ASN D 24 -41.05 34.80 -38.65
C ASN D 24 -40.76 35.60 -39.91
N ALA D 25 -41.59 35.40 -40.94
CA ALA D 25 -41.48 36.20 -42.14
C ALA D 25 -41.68 37.68 -41.85
N THR D 26 -42.33 38.00 -40.73
CA THR D 26 -42.56 39.39 -40.36
C THR D 26 -41.47 39.91 -39.44
N LEU D 27 -40.91 39.05 -38.58
CA LEU D 27 -39.89 39.47 -37.63
C LEU D 27 -38.52 38.85 -37.85
N LEU D 28 -38.08 38.70 -39.10
CA LEU D 28 -36.66 38.79 -39.47
C LEU D 28 -35.78 37.78 -38.72
N ARG D 29 -36.15 36.50 -38.79
CA ARG D 29 -35.35 35.40 -38.22
C ARG D 29 -35.53 34.21 -39.16
N LEU D 30 -34.53 33.34 -39.25
CA LEU D 30 -34.67 32.13 -40.05
C LEU D 30 -34.07 30.87 -39.42
N GLY D 31 -33.23 30.98 -38.40
CA GLY D 31 -32.70 29.80 -37.76
C GLY D 31 -31.21 29.55 -37.99
N PRO D 32 -30.79 28.30 -37.81
CA PRO D 32 -29.35 28.04 -37.63
C PRO D 32 -28.53 28.19 -38.89
N GLU D 33 -29.00 27.69 -40.03
CA GLU D 33 -28.23 27.79 -41.26
C GLU D 33 -28.29 29.20 -41.83
N PHE D 34 -29.30 29.98 -41.44
CA PHE D 34 -29.65 31.16 -42.19
C PHE D 34 -29.41 32.43 -41.38
N ALA D 35 -28.31 32.44 -40.62
CA ALA D 35 -27.68 33.68 -40.24
C ALA D 35 -26.92 34.23 -41.46
N LEU D 36 -26.29 35.40 -41.28
CA LEU D 36 -25.78 36.10 -42.45
C LEU D 36 -24.70 35.30 -43.17
N LYS D 37 -23.54 35.12 -42.53
CA LYS D 37 -22.34 34.65 -43.21
C LYS D 37 -22.10 33.18 -42.87
N GLN D 38 -21.93 32.36 -43.89
CA GLN D 38 -21.51 30.98 -43.73
C GLN D 38 -20.00 30.89 -43.90
N TYR D 39 -19.47 29.70 -43.64
CA TYR D 39 -18.06 29.42 -43.89
C TYR D 39 -17.98 28.27 -44.88
N ASP D 40 -17.26 28.48 -45.98
CA ASP D 40 -17.25 27.48 -47.03
C ASP D 40 -16.28 26.36 -46.69
N HIS D 41 -16.15 25.41 -47.61
CA HIS D 41 -15.42 24.16 -47.42
C HIS D 41 -13.92 24.36 -47.41
N ASP D 42 -13.44 25.58 -47.21
CA ASP D 42 -12.02 25.90 -47.31
C ASP D 42 -11.51 26.71 -46.13
N GLY D 43 -12.37 27.45 -45.44
CA GLY D 43 -11.95 28.47 -44.51
C GLY D 43 -12.28 29.87 -44.94
N ASN D 44 -12.82 30.06 -46.14
CA ASN D 44 -13.29 31.38 -46.58
C ASN D 44 -14.70 31.65 -46.07
N GLU D 45 -14.97 32.92 -45.80
CA GLU D 45 -16.30 33.35 -45.42
C GLU D 45 -17.16 33.50 -46.68
N HIS D 46 -18.48 33.34 -46.52
CA HIS D 46 -19.38 33.38 -47.66
C HIS D 46 -20.69 34.06 -47.28
N ASP D 47 -21.32 34.70 -48.26
CA ASP D 47 -22.72 35.10 -48.14
C ASP D 47 -23.62 33.89 -48.36
N LEU D 48 -24.78 33.93 -47.73
CA LEU D 48 -25.81 32.94 -48.01
C LEU D 48 -26.21 33.00 -49.48
N ILE D 49 -26.70 31.89 -50.00
CA ILE D 49 -27.29 31.85 -51.33
C ILE D 49 -28.78 32.13 -51.13
N ALA D 50 -29.24 33.27 -51.62
CA ALA D 50 -30.66 33.54 -51.77
C ALA D 50 -31.00 33.64 -53.25
N LEU D 51 -31.93 32.81 -53.70
CA LEU D 51 -32.16 32.57 -55.12
C LEU D 51 -33.61 32.87 -55.49
N SER D 52 -33.79 33.62 -56.58
CA SER D 52 -35.09 33.95 -57.10
C SER D 52 -35.54 32.92 -58.15
N LEU D 53 -36.75 33.12 -58.65
CA LEU D 53 -37.33 32.19 -59.62
C LEU D 53 -36.56 32.17 -60.93
N SER D 54 -36.20 33.34 -61.47
CA SER D 54 -35.49 33.38 -62.74
C SER D 54 -34.07 32.83 -62.62
N GLU D 55 -33.31 33.29 -61.62
CA GLU D 55 -31.94 32.85 -61.45
C GLU D 55 -31.87 31.35 -61.24
N SER D 56 -32.63 30.85 -60.26
CA SER D 56 -32.66 29.42 -59.99
C SER D 56 -33.15 28.64 -61.20
N ARG D 57 -34.17 29.16 -61.88
CA ARG D 57 -34.74 28.45 -63.01
C ARG D 57 -33.71 28.29 -64.12
N LEU D 58 -32.98 29.36 -64.42
CA LEU D 58 -31.90 29.27 -65.39
C LEU D 58 -30.89 28.21 -64.97
N LEU D 59 -30.50 28.23 -63.70
CA LEU D 59 -29.48 27.30 -63.23
C LEU D 59 -29.95 25.85 -63.35
N ILE D 60 -31.19 25.58 -62.93
CA ILE D 60 -31.74 24.22 -63.02
C ILE D 60 -31.82 23.77 -64.46
N ARG D 61 -32.33 24.63 -65.33
CA ARG D 61 -32.49 24.26 -66.73
C ARG D 61 -31.13 23.94 -67.37
N GLU D 62 -30.17 24.86 -67.26
CA GLU D 62 -28.87 24.63 -67.90
C GLU D 62 -28.15 23.43 -67.28
N ALA D 63 -28.26 23.26 -65.96
CA ALA D 63 -27.64 22.10 -65.34
C ALA D 63 -28.25 20.81 -65.86
N LEU D 64 -29.59 20.73 -65.90
CA LEU D 64 -30.24 19.52 -66.39
C LEU D 64 -29.83 19.21 -67.82
N LYS D 65 -29.82 20.23 -68.68
CA LYS D 65 -29.53 19.96 -70.08
C LYS D 65 -28.07 19.60 -70.32
N ALA D 66 -27.13 20.27 -69.65
CA ALA D 66 -25.73 19.86 -69.78
C ALA D 66 -25.52 18.46 -69.22
N ARG D 67 -26.17 18.14 -68.11
CA ARG D 67 -26.00 16.83 -67.50
C ARG D 67 -26.56 15.72 -68.39
N SER D 68 -27.72 15.96 -69.01
CA SER D 68 -28.26 14.97 -69.95
C SER D 68 -27.37 14.84 -71.18
N ARG D 69 -26.87 15.96 -71.70
CA ARG D 69 -25.99 15.89 -72.86
C ARG D 69 -24.73 15.12 -72.52
N ALA D 70 -24.31 15.17 -71.25
CA ALA D 70 -23.23 14.29 -70.78
C ALA D 70 -23.71 12.85 -70.68
N ARG D 71 -24.97 12.65 -70.30
CA ARG D 71 -25.54 11.31 -70.26
C ARG D 71 -25.48 10.63 -71.63
N ASN D 72 -25.69 11.38 -72.70
CA ASN D 72 -25.64 10.86 -74.07
C ASN D 72 -24.39 11.27 -74.83
N GLY D 73 -23.54 12.14 -74.26
CA GLY D 73 -22.19 12.24 -74.76
C GLY D 73 -21.98 13.07 -76.01
N GLY D 74 -22.38 14.34 -76.02
CA GLY D 74 -22.10 15.21 -77.13
C GLY D 74 -23.24 15.33 -78.12
N VAL D 75 -24.46 15.35 -77.60
CA VAL D 75 -25.67 15.43 -78.41
C VAL D 75 -26.64 16.42 -77.78
N ILE D 84 -35.28 20.59 -74.03
CA ILE D 84 -36.09 21.55 -74.75
C ILE D 84 -37.40 21.86 -73.99
N ASP D 85 -38.08 20.84 -73.48
CA ASP D 85 -39.29 21.02 -72.68
C ASP D 85 -38.94 20.87 -71.20
N ASP D 86 -39.96 20.86 -70.34
CA ASP D 86 -39.82 20.22 -69.05
C ASP D 86 -39.85 18.70 -69.18
N ASP D 87 -40.53 18.20 -70.23
CA ASP D 87 -40.71 16.76 -70.38
C ASP D 87 -39.38 16.03 -70.57
N GLU D 88 -38.60 16.39 -71.59
CA GLU D 88 -37.31 15.75 -71.75
C GLU D 88 -36.38 16.06 -70.59
N LEU D 89 -36.51 17.27 -70.04
CA LEU D 89 -35.45 17.83 -69.21
C LEU D 89 -35.54 17.35 -67.76
N ALA D 90 -36.73 16.94 -67.31
CA ALA D 90 -36.85 16.32 -66.00
C ALA D 90 -36.28 14.91 -65.96
N LYS D 91 -35.93 14.35 -67.12
CA LYS D 91 -35.31 13.04 -67.18
C LYS D 91 -33.97 13.00 -66.49
N VAL D 92 -33.37 14.17 -66.25
CA VAL D 92 -31.95 14.21 -65.92
C VAL D 92 -31.72 13.90 -64.45
N THR D 93 -32.73 14.12 -63.61
CA THR D 93 -32.59 13.77 -62.21
C THR D 93 -32.62 12.25 -62.05
N SER D 94 -32.43 11.82 -60.80
CA SER D 94 -32.34 10.41 -60.45
C SER D 94 -33.44 10.09 -59.43
N GLY D 95 -34.43 9.32 -59.84
CA GLY D 95 -35.39 8.81 -58.89
C GLY D 95 -36.84 8.90 -59.31
N ALA D 96 -37.61 7.83 -59.07
CA ALA D 96 -39.06 7.91 -59.26
C ALA D 96 -39.69 8.92 -58.32
N VAL D 97 -39.29 8.89 -57.05
CA VAL D 97 -39.62 9.97 -56.13
C VAL D 97 -39.13 11.28 -56.70
N ALA D 98 -37.95 11.26 -57.32
CA ALA D 98 -37.43 12.45 -57.98
C ALA D 98 -38.21 12.78 -59.24
N ASN D 99 -38.70 11.77 -59.96
CA ASN D 99 -39.63 12.06 -61.04
C ASN D 99 -40.82 12.87 -60.53
N GLY D 100 -41.46 12.41 -59.46
CA GLY D 100 -42.56 13.15 -58.89
C GLY D 100 -42.19 14.55 -58.42
N VAL D 101 -41.10 14.64 -57.65
CA VAL D 101 -40.68 15.92 -57.09
C VAL D 101 -40.36 16.91 -58.20
N VAL D 102 -39.56 16.48 -59.18
CA VAL D 102 -39.17 17.37 -60.27
C VAL D 102 -40.38 17.73 -61.12
N LYS D 103 -41.33 16.80 -61.27
CA LYS D 103 -42.52 17.10 -62.06
C LYS D 103 -43.36 18.19 -61.41
N LYS D 104 -43.68 18.00 -60.12
CA LYS D 104 -44.45 19.03 -59.40
C LYS D 104 -43.70 20.35 -59.33
N THR D 105 -42.41 20.31 -59.00
CA THR D 105 -41.67 21.56 -58.87
C THR D 105 -41.50 22.24 -60.22
N LEU D 106 -41.42 21.47 -61.31
CA LEU D 106 -41.33 22.08 -62.63
C LEU D 106 -42.62 22.79 -63.00
N ASP D 107 -43.76 22.18 -62.69
CA ASP D 107 -45.01 22.91 -62.85
C ASP D 107 -44.94 24.22 -62.07
N TYR D 108 -44.46 24.13 -60.82
CA TYR D 108 -44.55 25.24 -59.88
C TYR D 108 -43.53 26.34 -60.19
N LEU D 109 -42.50 26.03 -61.00
CA LEU D 109 -41.62 27.07 -61.49
C LEU D 109 -41.88 27.42 -62.94
N ASN D 110 -42.73 26.64 -63.63
CA ASN D 110 -42.95 26.88 -65.04
C ASN D 110 -44.11 27.81 -65.28
N THR D 111 -45.15 27.76 -64.45
CA THR D 111 -46.26 28.71 -64.61
C THR D 111 -46.01 30.03 -63.91
N PHE D 112 -44.76 30.32 -63.53
CA PHE D 112 -44.46 31.54 -62.79
C PHE D 112 -43.17 32.23 -63.22
N ALA D 113 -42.59 31.89 -64.36
CA ALA D 113 -41.28 32.40 -64.74
C ALA D 113 -41.43 33.86 -65.17
N ARG D 114 -40.74 34.77 -64.48
CA ARG D 114 -40.85 36.19 -64.80
C ARG D 114 -39.84 36.60 -65.85
N PHE D 115 -38.55 36.39 -65.59
CA PHE D 115 -37.49 36.72 -66.54
C PHE D 115 -36.90 35.41 -67.01
N LYS D 116 -37.01 35.14 -68.31
CA LYS D 116 -36.86 33.78 -68.78
C LYS D 116 -35.52 33.52 -69.49
N ASP D 117 -34.61 34.49 -69.51
CA ASP D 117 -33.26 34.27 -70.03
C ASP D 117 -32.28 35.07 -69.19
N GLU D 118 -30.99 34.94 -69.55
CA GLU D 118 -29.93 35.43 -68.67
C GLU D 118 -29.72 36.94 -68.78
N GLU D 119 -30.07 37.54 -69.92
CA GLU D 119 -29.73 38.94 -70.17
C GLU D 119 -30.34 39.88 -69.14
N THR D 120 -31.67 40.00 -69.16
CA THR D 120 -32.30 40.89 -68.20
C THR D 120 -32.27 40.29 -66.80
N CYS D 121 -31.83 39.03 -66.68
CA CYS D 121 -31.51 38.49 -65.37
C CYS D 121 -30.28 39.17 -64.78
N THR D 122 -29.23 39.35 -65.59
CA THR D 122 -28.07 40.12 -65.15
C THR D 122 -28.45 41.58 -64.99
N ALA D 123 -29.37 42.06 -65.82
CA ALA D 123 -29.97 43.38 -65.56
C ALA D 123 -30.59 43.43 -64.17
N VAL D 124 -31.32 42.38 -63.78
CA VAL D 124 -31.93 42.36 -62.44
C VAL D 124 -30.86 42.28 -61.37
N ASP D 125 -29.74 41.61 -61.64
CA ASP D 125 -28.63 41.62 -60.69
C ASP D 125 -28.06 43.03 -60.55
N GLN D 126 -28.06 43.78 -61.65
CA GLN D 126 -27.81 45.22 -61.55
C GLN D 126 -28.89 45.90 -60.73
N LEU D 127 -30.11 45.37 -60.82
CA LEU D 127 -31.30 46.08 -60.32
C LEU D 127 -31.50 45.89 -58.83
N LEU D 128 -31.94 44.70 -58.42
CA LEU D 128 -32.28 44.40 -57.03
C LEU D 128 -31.05 44.06 -56.21
N HIS D 129 -29.89 44.05 -56.83
CA HIS D 129 -28.64 43.90 -56.10
C HIS D 129 -27.82 45.17 -56.26
N LEU D 137 -30.62 45.94 -48.96
CA LEU D 137 -30.83 44.89 -49.96
C LEU D 137 -30.67 43.51 -49.35
N HIS D 138 -31.73 43.01 -48.74
CA HIS D 138 -31.65 41.70 -48.10
C HIS D 138 -31.82 40.61 -49.15
N PRO D 139 -30.91 39.63 -49.18
CA PRO D 139 -30.97 38.64 -50.29
C PRO D 139 -32.30 37.90 -50.39
N PHE D 140 -32.85 37.47 -49.25
CA PHE D 140 -34.16 36.82 -49.27
C PHE D 140 -35.24 37.77 -49.75
N GLU D 141 -35.19 39.04 -49.30
CA GLU D 141 -36.15 40.00 -49.82
C GLU D 141 -35.92 40.24 -51.30
N ILE D 142 -34.67 40.08 -51.76
CA ILE D 142 -34.38 40.24 -53.18
C ILE D 142 -35.13 39.19 -54.00
N ALA D 143 -34.99 37.92 -53.63
CA ALA D 143 -35.75 36.89 -54.33
C ALA D 143 -37.26 37.09 -54.19
N GLN D 144 -37.72 37.62 -53.06
CA GLN D 144 -39.13 37.98 -52.94
C GLN D 144 -39.51 39.10 -53.91
N LEU D 145 -38.56 39.99 -54.20
CA LEU D 145 -38.85 41.09 -55.11
C LEU D 145 -38.90 40.62 -56.55
N SER D 146 -38.18 39.52 -56.86
CA SER D 146 -38.43 38.79 -58.09
C SER D 146 -39.55 37.77 -57.90
N SER D 147 -40.16 37.75 -56.71
CA SER D 147 -41.24 36.81 -56.45
C SER D 147 -42.61 37.48 -56.49
N LEU D 148 -42.73 38.68 -55.90
CA LEU D 148 -44.02 39.34 -55.70
C LEU D 148 -43.99 40.75 -56.31
N GLY D 149 -44.73 40.93 -57.40
CA GLY D 149 -44.84 42.26 -57.99
C GLY D 149 -46.23 42.83 -57.83
N CYS D 150 -46.30 44.11 -57.44
CA CYS D 150 -47.56 44.71 -57.00
C CYS D 150 -47.64 46.17 -57.42
N GLU D 151 -48.56 46.90 -56.78
CA GLU D 151 -48.85 48.28 -57.13
C GLU D 151 -48.11 49.29 -56.24
N ASP D 152 -48.44 49.32 -54.96
CA ASP D 152 -47.95 50.31 -54.01
C ASP D 152 -47.28 49.64 -52.83
N VAL D 153 -46.30 50.35 -52.25
CA VAL D 153 -45.61 49.83 -51.08
C VAL D 153 -46.59 49.53 -49.97
N ASP D 154 -47.74 50.19 -49.98
CA ASP D 154 -48.74 50.00 -48.92
C ASP D 154 -49.15 48.53 -48.83
N GLU D 155 -48.93 47.77 -49.90
CA GLU D 155 -48.92 46.33 -49.79
C GLU D 155 -47.55 45.79 -49.39
N ALA D 156 -46.47 46.48 -49.80
CA ALA D 156 -45.14 45.90 -49.66
C ALA D 156 -44.71 45.80 -48.19
N ILE D 157 -44.97 46.83 -47.39
CA ILE D 157 -44.72 46.74 -45.97
C ILE D 157 -45.78 45.92 -45.26
N THR D 158 -46.80 45.45 -45.98
CA THR D 158 -47.77 44.54 -45.37
C THR D 158 -47.33 43.08 -45.50
N LEU D 159 -47.14 42.63 -46.75
CA LEU D 159 -46.66 41.26 -46.96
C LEU D 159 -45.26 41.07 -46.41
N ILE D 160 -44.32 41.94 -46.77
CA ILE D 160 -42.95 41.87 -46.27
C ILE D 160 -42.66 43.17 -45.53
N PRO D 161 -42.88 43.23 -44.24
CA PRO D 161 -42.64 44.46 -43.48
C PRO D 161 -41.16 44.69 -43.22
N SER D 162 -40.29 43.90 -43.84
CA SER D 162 -38.86 44.10 -43.69
C SER D 162 -38.40 45.46 -44.19
N LEU D 163 -39.09 46.01 -45.20
CA LEU D 163 -38.84 47.35 -45.71
C LEU D 163 -39.72 48.41 -45.04
N ALA D 164 -40.26 48.13 -43.85
CA ALA D 164 -41.19 49.04 -43.20
C ALA D 164 -40.55 50.40 -42.93
N ALA D 165 -39.60 50.42 -41.98
CA ALA D 165 -38.93 51.66 -41.59
C ALA D 165 -37.59 51.83 -42.30
N LYS D 166 -37.59 52.01 -43.62
CA LYS D 166 -36.35 52.20 -44.36
C LYS D 166 -36.26 53.54 -45.09
N LYS D 167 -37.33 53.97 -45.74
CA LYS D 167 -37.45 55.32 -46.31
C LYS D 167 -36.45 55.55 -47.44
N GLU D 168 -36.04 54.48 -48.14
CA GLU D 168 -35.39 54.57 -49.44
C GLU D 168 -36.22 53.69 -50.37
N VAL D 169 -37.25 54.29 -50.96
CA VAL D 169 -38.36 53.50 -51.49
C VAL D 169 -38.05 53.00 -52.89
N ASN D 170 -38.03 53.90 -53.88
CA ASN D 170 -37.68 53.59 -55.26
C ASN D 170 -38.60 52.51 -55.81
N LEU D 171 -39.58 52.12 -55.00
CA LEU D 171 -40.23 50.83 -55.06
C LEU D 171 -41.44 50.85 -55.98
N GLN D 172 -42.17 51.96 -56.03
CA GLN D 172 -43.17 52.16 -57.06
C GLN D 172 -42.57 51.96 -58.45
N ARG D 173 -41.47 52.68 -58.72
CA ARG D 173 -40.76 52.49 -59.96
C ARG D 173 -40.25 51.06 -60.09
N ILE D 174 -39.86 50.44 -58.96
CA ILE D 174 -39.44 49.04 -58.99
C ILE D 174 -40.53 48.16 -59.56
N LEU D 175 -41.71 48.19 -58.94
CA LEU D 175 -42.79 47.28 -59.32
C LEU D 175 -43.28 47.56 -60.73
N ASP D 176 -43.31 48.83 -61.13
CA ASP D 176 -43.80 49.13 -62.48
C ASP D 176 -42.76 48.78 -63.54
N GLU D 177 -41.47 49.04 -63.27
CA GLU D 177 -40.41 48.58 -64.15
C GLU D 177 -40.45 47.06 -64.31
N LEU D 178 -40.76 46.36 -63.22
CA LEU D 178 -40.88 44.91 -63.29
C LEU D 178 -42.07 44.50 -64.15
N ASN D 179 -43.25 45.04 -63.83
CA ASN D 179 -44.45 44.76 -64.64
C ASN D 179 -44.19 45.01 -66.12
N ARG D 180 -43.40 46.02 -66.46
CA ARG D 180 -43.06 46.21 -67.86
C ARG D 180 -42.14 45.11 -68.37
N LEU D 181 -40.98 44.92 -67.70
CA LEU D 181 -40.07 43.85 -68.10
C LEU D 181 -40.65 42.48 -67.81
N GLU D 182 -41.66 42.41 -66.96
CA GLU D 182 -42.46 41.21 -66.85
C GLU D 182 -42.98 40.90 -68.25
N ASP D 183 -42.45 39.86 -68.88
CA ASP D 183 -42.82 39.58 -70.26
C ASP D 183 -44.20 38.94 -70.34
N PRO D 184 -44.95 39.25 -71.39
CA PRO D 184 -46.34 38.77 -71.48
C PRO D 184 -46.41 37.25 -71.57
N TYR D 185 -47.55 36.72 -71.14
CA TYR D 185 -47.73 35.27 -71.00
C TYR D 185 -49.16 34.84 -71.34
N GLU E 2 43.07 34.45 10.72
CA GLU E 2 42.13 34.09 11.77
C GLU E 2 40.71 34.04 11.22
N ASP E 3 39.72 34.05 12.11
CA ASP E 3 38.34 34.09 11.68
C ASP E 3 38.03 35.31 10.86
N ASN E 4 38.79 36.39 11.02
CA ASN E 4 38.67 37.51 10.10
C ASN E 4 39.01 37.09 8.69
N ASN E 5 40.11 36.37 8.51
CA ASN E 5 40.52 35.99 7.17
C ASN E 5 39.49 35.08 6.52
N ARG E 6 38.92 34.15 7.26
CA ARG E 6 37.93 33.31 6.63
C ARG E 6 36.71 34.11 6.19
N ILE E 7 36.24 35.02 7.04
CA ILE E 7 35.08 35.81 6.65
C ILE E 7 35.40 36.66 5.43
N ILE E 8 36.57 37.28 5.43
CA ILE E 8 36.90 38.13 4.30
C ILE E 8 37.04 37.30 3.06
N SER E 9 37.60 36.10 3.18
CA SER E 9 37.70 35.24 2.02
C SER E 9 36.33 34.87 1.50
N ARG E 10 35.41 34.59 2.40
CA ARG E 10 34.05 34.30 1.97
C ARG E 10 33.47 35.49 1.24
N LEU E 11 33.64 36.68 1.79
CA LEU E 11 33.12 37.86 1.14
C LEU E 11 33.76 38.02 -0.23
N TRP E 12 35.05 37.77 -0.31
CA TRP E 12 35.75 37.89 -1.57
C TRP E 12 35.20 36.93 -2.61
N ARG E 13 34.99 35.68 -2.20
CA ARG E 13 34.45 34.73 -3.15
C ARG E 13 33.05 35.12 -3.53
N SER E 14 32.32 35.69 -2.59
CA SER E 14 31.03 36.24 -2.91
C SER E 14 31.15 37.25 -4.02
N PHE E 15 32.04 38.20 -3.85
CA PHE E 15 32.17 39.27 -4.81
C PHE E 15 32.58 38.74 -6.16
N ARG E 16 33.51 37.79 -6.18
CA ARG E 16 33.91 37.27 -7.47
C ARG E 16 32.77 36.53 -8.13
N THR E 17 32.00 35.77 -7.35
CA THR E 17 30.85 35.11 -7.91
C THR E 17 29.93 36.12 -8.55
N VAL E 18 29.72 37.24 -7.86
CA VAL E 18 28.71 38.17 -8.32
C VAL E 18 29.17 38.83 -9.59
N LYS E 19 30.45 39.18 -9.67
CA LYS E 19 30.96 39.70 -10.92
C LYS E 19 30.83 38.68 -12.02
N GLU E 20 31.07 37.41 -11.71
CA GLU E 20 30.87 36.41 -12.73
C GLU E 20 29.43 36.42 -13.18
N MET E 21 28.50 36.58 -12.25
CA MET E 21 27.10 36.59 -12.61
C MET E 21 26.84 37.69 -13.61
N ALA E 22 27.30 38.89 -13.28
CA ALA E 22 27.04 40.02 -14.15
C ALA E 22 27.71 39.81 -15.50
N ALA E 23 28.82 39.10 -15.50
CA ALA E 23 29.43 38.79 -16.78
C ALA E 23 28.58 37.81 -17.56
N ASP E 24 27.98 36.86 -16.86
CA ASP E 24 27.22 35.82 -17.52
C ASP E 24 25.98 36.40 -18.15
N ARG E 25 25.36 37.35 -17.47
CA ARG E 25 24.04 37.76 -17.88
C ARG E 25 24.11 38.59 -19.15
N GLY E 26 25.30 38.98 -19.56
CA GLY E 26 25.48 39.68 -20.81
C GLY E 26 26.25 40.98 -20.63
N TYR E 27 26.44 41.40 -19.40
CA TYR E 27 26.98 42.72 -19.12
C TYR E 27 28.45 42.81 -19.44
N PHE E 28 28.92 44.04 -19.54
CA PHE E 28 30.32 44.35 -19.79
C PHE E 28 31.06 44.48 -18.47
N ILE E 29 32.12 43.71 -18.32
CA ILE E 29 33.08 43.94 -17.26
C ILE E 29 34.45 44.00 -17.90
N SER E 30 35.24 45.00 -17.51
CA SER E 30 36.61 45.08 -17.96
C SER E 30 37.43 43.96 -17.32
N GLN E 31 38.22 43.28 -18.15
CA GLN E 31 38.91 42.08 -17.70
C GLN E 31 39.85 42.33 -16.55
N GLU E 32 40.32 43.57 -16.38
CA GLU E 32 41.19 43.84 -15.25
C GLU E 32 40.42 43.81 -13.94
N GLU E 33 39.11 44.05 -13.99
CA GLU E 33 38.35 43.96 -12.77
C GLU E 33 37.88 42.56 -12.49
N MET E 34 37.62 41.77 -13.53
CA MET E 34 37.22 40.39 -13.33
C MET E 34 38.12 39.67 -12.34
N ASP E 35 39.40 40.02 -12.31
CA ASP E 35 40.40 39.18 -11.67
C ASP E 35 41.04 39.83 -10.45
N GLN E 36 40.23 40.43 -9.58
CA GLN E 36 40.77 40.96 -8.34
C GLN E 36 41.29 39.83 -7.47
N SER E 37 42.43 40.07 -6.84
CA SER E 37 43.10 39.03 -6.06
C SER E 37 42.37 38.78 -4.77
N LEU E 38 43.10 38.37 -3.73
CA LEU E 38 42.52 38.44 -2.40
C LEU E 38 42.91 39.73 -1.69
N GLU E 39 44.13 40.21 -1.91
CA GLU E 39 44.64 41.21 -0.99
C GLU E 39 44.28 42.63 -1.39
N GLU E 40 44.27 42.94 -2.68
CA GLU E 40 43.74 44.23 -3.10
C GLU E 40 42.39 44.47 -2.47
N PHE E 41 41.63 43.40 -2.31
CA PHE E 41 40.34 43.45 -1.66
C PHE E 41 40.47 44.02 -0.26
N ARG E 42 41.32 43.41 0.57
CA ARG E 42 41.51 43.92 1.92
C ARG E 42 42.12 45.30 1.94
N SER E 43 42.76 45.70 0.84
CA SER E 43 43.21 47.08 0.74
C SER E 43 42.04 48.02 0.60
N LYS E 44 41.12 47.71 -0.31
CA LYS E 44 40.03 48.63 -0.58
C LYS E 44 38.94 48.54 0.48
N ILE E 45 38.47 47.33 0.74
CA ILE E 45 37.18 47.15 1.37
C ILE E 45 37.32 46.86 2.87
N CYS E 46 38.53 46.59 3.33
CA CYS E 46 38.71 46.45 4.76
C CYS E 46 38.83 47.82 5.43
N ASP E 47 38.69 47.80 6.75
CA ASP E 47 38.81 49.02 7.54
C ASP E 47 40.22 49.21 8.06
N SER E 48 40.37 50.04 9.09
CA SER E 48 41.58 50.11 9.89
C SER E 48 41.82 48.84 10.69
N MET E 49 40.87 47.92 10.66
CA MET E 49 40.93 46.66 11.38
C MET E 49 41.02 45.47 10.45
N GLY E 50 40.53 45.60 9.23
CA GLY E 50 40.41 44.46 8.35
C GLY E 50 38.99 43.96 8.33
N ASN E 51 38.03 44.87 8.31
CA ASN E 51 36.63 44.49 8.36
C ASN E 51 35.90 45.04 7.15
N PRO E 52 34.83 44.39 6.74
CA PRO E 52 34.21 44.74 5.45
C PRO E 52 33.52 46.09 5.49
N GLN E 53 33.44 46.71 4.32
CA GLN E 53 32.74 47.97 4.10
C GLN E 53 31.68 47.72 3.05
N ARG E 54 30.60 47.05 3.45
CA ARG E 54 29.69 46.49 2.48
C ARG E 54 29.20 47.53 1.48
N LYS E 55 28.64 48.63 1.98
CA LYS E 55 28.04 49.62 1.12
C LYS E 55 29.00 50.13 0.06
N LEU E 56 30.30 50.05 0.31
CA LEU E 56 31.33 50.51 -0.63
C LEU E 56 31.46 49.61 -1.82
N MET E 57 30.88 48.41 -1.78
CA MET E 57 31.02 47.46 -2.86
C MET E 57 29.92 47.59 -3.89
N SER E 58 28.85 48.27 -3.55
CA SER E 58 27.77 48.51 -4.50
C SER E 58 28.37 49.05 -5.77
N PHE E 59 27.75 48.75 -6.90
CA PHE E 59 28.30 49.30 -8.12
C PHE E 59 27.30 49.23 -9.24
N LEU E 60 27.49 50.11 -10.20
CA LEU E 60 26.77 50.10 -11.44
C LEU E 60 27.54 49.24 -12.42
N ALA E 61 26.81 48.68 -13.38
CA ALA E 61 27.38 47.92 -14.46
C ALA E 61 26.49 48.10 -15.68
N ASN E 62 27.07 47.81 -16.82
CA ASN E 62 26.49 48.20 -18.10
C ASN E 62 26.60 47.02 -19.04
N PRO E 63 25.85 47.01 -20.12
CA PRO E 63 25.92 45.87 -21.04
C PRO E 63 27.20 45.88 -21.85
N THR E 64 27.68 44.68 -22.16
CA THR E 64 28.48 44.57 -23.35
C THR E 64 27.67 45.08 -24.53
N PRO E 65 28.31 45.54 -25.59
CA PRO E 65 27.55 45.87 -26.78
C PRO E 65 26.91 44.67 -27.44
N GLU E 66 27.35 43.45 -27.14
CA GLU E 66 26.81 42.28 -27.82
C GLU E 66 25.57 41.73 -27.16
N ALA E 67 25.54 41.63 -25.83
CA ALA E 67 24.27 41.34 -25.19
C ALA E 67 23.23 42.35 -25.61
N LEU E 68 23.55 43.62 -25.46
CA LEU E 68 22.66 44.67 -25.91
C LEU E 68 22.33 44.55 -27.38
N GLU E 69 23.28 44.03 -28.16
CA GLU E 69 23.01 43.70 -29.55
C GLU E 69 21.93 42.65 -29.65
N LYS E 70 21.89 41.74 -28.67
CA LYS E 70 21.16 40.50 -28.83
C LYS E 70 19.80 40.56 -28.18
N TYR E 71 19.75 40.77 -26.87
CA TYR E 71 18.50 40.76 -26.11
C TYR E 71 18.08 42.21 -25.90
N SER E 72 17.07 42.64 -26.65
CA SER E 72 16.76 44.06 -26.78
C SER E 72 16.56 44.77 -25.46
N ASP E 73 16.56 44.06 -24.35
CA ASP E 73 16.00 44.60 -23.14
C ASP E 73 16.99 44.80 -22.01
N LEU E 74 18.24 44.42 -22.17
CA LEU E 74 19.12 44.54 -21.03
C LEU E 74 19.30 46.03 -20.80
N GLY E 75 18.82 46.49 -19.64
CA GLY E 75 18.91 47.89 -19.27
C GLY E 75 20.25 48.16 -18.61
N THR E 76 20.25 48.65 -17.38
CA THR E 76 21.47 48.84 -16.62
C THR E 76 21.36 48.14 -15.28
N LEU E 77 22.51 47.77 -14.72
CA LEU E 77 22.52 46.83 -13.61
C LEU E 77 23.14 47.48 -12.39
N TRP E 78 22.35 47.64 -11.35
CA TRP E 78 22.86 48.13 -10.08
C TRP E 78 22.90 46.96 -9.12
N VAL E 79 24.01 46.79 -8.41
CA VAL E 79 24.20 45.67 -7.52
C VAL E 79 24.64 46.20 -6.17
N GLU E 80 24.07 45.69 -5.08
CA GLU E 80 24.28 46.34 -3.80
C GLU E 80 24.22 45.35 -2.65
N PHE E 81 24.99 45.61 -1.60
CA PHE E 81 24.99 44.78 -0.41
C PHE E 81 24.38 45.56 0.75
N CYS E 82 24.50 45.03 1.97
CA CYS E 82 23.96 45.73 3.14
C CYS E 82 24.52 45.14 4.43
N ASP E 83 24.98 46.02 5.34
CA ASP E 83 25.46 45.60 6.66
C ASP E 83 24.35 45.12 7.57
N GLU E 84 23.17 45.32 7.22
CA GLU E 84 22.11 44.99 8.15
C GLU E 84 21.91 43.48 8.17
N PRO E 85 22.16 42.83 9.29
CA PRO E 85 22.04 41.37 9.34
C PRO E 85 20.63 40.89 9.00
N SER E 86 19.61 41.48 9.61
CA SER E 86 18.25 41.21 9.17
C SER E 86 17.65 42.45 8.53
N VAL E 87 17.13 42.32 7.32
CA VAL E 87 16.64 43.47 6.58
C VAL E 87 15.12 43.44 6.61
N GLY E 88 14.51 44.53 7.03
CA GLY E 88 13.07 44.65 6.99
C GLY E 88 12.60 45.54 5.85
N ILE E 89 11.33 45.96 5.90
CA ILE E 89 10.81 46.78 4.81
C ILE E 89 11.48 48.15 4.79
N LYS E 90 11.95 48.62 5.93
CA LYS E 90 12.64 49.91 6.00
C LYS E 90 13.70 50.03 4.91
N THR E 91 14.71 49.18 4.97
CA THR E 91 15.84 49.34 4.08
C THR E 91 15.45 49.00 2.67
N MET E 92 14.55 48.02 2.50
CA MET E 92 14.13 47.67 1.16
C MET E 92 13.47 48.84 0.46
N ARG E 93 12.59 49.55 1.15
CA ARG E 93 11.95 50.69 0.54
C ARG E 93 12.95 51.80 0.25
N ASN E 94 13.88 52.05 1.17
CA ASN E 94 14.95 52.98 0.87
C ASN E 94 15.65 52.58 -0.43
N PHE E 95 15.93 51.30 -0.57
CA PHE E 95 16.55 50.80 -1.78
C PHE E 95 15.66 51.03 -2.99
N CYS E 96 14.35 50.85 -2.80
CA CYS E 96 13.42 51.07 -3.90
C CYS E 96 13.53 52.49 -4.42
N LEU E 97 13.54 53.44 -3.50
CA LEU E 97 13.82 54.82 -3.86
C LEU E 97 15.11 54.93 -4.64
N ARG E 98 16.20 54.46 -4.05
CA ARG E 98 17.51 54.69 -4.64
C ARG E 98 17.58 54.12 -6.04
N ILE E 99 16.78 53.09 -6.31
CA ILE E 99 16.72 52.54 -7.66
C ILE E 99 15.92 53.47 -8.57
N GLN E 100 14.71 53.82 -8.16
CA GLN E 100 13.90 54.69 -9.00
C GLN E 100 14.62 55.98 -9.33
N GLU E 101 15.62 56.33 -8.53
CA GLU E 101 16.44 57.49 -8.85
C GLU E 101 17.18 57.31 -10.16
N LYS E 102 18.12 56.37 -10.21
CA LYS E 102 19.05 56.32 -11.32
C LYS E 102 18.50 55.60 -12.52
N ASN E 103 17.17 55.51 -12.63
CA ASN E 103 16.46 54.84 -13.73
C ASN E 103 17.26 53.68 -14.30
N PHE E 104 17.56 52.74 -13.40
CA PHE E 104 18.17 51.48 -13.77
C PHE E 104 17.21 50.65 -14.59
N SER E 105 17.46 49.36 -14.63
CA SER E 105 16.46 48.42 -15.14
C SER E 105 16.51 47.06 -14.49
N THR E 106 17.45 46.82 -13.58
CA THR E 106 17.50 45.51 -12.92
C THR E 106 18.31 45.64 -11.64
N GLY E 107 17.65 45.39 -10.50
CA GLY E 107 18.30 45.51 -9.21
C GLY E 107 18.66 44.15 -8.66
N ILE E 108 19.69 44.13 -7.81
CA ILE E 108 20.18 42.91 -7.20
C ILE E 108 20.65 43.23 -5.80
N PHE E 109 19.98 42.66 -4.82
CA PHE E 109 20.17 43.08 -3.44
C PHE E 109 20.61 41.87 -2.63
N ILE E 110 21.90 41.77 -2.38
CA ILE E 110 22.46 40.64 -1.65
C ILE E 110 22.51 41.00 -0.18
N TYR E 111 21.63 40.41 0.59
CA TYR E 111 21.59 40.54 2.03
C TYR E 111 22.52 39.53 2.66
N GLN E 112 22.38 39.34 3.96
CA GLN E 112 23.08 38.26 4.61
C GLN E 112 22.16 37.17 5.12
N ASN E 113 21.13 37.53 5.89
CA ASN E 113 20.33 36.54 6.59
C ASN E 113 18.94 36.34 6.01
N ASN E 114 18.13 37.39 5.87
CA ASN E 114 16.76 37.15 5.48
C ASN E 114 16.07 38.45 5.14
N ILE E 115 14.84 38.32 4.64
CA ILE E 115 13.98 39.45 4.36
C ILE E 115 12.63 39.21 5.00
N THR E 116 12.12 40.24 5.68
CA THR E 116 10.75 40.17 6.14
C THR E 116 9.82 40.01 4.96
N PRO E 117 9.02 38.96 4.93
CA PRO E 117 8.17 38.72 3.76
C PRO E 117 7.30 39.91 3.44
N SER E 118 6.84 40.60 4.48
CA SER E 118 6.16 41.88 4.29
C SER E 118 6.96 42.78 3.37
N ALA E 119 8.28 42.82 3.54
CA ALA E 119 9.11 43.52 2.58
C ALA E 119 9.21 42.77 1.28
N ASN E 120 9.15 41.44 1.35
CA ASN E 120 9.32 40.66 0.13
C ASN E 120 8.18 40.91 -0.84
N LYS E 121 7.11 41.54 -0.37
CA LYS E 121 6.01 41.87 -1.28
C LYS E 121 6.36 43.00 -2.23
N MET E 122 7.20 43.95 -1.81
CA MET E 122 7.41 45.19 -2.53
C MET E 122 8.13 45.00 -3.84
N ILE E 123 8.36 43.76 -4.26
CA ILE E 123 9.22 43.54 -5.40
C ILE E 123 8.46 43.80 -6.69
N PRO E 124 7.37 43.11 -7.01
CA PRO E 124 6.68 43.40 -8.27
C PRO E 124 6.15 44.82 -8.35
N THR E 125 5.78 45.41 -7.21
CA THR E 125 5.15 46.73 -7.21
C THR E 125 6.13 47.85 -7.52
N VAL E 126 7.32 47.55 -8.01
CA VAL E 126 8.23 48.58 -8.45
C VAL E 126 8.67 48.35 -9.89
N SER E 127 7.84 47.64 -10.65
CA SER E 127 8.06 47.49 -12.08
C SER E 127 7.96 48.86 -12.76
N PRO E 128 8.51 49.01 -13.97
CA PRO E 128 9.28 48.03 -14.74
C PRO E 128 10.68 47.91 -14.19
N ALA E 129 10.96 48.69 -13.16
CA ALA E 129 12.23 48.57 -12.46
C ALA E 129 12.20 47.22 -11.76
N ILE E 130 12.68 46.19 -12.44
CA ILE E 130 12.58 44.83 -11.94
C ILE E 130 13.62 44.61 -10.86
N ILE E 131 13.28 43.78 -9.89
CA ILE E 131 14.08 43.59 -8.69
C ILE E 131 14.28 42.11 -8.46
N GLU E 132 15.37 41.75 -7.80
CA GLU E 132 15.71 40.38 -7.52
C GLU E 132 16.31 40.31 -6.13
N THR E 133 16.54 39.10 -5.66
CA THR E 133 17.50 38.90 -4.58
C THR E 133 18.40 37.75 -4.93
N PHE E 134 19.36 37.53 -4.05
CA PHE E 134 20.11 36.29 -3.91
C PHE E 134 20.53 36.29 -2.46
N GLN E 135 20.65 35.13 -1.88
CA GLN E 135 21.31 35.21 -0.60
C GLN E 135 22.81 35.14 -0.84
N GLU E 136 23.55 35.85 0.01
CA GLU E 136 25.01 35.81 -0.06
C GLU E 136 25.52 34.39 -0.02
N SER E 137 25.35 33.73 1.12
CA SER E 137 25.96 32.42 1.34
C SER E 137 25.51 31.42 0.29
N ASP E 138 24.52 31.76 -0.52
CA ASP E 138 24.21 30.88 -1.63
C ASP E 138 24.98 31.28 -2.88
N LEU E 139 25.81 32.33 -2.79
CA LEU E 139 26.63 32.74 -3.92
C LEU E 139 28.10 32.52 -3.65
N VAL E 140 28.41 31.63 -2.70
CA VAL E 140 29.80 31.38 -2.35
C VAL E 140 30.48 30.57 -3.45
N VAL E 141 29.71 29.88 -4.28
CA VAL E 141 30.26 29.10 -5.37
C VAL E 141 29.46 29.31 -6.63
N ASN E 142 30.09 29.84 -7.66
CA ASN E 142 29.40 29.93 -8.94
C ASN E 142 29.05 28.53 -9.36
N ILE E 143 27.82 28.13 -9.11
CA ILE E 143 27.50 26.74 -9.34
C ILE E 143 27.58 26.38 -10.80
N THR E 144 27.29 27.30 -11.71
CA THR E 144 27.37 26.92 -13.11
C THR E 144 28.77 26.54 -13.57
N HIS E 145 29.77 26.59 -12.71
CA HIS E 145 31.04 25.97 -13.07
C HIS E 145 31.14 24.54 -12.59
N HIS E 146 30.27 24.11 -11.71
CA HIS E 146 30.32 22.77 -11.16
C HIS E 146 30.16 21.72 -12.26
N GLU E 147 30.67 20.52 -11.99
CA GLU E 147 30.61 19.44 -12.98
C GLU E 147 29.17 19.14 -13.38
N LEU E 148 28.31 18.91 -12.39
CA LEU E 148 27.00 18.34 -12.66
C LEU E 148 26.09 19.34 -13.34
N VAL E 149 26.07 20.60 -12.91
CA VAL E 149 25.20 21.57 -13.55
C VAL E 149 25.85 21.97 -14.85
N PRO E 150 25.16 21.89 -15.96
CA PRO E 150 25.75 22.34 -17.21
C PRO E 150 25.44 23.79 -17.51
N LYS E 151 25.79 24.24 -18.70
CA LYS E 151 25.69 25.64 -19.08
C LYS E 151 24.26 26.06 -19.29
N HIS E 152 24.08 27.31 -19.66
CA HIS E 152 22.76 27.84 -19.95
C HIS E 152 22.92 29.03 -20.87
N ILE E 153 22.44 28.91 -22.09
CA ILE E 153 22.38 30.07 -22.95
C ILE E 153 20.93 30.45 -23.00
N ARG E 154 20.61 31.63 -22.50
CA ARG E 154 19.26 32.13 -22.66
C ARG E 154 19.01 32.37 -24.13
N LEU E 155 17.75 32.33 -24.53
CA LEU E 155 17.44 32.57 -25.92
C LEU E 155 17.00 33.99 -26.14
N SER E 156 17.26 34.46 -27.34
CA SER E 156 16.70 35.69 -27.86
C SER E 156 15.30 35.43 -28.39
N ASP E 157 14.59 36.51 -28.72
CA ASP E 157 13.22 36.35 -29.15
C ASP E 157 13.14 35.78 -30.57
N GLY E 158 13.94 36.31 -31.49
CA GLY E 158 13.92 35.77 -32.84
C GLY E 158 14.20 34.28 -32.84
N GLU E 159 15.20 33.85 -32.08
CA GLU E 159 15.53 32.44 -32.02
C GLU E 159 14.49 31.63 -31.26
N LYS E 160 13.91 32.17 -30.20
CA LYS E 160 12.84 31.43 -29.55
C LYS E 160 11.69 31.15 -30.51
N SER E 161 11.12 32.19 -31.09
CA SER E 161 9.99 31.95 -31.97
C SER E 161 10.37 31.07 -33.15
N GLN E 162 11.60 31.18 -33.63
CA GLN E 162 12.04 30.22 -34.63
C GLN E 162 11.95 28.79 -34.12
N LEU E 163 12.46 28.56 -32.90
CA LEU E 163 12.35 27.24 -32.31
C LEU E 163 10.93 26.73 -32.41
N LEU E 164 9.99 27.49 -31.86
CA LEU E 164 8.63 26.99 -31.88
C LEU E 164 8.15 26.68 -33.27
N GLN E 165 8.51 27.46 -34.27
CA GLN E 165 8.03 27.10 -35.60
C GLN E 165 8.76 25.87 -36.12
N ARG E 166 9.83 25.45 -35.46
CA ARG E 166 10.39 24.15 -35.81
C ARG E 166 9.51 23.02 -35.27
N TYR E 167 9.33 22.94 -33.96
CA TYR E 167 8.60 21.85 -33.33
C TYR E 167 7.10 22.00 -33.36
N LYS E 168 6.58 23.18 -33.71
CA LYS E 168 5.14 23.39 -33.84
C LYS E 168 4.43 23.10 -32.51
N LEU E 169 4.67 24.01 -31.57
CA LEU E 169 4.25 23.86 -30.20
C LEU E 169 3.35 25.01 -29.78
N LYS E 170 3.10 25.08 -28.48
CA LYS E 170 2.63 26.28 -27.83
C LYS E 170 3.35 26.38 -26.51
N GLU E 171 3.90 27.56 -26.26
CA GLU E 171 4.93 27.79 -25.26
C GLU E 171 4.72 27.02 -23.97
N SER E 172 3.49 26.66 -23.63
CA SER E 172 3.28 25.89 -22.41
C SER E 172 3.77 24.45 -22.53
N GLN E 173 4.05 23.99 -23.74
CA GLN E 173 4.35 22.60 -24.03
C GLN E 173 5.83 22.32 -24.08
N LEU E 174 6.62 22.92 -23.26
CA LEU E 174 7.98 22.46 -23.21
C LEU E 174 8.24 21.88 -21.85
N PRO E 175 9.36 21.24 -21.61
CA PRO E 175 9.72 20.96 -20.24
C PRO E 175 9.87 22.28 -19.53
N ARG E 176 9.73 22.27 -18.22
CA ARG E 176 9.61 23.51 -17.49
C ARG E 176 10.58 23.58 -16.33
N ILE E 177 11.28 24.70 -16.24
CA ILE E 177 12.12 24.98 -15.10
C ILE E 177 11.40 25.92 -14.15
N GLN E 178 11.45 25.61 -12.87
CA GLN E 178 10.86 26.51 -11.88
C GLN E 178 11.49 27.88 -11.98
N ARG E 179 10.87 28.85 -11.31
CA ARG E 179 11.40 30.20 -11.44
C ARG E 179 12.60 30.41 -10.54
N GLU E 180 12.53 30.03 -9.26
CA GLU E 180 13.68 30.18 -8.38
C GLU E 180 14.56 28.95 -8.35
N ASP E 181 14.63 28.22 -9.43
CA ASP E 181 15.60 27.15 -9.54
C ASP E 181 16.99 27.77 -9.69
N PRO E 182 17.84 27.66 -8.68
CA PRO E 182 19.03 28.50 -8.61
C PRO E 182 19.67 28.90 -9.92
N VAL E 183 19.70 28.05 -10.93
CA VAL E 183 20.26 28.52 -12.18
C VAL E 183 19.33 29.54 -12.83
N ALA E 184 18.02 29.31 -12.77
CA ALA E 184 17.09 30.24 -13.37
C ALA E 184 17.11 31.61 -12.73
N ARG E 185 17.30 31.69 -11.42
CA ARG E 185 17.65 32.95 -10.78
C ARG E 185 18.97 33.47 -11.28
N TYR E 186 19.95 32.60 -11.41
CA TYR E 186 21.29 33.04 -11.76
C TYR E 186 21.34 33.71 -13.11
N LEU E 187 20.31 33.55 -13.93
CA LEU E 187 20.27 34.28 -15.18
C LEU E 187 19.12 35.26 -15.26
N GLY E 188 18.33 35.36 -14.20
CA GLY E 188 17.18 36.23 -14.22
C GLY E 188 16.24 35.86 -15.33
N LEU E 189 15.65 34.69 -15.24
CA LEU E 189 14.64 34.40 -16.22
C LEU E 189 13.35 35.12 -15.86
N LYS E 190 12.51 35.27 -16.85
CA LYS E 190 11.13 35.64 -16.65
C LYS E 190 10.26 34.78 -17.57
N ARG E 191 8.96 34.81 -17.32
CA ARG E 191 8.03 33.96 -18.05
C ARG E 191 8.20 34.15 -19.54
N GLY E 192 8.04 33.06 -20.30
CA GLY E 192 8.13 33.09 -21.74
C GLY E 192 9.52 32.98 -22.29
N GLN E 193 10.51 32.67 -21.47
CA GLN E 193 11.90 32.62 -21.91
C GLN E 193 12.38 31.18 -21.99
N VAL E 194 13.17 30.88 -23.00
CA VAL E 194 13.45 29.51 -23.36
C VAL E 194 14.95 29.28 -23.22
N VAL E 195 15.38 28.65 -22.14
CA VAL E 195 16.81 28.52 -21.96
C VAL E 195 17.29 27.24 -22.60
N LYS E 196 18.52 27.26 -23.09
CA LYS E 196 19.06 26.17 -23.86
C LYS E 196 20.19 25.58 -23.09
N ILE E 197 20.16 24.27 -22.97
CA ILE E 197 21.16 23.55 -22.19
C ILE E 197 21.80 22.56 -23.12
N ILE E 198 23.06 22.26 -22.92
CA ILE E 198 23.72 21.22 -23.69
C ILE E 198 24.36 20.22 -22.74
N ARG E 199 24.21 18.94 -23.06
CA ARG E 199 24.62 17.87 -22.17
C ARG E 199 25.45 16.81 -22.86
N ARG E 200 26.29 16.21 -22.04
CA ARG E 200 27.08 15.02 -22.32
C ARG E 200 26.21 13.78 -22.44
N SER E 201 25.85 13.42 -23.66
CA SER E 201 25.14 12.19 -23.95
C SER E 201 26.14 11.06 -23.88
N GLU E 202 26.02 10.25 -22.88
CA GLU E 202 26.94 9.14 -23.05
C GLU E 202 26.50 8.18 -24.12
N THR E 203 25.57 8.53 -25.00
CA THR E 203 25.20 7.63 -26.08
C THR E 203 24.99 8.34 -27.41
N SER E 204 25.05 9.67 -27.45
CA SER E 204 25.26 10.35 -28.73
C SER E 204 26.12 11.59 -28.62
N GLY E 205 26.84 11.77 -27.52
CA GLY E 205 27.77 12.86 -27.46
C GLY E 205 27.14 14.17 -27.02
N ARG E 206 26.44 14.85 -27.92
CA ARG E 206 26.02 16.20 -27.64
C ARG E 206 24.53 16.36 -27.81
N TYR E 207 23.81 16.38 -26.71
CA TYR E 207 22.36 16.52 -26.78
C TYR E 207 21.95 17.87 -26.24
N ALA E 208 21.25 18.64 -27.07
CA ALA E 208 21.00 20.04 -26.81
C ALA E 208 19.55 20.22 -26.47
N SER E 209 19.25 20.25 -25.19
CA SER E 209 17.89 20.26 -24.68
C SER E 209 17.37 21.69 -24.57
N TYR E 210 16.05 21.81 -24.59
CA TYR E 210 15.37 23.07 -24.40
C TYR E 210 14.47 22.98 -23.19
N ARG E 211 14.75 23.77 -22.17
CA ARG E 211 13.86 23.90 -21.03
C ARG E 211 13.29 25.30 -21.00
N ILE E 212 12.00 25.40 -20.71
CA ILE E 212 11.33 26.68 -20.62
C ILE E 212 11.17 27.06 -19.17
N CYS E 213 11.18 28.36 -18.91
CA CYS E 213 10.88 28.84 -17.58
C CYS E 213 9.43 29.22 -17.47
N LEU E 214 9.05 29.67 -16.28
CA LEU E 214 7.69 30.10 -16.05
C LEU E 214 7.64 31.59 -15.71
N GLU F 71 -6.95 24.14 -44.12
CA GLU F 71 -6.49 24.67 -42.84
C GLU F 71 -5.23 23.95 -42.41
N LEU F 72 -5.19 22.65 -42.66
CA LEU F 72 -4.12 21.81 -42.15
C LEU F 72 -3.40 21.04 -43.25
N ALA F 73 -4.12 20.59 -44.28
CA ALA F 73 -3.61 19.58 -45.19
C ALA F 73 -2.30 20.03 -45.84
N ILE F 74 -1.27 19.23 -45.61
CA ILE F 74 0.09 19.60 -46.00
C ILE F 74 0.37 19.03 -47.37
N LEU F 75 1.03 19.85 -48.17
CA LEU F 75 1.39 19.49 -49.53
C LEU F 75 2.36 18.32 -49.51
N LYS F 76 2.52 17.67 -50.66
CA LYS F 76 3.34 16.46 -50.74
C LYS F 76 4.82 16.77 -50.99
N GLU F 77 5.24 18.01 -50.77
CA GLU F 77 6.56 18.46 -51.17
C GLU F 77 7.39 18.95 -50.00
N GLU F 78 6.76 19.48 -48.97
CA GLU F 78 7.41 19.84 -47.72
C GLU F 78 7.55 18.64 -46.81
N ARG F 79 7.45 17.43 -47.34
CA ARG F 79 7.28 16.24 -46.53
C ARG F 79 8.58 15.92 -45.79
N THR F 80 8.48 15.80 -44.47
CA THR F 80 9.64 15.69 -43.61
C THR F 80 9.55 14.55 -42.61
N THR F 81 9.06 13.40 -43.02
CA THR F 81 9.03 12.30 -42.08
C THR F 81 9.86 11.13 -42.58
N THR F 82 10.05 10.15 -41.71
CA THR F 82 10.81 8.97 -42.09
C THR F 82 10.19 8.33 -43.32
N PRO F 83 10.91 8.21 -44.39
CA PRO F 83 10.28 7.77 -45.64
C PRO F 83 10.29 6.27 -45.80
N TYR F 84 10.56 5.54 -44.72
CA TYR F 84 10.54 4.08 -44.77
C TYR F 84 9.31 3.52 -44.09
N LEU F 85 8.53 2.75 -44.84
CA LEU F 85 7.39 2.07 -44.23
C LEU F 85 7.86 1.29 -43.02
N THR F 86 7.39 1.66 -41.85
CA THR F 86 7.85 1.07 -40.61
C THR F 86 7.00 -0.10 -40.23
N LYS F 87 7.38 -0.76 -39.13
CA LYS F 87 6.69 -1.99 -38.76
C LYS F 87 5.20 -1.79 -38.59
N TYR F 88 4.77 -0.80 -37.82
CA TYR F 88 3.34 -0.68 -37.58
C TYR F 88 2.62 -0.34 -38.87
N GLU F 89 3.21 0.55 -39.64
CA GLU F 89 2.68 0.89 -40.95
C GLU F 89 2.55 -0.36 -41.81
N ARG F 90 3.64 -1.08 -41.99
CA ARG F 90 3.60 -2.30 -42.79
C ARG F 90 2.54 -3.25 -42.28
N ALA F 91 2.42 -3.36 -40.97
CA ALA F 91 1.51 -4.33 -40.40
C ALA F 91 0.09 -4.02 -40.80
N ARG F 92 -0.34 -2.79 -40.57
CA ARG F 92 -1.74 -2.51 -40.85
C ARG F 92 -1.99 -2.49 -42.34
N ILE F 93 -1.00 -2.07 -43.14
CA ILE F 93 -1.16 -2.17 -44.57
C ILE F 93 -1.48 -3.60 -44.97
N LEU F 94 -0.62 -4.54 -44.57
CA LEU F 94 -0.85 -5.92 -44.94
C LEU F 94 -2.21 -6.40 -44.45
N GLY F 95 -2.48 -6.21 -43.16
CA GLY F 95 -3.73 -6.72 -42.62
C GLY F 95 -4.92 -6.22 -43.37
N THR F 96 -4.95 -4.93 -43.68
CA THR F 96 -6.16 -4.41 -44.28
C THR F 96 -6.25 -4.79 -45.74
N ARG F 97 -5.12 -4.87 -46.44
CA ARG F 97 -5.20 -5.38 -47.80
C ARG F 97 -5.76 -6.79 -47.80
N ALA F 98 -5.35 -7.60 -46.83
CA ALA F 98 -5.91 -8.92 -46.72
C ALA F 98 -7.41 -8.87 -46.49
N LEU F 99 -7.83 -8.14 -45.45
CA LEU F 99 -9.25 -8.07 -45.15
C LEU F 99 -10.02 -7.67 -46.38
N GLN F 100 -9.45 -6.81 -47.21
CA GLN F 100 -10.14 -6.42 -48.43
C GLN F 100 -10.22 -7.56 -49.41
N ILE F 101 -9.17 -8.37 -49.52
CA ILE F 101 -9.27 -9.50 -50.46
C ILE F 101 -10.24 -10.55 -49.97
N SER F 102 -10.20 -10.90 -48.69
CA SER F 102 -11.06 -11.96 -48.18
C SER F 102 -12.52 -11.62 -48.34
N MET F 103 -12.84 -10.35 -48.52
CA MET F 103 -14.17 -9.91 -48.94
C MET F 103 -14.21 -9.73 -50.44
N ASN F 104 -13.41 -10.52 -51.16
CA ASN F 104 -13.47 -10.60 -52.61
C ASN F 104 -13.12 -9.27 -53.26
N ALA F 105 -11.89 -8.82 -53.08
CA ALA F 105 -11.40 -7.66 -53.82
C ALA F 105 -10.77 -8.14 -55.12
N PRO F 106 -10.61 -7.28 -56.12
CA PRO F 106 -9.76 -7.65 -57.25
C PRO F 106 -8.34 -7.92 -56.79
N VAL F 107 -7.65 -8.77 -57.52
CA VAL F 107 -6.23 -9.03 -57.27
C VAL F 107 -5.42 -8.46 -58.41
N LEU F 108 -4.29 -7.85 -58.07
CA LEU F 108 -3.50 -7.15 -59.06
C LEU F 108 -2.32 -7.98 -59.55
N VAL F 109 -1.94 -9.02 -58.81
CA VAL F 109 -0.72 -9.75 -59.08
C VAL F 109 -1.05 -11.16 -59.52
N ASP F 110 0.01 -11.94 -59.71
CA ASP F 110 -0.09 -13.29 -60.25
C ASP F 110 -0.15 -14.30 -59.11
N ILE F 111 -0.75 -15.45 -59.40
CA ILE F 111 -0.88 -16.52 -58.43
C ILE F 111 0.02 -17.65 -58.88
N GLU F 112 1.07 -17.91 -58.13
CA GLU F 112 1.92 -19.07 -58.39
C GLU F 112 1.27 -20.29 -57.76
N GLY F 113 1.13 -20.28 -56.44
CA GLY F 113 0.39 -21.29 -55.71
C GLY F 113 -0.37 -20.67 -54.56
N GLU F 114 -0.30 -19.35 -54.46
CA GLU F 114 -0.77 -18.62 -53.29
C GLU F 114 -2.30 -18.57 -53.30
N THR F 115 -2.90 -19.09 -52.23
CA THR F 115 -4.34 -18.97 -52.05
C THR F 115 -4.77 -18.43 -50.68
N ASP F 116 -3.91 -18.46 -49.68
CA ASP F 116 -4.23 -17.76 -48.44
C ASP F 116 -4.15 -16.26 -48.68
N PRO F 117 -4.99 -15.46 -48.01
CA PRO F 117 -4.96 -14.02 -48.26
C PRO F 117 -3.70 -13.38 -47.76
N LEU F 118 -3.28 -13.70 -46.53
CA LEU F 118 -2.15 -13.01 -45.92
C LEU F 118 -0.93 -13.04 -46.82
N GLN F 119 -0.65 -14.18 -47.45
CA GLN F 119 0.52 -14.22 -48.31
C GLN F 119 0.25 -13.54 -49.65
N ILE F 120 -1.00 -13.41 -50.06
CA ILE F 120 -1.26 -12.55 -51.20
C ILE F 120 -0.91 -11.12 -50.85
N ALA F 121 -1.23 -10.71 -49.63
CA ALA F 121 -0.81 -9.40 -49.19
C ALA F 121 0.70 -9.25 -49.28
N MET F 122 1.42 -10.12 -48.59
CA MET F 122 2.88 -10.00 -48.58
C MET F 122 3.47 -10.07 -49.98
N LYS F 123 2.80 -10.75 -50.91
CA LYS F 123 3.32 -10.80 -52.27
C LYS F 123 3.06 -9.50 -53.01
N GLU F 124 1.86 -8.91 -52.86
CA GLU F 124 1.65 -7.60 -53.47
C GLU F 124 2.60 -6.57 -52.88
N LEU F 125 2.98 -6.75 -51.62
CA LEU F 125 3.80 -5.73 -50.99
C LEU F 125 5.17 -5.64 -51.64
N SER F 126 5.95 -6.73 -51.60
CA SER F 126 7.31 -6.65 -52.11
C SER F 126 7.34 -6.25 -53.57
N GLN F 127 6.20 -6.33 -54.25
CA GLN F 127 6.08 -5.73 -55.55
C GLN F 127 5.60 -4.31 -55.50
N ARG F 128 5.00 -3.90 -54.38
CA ARG F 128 4.58 -2.52 -54.16
C ARG F 128 3.62 -2.09 -55.28
N LYS F 129 2.54 -2.86 -55.39
CA LYS F 129 1.45 -2.56 -56.32
C LYS F 129 0.14 -2.46 -55.57
N ILE F 130 0.15 -1.88 -54.37
CA ILE F 130 -0.97 -1.95 -53.44
C ILE F 130 -1.65 -0.59 -53.38
N PRO F 131 -2.88 -0.44 -53.87
CA PRO F 131 -3.55 0.87 -53.89
C PRO F 131 -4.09 1.26 -52.54
N LEU F 132 -3.25 1.90 -51.73
CA LEU F 132 -3.65 2.50 -50.48
C LEU F 132 -2.82 3.75 -50.22
N VAL F 133 -3.18 4.49 -49.19
CA VAL F 133 -2.48 5.71 -48.84
C VAL F 133 -2.40 5.85 -47.34
N ILE F 134 -1.21 6.12 -46.84
CA ILE F 134 -0.99 6.33 -45.41
C ILE F 134 -1.18 7.79 -45.08
N ARG F 135 -1.73 8.04 -43.91
CA ARG F 135 -1.95 9.38 -43.41
C ARG F 135 -1.31 9.46 -42.03
N ARG F 136 -0.12 10.00 -41.96
CA ARG F 136 0.57 10.09 -40.68
C ARG F 136 0.20 11.37 -39.96
N TYR F 137 -0.63 11.26 -38.92
CA TYR F 137 -1.03 12.44 -38.17
C TYR F 137 0.14 12.91 -37.32
N LEU F 138 0.79 13.98 -37.73
CA LEU F 138 1.77 14.61 -36.87
C LEU F 138 1.08 15.16 -35.63
N PRO F 139 1.81 15.37 -34.54
CA PRO F 139 1.16 15.70 -33.28
C PRO F 139 0.34 16.97 -33.32
N ASP F 140 0.73 17.94 -34.14
CA ASP F 140 -0.01 19.20 -34.13
C ASP F 140 -1.43 19.01 -34.61
N GLY F 141 -1.67 18.02 -35.46
CA GLY F 141 -2.97 17.86 -36.04
C GLY F 141 -2.88 17.91 -37.55
N SER F 142 -1.78 18.43 -38.08
CA SER F 142 -1.56 18.35 -39.50
C SER F 142 -1.26 16.90 -39.89
N TYR F 143 -1.06 16.65 -41.19
CA TYR F 143 -0.96 15.28 -41.64
C TYR F 143 -0.44 15.21 -43.06
N GLU F 144 0.54 14.34 -43.30
CA GLU F 144 1.12 14.14 -44.63
C GLU F 144 0.43 12.95 -45.27
N ASP F 145 0.36 12.96 -46.60
CA ASP F 145 -0.24 11.82 -47.27
C ASP F 145 0.77 11.05 -48.11
N TRP F 146 1.21 9.91 -47.63
CA TRP F 146 2.16 9.14 -48.38
C TRP F 146 1.45 8.11 -49.23
N GLY F 147 1.86 7.98 -50.50
CA GLY F 147 1.42 6.86 -51.29
C GLY F 147 2.25 5.63 -51.01
N CYS F 148 1.59 4.48 -50.94
CA CYS F 148 2.31 3.25 -50.62
C CYS F 148 3.45 3.04 -51.59
N ASP F 149 3.19 3.27 -52.87
CA ASP F 149 4.18 3.00 -53.90
C ASP F 149 5.35 3.98 -53.83
N GLU F 150 5.12 5.18 -53.33
CA GLU F 150 6.25 6.09 -53.22
C GLU F 150 7.06 5.83 -51.97
N LEU F 151 6.48 5.16 -50.98
CA LEU F 151 7.23 4.68 -49.85
C LEU F 151 8.27 3.66 -50.25
N ILE F 152 9.30 3.55 -49.42
CA ILE F 152 10.28 2.48 -49.54
C ILE F 152 10.01 1.45 -48.45
N VAL F 153 9.38 0.34 -48.84
CA VAL F 153 9.30 -0.84 -47.98
C VAL F 153 10.72 -1.30 -47.67
N ASP F 154 10.89 -1.90 -46.51
CA ASP F 154 12.18 -2.43 -46.11
C ASP F 154 12.75 -3.38 -47.17
N MET G 1 -39.95 28.52 -51.96
CA MET G 1 -38.74 29.33 -51.86
C MET G 1 -37.52 28.53 -52.31
N PHE G 2 -36.57 29.17 -52.99
CA PHE G 2 -35.41 28.47 -53.53
C PHE G 2 -34.11 29.00 -52.98
N PHE G 3 -33.16 28.08 -52.75
CA PHE G 3 -31.81 28.42 -52.31
C PHE G 3 -30.82 27.42 -52.89
N LEU G 4 -29.55 27.79 -52.89
CA LEU G 4 -28.46 26.83 -52.99
C LEU G 4 -27.93 26.63 -51.57
N LYS G 5 -27.51 25.42 -51.26
CA LYS G 5 -26.95 25.17 -49.95
C LYS G 5 -25.74 24.26 -50.07
N ASP G 6 -24.79 24.47 -49.15
CA ASP G 6 -23.52 23.75 -49.12
C ASP G 6 -23.66 22.55 -48.21
N LEU G 7 -23.69 21.35 -48.80
CA LEU G 7 -24.03 20.11 -48.13
C LEU G 7 -22.80 19.23 -47.92
N SER G 8 -22.95 18.31 -46.97
CA SER G 8 -21.95 17.30 -46.67
C SER G 8 -22.65 16.03 -46.24
N LEU G 9 -22.22 14.91 -46.82
CA LEU G 9 -22.87 13.62 -46.64
C LEU G 9 -21.82 12.56 -46.35
N ILE G 10 -22.19 11.52 -45.62
CA ILE G 10 -21.23 10.47 -45.25
C ILE G 10 -21.67 9.16 -45.87
N LEU G 11 -20.73 8.43 -46.47
CA LEU G 11 -21.01 7.17 -47.13
C LEU G 11 -20.04 6.09 -46.67
N THR G 12 -20.47 4.84 -46.79
CA THR G 12 -19.67 3.67 -46.46
C THR G 12 -19.68 2.72 -47.66
N LEU G 13 -18.50 2.33 -48.11
CA LEU G 13 -18.35 1.65 -49.39
C LEU G 13 -17.78 0.26 -49.21
N HIS G 14 -18.49 -0.73 -49.74
CA HIS G 14 -18.04 -2.12 -49.79
C HIS G 14 -16.82 -2.21 -50.70
N PRO G 15 -15.90 -3.14 -50.43
CA PRO G 15 -14.64 -3.15 -51.18
C PRO G 15 -14.80 -3.49 -52.65
N SER G 16 -15.58 -4.51 -53.01
CA SER G 16 -15.52 -5.07 -54.35
C SER G 16 -15.84 -4.05 -55.43
N TYR G 17 -16.26 -2.85 -55.07
CA TYR G 17 -16.49 -1.76 -56.02
C TYR G 17 -15.20 -1.01 -56.35
N PHE G 18 -14.05 -1.57 -55.97
CA PHE G 18 -12.76 -0.91 -56.14
C PHE G 18 -12.15 -1.28 -57.49
N GLY G 19 -12.53 -0.51 -58.52
CA GLY G 19 -12.02 -0.71 -59.85
C GLY G 19 -11.59 0.60 -60.49
N PRO G 20 -11.80 0.71 -61.80
CA PRO G 20 -11.45 1.96 -62.49
C PRO G 20 -12.51 3.04 -62.33
N GLN G 21 -13.79 2.64 -62.25
CA GLN G 21 -14.94 3.53 -62.37
C GLN G 21 -15.29 4.18 -61.05
N MET G 22 -14.32 4.29 -60.15
CA MET G 22 -14.62 4.54 -58.75
C MET G 22 -15.36 5.86 -58.58
N ASN G 23 -14.66 6.98 -58.75
CA ASN G 23 -15.26 8.28 -58.43
C ASN G 23 -16.57 8.48 -59.13
N GLN G 24 -16.72 7.90 -60.33
CA GLN G 24 -17.96 8.10 -61.06
C GLN G 24 -19.07 7.21 -60.50
N TYR G 25 -18.74 5.99 -60.08
CA TYR G 25 -19.76 5.22 -59.38
C TYR G 25 -20.18 5.93 -58.10
N LEU G 26 -19.26 6.68 -57.50
CA LEU G 26 -19.57 7.43 -56.29
C LEU G 26 -20.56 8.55 -56.59
N ARG G 27 -20.26 9.36 -57.60
CA ARG G 27 -21.15 10.46 -57.98
C ARG G 27 -22.50 9.93 -58.45
N GLU G 28 -22.51 8.75 -59.07
CA GLU G 28 -23.77 8.16 -59.50
C GLU G 28 -24.60 7.68 -58.31
N LYS G 29 -23.95 7.11 -57.29
CA LYS G 29 -24.66 6.81 -56.05
C LYS G 29 -25.23 8.08 -55.43
N LEU G 30 -24.42 9.15 -55.41
CA LEU G 30 -24.87 10.41 -54.81
C LEU G 30 -26.11 10.92 -55.53
N LEU G 31 -26.09 10.91 -56.87
CA LEU G 31 -27.30 11.28 -57.59
C LEU G 31 -28.45 10.36 -57.21
N THR G 32 -28.26 9.04 -57.39
CA THR G 32 -29.35 8.08 -57.26
C THR G 32 -30.08 8.23 -55.93
N ASP G 33 -29.36 8.57 -54.86
CA ASP G 33 -30.03 8.63 -53.56
C ASP G 33 -30.09 10.02 -52.94
N VAL G 34 -29.71 11.08 -53.65
CA VAL G 34 -29.69 12.42 -53.08
C VAL G 34 -30.77 13.32 -53.66
N GLU G 35 -30.95 13.34 -54.98
CA GLU G 35 -31.91 14.27 -55.58
C GLU G 35 -33.35 13.83 -55.32
N GLY G 36 -34.20 14.80 -54.98
CA GLY G 36 -35.61 14.56 -54.83
C GLY G 36 -36.09 14.32 -53.41
N THR G 37 -35.19 14.03 -52.47
CA THR G 37 -35.62 13.60 -51.14
C THR G 37 -36.10 14.79 -50.31
N CYS G 38 -36.66 14.47 -49.15
CA CYS G 38 -37.22 15.44 -48.22
C CYS G 38 -36.40 15.50 -46.94
N THR G 39 -35.95 16.70 -46.59
CA THR G 39 -35.22 16.91 -45.36
C THR G 39 -35.86 18.07 -44.60
N GLY G 40 -36.25 17.80 -43.36
CA GLY G 40 -36.76 18.86 -42.51
C GLY G 40 -35.73 19.93 -42.21
N GLN G 41 -34.48 19.71 -42.60
CA GLN G 41 -33.44 20.69 -42.34
C GLN G 41 -33.21 21.60 -43.54
N PHE G 42 -33.14 21.03 -44.75
CA PHE G 42 -32.80 21.79 -45.94
C PHE G 42 -33.97 22.04 -46.88
N GLY G 43 -35.12 21.44 -46.62
CA GLY G 43 -36.18 21.38 -47.59
C GLY G 43 -36.04 20.13 -48.43
N TYR G 44 -36.43 20.28 -49.68
CA TYR G 44 -36.22 19.21 -50.64
C TYR G 44 -34.88 19.42 -51.33
N ILE G 45 -34.05 18.37 -51.35
CA ILE G 45 -32.85 18.39 -52.18
C ILE G 45 -33.33 18.30 -53.62
N VAL G 46 -33.32 19.42 -54.32
CA VAL G 46 -33.97 19.47 -55.62
C VAL G 46 -33.09 18.84 -56.68
N THR G 47 -31.99 19.51 -57.00
CA THR G 47 -31.04 18.97 -57.98
C THR G 47 -29.63 19.39 -57.61
N VAL G 48 -28.70 18.90 -58.41
CA VAL G 48 -27.28 19.16 -58.24
C VAL G 48 -26.85 20.12 -59.34
N LEU G 49 -25.97 21.06 -59.01
CA LEU G 49 -25.18 21.73 -60.03
C LEU G 49 -23.89 20.96 -60.26
N ASP G 50 -23.53 20.80 -61.53
CA ASP G 50 -22.26 20.17 -61.87
C ASP G 50 -22.21 18.76 -61.31
N GLY G 51 -23.12 17.90 -61.78
CA GLY G 51 -23.21 16.56 -61.23
C GLY G 51 -22.07 15.66 -61.67
N MET G 52 -21.48 15.96 -62.84
CA MET G 52 -20.46 15.10 -63.41
C MET G 52 -19.06 15.47 -62.96
N ASN G 53 -18.87 16.61 -62.29
CA ASN G 53 -17.58 17.00 -61.74
C ASN G 53 -17.62 17.19 -60.24
N ILE G 54 -18.26 16.27 -59.50
CA ILE G 54 -18.31 16.36 -58.05
C ILE G 54 -17.03 15.79 -57.47
N ASP G 55 -16.47 16.48 -56.47
CA ASP G 55 -15.28 16.01 -55.78
C ASP G 55 -15.70 15.36 -54.47
N VAL G 56 -14.98 14.30 -54.08
CA VAL G 56 -15.17 13.70 -52.77
C VAL G 56 -13.98 13.93 -51.85
N GLY G 57 -12.80 14.19 -52.40
CA GLY G 57 -11.60 14.23 -51.59
C GLY G 57 -10.98 12.85 -51.43
N LYS G 58 -10.28 12.67 -50.33
CA LYS G 58 -9.64 11.39 -50.02
C LYS G 58 -10.50 10.60 -49.05
N GLY G 59 -10.83 9.37 -49.44
CA GLY G 59 -11.73 8.55 -48.65
C GLY G 59 -10.97 7.65 -47.68
N ARG G 60 -11.56 7.44 -46.51
CA ARG G 60 -10.89 6.71 -45.44
C ARG G 60 -11.50 5.32 -45.29
N ILE G 61 -10.65 4.31 -45.28
CA ILE G 61 -11.09 2.93 -45.15
C ILE G 61 -11.52 2.68 -43.71
N ILE G 62 -12.76 2.20 -43.55
CA ILE G 62 -13.35 1.99 -42.24
C ILE G 62 -12.42 1.12 -41.38
N PRO G 63 -11.87 1.64 -40.31
CA PRO G 63 -10.95 0.86 -39.50
C PRO G 63 -11.65 -0.30 -38.80
N GLY G 64 -11.54 -1.48 -39.41
CA GLY G 64 -12.13 -2.67 -38.84
C GLY G 64 -13.09 -3.43 -39.73
N SER G 65 -13.42 -2.89 -40.90
CA SER G 65 -14.35 -3.59 -41.78
C SER G 65 -13.91 -3.62 -43.24
N GLY G 66 -12.85 -2.93 -43.62
CA GLY G 66 -12.42 -2.90 -44.99
C GLY G 66 -13.15 -1.84 -45.80
N SER G 67 -14.38 -1.52 -45.39
CA SER G 67 -15.18 -0.54 -46.09
C SER G 67 -14.54 0.85 -46.03
N ALA G 68 -15.10 1.78 -46.80
CA ALA G 68 -14.55 3.13 -46.92
C ALA G 68 -15.54 4.16 -46.42
N GLU G 69 -15.02 5.23 -45.80
CA GLU G 69 -15.82 6.37 -45.37
C GLU G 69 -15.58 7.52 -46.33
N PHE G 70 -16.65 8.02 -46.93
CA PHE G 70 -16.60 9.15 -47.86
C PHE G 70 -17.36 10.35 -47.31
N GLU G 71 -16.68 11.49 -47.25
CA GLU G 71 -17.30 12.76 -46.89
C GLU G 71 -17.53 13.53 -48.18
N VAL G 72 -18.75 13.41 -48.71
CA VAL G 72 -19.15 14.07 -49.94
C VAL G 72 -19.49 15.51 -49.61
N LYS G 73 -18.60 16.42 -49.98
CA LYS G 73 -18.91 17.84 -50.00
C LYS G 73 -19.60 18.19 -51.32
N TYR G 74 -20.64 19.02 -51.25
CA TYR G 74 -21.22 19.53 -52.49
C TYR G 74 -22.05 20.76 -52.18
N ARG G 75 -22.82 21.19 -53.18
CA ARG G 75 -23.65 22.39 -53.11
C ARG G 75 -24.81 22.21 -54.07
N ALA G 76 -26.01 22.08 -53.53
CA ALA G 76 -27.16 21.67 -54.32
C ALA G 76 -28.33 22.63 -54.12
N VAL G 77 -29.27 22.57 -55.06
CA VAL G 77 -30.43 23.44 -55.03
C VAL G 77 -31.47 22.84 -54.11
N VAL G 78 -32.06 23.67 -53.24
CA VAL G 78 -33.11 23.26 -52.32
C VAL G 78 -34.31 24.17 -52.48
N TRP G 79 -35.50 23.56 -52.37
CA TRP G 79 -36.77 24.27 -52.27
C TRP G 79 -37.26 24.05 -50.84
N LYS G 80 -37.65 25.12 -50.15
CA LYS G 80 -38.20 24.92 -48.81
C LYS G 80 -39.16 26.06 -48.48
N PRO G 81 -40.39 25.74 -48.12
CA PRO G 81 -41.36 26.78 -47.77
C PRO G 81 -41.17 27.26 -46.34
N PHE G 82 -41.71 28.44 -46.07
CA PHE G 82 -41.56 29.10 -44.79
C PHE G 82 -42.95 29.46 -44.26
N LYS G 83 -43.06 29.58 -42.93
CA LYS G 83 -44.35 29.84 -42.32
C LYS G 83 -44.67 31.33 -42.35
N GLY G 84 -45.63 31.70 -43.21
CA GLY G 84 -45.96 33.07 -43.47
C GLY G 84 -45.77 33.50 -44.92
N GLU G 85 -45.74 32.54 -45.86
CA GLU G 85 -45.26 32.82 -47.21
C GLU G 85 -46.40 33.15 -48.17
N VAL G 86 -46.20 34.19 -48.97
CA VAL G 86 -47.14 34.57 -50.03
C VAL G 86 -46.86 33.71 -51.26
N VAL G 87 -47.79 32.81 -51.60
CA VAL G 87 -47.56 31.86 -52.70
C VAL G 87 -48.80 31.75 -53.57
N ASP G 88 -48.58 31.67 -54.88
CA ASP G 88 -49.63 31.21 -55.79
C ASP G 88 -49.57 29.70 -55.93
N ALA G 89 -50.70 29.13 -56.34
CA ALA G 89 -50.92 27.70 -56.23
C ALA G 89 -52.03 27.32 -57.20
N ILE G 90 -52.19 26.02 -57.42
CA ILE G 90 -53.25 25.54 -58.32
C ILE G 90 -54.12 24.54 -57.56
N VAL G 91 -55.41 24.81 -57.47
CA VAL G 91 -56.29 23.96 -56.66
C VAL G 91 -56.39 22.58 -57.30
N SER G 92 -56.29 21.56 -56.47
CA SER G 92 -56.26 20.16 -56.88
C SER G 92 -57.62 19.49 -56.83
N ASN G 93 -58.32 19.61 -55.70
CA ASN G 93 -59.69 19.15 -55.56
C ASN G 93 -60.47 20.23 -54.84
N VAL G 94 -61.77 20.03 -54.73
CA VAL G 94 -62.64 20.90 -53.94
C VAL G 94 -63.56 20.02 -53.11
N SER G 95 -63.83 20.44 -51.89
CA SER G 95 -64.64 19.63 -50.98
C SER G 95 -65.74 20.48 -50.38
N PRO G 96 -66.87 19.89 -49.98
CA PRO G 96 -67.94 20.68 -49.35
C PRO G 96 -67.51 21.44 -48.10
N ILE G 97 -66.27 21.25 -47.65
CA ILE G 97 -65.80 21.70 -46.35
C ILE G 97 -64.57 22.59 -46.44
N GLY G 98 -64.16 22.96 -47.64
CA GLY G 98 -62.93 23.72 -47.79
C GLY G 98 -62.19 23.31 -49.06
N PHE G 99 -60.98 23.81 -49.26
CA PHE G 99 -60.33 23.61 -50.55
C PHE G 99 -58.87 23.20 -50.39
N PHE G 100 -58.44 22.33 -51.31
CA PHE G 100 -57.08 21.81 -51.39
C PHE G 100 -56.40 22.38 -52.64
N ALA G 101 -55.22 22.96 -52.47
CA ALA G 101 -54.49 23.55 -53.58
C ALA G 101 -53.03 23.15 -53.51
N ASP G 102 -52.49 22.66 -54.63
CA ASP G 102 -51.05 22.43 -54.75
C ASP G 102 -50.33 23.75 -54.54
N VAL G 103 -49.65 23.85 -53.39
CA VAL G 103 -48.76 24.93 -53.00
C VAL G 103 -47.34 24.41 -53.00
N GLY G 104 -46.54 24.85 -53.95
CA GLY G 104 -45.23 24.28 -54.15
C GLY G 104 -45.36 22.80 -54.40
N PRO G 105 -44.29 22.05 -54.15
CA PRO G 105 -44.39 20.60 -54.25
C PRO G 105 -45.46 19.99 -53.36
N LEU G 106 -45.80 20.64 -52.26
CA LEU G 106 -46.79 20.01 -51.39
C LEU G 106 -48.17 20.61 -51.67
N ASN G 107 -49.14 20.19 -50.87
CA ASN G 107 -50.55 20.54 -51.05
C ASN G 107 -51.07 21.11 -49.74
N VAL G 108 -51.87 22.17 -49.82
CA VAL G 108 -52.33 22.90 -48.65
C VAL G 108 -53.85 22.95 -48.64
N PHE G 109 -54.44 22.76 -47.47
CA PHE G 109 -55.89 22.85 -47.30
C PHE G 109 -56.25 24.10 -46.51
N VAL G 110 -57.32 24.77 -46.94
CA VAL G 110 -57.85 25.95 -46.27
C VAL G 110 -59.36 25.74 -46.13
N SER G 111 -59.86 25.75 -44.89
CA SER G 111 -61.23 25.34 -44.62
C SER G 111 -62.19 26.52 -44.59
N THR G 112 -63.41 26.22 -44.11
CA THR G 112 -64.49 27.20 -44.10
C THR G 112 -64.18 28.39 -43.22
N ARG G 113 -63.86 28.14 -41.93
CA ARG G 113 -63.64 29.17 -40.93
C ARG G 113 -62.56 30.17 -41.31
N LEU G 114 -61.86 29.94 -42.42
CA LEU G 114 -60.83 30.85 -42.90
C LEU G 114 -61.18 31.44 -44.27
N ILE G 115 -62.44 31.39 -44.65
CA ILE G 115 -62.92 31.85 -45.95
C ILE G 115 -63.78 33.09 -45.72
N PRO G 116 -63.56 34.18 -46.45
CA PRO G 116 -64.44 35.35 -46.29
C PRO G 116 -65.86 35.03 -46.76
N ASP G 117 -66.83 35.34 -45.90
CA ASP G 117 -68.19 34.84 -46.08
C ASP G 117 -68.96 35.59 -47.16
N ASN G 118 -68.28 36.35 -48.00
CA ASN G 118 -68.89 36.71 -49.27
C ASN G 118 -68.66 35.67 -50.35
N LEU G 119 -67.64 34.81 -50.20
CA LEU G 119 -67.29 33.78 -51.18
C LEU G 119 -67.91 32.45 -50.74
N VAL G 120 -68.96 32.02 -51.43
CA VAL G 120 -69.70 30.82 -51.04
C VAL G 120 -69.28 29.67 -51.93
N TYR G 121 -69.01 28.53 -51.31
CA TYR G 121 -68.73 27.30 -52.04
C TYR G 121 -69.91 27.00 -52.95
N ASN G 122 -69.63 26.46 -54.14
CA ASN G 122 -70.68 26.19 -55.12
C ASN G 122 -70.39 24.87 -55.81
N PRO G 123 -70.94 23.75 -55.33
CA PRO G 123 -70.62 22.46 -55.94
C PRO G 123 -71.16 22.29 -57.35
N SER G 124 -72.40 22.70 -57.61
CA SER G 124 -72.97 22.51 -58.94
C SER G 124 -72.38 23.48 -59.95
N ASN G 125 -71.55 24.41 -59.50
CA ASN G 125 -70.81 25.26 -60.42
C ASN G 125 -69.81 24.41 -61.20
N SER G 126 -69.51 24.83 -62.42
CA SER G 126 -68.64 24.07 -63.31
C SER G 126 -67.44 24.90 -63.74
N PRO G 127 -66.26 24.70 -63.15
CA PRO G 127 -65.98 23.76 -62.07
C PRO G 127 -66.37 24.36 -60.73
N PRO G 128 -66.50 23.54 -59.69
CA PRO G 128 -66.88 24.07 -58.38
C PRO G 128 -65.94 25.18 -57.93
N ALA G 129 -66.54 26.23 -57.36
CA ALA G 129 -65.81 27.45 -57.09
C ALA G 129 -66.44 28.17 -55.90
N TYR G 130 -65.62 28.99 -55.25
CA TYR G 130 -66.09 29.89 -54.21
C TYR G 130 -66.43 31.22 -54.88
N MET G 131 -67.71 31.58 -54.83
CA MET G 131 -68.30 32.62 -55.65
C MET G 131 -68.59 33.87 -54.85
N SER G 132 -68.26 35.01 -55.46
CA SER G 132 -68.79 36.30 -55.09
C SER G 132 -69.02 37.08 -56.38
N ASN G 133 -69.36 38.35 -56.25
CA ASN G 133 -69.72 39.19 -57.38
C ASN G 133 -68.48 40.02 -57.72
N ASP G 134 -67.93 39.77 -58.91
CA ASP G 134 -66.62 40.22 -59.38
C ASP G 134 -65.50 39.37 -58.79
N GLU G 135 -65.85 38.32 -58.04
CA GLU G 135 -64.88 37.46 -57.39
C GLU G 135 -65.09 36.01 -57.80
N LEU G 136 -64.00 35.24 -57.79
CA LEU G 136 -64.05 33.84 -58.20
C LEU G 136 -62.83 33.12 -57.63
N ILE G 137 -63.05 31.96 -57.01
CA ILE G 137 -61.95 31.06 -56.68
C ILE G 137 -62.27 29.67 -57.23
N THR G 138 -61.60 29.26 -58.31
CA THR G 138 -62.03 28.09 -59.06
C THR G 138 -60.85 27.22 -59.47
N LYS G 139 -61.18 26.05 -60.02
CA LYS G 139 -60.21 25.18 -60.68
C LYS G 139 -59.77 25.78 -62.00
N GLY G 140 -58.47 25.75 -62.24
CA GLY G 140 -57.88 26.28 -63.46
C GLY G 140 -57.36 27.69 -63.35
N SER G 141 -58.09 28.58 -62.67
CA SER G 141 -57.54 29.86 -62.28
C SER G 141 -56.83 29.70 -60.94
N LYS G 142 -55.56 30.07 -60.92
CA LYS G 142 -54.72 29.81 -59.75
C LYS G 142 -55.25 30.56 -58.54
N VAL G 143 -54.82 30.12 -57.36
CA VAL G 143 -55.26 30.68 -56.09
C VAL G 143 -54.05 30.95 -55.21
N ARG G 144 -54.05 32.10 -54.55
CA ARG G 144 -52.95 32.49 -53.67
C ARG G 144 -53.30 32.11 -52.23
N LEU G 145 -52.29 31.72 -51.46
CA LEU G 145 -52.43 31.54 -50.02
C LEU G 145 -51.14 31.83 -49.27
N LYS G 146 -51.23 31.61 -47.95
CA LYS G 146 -50.18 31.91 -46.97
C LYS G 146 -50.04 30.77 -45.98
N VAL G 147 -48.87 30.15 -45.95
CA VAL G 147 -48.54 29.09 -44.98
C VAL G 147 -48.42 29.72 -43.59
N VAL G 148 -49.29 29.30 -42.66
CA VAL G 148 -49.35 29.91 -41.34
C VAL G 148 -49.10 28.92 -40.21
N GLY G 149 -49.20 27.61 -40.46
CA GLY G 149 -49.03 26.68 -39.35
C GLY G 149 -48.25 25.42 -39.66
N THR G 150 -47.32 25.04 -38.79
CA THR G 150 -46.34 23.98 -39.07
C THR G 150 -46.40 22.89 -38.00
N ARG G 151 -46.61 21.65 -38.45
CA ARG G 151 -46.47 20.46 -37.63
C ARG G 151 -45.50 19.50 -38.30
N THR G 152 -44.37 19.24 -37.64
CA THR G 152 -43.21 18.61 -38.27
C THR G 152 -43.25 17.10 -38.05
N ASP G 153 -43.84 16.41 -39.02
CA ASP G 153 -43.64 14.97 -39.21
C ASP G 153 -42.48 14.72 -40.17
N VAL G 154 -41.23 14.73 -39.68
CA VAL G 154 -40.05 15.15 -40.43
C VAL G 154 -39.99 14.52 -41.81
N ASN G 155 -40.56 13.33 -41.99
CA ASN G 155 -40.60 12.69 -43.30
C ASN G 155 -41.35 13.52 -44.32
N GLU G 156 -42.44 14.16 -43.92
CA GLU G 156 -43.02 15.29 -44.63
C GLU G 156 -43.56 16.26 -43.60
N ILE G 157 -42.93 17.42 -43.47
CA ILE G 157 -43.44 18.45 -42.58
C ILE G 157 -44.79 18.85 -43.12
N TYR G 158 -45.71 19.27 -42.25
CA TYR G 158 -47.04 19.59 -42.69
C TYR G 158 -47.35 21.05 -42.39
N ALA G 159 -47.78 21.78 -43.41
CA ALA G 159 -48.10 23.19 -43.30
C ALA G 159 -49.56 23.40 -43.68
N ILE G 160 -50.22 24.31 -42.96
CA ILE G 160 -51.59 24.70 -43.21
C ILE G 160 -51.60 26.19 -43.53
N GLY G 161 -52.36 26.56 -44.57
CA GLY G 161 -52.42 27.92 -45.06
C GLY G 161 -53.80 28.54 -44.94
N SER G 162 -53.88 29.80 -45.36
CA SER G 162 -55.14 30.54 -45.29
C SER G 162 -55.00 31.82 -46.09
N ILE G 163 -56.13 32.48 -46.35
CA ILE G 163 -56.18 33.69 -47.16
C ILE G 163 -56.85 34.84 -46.41
N LYS G 164 -56.74 34.87 -45.08
CA LYS G 164 -57.52 35.81 -44.26
C LYS G 164 -56.72 37.02 -43.77
N GLU G 165 -55.77 37.51 -44.57
CA GLU G 165 -55.11 38.76 -44.22
C GLU G 165 -55.18 39.73 -45.40
N ASP G 166 -54.31 40.73 -45.36
CA ASP G 166 -54.35 41.80 -46.33
C ASP G 166 -53.96 41.31 -47.71
N PHE G 167 -54.81 41.65 -48.69
CA PHE G 167 -54.56 41.60 -50.13
C PHE G 167 -54.57 40.18 -50.70
N LEU G 168 -54.68 39.15 -49.87
CA LEU G 168 -54.68 37.76 -50.33
C LEU G 168 -56.08 37.40 -50.81
N GLY G 169 -56.16 36.65 -51.90
CA GLY G 169 -57.44 36.21 -52.40
C GLY G 169 -57.39 35.92 -53.89
N ALA G 170 -58.48 36.29 -54.57
CA ALA G 170 -58.65 35.95 -55.97
C ALA G 170 -57.76 36.79 -56.89
N ILE G 171 -57.17 36.13 -57.88
CA ILE G 171 -56.38 36.81 -58.90
C ILE G 171 -56.85 36.35 -60.26
N SER H 3 51.52 -34.55 -56.24
CA SER H 3 50.91 -33.24 -56.07
C SER H 3 51.28 -32.69 -54.72
N ALA H 4 52.18 -33.40 -54.04
CA ALA H 4 52.67 -32.97 -52.74
C ALA H 4 53.18 -31.56 -52.81
N LEU H 5 52.70 -30.72 -51.91
CA LEU H 5 53.13 -29.33 -51.84
C LEU H 5 54.06 -29.09 -50.67
N PHE H 6 54.77 -30.11 -50.25
CA PHE H 6 55.69 -30.07 -49.13
C PHE H 6 56.26 -31.46 -49.01
N ASP H 7 57.29 -31.62 -48.20
CA ASP H 7 57.66 -32.93 -47.69
C ASP H 7 58.74 -32.77 -46.65
N ASP H 8 58.63 -33.51 -45.56
CA ASP H 8 59.77 -33.52 -44.67
C ASP H 8 59.65 -34.70 -43.72
N ILE H 9 60.69 -34.88 -42.92
CA ILE H 9 60.77 -35.95 -41.95
C ILE H 9 60.98 -35.33 -40.59
N PHE H 10 60.28 -35.83 -39.58
CA PHE H 10 60.29 -35.19 -38.28
C PHE H 10 60.60 -36.18 -37.17
N THR H 11 61.21 -35.61 -36.13
CA THR H 11 61.34 -36.26 -34.84
C THR H 11 60.38 -35.63 -33.88
N VAL H 12 59.69 -36.45 -33.12
CA VAL H 12 58.73 -35.99 -32.13
C VAL H 12 59.47 -35.76 -30.82
N GLN H 13 59.39 -34.56 -30.29
CA GLN H 13 60.07 -34.32 -29.04
C GLN H 13 59.19 -34.52 -27.82
N THR H 14 58.02 -33.88 -27.75
CA THR H 14 57.14 -34.08 -26.62
C THR H 14 55.72 -34.33 -27.08
N VAL H 15 55.08 -35.26 -26.41
CA VAL H 15 53.68 -35.62 -26.65
C VAL H 15 52.95 -35.56 -25.33
N ASP H 16 51.92 -34.72 -25.26
CA ASP H 16 51.12 -34.59 -24.06
C ASP H 16 49.70 -35.08 -24.32
N ASN H 17 49.26 -36.03 -23.51
CA ASN H 17 47.85 -36.35 -23.42
C ASN H 17 47.15 -35.32 -22.56
N GLY H 18 47.39 -35.37 -21.26
CA GLY H 18 46.82 -34.39 -20.36
C GLY H 18 45.31 -34.31 -20.42
N ARG H 19 44.84 -33.39 -21.26
CA ARG H 19 43.43 -33.03 -21.24
C ARG H 19 42.54 -34.01 -21.97
N TYR H 20 43.06 -35.09 -22.53
CA TYR H 20 42.20 -35.94 -23.31
C TYR H 20 42.58 -37.40 -23.16
N ASN H 21 41.69 -38.27 -23.62
CA ASN H 21 42.03 -39.67 -23.67
C ASN H 21 42.32 -40.16 -25.07
N LYS H 22 41.87 -39.45 -26.11
CA LYS H 22 42.12 -39.92 -27.45
C LYS H 22 43.03 -39.04 -28.28
N VAL H 23 43.09 -37.74 -27.99
CA VAL H 23 43.88 -36.87 -28.84
C VAL H 23 45.01 -36.28 -28.03
N SER H 24 46.22 -36.45 -28.53
CA SER H 24 47.39 -35.89 -27.89
C SER H 24 48.15 -35.03 -28.89
N ARG H 25 48.84 -34.04 -28.34
CA ARG H 25 49.53 -33.04 -29.13
C ARG H 25 50.99 -33.42 -29.26
N ILE H 26 51.52 -33.27 -30.45
CA ILE H 26 52.90 -33.58 -30.75
C ILE H 26 53.60 -32.32 -31.19
N ILE H 27 54.89 -32.27 -30.87
CA ILE H 27 55.77 -31.18 -31.26
C ILE H 27 56.89 -31.79 -32.09
N GLY H 28 56.80 -31.63 -33.40
CA GLY H 28 57.76 -32.19 -34.32
C GLY H 28 58.79 -31.19 -34.77
N ILE H 29 60.04 -31.62 -34.87
CA ILE H 29 61.10 -30.80 -35.44
C ILE H 29 61.82 -31.59 -36.51
N SER H 30 62.18 -30.92 -37.59
CA SER H 30 62.80 -31.59 -38.72
C SER H 30 64.21 -32.01 -38.36
N THR H 31 64.82 -32.75 -39.28
CA THR H 31 66.24 -33.06 -39.23
C THR H 31 66.98 -32.52 -40.44
N THR H 32 66.35 -32.52 -41.62
CA THR H 32 66.94 -31.87 -42.79
C THR H 32 67.18 -30.39 -42.54
N ASN H 33 66.43 -29.77 -41.64
CA ASN H 33 66.56 -28.35 -41.36
C ASN H 33 65.75 -28.02 -40.12
N SER H 34 66.40 -27.55 -39.06
CA SER H 34 65.62 -27.01 -37.98
C SER H 34 65.02 -25.68 -38.42
N ALA H 35 64.43 -24.96 -37.47
CA ALA H 35 63.65 -23.76 -37.79
C ALA H 35 62.48 -24.10 -38.70
N ILE H 36 61.98 -25.33 -38.60
CA ILE H 36 60.67 -25.68 -39.12
C ILE H 36 59.98 -26.40 -37.97
N LYS H 37 59.30 -25.66 -37.12
CA LYS H 37 58.71 -26.22 -35.93
C LYS H 37 57.31 -26.67 -36.28
N LEU H 38 56.83 -27.72 -35.62
CA LEU H 38 55.58 -28.33 -36.03
C LEU H 38 54.78 -28.71 -34.79
N THR H 39 53.48 -28.45 -34.82
CA THR H 39 52.62 -28.83 -33.71
C THR H 39 51.31 -29.37 -34.24
N LEU H 40 50.98 -30.58 -33.83
CA LEU H 40 49.90 -31.32 -34.47
C LEU H 40 49.15 -32.14 -33.45
N ASP H 41 47.83 -32.23 -33.59
CA ASP H 41 47.08 -33.07 -32.68
C ASP H 41 46.69 -34.36 -33.39
N ILE H 42 46.71 -35.48 -32.65
CA ILE H 42 46.53 -36.78 -33.26
C ILE H 42 45.69 -37.68 -32.39
N ASN H 43 45.18 -38.74 -33.01
CA ASN H 43 44.18 -39.60 -32.39
C ASN H 43 44.82 -40.88 -31.88
N ASN H 44 45.01 -40.96 -30.57
CA ASN H 44 45.83 -42.03 -30.01
C ASN H 44 45.26 -43.40 -30.32
N GLU H 45 43.95 -43.50 -30.48
CA GLU H 45 43.38 -44.79 -30.79
C GLU H 45 43.48 -45.17 -32.26
N MET H 46 43.73 -44.22 -33.15
CA MET H 46 43.82 -44.56 -34.56
C MET H 46 45.23 -44.43 -35.10
N PHE H 47 46.14 -43.85 -34.31
CA PHE H 47 47.53 -43.73 -34.73
C PHE H 47 48.38 -43.44 -33.52
N PRO H 48 48.70 -44.43 -32.71
CA PRO H 48 49.49 -44.15 -31.51
C PRO H 48 50.90 -43.75 -31.91
N VAL H 49 51.52 -42.95 -31.06
CA VAL H 49 52.91 -42.57 -31.21
C VAL H 49 53.58 -42.61 -29.86
N SER H 50 54.88 -42.42 -29.87
CA SER H 50 55.66 -42.35 -28.64
C SER H 50 56.76 -41.33 -28.85
N GLN H 51 57.40 -40.96 -27.76
CA GLN H 51 58.35 -39.86 -27.81
C GLN H 51 59.57 -40.24 -28.65
N ASP H 52 60.16 -39.24 -29.29
CA ASP H 52 61.45 -39.38 -29.97
C ASP H 52 61.37 -40.36 -31.13
N ASP H 53 60.21 -40.41 -31.75
CA ASP H 53 60.03 -41.29 -32.90
C ASP H 53 60.08 -40.46 -34.17
N SER H 54 59.62 -41.04 -35.28
CA SER H 54 59.75 -40.41 -36.58
C SER H 54 58.44 -40.39 -37.32
N LEU H 55 58.26 -39.37 -38.15
CA LEU H 55 57.05 -39.20 -38.97
C LEU H 55 57.47 -38.67 -40.32
N THR H 56 56.79 -39.08 -41.38
CA THR H 56 57.11 -38.59 -42.71
C THR H 56 55.96 -37.76 -43.25
N VAL H 57 56.00 -36.45 -43.06
CA VAL H 57 54.84 -35.59 -43.25
C VAL H 57 54.80 -35.08 -44.67
N THR H 58 53.60 -35.00 -45.21
CA THR H 58 53.35 -34.57 -46.58
C THR H 58 52.05 -33.80 -46.60
N LEU H 59 51.98 -32.73 -47.40
CA LEU H 59 50.81 -31.87 -47.44
C LEU H 59 50.31 -31.69 -48.86
N ALA H 60 49.14 -32.23 -49.17
CA ALA H 60 48.59 -32.14 -50.50
C ALA H 60 47.41 -31.20 -50.50
N ASN H 61 47.08 -30.70 -51.69
CA ASN H 61 45.84 -29.99 -51.89
C ASN H 61 44.89 -30.70 -52.81
N SER H 62 45.19 -31.93 -53.22
CA SER H 62 44.19 -32.78 -53.85
C SER H 62 44.72 -34.19 -53.91
N LEU H 63 44.08 -35.10 -53.19
CA LEU H 63 44.55 -36.47 -53.14
C LEU H 63 44.45 -37.17 -54.48
N SER H 64 43.85 -36.54 -55.49
CA SER H 64 43.82 -37.15 -56.80
C SER H 64 45.23 -37.16 -57.37
N LEU H 65 45.48 -38.07 -58.29
CA LEU H 65 46.81 -38.23 -58.82
C LEU H 65 46.85 -37.93 -60.32
N LYS H 76 30.06 -33.48 -55.09
CA LYS H 76 31.23 -33.32 -54.24
C LYS H 76 31.01 -34.03 -52.92
N SER H 77 29.94 -34.79 -52.86
CA SER H 77 29.56 -35.43 -51.62
C SER H 77 30.43 -36.64 -51.35
N TRP H 78 31.24 -36.54 -50.31
CA TRP H 78 32.17 -37.60 -50.00
C TRP H 78 31.48 -38.92 -49.67
N ARG H 79 31.49 -39.81 -50.54
CA ARG H 79 31.06 -41.13 -50.14
C ARG H 79 32.24 -41.87 -49.54
N PRO H 80 31.99 -42.96 -48.83
CA PRO H 80 33.08 -43.88 -48.55
C PRO H 80 33.66 -44.43 -49.85
N PRO H 81 34.95 -44.71 -49.88
CA PRO H 81 35.61 -44.96 -51.15
C PRO H 81 35.35 -46.36 -51.66
N LYS H 82 35.44 -46.50 -52.97
CA LYS H 82 35.49 -47.82 -53.56
C LYS H 82 36.76 -48.51 -53.14
N PRO H 83 36.83 -49.81 -53.25
CA PRO H 83 38.11 -50.49 -53.01
C PRO H 83 39.03 -50.34 -54.21
N THR H 84 38.42 -50.22 -55.39
CA THR H 84 39.15 -50.32 -56.64
C THR H 84 39.91 -49.05 -57.00
N ASP H 85 39.43 -47.88 -56.59
CA ASP H 85 40.07 -46.64 -56.96
C ASP H 85 41.28 -46.38 -56.05
N LYS H 86 42.11 -45.42 -56.44
CA LYS H 86 43.42 -45.30 -55.83
C LYS H 86 43.69 -43.85 -55.46
N SER H 87 44.50 -43.69 -54.42
CA SER H 87 44.71 -42.39 -53.81
C SER H 87 46.17 -42.07 -53.77
N LEU H 88 46.46 -40.83 -53.36
CA LEU H 88 47.78 -40.57 -52.82
C LEU H 88 47.92 -41.17 -51.44
N ALA H 89 46.82 -41.37 -50.74
CA ALA H 89 46.90 -41.85 -49.38
C ALA H 89 47.43 -43.25 -49.30
N ASP H 90 47.45 -43.96 -50.42
CA ASP H 90 47.64 -45.40 -50.36
C ASP H 90 49.02 -45.79 -49.88
N ASP H 91 49.78 -44.86 -49.30
CA ASP H 91 51.13 -45.13 -48.86
C ASP H 91 51.37 -44.69 -47.43
N TYR H 92 50.30 -44.46 -46.67
CA TYR H 92 50.42 -43.85 -45.37
C TYR H 92 49.44 -44.49 -44.42
N ASP H 93 49.21 -43.83 -43.29
CA ASP H 93 48.42 -44.41 -42.25
C ASP H 93 47.50 -43.45 -41.53
N TYR H 94 47.44 -42.19 -41.94
CA TYR H 94 46.65 -41.22 -41.21
C TYR H 94 46.56 -39.99 -42.10
N VAL H 95 45.45 -39.86 -42.80
CA VAL H 95 45.29 -38.88 -43.85
C VAL H 95 44.13 -38.00 -43.49
N MET H 96 44.40 -36.86 -42.87
CA MET H 96 43.38 -36.01 -42.29
C MET H 96 43.08 -34.87 -43.25
N PHE H 97 41.91 -34.28 -43.11
CA PHE H 97 41.53 -33.15 -43.94
C PHE H 97 41.29 -31.92 -43.08
N GLY H 98 41.58 -30.75 -43.64
CA GLY H 98 41.44 -29.53 -42.86
C GLY H 98 41.41 -28.26 -43.66
N THR H 99 41.46 -27.12 -42.98
CA THR H 99 41.33 -25.87 -43.69
C THR H 99 42.42 -24.91 -43.25
N VAL H 100 43.03 -24.25 -44.23
CA VAL H 100 43.96 -23.16 -43.97
C VAL H 100 43.15 -22.02 -43.40
N TYR H 101 43.38 -21.65 -42.14
CA TYR H 101 42.55 -20.61 -41.59
C TYR H 101 43.34 -19.43 -41.06
N LYS H 102 44.66 -19.46 -41.16
CA LYS H 102 45.49 -18.31 -40.77
C LYS H 102 46.82 -18.42 -41.51
N PHE H 103 47.26 -17.33 -42.11
CA PHE H 103 48.49 -17.35 -42.90
C PHE H 103 49.27 -16.07 -42.61
N GLU H 104 50.07 -16.08 -41.56
CA GLU H 104 50.58 -14.84 -40.99
C GLU H 104 52.00 -14.57 -41.48
N GLU H 105 52.10 -13.90 -42.62
CA GLU H 105 53.39 -13.61 -43.25
C GLU H 105 54.13 -12.55 -42.46
N GLY H 106 54.83 -12.95 -41.41
CA GLY H 106 55.38 -11.95 -40.51
C GLY H 106 56.74 -11.46 -40.94
N ASP H 107 57.76 -11.73 -40.12
CA ASP H 107 59.11 -11.26 -40.39
C ASP H 107 59.71 -12.00 -41.56
N GLU H 108 61.03 -11.87 -41.71
CA GLU H 108 61.73 -12.50 -42.82
C GLU H 108 61.34 -13.96 -42.98
N ASP H 109 61.31 -14.71 -41.87
CA ASP H 109 60.99 -16.12 -42.04
C ASP H 109 60.21 -16.71 -40.87
N LYS H 110 59.57 -15.89 -40.04
CA LYS H 110 58.64 -16.43 -39.05
C LYS H 110 57.28 -16.45 -39.72
N ILE H 111 57.05 -17.48 -40.51
CA ILE H 111 55.81 -17.65 -41.24
C ILE H 111 55.08 -18.80 -40.59
N LYS H 112 54.08 -18.48 -39.78
CA LYS H 112 53.27 -19.46 -39.10
C LYS H 112 52.02 -19.68 -39.93
N VAL H 113 51.66 -20.93 -40.14
CA VAL H 113 50.42 -21.28 -40.83
C VAL H 113 49.58 -22.10 -39.88
N TYR H 114 48.32 -21.74 -39.76
CA TYR H 114 47.42 -22.44 -38.87
C TYR H 114 46.33 -23.09 -39.71
N VAL H 115 46.33 -24.41 -39.74
CA VAL H 115 45.31 -25.18 -40.42
C VAL H 115 44.56 -25.94 -39.36
N SER H 116 43.25 -25.94 -39.46
CA SER H 116 42.40 -26.60 -38.49
C SER H 116 41.72 -27.79 -39.15
N PHE H 117 41.89 -28.95 -38.53
CA PHE H 117 41.27 -30.19 -38.98
C PHE H 117 40.04 -30.49 -38.18
N GLY H 118 39.02 -29.66 -38.32
CA GLY H 118 37.77 -29.88 -37.64
C GLY H 118 38.03 -30.10 -36.17
N GLY H 119 38.45 -29.07 -35.48
CA GLY H 119 38.84 -29.22 -34.11
C GLY H 119 40.26 -29.66 -33.92
N LEU H 120 40.86 -30.30 -34.91
CA LEU H 120 42.27 -30.58 -34.88
C LEU H 120 43.02 -29.43 -35.53
N LEU H 121 44.16 -29.08 -34.94
CA LEU H 121 44.86 -27.85 -35.28
C LEU H 121 46.15 -28.19 -36.00
N MET H 122 46.90 -27.16 -36.41
CA MET H 122 48.23 -27.42 -36.94
C MET H 122 49.04 -26.12 -36.96
N CYS H 123 50.06 -26.04 -36.12
CA CYS H 123 51.01 -24.94 -36.16
C CYS H 123 52.19 -25.33 -37.02
N LEU H 124 52.30 -24.69 -38.17
CA LEU H 124 53.38 -24.98 -39.09
C LEU H 124 54.11 -23.69 -39.39
N GLU H 125 55.44 -23.79 -39.50
CA GLU H 125 56.31 -22.62 -39.63
C GLU H 125 57.38 -22.94 -40.66
N GLY H 126 58.30 -22.00 -40.86
CA GLY H 126 59.50 -22.36 -41.60
C GLY H 126 59.77 -21.43 -42.74
N GLY H 127 60.57 -21.91 -43.69
CA GLY H 127 61.10 -21.05 -44.72
C GLY H 127 60.02 -20.53 -45.66
N TYR H 128 60.08 -19.22 -45.92
CA TYR H 128 59.11 -18.62 -46.82
C TYR H 128 59.00 -19.38 -48.11
N LYS H 129 60.14 -19.67 -48.74
CA LYS H 129 60.18 -20.38 -50.00
C LYS H 129 59.52 -21.75 -49.89
N SER H 130 59.46 -22.31 -48.68
CA SER H 130 58.87 -23.62 -48.49
C SER H 130 57.36 -23.50 -48.41
N LEU H 131 56.88 -22.76 -47.42
CA LEU H 131 55.46 -22.74 -47.15
C LEU H 131 54.69 -21.93 -48.15
N ALA H 132 55.38 -21.15 -48.98
CA ALA H 132 54.70 -20.09 -49.73
C ALA H 132 53.56 -20.61 -50.58
N SER H 133 53.56 -21.86 -50.99
CA SER H 133 52.46 -22.38 -51.77
C SER H 133 51.25 -22.73 -50.92
N LEU H 134 51.42 -22.87 -49.61
CA LEU H 134 50.34 -23.30 -48.73
C LEU H 134 49.21 -22.30 -48.61
N LYS H 135 49.19 -21.26 -49.43
CA LYS H 135 48.09 -20.30 -49.40
C LYS H 135 46.91 -20.95 -50.13
N GLN H 136 46.36 -21.98 -49.52
CA GLN H 136 45.22 -22.70 -50.09
C GLN H 136 44.08 -22.75 -49.08
N ASP H 137 43.11 -23.62 -49.29
CA ASP H 137 42.03 -23.78 -48.33
C ASP H 137 41.86 -25.21 -47.85
N ASN H 138 42.26 -26.18 -48.64
CA ASN H 138 42.10 -27.59 -48.31
C ASN H 138 43.47 -28.23 -48.28
N LEU H 139 43.85 -28.78 -47.14
CA LEU H 139 45.14 -29.44 -47.04
C LEU H 139 44.97 -30.83 -46.45
N TYR H 140 45.05 -31.85 -47.28
CA TYR H 140 45.19 -33.18 -46.72
C TYR H 140 46.50 -33.20 -45.95
N ILE H 141 46.70 -34.22 -45.14
CA ILE H 141 47.97 -34.41 -44.45
C ILE H 141 48.20 -35.88 -44.23
N LEU H 142 49.41 -36.35 -44.50
CA LEU H 142 49.58 -37.80 -44.74
C LEU H 142 50.69 -38.33 -43.83
N ILE H 143 50.36 -38.57 -42.57
CA ILE H 143 51.39 -39.00 -41.64
C ILE H 143 51.79 -40.42 -41.96
N ARG H 144 53.03 -40.77 -41.65
CA ARG H 144 53.62 -42.06 -41.97
C ARG H 144 54.19 -42.69 -40.71
N ARG H 145 54.26 -44.01 -40.69
CA ARG H 145 54.96 -44.73 -39.63
C ARG H 145 54.32 -44.63 -38.25
N SER I 3 20.56 12.57 43.44
CA SER I 3 20.47 11.71 44.61
C SER I 3 19.84 12.47 45.76
N PHE I 4 18.57 12.24 46.02
CA PHE I 4 17.83 13.00 47.01
C PHE I 4 17.52 12.12 48.21
N ARG I 5 17.79 12.65 49.41
CA ARG I 5 17.49 11.97 50.66
C ARG I 5 16.20 12.52 51.26
N PHE I 6 15.67 11.82 52.25
CA PHE I 6 14.27 11.98 52.61
C PHE I 6 14.06 12.83 53.85
N CYS I 7 12.78 13.02 54.18
CA CYS I 7 12.36 13.73 55.38
C CYS I 7 12.15 12.77 56.53
N LEU I 8 12.06 13.32 57.74
CA LEU I 8 11.84 12.55 58.94
C LEU I 8 10.53 12.90 59.64
N GLU I 9 9.74 13.79 59.08
CA GLU I 9 8.61 14.36 59.79
C GLU I 9 7.30 14.19 59.05
N CYS I 10 7.29 14.37 57.73
CA CYS I 10 6.12 14.13 56.91
C CYS I 10 6.42 13.15 55.79
N ASN I 11 7.52 12.40 55.90
CA ASN I 11 7.88 11.32 55.01
C ASN I 11 8.05 11.78 53.57
N ASN I 12 8.53 13.01 53.37
CA ASN I 12 8.59 13.53 52.02
C ASN I 12 10.03 13.54 51.51
N MET I 13 10.16 13.93 50.25
CA MET I 13 11.46 14.20 49.67
C MET I 13 11.91 15.61 50.04
N LEU I 14 13.13 15.95 49.66
CA LEU I 14 13.67 17.24 50.02
C LEU I 14 13.97 18.09 48.78
N TYR I 15 14.61 19.22 49.02
CA TYR I 15 15.10 20.10 47.98
C TYR I 15 16.37 20.79 48.46
N PRO I 16 17.24 21.16 47.53
CA PRO I 16 18.30 22.12 47.85
C PRO I 16 17.72 23.51 48.02
N LYS I 17 18.38 24.29 48.87
CA LYS I 17 17.94 25.66 49.12
C LYS I 17 19.10 26.46 49.66
N GLU I 18 19.40 27.56 48.98
CA GLU I 18 20.59 28.35 49.27
C GLU I 18 20.36 29.27 50.47
N ASP I 19 21.07 29.01 51.57
CA ASP I 19 20.96 29.85 52.75
C ASP I 19 21.87 31.06 52.54
N LYS I 20 21.28 32.16 52.08
CA LYS I 20 22.09 33.25 51.54
C LYS I 20 22.75 34.07 52.63
N GLU I 21 22.19 34.07 53.85
CA GLU I 21 22.81 34.82 54.94
C GLU I 21 24.15 34.22 55.33
N ASN I 22 24.15 32.96 55.75
CA ASN I 22 25.33 32.34 56.31
C ASN I 22 26.26 31.78 55.25
N GLN I 23 25.96 32.03 53.98
CA GLN I 23 26.77 31.52 52.86
C GLN I 23 26.98 30.02 52.94
N ARG I 24 25.90 29.25 52.81
CA ARG I 24 25.94 27.82 52.69
C ARG I 24 24.73 27.32 51.91
N LEU I 25 24.71 26.03 51.66
CA LEU I 25 23.56 25.37 51.07
C LEU I 25 22.79 24.66 52.18
N LEU I 26 21.55 24.29 51.90
CA LEU I 26 20.72 23.57 52.84
C LEU I 26 19.97 22.46 52.10
N TYR I 27 19.07 21.82 52.83
CA TYR I 27 18.04 20.95 52.27
C TYR I 27 16.78 21.20 53.08
N SER I 28 15.72 21.60 52.39
CA SER I 28 14.47 21.87 53.07
C SER I 28 13.38 20.97 52.52
N CYS I 29 12.38 20.73 53.35
CA CYS I 29 11.18 20.05 52.91
C CYS I 29 10.25 21.06 52.27
N ARG I 30 9.10 20.55 51.87
CA ARG I 30 8.03 21.38 51.35
C ARG I 30 6.72 21.06 52.03
N ASN I 31 6.58 19.86 52.60
CA ASN I 31 5.38 19.53 53.35
C ASN I 31 5.60 19.53 54.85
N CYS I 32 6.78 19.88 55.33
CA CYS I 32 6.95 20.22 56.73
C CYS I 32 7.89 21.42 56.80
N ASP I 33 8.39 21.69 57.99
CA ASP I 33 9.28 22.82 58.19
C ASP I 33 10.60 22.39 58.80
N TYR I 34 10.89 21.09 58.71
CA TYR I 34 12.22 20.62 58.98
C TYR I 34 13.18 21.31 58.04
N THR I 35 14.40 21.54 58.49
CA THR I 35 15.36 22.28 57.70
C THR I 35 16.74 21.74 58.06
N GLU I 36 17.62 21.55 57.08
CA GLU I 36 18.88 20.96 57.46
C GLU I 36 20.02 21.54 56.64
N LEU I 37 21.22 21.37 57.18
CA LEU I 37 22.48 21.72 56.57
C LEU I 37 22.73 20.88 55.31
N ALA I 38 23.70 21.29 54.54
CA ALA I 38 24.05 20.63 53.30
C ALA I 38 25.29 19.75 53.46
N GLU I 39 25.60 18.99 52.42
CA GLU I 39 26.69 18.02 52.43
C GLU I 39 27.48 17.93 51.13
N ASP I 40 27.05 18.58 50.04
CA ASP I 40 27.71 18.44 48.75
C ASP I 40 27.41 19.63 47.86
N PRO I 41 28.43 20.29 47.31
CA PRO I 41 28.15 21.24 46.24
C PRO I 41 27.51 20.58 45.05
N LYS I 42 27.93 19.36 44.70
CA LYS I 42 27.28 18.66 43.59
C LYS I 42 25.91 18.20 44.02
N VAL I 43 24.90 19.01 43.75
CA VAL I 43 23.53 18.61 44.09
C VAL I 43 23.01 17.81 42.91
N TYR I 44 23.36 18.23 41.71
CA TYR I 44 22.94 17.57 40.51
C TYR I 44 24.12 16.96 39.79
N ARG I 45 23.84 15.96 38.99
CA ARG I 45 24.83 15.35 38.11
C ARG I 45 24.07 14.64 37.00
N HIS I 46 24.70 14.50 35.86
CA HIS I 46 24.16 13.64 34.81
C HIS I 46 25.34 13.22 33.94
N GLU I 47 25.49 11.92 33.75
CA GLU I 47 26.66 11.45 33.05
C GLU I 47 26.35 11.23 31.57
N LEU I 48 27.36 11.45 30.75
CA LEU I 48 27.28 11.18 29.32
C LEU I 48 28.06 9.93 28.94
N ILE I 49 29.20 9.69 29.56
CA ILE I 49 29.99 8.51 29.31
C ILE I 49 30.10 7.71 30.60
N THR I 50 29.58 6.49 30.57
CA THR I 50 29.71 5.57 31.70
C THR I 50 29.90 4.17 31.16
N ASN I 51 30.26 3.25 32.06
CA ASN I 51 30.44 1.85 31.73
C ASN I 51 29.75 0.99 32.78
N ILE I 52 28.82 1.59 33.51
CA ILE I 52 28.16 0.97 34.66
C ILE I 52 26.91 0.22 34.17
N GLY I 53 26.64 -0.93 34.79
CA GLY I 53 25.74 -1.92 34.27
C GLY I 53 26.44 -3.16 33.79
N GLU I 54 27.56 -3.52 34.41
CA GLU I 54 28.63 -4.27 33.78
C GLU I 54 28.69 -5.72 34.26
N THR I 55 28.88 -5.91 35.56
CA THR I 55 28.97 -7.24 36.16
C THR I 55 27.62 -7.66 36.70
N ALA I 56 26.57 -7.37 35.93
CA ALA I 56 25.21 -7.45 36.44
C ALA I 56 24.88 -8.82 36.98
N GLY I 57 24.75 -9.81 36.10
CA GLY I 57 24.16 -11.08 36.48
C GLY I 57 25.00 -11.92 37.41
N ILE I 58 25.43 -11.35 38.53
CA ILE I 58 26.28 -12.02 39.51
C ILE I 58 25.55 -12.06 40.84
N VAL I 59 25.44 -13.25 41.42
CA VAL I 59 24.98 -13.49 42.78
C VAL I 59 25.87 -14.59 43.35
N ASP I 60 25.57 -15.04 44.57
CA ASP I 60 26.37 -16.14 45.12
C ASP I 60 26.02 -17.47 44.46
N ASP I 61 24.80 -17.63 43.95
CA ASP I 61 24.46 -18.82 43.17
C ASP I 61 24.51 -18.55 41.68
N ILE I 62 25.44 -17.71 41.23
CA ILE I 62 25.58 -17.49 39.80
C ILE I 62 26.03 -18.76 39.09
N GLY I 63 27.02 -19.45 39.64
CA GLY I 63 27.60 -20.59 38.95
C GLY I 63 26.66 -21.75 38.79
N GLN I 64 25.73 -21.92 39.73
CA GLN I 64 24.80 -23.03 39.61
C GLN I 64 23.90 -22.89 38.40
N ASP I 65 24.02 -21.79 37.68
CA ASP I 65 23.44 -21.81 36.35
C ASP I 65 24.33 -22.67 35.45
N PRO I 66 23.80 -23.71 34.88
CA PRO I 66 24.60 -24.51 33.96
C PRO I 66 24.52 -24.00 32.54
N THR I 67 23.95 -22.82 32.32
CA THR I 67 24.09 -22.21 31.01
C THR I 67 25.32 -21.32 30.92
N LEU I 68 26.06 -21.18 32.01
CA LEU I 68 27.26 -20.38 32.04
C LEU I 68 28.45 -21.31 31.86
N PRO I 69 29.24 -21.12 30.82
CA PRO I 69 30.38 -22.00 30.60
C PRO I 69 31.41 -21.87 31.72
N ARG I 70 31.93 -23.02 32.13
CA ARG I 70 33.02 -23.08 33.09
C ARG I 70 34.33 -22.98 32.35
N SER I 71 35.23 -22.11 32.82
CA SER I 71 36.43 -21.80 32.07
C SER I 71 37.70 -22.17 32.85
N ASP I 72 38.84 -21.82 32.26
CA ASP I 72 40.14 -22.34 32.70
C ASP I 72 41.19 -21.24 32.88
N LYS I 73 40.91 -20.23 33.70
CA LYS I 73 41.98 -19.31 34.07
C LYS I 73 42.42 -19.54 35.51
N GLU I 74 43.49 -18.84 35.86
CA GLU I 74 44.06 -18.88 37.20
C GLU I 74 43.25 -17.96 38.09
N CYS I 75 42.82 -18.47 39.23
CA CYS I 75 42.09 -17.61 40.14
C CYS I 75 43.05 -16.64 40.81
N PRO I 76 42.75 -15.34 40.79
CA PRO I 76 43.59 -14.39 41.52
C PRO I 76 43.57 -14.61 43.02
N GLU I 77 42.54 -15.27 43.56
CA GLU I 77 42.41 -15.39 45.02
C GLU I 77 42.84 -16.77 45.52
N CYS I 78 42.22 -17.83 44.98
CA CYS I 78 42.53 -19.19 45.42
C CYS I 78 43.33 -19.97 44.40
N HIS I 79 43.84 -19.32 43.36
CA HIS I 79 44.77 -19.94 42.42
C HIS I 79 44.13 -21.08 41.64
N SER I 80 42.81 -21.15 41.61
CA SER I 80 42.11 -22.26 40.96
C SER I 80 42.22 -22.13 39.44
N ARG I 81 41.98 -23.25 38.77
CA ARG I 81 41.81 -23.29 37.31
C ARG I 81 40.34 -23.17 36.94
N ASP I 82 39.47 -23.17 37.95
CA ASP I 82 38.05 -23.41 37.73
C ASP I 82 37.26 -22.16 38.03
N CYS I 83 36.65 -21.59 36.99
CA CYS I 83 35.89 -20.37 37.10
C CYS I 83 35.04 -20.24 35.84
N VAL I 84 34.00 -19.40 35.92
CA VAL I 84 33.08 -19.22 34.80
C VAL I 84 33.22 -17.80 34.27
N PHE I 85 32.85 -17.56 33.03
CA PHE I 85 32.95 -16.19 32.53
C PHE I 85 31.74 -15.86 31.67
N PHE I 86 31.59 -14.57 31.42
CA PHE I 86 30.50 -14.01 30.62
C PHE I 86 30.79 -12.54 30.39
N GLN I 87 30.34 -12.04 29.25
CA GLN I 87 30.61 -10.66 28.88
C GLN I 87 29.84 -9.73 29.80
N SER I 88 30.04 -8.43 29.62
CA SER I 88 29.27 -7.45 30.33
C SER I 88 27.84 -7.44 29.80
N GLN I 89 26.87 -7.61 30.70
CA GLN I 89 25.47 -7.59 30.32
C GLN I 89 24.94 -6.20 30.00
N GLN I 90 25.77 -5.16 30.13
CA GLN I 90 25.48 -3.89 29.49
C GLN I 90 25.17 -4.13 28.02
N ARG I 91 24.14 -3.47 27.50
CA ARG I 91 23.68 -3.81 26.16
C ARG I 91 23.77 -2.63 25.20
N ARG I 92 24.51 -1.60 25.55
CA ARG I 92 24.82 -0.57 24.57
C ARG I 92 25.61 -1.18 23.43
N LYS I 93 25.46 -0.59 22.24
CA LYS I 93 26.12 -1.12 21.05
C LYS I 93 27.65 -1.18 21.22
N ASP I 94 28.17 -0.52 22.25
CA ASP I 94 29.58 -0.55 22.60
C ASP I 94 29.89 -1.47 23.75
N THR I 95 29.21 -2.60 23.87
CA THR I 95 29.42 -3.46 25.02
C THR I 95 30.88 -3.85 25.14
N ASN I 96 31.49 -3.43 26.24
CA ASN I 96 32.87 -3.75 26.52
C ASN I 96 33.03 -5.26 26.57
N MET I 97 33.20 -5.90 25.41
CA MET I 97 33.03 -7.34 25.30
C MET I 97 33.98 -8.14 26.17
N THR I 98 34.70 -7.50 27.07
CA THR I 98 35.70 -8.17 27.86
C THR I 98 35.09 -9.25 28.72
N LEU I 99 35.77 -10.39 28.76
CA LEU I 99 35.37 -11.56 29.51
C LEU I 99 35.50 -11.30 30.99
N PHE I 100 34.47 -11.65 31.71
CA PHE I 100 34.48 -11.46 33.16
C PHE I 100 34.66 -12.82 33.81
N TYR I 101 35.91 -13.21 34.03
CA TYR I 101 36.13 -14.48 34.71
C TYR I 101 35.60 -14.32 36.12
N VAL I 102 34.28 -14.40 36.24
CA VAL I 102 33.64 -14.43 37.55
C VAL I 102 33.87 -15.80 38.15
N CYS I 103 34.74 -15.86 39.15
CA CYS I 103 35.34 -17.12 39.56
C CYS I 103 34.32 -18.04 40.19
N LEU I 104 34.80 -19.21 40.60
CA LEU I 104 33.99 -20.16 41.34
C LEU I 104 34.45 -20.33 42.79
N ASN I 105 35.27 -19.39 43.29
CA ASN I 105 35.53 -19.28 44.72
C ASN I 105 35.01 -17.96 45.29
N CYS I 106 35.63 -16.85 44.91
CA CYS I 106 35.26 -15.51 45.36
C CYS I 106 34.66 -14.68 44.27
N LYS I 107 34.82 -15.09 43.01
CA LYS I 107 34.13 -14.53 41.86
C LYS I 107 34.67 -13.14 41.52
N LYS I 108 35.98 -12.97 41.73
CA LYS I 108 36.66 -11.72 41.44
C LYS I 108 36.64 -11.46 39.94
N THR I 109 35.78 -10.54 39.55
CA THR I 109 35.49 -10.32 38.14
C THR I 109 36.66 -9.63 37.46
N PHE I 110 37.61 -10.41 36.96
CA PHE I 110 38.71 -9.82 36.22
C PHE I 110 38.48 -10.09 34.73
N ARG I 111 39.44 -9.68 33.92
CA ARG I 111 39.19 -9.38 32.52
C ARG I 111 40.32 -9.90 31.66
N ASP I 112 40.36 -9.38 30.43
CA ASP I 112 41.35 -9.77 29.44
C ASP I 112 42.09 -8.59 28.82
N GLU I 113 41.93 -7.38 29.37
CA GLU I 113 42.77 -6.25 28.98
C GLU I 113 44.23 -6.48 29.38
N MET J 1 -4.05 -53.50 -0.47
CA MET J 1 -4.97 -54.14 -1.40
C MET J 1 -4.25 -55.38 -1.91
N ILE J 2 -4.81 -56.07 -2.88
CA ILE J 2 -4.41 -57.45 -3.10
C ILE J 2 -3.31 -57.52 -4.14
N ILE J 3 -2.38 -58.44 -3.90
CA ILE J 3 -1.10 -58.54 -4.61
C ILE J 3 -1.34 -58.43 -6.12
N PRO J 4 -0.51 -57.78 -6.86
CA PRO J 4 -0.87 -57.47 -8.24
C PRO J 4 -0.81 -58.66 -9.16
N VAL J 5 -0.99 -58.38 -10.44
CA VAL J 5 -0.97 -59.42 -11.43
C VAL J 5 0.42 -59.55 -12.00
N ARG J 6 0.88 -58.50 -12.63
CA ARG J 6 2.24 -58.53 -13.14
C ARG J 6 3.13 -57.68 -12.25
N CYS J 7 4.36 -58.10 -12.06
CA CYS J 7 5.32 -57.13 -11.55
C CYS J 7 5.28 -55.89 -12.41
N PHE J 8 5.52 -54.76 -11.79
CA PHE J 8 5.33 -53.51 -12.51
C PHE J 8 6.34 -53.31 -13.63
N SER J 9 7.62 -53.37 -13.30
CA SER J 9 8.68 -53.07 -14.25
C SER J 9 8.86 -54.19 -15.26
N CYS J 10 9.15 -55.39 -14.78
CA CYS J 10 9.44 -56.47 -15.72
C CYS J 10 8.13 -56.99 -16.32
N GLY J 11 7.42 -57.84 -15.59
CA GLY J 11 6.28 -58.50 -16.18
C GLY J 11 6.28 -60.00 -16.02
N LYS J 12 6.82 -60.47 -14.91
CA LYS J 12 6.72 -61.87 -14.53
C LYS J 12 5.60 -62.01 -13.51
N VAL J 13 4.61 -62.85 -13.81
CA VAL J 13 3.46 -63.03 -12.94
C VAL J 13 3.93 -63.21 -11.52
N VAL J 14 3.38 -62.41 -10.61
CA VAL J 14 3.74 -62.48 -9.21
C VAL J 14 2.58 -62.88 -8.32
N GLY J 15 1.34 -62.70 -8.76
CA GLY J 15 0.21 -62.87 -7.87
C GLY J 15 0.25 -64.17 -7.09
N ASP J 16 0.18 -65.29 -7.79
CA ASP J 16 0.19 -66.59 -7.14
C ASP J 16 1.22 -66.66 -6.05
N LYS J 17 2.44 -66.20 -6.33
CA LYS J 17 3.55 -66.39 -5.44
C LYS J 17 3.34 -65.69 -4.09
N TRP J 18 2.17 -65.13 -3.86
CA TRP J 18 1.97 -64.47 -2.59
C TRP J 18 1.80 -65.46 -1.45
N ASP J 19 0.82 -66.35 -1.58
CA ASP J 19 0.46 -67.23 -0.46
C ASP J 19 1.67 -67.96 0.09
N ALA J 20 2.30 -68.77 -0.75
CA ALA J 20 3.50 -69.49 -0.33
C ALA J 20 4.41 -68.58 0.46
N TYR J 21 4.61 -67.37 -0.03
CA TYR J 21 5.53 -66.46 0.64
C TYR J 21 5.15 -66.26 2.10
N LEU J 22 3.90 -65.88 2.38
CA LEU J 22 3.51 -65.79 3.77
C LEU J 22 3.80 -67.08 4.51
N ARG J 23 3.40 -68.20 3.92
CA ARG J 23 3.66 -69.50 4.51
C ARG J 23 5.13 -69.69 4.82
N LEU J 24 6.01 -69.22 3.92
CA LEU J 24 7.43 -69.34 4.21
C LEU J 24 7.80 -68.56 5.45
N LEU J 25 7.26 -67.35 5.59
CA LEU J 25 7.51 -66.57 6.79
C LEU J 25 7.08 -67.32 8.03
N GLU J 26 6.16 -68.25 7.89
CA GLU J 26 5.61 -68.91 9.05
C GLU J 26 6.60 -69.90 9.63
N GLU J 27 7.69 -70.14 8.93
CA GLU J 27 8.70 -71.07 9.43
C GLU J 27 9.93 -70.36 9.97
N GLY J 28 9.98 -69.04 9.88
CA GLY J 28 11.13 -68.27 10.30
C GLY J 28 12.09 -67.90 9.20
N LYS J 29 11.67 -67.94 7.94
CA LYS J 29 12.58 -67.67 6.85
C LYS J 29 13.07 -66.22 6.88
N GLN J 30 13.81 -65.87 5.83
CA GLN J 30 14.17 -64.50 5.55
C GLN J 30 13.68 -64.10 4.17
N GLU J 31 13.24 -62.85 4.10
CA GLU J 31 12.66 -62.32 2.88
C GLU J 31 13.62 -62.50 1.72
N GLY J 32 14.91 -62.31 1.96
CA GLY J 32 15.88 -62.65 0.94
C GLY J 32 15.83 -64.12 0.60
N ASP J 33 16.02 -64.98 1.60
CA ASP J 33 15.98 -66.40 1.34
C ASP J 33 14.62 -66.83 0.81
N ALA J 34 13.56 -66.22 1.32
CA ALA J 34 12.24 -66.55 0.82
C ALA J 34 12.12 -66.25 -0.66
N LEU J 35 12.32 -64.99 -1.03
CA LEU J 35 12.27 -64.61 -2.43
C LEU J 35 13.15 -65.50 -3.28
N ASP J 36 14.35 -65.79 -2.81
CA ASP J 36 15.24 -66.61 -3.61
C ASP J 36 14.64 -67.99 -3.82
N GLU J 37 14.02 -68.53 -2.78
CA GLU J 37 13.33 -69.79 -2.96
C GLU J 37 12.09 -69.61 -3.80
N LEU J 38 11.47 -68.44 -3.76
CA LEU J 38 10.39 -68.24 -4.71
C LEU J 38 10.91 -67.90 -6.08
N LYS J 39 12.22 -67.83 -6.25
CA LYS J 39 12.84 -67.62 -7.54
C LYS J 39 12.40 -66.31 -8.17
N LEU J 40 12.73 -65.24 -7.46
CA LEU J 40 12.63 -63.89 -7.99
C LEU J 40 14.05 -63.31 -7.97
N LYS J 41 14.70 -63.37 -9.12
CA LYS J 41 16.12 -63.03 -9.20
C LYS J 41 16.38 -61.56 -9.41
N ARG J 42 15.67 -60.89 -10.30
CA ARG J 42 15.81 -59.45 -10.43
C ARG J 42 15.24 -58.77 -9.21
N TYR J 43 15.48 -57.48 -9.09
CA TYR J 43 14.80 -56.85 -7.95
C TYR J 43 13.44 -56.28 -8.31
N CYS J 44 13.17 -55.94 -9.58
CA CYS J 44 11.87 -55.38 -9.92
C CYS J 44 10.75 -56.25 -9.37
N CYS J 45 10.76 -57.51 -9.73
CA CYS J 45 9.91 -58.42 -9.02
C CYS J 45 10.17 -58.41 -7.53
N ARG J 46 11.40 -58.28 -7.06
CA ARG J 46 11.63 -58.44 -5.64
C ARG J 46 11.04 -57.31 -4.83
N ARG J 47 10.84 -56.15 -5.42
CA ARG J 47 10.02 -55.17 -4.71
C ARG J 47 8.55 -55.43 -4.90
N MET J 48 8.12 -55.91 -6.07
CA MET J 48 6.70 -56.15 -6.18
C MET J 48 6.18 -57.16 -5.20
N VAL J 49 7.02 -57.73 -4.36
CA VAL J 49 6.52 -58.60 -3.32
C VAL J 49 7.11 -58.19 -1.97
N LEU J 50 8.32 -57.65 -1.98
CA LEU J 50 8.89 -57.29 -0.69
C LEU J 50 8.19 -56.09 -0.12
N THR J 51 7.69 -55.20 -0.96
CA THR J 51 6.96 -54.10 -0.39
C THR J 51 5.54 -54.49 -0.08
N HIS J 52 4.88 -55.21 -0.98
CA HIS J 52 3.44 -55.11 -1.07
C HIS J 52 2.74 -55.28 0.24
N VAL J 53 1.88 -54.34 0.53
CA VAL J 53 1.01 -54.38 1.69
C VAL J 53 -0.37 -54.78 1.20
N ASP J 54 -0.98 -55.69 1.94
CA ASP J 54 -2.23 -56.33 1.56
C ASP J 54 -3.31 -55.80 2.51
N LEU J 55 -4.12 -54.87 2.01
CA LEU J 55 -5.19 -54.28 2.80
C LEU J 55 -6.42 -55.14 2.91
N ILE J 56 -6.81 -55.79 1.82
CA ILE J 56 -8.17 -56.24 1.66
C ILE J 56 -8.70 -56.95 2.90
N GLU J 57 -7.83 -57.34 3.82
CA GLU J 57 -8.31 -57.93 5.06
C GLU J 57 -9.19 -56.95 5.83
N LYS J 58 -8.71 -55.73 6.01
CA LYS J 58 -9.60 -54.76 6.58
C LYS J 58 -10.85 -54.61 5.73
N PHE J 59 -10.70 -54.27 4.45
CA PHE J 59 -11.86 -53.99 3.61
C PHE J 59 -12.94 -55.04 3.72
N LEU J 60 -12.57 -56.25 4.05
CA LEU J 60 -13.63 -57.18 4.37
C LEU J 60 -14.16 -56.97 5.76
N ARG J 61 -13.29 -56.80 6.76
CA ARG J 61 -13.69 -57.03 8.14
C ARG J 61 -15.01 -56.39 8.55
N TYR J 62 -15.67 -55.64 7.67
CA TYR J 62 -17.00 -55.11 7.98
C TYR J 62 -18.04 -56.18 7.73
N ASN J 63 -18.84 -56.46 8.75
CA ASN J 63 -19.90 -57.45 8.60
C ASN J 63 -20.78 -57.06 7.41
N PRO J 64 -21.53 -58.00 6.83
CA PRO J 64 -21.78 -57.97 5.39
C PRO J 64 -22.22 -56.60 4.91
N LEU J 65 -21.64 -56.16 3.80
CA LEU J 65 -22.14 -54.95 3.19
C LEU J 65 -23.60 -55.12 2.83
N GLU J 66 -24.01 -56.35 2.57
CA GLU J 66 -25.41 -56.69 2.46
C GLU J 66 -25.92 -57.21 3.79
N MET K 1 -7.88 -38.32 -22.03
CA MET K 1 -9.05 -38.37 -22.90
C MET K 1 -8.67 -38.39 -24.37
N ASN K 2 -8.18 -37.26 -24.87
CA ASN K 2 -8.05 -37.03 -26.30
C ASN K 2 -6.97 -37.88 -26.94
N ALA K 3 -6.60 -39.00 -26.30
CA ALA K 3 -5.63 -39.92 -26.85
C ALA K 3 -6.23 -40.60 -28.07
N PRO K 4 -5.48 -40.75 -29.17
CA PRO K 4 -6.02 -41.46 -30.32
C PRO K 4 -6.16 -42.93 -29.98
N ASP K 5 -6.85 -43.71 -30.79
CA ASP K 5 -7.05 -45.11 -30.46
C ASP K 5 -5.70 -45.81 -30.30
N ARG K 6 -5.60 -46.69 -29.30
CA ARG K 6 -4.36 -47.38 -29.03
C ARG K 6 -4.03 -48.43 -30.09
N PHE K 7 -4.87 -48.57 -31.10
CA PHE K 7 -4.53 -49.38 -32.26
C PHE K 7 -4.16 -48.54 -33.46
N GLU K 8 -4.10 -47.22 -33.32
CA GLU K 8 -3.60 -46.37 -34.38
C GLU K 8 -2.11 -46.55 -34.63
N LEU K 9 -1.47 -47.53 -33.97
CA LEU K 9 -0.04 -47.76 -34.10
C LEU K 9 0.30 -48.82 -35.13
N PHE K 10 -0.63 -49.69 -35.51
CA PHE K 10 -0.33 -50.65 -36.56
C PHE K 10 -1.31 -50.68 -37.71
N ILE K 11 -2.60 -50.43 -37.49
CA ILE K 11 -3.56 -50.47 -38.57
C ILE K 11 -3.28 -49.32 -39.52
N LEU K 12 -2.87 -49.67 -40.72
CA LEU K 12 -2.71 -48.69 -41.78
C LEU K 12 -4.04 -47.96 -41.99
N PRO K 13 -3.99 -46.68 -42.34
CA PRO K 13 -5.23 -45.99 -42.71
C PRO K 13 -5.85 -46.56 -43.96
N ASP K 14 -7.09 -46.18 -44.27
CA ASP K 14 -7.81 -46.80 -45.37
C ASP K 14 -7.16 -46.49 -46.72
N ASP K 15 -7.04 -45.21 -47.07
CA ASP K 15 -6.48 -44.81 -48.35
C ASP K 15 -5.06 -44.28 -48.25
N VAL K 16 -4.49 -44.25 -47.05
CA VAL K 16 -3.06 -43.95 -46.88
C VAL K 16 -2.32 -45.26 -47.01
N PRO K 17 -1.63 -45.51 -48.12
CA PRO K 17 -1.03 -46.83 -48.33
C PRO K 17 0.07 -47.13 -47.33
N LYS K 18 0.50 -48.38 -47.32
CA LYS K 18 1.48 -48.82 -46.34
C LYS K 18 2.76 -48.01 -46.44
N LEU K 19 3.07 -47.48 -47.60
CA LEU K 19 4.42 -47.01 -47.88
C LEU K 19 4.38 -46.10 -49.09
N LYS K 20 4.64 -44.81 -48.88
CA LYS K 20 4.54 -43.81 -49.94
C LYS K 20 5.93 -43.36 -50.34
N ILE K 21 6.17 -43.26 -51.64
CA ILE K 21 7.49 -42.94 -52.15
C ILE K 21 7.50 -41.54 -52.72
N THR K 22 8.54 -40.77 -52.41
CA THR K 22 8.68 -39.43 -52.97
C THR K 22 10.10 -39.20 -53.47
N PRO K 23 10.29 -38.84 -54.74
CA PRO K 23 11.65 -38.74 -55.28
C PRO K 23 12.31 -37.46 -54.77
N ASP K 24 13.51 -37.61 -54.23
CA ASP K 24 14.24 -36.47 -53.68
C ASP K 24 14.81 -35.65 -54.81
N SER K 25 14.79 -34.33 -54.65
CA SER K 25 15.12 -33.42 -55.74
C SER K 25 16.51 -32.82 -55.59
N ARG K 26 17.13 -32.95 -54.41
CA ARG K 26 18.37 -32.22 -54.16
C ARG K 26 19.53 -32.84 -54.92
N VAL K 27 19.92 -34.06 -54.57
CA VAL K 27 21.09 -34.66 -55.21
C VAL K 27 20.60 -35.71 -56.20
N PRO K 28 21.44 -36.16 -57.14
CA PRO K 28 20.95 -37.09 -58.16
C PRO K 28 20.75 -38.48 -57.58
N ASN K 29 19.71 -39.17 -58.09
CA ASN K 29 19.52 -40.58 -57.78
C ASN K 29 19.36 -40.81 -56.27
N CYS K 30 18.36 -40.18 -55.69
CA CYS K 30 18.08 -40.35 -54.28
C CYS K 30 16.60 -40.09 -54.05
N ILE K 31 16.04 -40.79 -53.07
CA ILE K 31 14.59 -40.77 -52.86
C ILE K 31 14.26 -40.86 -51.38
N ILE K 32 12.95 -40.82 -51.12
CA ILE K 32 12.38 -40.78 -49.79
C ILE K 32 11.27 -41.80 -49.72
N ILE K 33 11.14 -42.47 -48.58
CA ILE K 33 10.02 -43.36 -48.32
C ILE K 33 9.41 -42.95 -46.99
N LYS K 34 8.09 -42.78 -46.99
CA LYS K 34 7.30 -42.54 -45.79
C LYS K 34 6.68 -43.87 -45.43
N PHE K 35 7.11 -44.40 -44.29
CA PHE K 35 6.53 -45.62 -43.75
C PHE K 35 5.28 -45.30 -42.97
N GLU K 36 4.52 -46.34 -42.62
CA GLU K 36 3.39 -46.17 -41.74
C GLU K 36 3.32 -47.25 -40.68
N ARG K 37 2.99 -46.85 -39.46
CA ARG K 37 2.65 -47.76 -38.38
C ARG K 37 3.85 -48.62 -38.02
N GLU K 38 5.02 -48.15 -38.39
CA GLU K 38 6.21 -48.92 -38.15
C GLU K 38 7.04 -48.18 -37.13
N ASP K 39 8.07 -48.83 -36.62
CA ASP K 39 8.91 -48.23 -35.61
C ASP K 39 10.36 -48.54 -35.94
N HIS K 40 11.21 -48.24 -34.98
CA HIS K 40 12.60 -48.64 -35.05
C HIS K 40 12.75 -50.11 -35.39
N THR K 41 11.86 -50.94 -34.86
CA THR K 41 11.92 -52.38 -35.10
C THR K 41 12.08 -52.70 -36.57
N LEU K 42 11.56 -51.85 -37.45
CA LEU K 42 11.76 -52.14 -38.84
C LEU K 42 12.81 -51.23 -39.47
N ALA K 43 12.75 -49.94 -39.16
CA ALA K 43 13.64 -49.00 -39.81
C ALA K 43 15.09 -49.28 -39.48
N ASN K 44 15.40 -49.45 -38.21
CA ASN K 44 16.76 -49.69 -37.78
C ASN K 44 17.37 -50.84 -38.56
N LEU K 45 16.55 -51.87 -38.80
CA LEU K 45 17.03 -53.08 -39.45
C LEU K 45 17.26 -52.85 -40.92
N LEU K 46 16.25 -52.32 -41.62
CA LEU K 46 16.46 -51.98 -43.01
C LEU K 46 17.66 -51.09 -43.20
N ARG K 47 17.84 -50.06 -42.37
CA ARG K 47 19.01 -49.22 -42.52
C ARG K 47 20.28 -50.03 -42.43
N GLU K 48 20.53 -50.66 -41.28
CA GLU K 48 21.82 -51.32 -41.17
C GLU K 48 22.08 -52.24 -42.35
N GLU K 49 21.08 -53.01 -42.74
CA GLU K 49 21.32 -53.84 -43.92
C GLU K 49 21.64 -53.01 -45.16
N LEU K 50 21.14 -51.79 -45.23
CA LEU K 50 21.61 -50.97 -46.33
C LEU K 50 22.94 -50.30 -46.04
N ALA K 51 23.48 -50.42 -44.82
CA ALA K 51 24.72 -49.73 -44.50
C ALA K 51 25.92 -50.62 -44.73
N LEU K 52 25.71 -51.84 -45.19
CA LEU K 52 26.83 -52.69 -45.53
C LEU K 52 27.01 -52.85 -47.03
N TYR K 53 26.13 -52.33 -47.80
CA TYR K 53 26.25 -52.65 -49.21
C TYR K 53 27.27 -51.79 -49.92
N PRO K 54 27.88 -52.32 -50.93
CA PRO K 54 28.83 -51.54 -51.72
C PRO K 54 28.18 -50.36 -52.39
N ASP K 55 27.17 -50.62 -53.21
CA ASP K 55 26.70 -49.53 -54.05
C ASP K 55 25.79 -48.57 -53.31
N VAL K 56 25.53 -48.78 -52.03
CA VAL K 56 24.72 -47.84 -51.27
C VAL K 56 25.58 -46.69 -50.77
N THR K 57 25.22 -45.48 -51.14
CA THR K 57 26.05 -44.33 -50.82
C THR K 57 25.57 -43.59 -49.58
N PHE K 58 24.30 -43.25 -49.51
CA PHE K 58 23.77 -42.57 -48.34
C PHE K 58 22.34 -42.98 -48.06
N VAL K 59 22.08 -43.41 -46.83
CA VAL K 59 20.74 -43.84 -46.47
C VAL K 59 20.57 -43.74 -44.97
N ALA K 60 19.43 -43.21 -44.56
CA ALA K 60 19.16 -43.04 -43.14
C ALA K 60 17.68 -42.75 -42.92
N TYR K 61 17.21 -42.98 -41.70
CA TYR K 61 15.83 -42.72 -41.35
C TYR K 61 15.78 -41.72 -40.22
N LYS K 62 14.62 -41.11 -40.04
CA LYS K 62 14.30 -40.43 -38.79
C LYS K 62 12.83 -40.65 -38.45
N VAL K 63 12.51 -40.45 -37.17
CA VAL K 63 11.21 -40.77 -36.62
C VAL K 63 10.57 -39.49 -36.15
N GLU K 64 9.78 -38.86 -37.01
CA GLU K 64 9.38 -37.47 -36.79
C GLU K 64 8.95 -37.23 -35.35
N HIS K 65 7.92 -37.92 -34.90
CA HIS K 65 7.56 -37.64 -33.54
C HIS K 65 6.81 -38.80 -32.92
N PRO K 66 7.25 -39.29 -31.76
CA PRO K 66 6.74 -40.57 -31.25
C PRO K 66 5.25 -40.60 -31.03
N LEU K 67 4.59 -39.46 -30.94
CA LEU K 67 3.14 -39.46 -30.92
C LEU K 67 2.57 -39.78 -32.28
N PHE K 68 3.38 -40.34 -33.16
CA PHE K 68 2.94 -40.65 -34.50
C PHE K 68 3.63 -41.91 -34.96
N ALA K 69 2.86 -42.93 -35.27
CA ALA K 69 3.42 -44.20 -35.65
C ALA K 69 3.91 -44.17 -37.09
N ASN K 70 4.98 -43.47 -37.36
CA ASN K 70 5.56 -43.47 -38.68
C ASN K 70 7.01 -43.03 -38.62
N PHE K 71 7.66 -43.06 -39.77
CA PHE K 71 9.00 -42.55 -39.91
C PHE K 71 9.30 -42.43 -41.39
N VAL K 72 10.51 -41.98 -41.69
CA VAL K 72 10.86 -41.70 -43.08
C VAL K 72 12.31 -42.11 -43.29
N MET K 73 12.58 -42.63 -44.48
CA MET K 73 13.89 -43.10 -44.86
C MET K 73 14.31 -42.44 -46.17
N ARG K 74 15.62 -42.26 -46.34
CA ARG K 74 16.18 -41.63 -47.52
C ARG K 74 17.32 -42.47 -48.06
N LEU K 75 17.31 -42.64 -49.38
CA LEU K 75 18.08 -43.69 -50.03
C LEU K 75 18.79 -43.14 -51.25
N GLN K 76 20.08 -43.44 -51.39
CA GLN K 76 20.85 -43.07 -52.56
C GLN K 76 22.00 -44.05 -52.76
N THR K 77 21.96 -44.76 -53.85
CA THR K 77 23.08 -45.56 -54.31
C THR K 77 23.75 -44.84 -55.48
N GLU K 78 24.77 -45.46 -56.07
CA GLU K 78 25.54 -44.79 -57.09
C GLU K 78 24.73 -44.74 -58.38
N GLU K 79 25.40 -44.39 -59.48
CA GLU K 79 24.68 -44.08 -60.71
C GLU K 79 24.08 -45.33 -61.33
N GLY K 80 24.54 -46.51 -60.93
CA GLY K 80 24.08 -47.73 -61.56
C GLY K 80 22.73 -48.22 -61.11
N THR K 81 22.50 -48.30 -59.81
CA THR K 81 21.36 -49.05 -59.28
C THR K 81 20.20 -48.12 -58.95
N ARG K 82 19.05 -48.38 -59.54
CA ARG K 82 17.82 -47.74 -59.10
C ARG K 82 17.62 -48.08 -57.63
N PRO K 83 17.27 -47.14 -56.78
CA PRO K 83 17.25 -47.41 -55.34
C PRO K 83 16.26 -48.49 -54.91
N LYS K 84 15.12 -48.45 -55.58
CA LYS K 84 14.14 -49.51 -55.52
C LYS K 84 14.80 -50.89 -55.46
N GLN K 85 15.56 -51.23 -56.49
CA GLN K 85 16.11 -52.56 -56.62
C GLN K 85 16.96 -52.91 -55.42
N ALA K 86 17.80 -51.98 -54.97
CA ALA K 86 18.64 -52.25 -53.82
C ALA K 86 17.78 -52.59 -52.62
N LEU K 87 16.71 -51.84 -52.44
CA LEU K 87 15.85 -52.11 -51.29
C LEU K 87 15.30 -53.53 -51.38
N GLU K 88 14.90 -53.94 -52.57
CA GLU K 88 14.44 -55.31 -52.73
C GLU K 88 15.51 -56.31 -52.34
N ARG K 89 16.74 -56.08 -52.79
CA ARG K 89 17.78 -57.05 -52.49
C ARG K 89 18.01 -57.13 -50.99
N ALA K 90 17.89 -56.00 -50.30
CA ALA K 90 18.04 -56.01 -48.85
C ALA K 90 16.95 -56.83 -48.19
N CYS K 91 15.72 -56.65 -48.66
CA CYS K 91 14.62 -57.46 -48.14
C CYS K 91 14.92 -58.94 -48.31
N ALA K 92 15.30 -59.33 -49.52
CA ALA K 92 15.63 -60.72 -49.77
C ALA K 92 16.68 -61.20 -48.78
N SER K 93 17.70 -60.38 -48.55
CA SER K 93 18.79 -60.86 -47.72
C SER K 93 18.36 -61.02 -46.28
N ILE K 94 17.60 -60.08 -45.76
CA ILE K 94 17.21 -60.19 -44.37
C ILE K 94 16.27 -61.36 -44.18
N ILE K 95 15.31 -61.50 -45.09
CA ILE K 95 14.47 -62.68 -45.05
C ILE K 95 15.31 -63.94 -45.03
N ASN K 96 16.31 -64.02 -45.89
CA ASN K 96 17.05 -65.27 -46.03
C ASN K 96 17.85 -65.56 -44.78
N LYS K 97 18.51 -64.54 -44.24
CA LYS K 97 19.22 -64.71 -43.00
C LYS K 97 18.29 -65.24 -41.93
N LEU K 98 17.08 -64.69 -41.89
CA LEU K 98 16.18 -65.08 -40.81
C LEU K 98 15.62 -66.48 -41.00
N LYS K 99 15.30 -66.85 -42.23
CA LYS K 99 14.92 -68.23 -42.49
C LYS K 99 15.99 -69.18 -42.01
N THR K 100 17.24 -68.92 -42.38
CA THR K 100 18.34 -69.76 -41.91
C THR K 100 18.38 -69.79 -40.39
N LEU K 101 18.13 -68.65 -39.77
CA LEU K 101 18.22 -68.58 -38.33
C LEU K 101 17.18 -69.47 -37.68
N ASP K 102 15.94 -69.35 -38.12
CA ASP K 102 14.88 -70.26 -37.68
C ASP K 102 15.29 -71.70 -37.83
N HIS K 103 15.73 -72.06 -39.02
CA HIS K 103 16.12 -73.43 -39.32
C HIS K 103 17.10 -73.94 -38.27
N LYS K 104 18.15 -73.18 -38.05
CA LYS K 104 19.20 -73.62 -37.15
C LYS K 104 18.72 -73.66 -35.72
N PHE K 105 17.82 -72.76 -35.34
CA PHE K 105 17.39 -72.80 -33.94
C PHE K 105 16.49 -74.00 -33.69
N ASN K 106 15.60 -74.33 -34.62
CA ASN K 106 14.85 -75.56 -34.44
C ASN K 106 15.78 -76.74 -34.31
N GLU K 107 16.72 -76.88 -35.24
CA GLU K 107 17.61 -78.02 -35.19
C GLU K 107 18.32 -78.11 -33.85
N GLU K 108 18.82 -76.97 -33.39
CA GLU K 108 19.52 -76.92 -32.12
C GLU K 108 18.63 -77.26 -30.95
N TRP K 109 17.42 -76.73 -30.94
CA TRP K 109 16.51 -76.99 -29.83
C TRP K 109 16.15 -78.45 -29.74
N ASN K 110 15.99 -79.10 -30.88
CA ASN K 110 15.71 -80.53 -30.84
C ASN K 110 16.94 -81.32 -30.43
N ILE K 111 18.13 -80.81 -30.72
CA ILE K 111 19.32 -81.50 -30.22
C ILE K 111 19.42 -81.39 -28.71
N LYS K 112 19.22 -80.20 -28.16
CA LYS K 112 19.37 -80.05 -26.73
C LYS K 112 18.45 -80.97 -25.94
N ASN K 113 17.22 -81.14 -26.39
CA ASN K 113 16.27 -81.93 -25.65
C ASN K 113 16.66 -83.40 -25.64
N GLY L 28 -41.00 -49.22 -5.48
CA GLY L 28 -41.14 -50.62 -5.83
C GLY L 28 -39.82 -51.33 -6.09
N VAL L 29 -38.83 -50.61 -6.59
CA VAL L 29 -37.56 -51.23 -6.95
C VAL L 29 -36.79 -51.56 -5.68
N LYS L 30 -36.22 -52.75 -5.64
CA LYS L 30 -35.83 -53.43 -4.41
C LYS L 30 -34.93 -52.51 -3.59
N TYR L 31 -35.46 -52.00 -2.49
CA TYR L 31 -34.68 -51.18 -1.58
C TYR L 31 -34.11 -52.07 -0.49
N THR L 32 -32.80 -52.26 -0.54
CA THR L 32 -32.15 -53.07 0.48
C THR L 32 -31.90 -52.23 1.72
N CYS L 33 -32.19 -52.79 2.88
CA CYS L 33 -31.81 -52.11 4.10
C CYS L 33 -30.38 -52.45 4.45
N GLY L 34 -29.79 -51.66 5.36
CA GLY L 34 -28.38 -51.80 5.64
C GLY L 34 -27.94 -53.07 6.32
N ALA L 35 -28.75 -53.65 7.19
CA ALA L 35 -28.34 -54.79 7.98
C ALA L 35 -29.09 -56.05 7.58
N CYS L 36 -30.41 -55.98 7.50
CA CYS L 36 -31.26 -57.14 7.30
C CYS L 36 -31.28 -57.61 5.86
N ALA L 37 -30.91 -56.76 4.91
CA ALA L 37 -31.04 -57.04 3.49
C ALA L 37 -32.46 -57.45 3.12
N HIS L 38 -33.43 -57.10 3.94
CA HIS L 38 -34.81 -57.44 3.63
C HIS L 38 -35.23 -56.72 2.37
N ASN L 39 -35.24 -57.44 1.25
CA ASN L 39 -35.35 -56.80 -0.06
C ASN L 39 -36.77 -56.31 -0.27
N PHE L 40 -37.28 -55.51 0.66
CA PHE L 40 -38.66 -55.06 0.60
C PHE L 40 -38.73 -53.81 -0.23
N SER L 41 -39.80 -53.67 -0.99
CA SER L 41 -40.00 -52.49 -1.80
C SER L 41 -40.76 -51.44 -1.00
N LEU L 42 -40.72 -50.21 -1.51
CA LEU L 42 -41.58 -49.15 -1.01
C LEU L 42 -42.47 -48.68 -2.14
N ASN L 43 -43.45 -47.85 -1.80
CA ASN L 43 -44.66 -47.69 -2.61
C ASN L 43 -44.98 -46.23 -2.89
N LYS L 44 -43.96 -45.36 -2.88
CA LYS L 44 -44.10 -43.91 -2.98
C LYS L 44 -44.96 -43.31 -1.87
N SER L 45 -45.31 -44.08 -0.83
CA SER L 45 -46.04 -43.49 0.30
C SER L 45 -45.59 -43.98 1.67
N ASP L 46 -44.97 -45.12 1.80
CA ASP L 46 -44.68 -45.64 3.13
C ASP L 46 -43.62 -44.77 3.81
N PRO L 47 -43.61 -44.72 5.14
CA PRO L 47 -42.51 -44.05 5.83
C PRO L 47 -41.22 -44.83 5.64
N VAL L 48 -40.22 -44.15 5.10
CA VAL L 48 -39.05 -44.78 4.53
C VAL L 48 -38.21 -45.31 5.68
N ARG L 49 -38.35 -46.61 5.94
CA ARG L 49 -37.63 -47.25 7.03
C ARG L 49 -37.59 -48.74 6.76
N CYS L 50 -36.71 -49.43 7.50
CA CYS L 50 -36.58 -50.86 7.36
C CYS L 50 -37.86 -51.54 7.83
N LYS L 51 -38.23 -52.61 7.15
CA LYS L 51 -39.32 -53.44 7.67
C LYS L 51 -38.85 -54.44 8.71
N GLU L 52 -37.68 -54.21 9.30
CA GLU L 52 -37.19 -55.01 10.41
C GLU L 52 -37.00 -54.21 11.69
N CYS L 53 -36.26 -53.10 11.61
CA CYS L 53 -35.81 -52.40 12.80
C CYS L 53 -35.90 -50.88 12.69
N GLY L 54 -36.90 -50.34 11.99
CA GLY L 54 -37.01 -48.91 11.83
C GLY L 54 -35.82 -48.26 11.18
N HIS L 55 -34.89 -49.04 10.67
CA HIS L 55 -33.63 -48.52 10.18
C HIS L 55 -33.90 -47.75 8.90
N ARG L 56 -33.96 -46.42 8.99
CA ARG L 56 -34.49 -45.58 7.93
C ARG L 56 -33.55 -45.39 6.76
N VAL L 57 -32.56 -46.26 6.61
CA VAL L 57 -31.54 -46.13 5.60
C VAL L 57 -31.76 -47.21 4.57
N ILE L 58 -32.17 -46.84 3.36
CA ILE L 58 -32.35 -47.79 2.31
C ILE L 58 -31.41 -47.47 1.17
N TYR L 59 -31.03 -48.50 0.43
CA TYR L 59 -30.22 -48.30 -0.76
C TYR L 59 -31.01 -48.85 -1.92
N LYS L 60 -30.88 -48.20 -3.06
CA LYS L 60 -31.41 -48.87 -4.23
C LYS L 60 -30.55 -50.08 -4.54
N ALA L 61 -31.18 -51.24 -4.58
CA ALA L 61 -30.48 -52.40 -5.07
C ALA L 61 -30.24 -52.22 -6.56
N ARG L 62 -29.51 -53.17 -7.14
CA ARG L 62 -28.78 -52.93 -8.38
C ARG L 62 -29.68 -53.06 -9.60
N THR L 63 -29.25 -52.46 -10.71
CA THR L 63 -30.00 -52.58 -11.94
C THR L 63 -30.12 -54.06 -12.34
N LYS L 64 -31.07 -54.34 -13.24
CA LYS L 64 -31.20 -55.65 -13.87
C LYS L 64 -30.21 -55.84 -15.00
N ARG L 65 -29.60 -54.75 -15.45
CA ARG L 65 -28.88 -54.77 -16.70
C ARG L 65 -27.62 -55.61 -16.62
N MET L 66 -26.89 -55.59 -17.72
CA MET L 66 -25.58 -56.19 -17.86
C MET L 66 -24.61 -55.11 -18.29
N ILE L 67 -23.52 -54.94 -17.54
CA ILE L 67 -22.58 -53.87 -17.84
C ILE L 67 -21.29 -54.44 -18.43
N GLN L 68 -20.58 -53.62 -19.19
CA GLN L 68 -19.37 -54.04 -19.87
C GLN L 68 -18.19 -53.23 -19.38
N PHE L 69 -17.01 -53.57 -19.87
CA PHE L 69 -15.80 -52.81 -19.59
C PHE L 69 -14.77 -53.08 -20.67
N ASP L 70 -13.52 -52.76 -20.36
CA ASP L 70 -12.40 -53.01 -21.25
C ASP L 70 -11.22 -53.61 -20.53
N ALA L 71 -11.35 -53.90 -19.25
CA ALA L 71 -10.28 -54.51 -18.46
C ALA L 71 -9.01 -53.68 -18.44
N ARG L 72 -9.02 -52.51 -19.09
CA ARG L 72 -7.82 -51.68 -19.14
C ARG L 72 -7.94 -50.63 -18.05
N PRO P 42 -10.24 56.97 104.88
CA PRO P 42 -11.10 58.05 105.33
C PRO P 42 -10.37 59.39 105.38
N HIS P 43 -10.03 59.94 104.21
CA HIS P 43 -9.16 61.10 104.16
C HIS P 43 -9.38 61.83 102.84
N ARG P 44 -8.81 63.03 102.75
CA ARG P 44 -8.83 63.86 101.54
C ARG P 44 -7.40 64.17 101.12
N TYR P 45 -7.09 63.93 99.85
CA TYR P 45 -5.83 64.38 99.26
C TYR P 45 -6.06 65.47 98.22
N ARG P 46 -4.98 65.84 97.55
CA ARG P 46 -4.98 66.94 96.60
C ARG P 46 -5.78 66.56 95.35
N PRO P 47 -6.37 67.54 94.66
CA PRO P 47 -7.15 67.23 93.45
C PRO P 47 -6.28 66.69 92.32
N GLY P 48 -6.65 65.53 91.81
CA GLY P 48 -5.90 64.90 90.75
C GLY P 48 -5.77 63.41 90.91
N THR P 49 -5.72 62.93 92.16
CA THR P 49 -5.62 61.50 92.41
C THR P 49 -6.91 60.79 92.05
N VAL P 50 -8.05 61.44 92.35
CA VAL P 50 -9.35 60.91 91.98
C VAL P 50 -9.49 60.87 90.47
N ALA P 51 -8.89 61.85 89.79
CA ALA P 51 -8.96 61.92 88.33
C ALA P 51 -8.24 60.75 87.67
N LEU P 52 -6.99 60.51 88.07
CA LEU P 52 -6.24 59.40 87.50
C LEU P 52 -6.83 58.06 87.94
N ARG P 53 -7.44 58.03 89.12
CA ARG P 53 -8.09 56.81 89.58
C ARG P 53 -9.33 56.51 88.74
N GLU P 54 -10.06 57.54 88.34
CA GLU P 54 -11.22 57.32 87.46
C GLU P 54 -10.78 56.95 86.05
N ILE P 55 -9.66 57.51 85.58
CA ILE P 55 -9.14 57.14 84.26
C ILE P 55 -8.75 55.67 84.24
N ARG P 56 -8.05 55.21 85.27
CA ARG P 56 -7.67 53.80 85.34
C ARG P 56 -8.88 52.90 85.53
N ARG P 57 -9.83 53.31 86.38
CA ARG P 57 -11.02 52.51 86.63
C ARG P 57 -11.89 52.38 85.40
N TYR P 58 -11.95 53.41 84.57
CA TYR P 58 -12.83 53.35 83.41
C TYR P 58 -12.16 52.80 82.16
N GLN P 59 -10.85 52.96 82.01
CA GLN P 59 -10.17 52.20 80.97
C GLN P 59 -10.04 50.73 81.33
N LYS P 60 -10.07 50.39 82.61
CA LYS P 60 -10.29 48.99 82.99
C LYS P 60 -11.71 48.54 82.67
N SER P 61 -12.69 49.43 82.84
CA SER P 61 -14.07 49.01 82.68
C SER P 61 -14.43 48.92 81.21
N THR P 62 -15.54 48.27 80.92
CA THR P 62 -16.00 48.04 79.57
C THR P 62 -17.29 48.77 79.24
N GLU P 63 -18.34 48.56 80.01
CA GLU P 63 -19.70 48.80 79.55
C GLU P 63 -20.14 50.26 79.62
N LEU P 64 -21.46 50.45 79.52
CA LEU P 64 -22.07 51.74 79.24
C LEU P 64 -21.86 52.76 80.36
N LEU P 65 -21.67 54.02 79.97
CA LEU P 65 -21.57 55.12 80.92
C LEU P 65 -22.86 55.92 81.04
N ILE P 66 -23.47 56.30 79.91
CA ILE P 66 -24.79 56.90 79.94
C ILE P 66 -25.80 55.79 80.22
N ARG P 67 -26.69 56.01 81.18
CA ARG P 67 -27.60 54.95 81.55
C ARG P 67 -28.72 54.81 80.52
N LYS P 68 -29.53 53.78 80.71
CA LYS P 68 -30.42 53.30 79.67
C LYS P 68 -31.62 54.20 79.48
N LEU P 69 -32.44 54.35 80.52
CA LEU P 69 -33.78 54.92 80.35
C LEU P 69 -33.83 56.40 79.97
N PRO P 70 -33.00 57.33 80.51
CA PRO P 70 -33.00 58.69 79.96
C PRO P 70 -32.56 58.74 78.51
N PHE P 71 -31.66 57.86 78.11
CA PHE P 71 -31.27 57.80 76.71
C PHE P 71 -32.41 57.31 75.85
N GLN P 72 -33.18 56.34 76.35
CA GLN P 72 -34.36 55.86 75.63
C GLN P 72 -35.38 56.97 75.45
N ARG P 73 -35.63 57.75 76.50
CA ARG P 73 -36.62 58.81 76.36
C ARG P 73 -36.11 59.96 75.51
N LEU P 74 -34.79 60.18 75.46
CA LEU P 74 -34.25 61.17 74.54
C LEU P 74 -34.43 60.73 73.09
N VAL P 75 -34.16 59.45 72.81
CA VAL P 75 -34.35 58.91 71.47
C VAL P 75 -35.81 59.00 71.08
N ARG P 76 -36.72 58.69 72.01
CA ARG P 76 -38.14 58.79 71.68
C ARG P 76 -38.59 60.22 71.48
N GLU P 77 -37.97 61.17 72.19
CA GLU P 77 -38.29 62.59 71.98
C GLU P 77 -37.92 63.04 70.58
N ILE P 78 -36.70 62.73 70.14
CA ILE P 78 -36.32 63.16 68.79
C ILE P 78 -37.03 62.30 67.74
N ALA P 79 -37.42 61.07 68.09
CA ALA P 79 -38.02 60.17 67.12
C ALA P 79 -39.47 60.51 66.84
N GLN P 80 -40.21 60.97 67.85
CA GLN P 80 -41.62 61.28 67.64
C GLN P 80 -41.79 62.51 66.76
N ASP P 81 -40.80 63.40 66.78
CA ASP P 81 -40.84 64.64 66.00
C ASP P 81 -40.67 64.43 64.51
N PHE P 82 -40.32 63.21 64.06
CA PHE P 82 -40.26 62.92 62.64
C PHE P 82 -41.34 61.99 62.15
N LYS P 83 -41.94 61.21 63.05
CA LYS P 83 -43.04 60.33 62.72
C LYS P 83 -43.74 59.98 64.02
N THR P 84 -45.05 59.89 63.98
CA THR P 84 -45.81 59.60 65.18
C THR P 84 -45.92 58.11 65.44
N ASP P 85 -45.91 57.75 66.73
CA ASP P 85 -46.27 56.43 67.26
C ASP P 85 -45.38 55.31 66.71
N LEU P 86 -44.12 55.37 67.11
CA LEU P 86 -43.17 54.33 66.75
C LEU P 86 -43.17 53.21 67.78
N ARG P 87 -42.53 52.10 67.40
CA ARG P 87 -42.23 51.00 68.31
C ARG P 87 -40.81 50.53 68.05
N PHE P 88 -40.11 50.12 69.10
CA PHE P 88 -38.66 49.97 69.05
C PHE P 88 -38.19 48.59 69.48
N GLN P 89 -37.16 48.10 68.80
CA GLN P 89 -36.34 47.03 69.33
C GLN P 89 -35.34 47.60 70.32
N SER P 90 -35.13 46.87 71.42
CA SER P 90 -34.24 47.36 72.47
C SER P 90 -32.79 47.35 72.01
N ALA P 91 -32.43 46.37 71.19
CA ALA P 91 -31.06 46.29 70.69
C ALA P 91 -30.74 47.45 69.77
N ALA P 92 -31.75 47.97 69.08
CA ALA P 92 -31.57 49.18 68.28
C ALA P 92 -31.16 50.36 69.15
N ILE P 93 -31.79 50.49 70.31
CA ILE P 93 -31.48 51.60 71.19
C ILE P 93 -30.11 51.41 71.83
N GLY P 94 -29.76 50.16 72.13
CA GLY P 94 -28.42 49.89 72.63
C GLY P 94 -27.35 50.19 71.60
N ALA P 95 -27.64 49.91 70.32
CA ALA P 95 -26.72 50.26 69.26
C ALA P 95 -26.58 51.76 69.12
N LEU P 96 -27.69 52.49 69.29
CA LEU P 96 -27.63 53.95 69.29
C LEU P 96 -26.75 54.45 70.41
N GLN P 97 -26.89 53.84 71.59
CA GLN P 97 -26.08 54.21 72.74
C GLN P 97 -24.61 53.95 72.49
N GLU P 98 -24.33 52.83 71.82
CA GLU P 98 -22.95 52.47 71.51
C GLU P 98 -22.34 53.45 70.55
N ALA P 99 -23.08 53.84 69.52
CA ALA P 99 -22.59 54.81 68.55
C ALA P 99 -22.40 56.17 69.19
N SER P 100 -23.30 56.54 70.10
CA SER P 100 -23.21 57.82 70.78
C SER P 100 -21.97 57.88 71.65
N GLU P 101 -21.72 56.81 72.41
CA GLU P 101 -20.53 56.76 73.26
C GLU P 101 -19.27 56.75 72.42
N ALA P 102 -19.30 56.09 71.27
CA ALA P 102 -18.15 56.10 70.37
C ALA P 102 -17.87 57.50 69.84
N TYR P 103 -18.91 58.22 69.43
CA TYR P 103 -18.74 59.54 68.85
C TYR P 103 -18.26 60.54 69.88
N LEU P 104 -18.78 60.42 71.11
CA LEU P 104 -18.34 61.32 72.17
C LEU P 104 -16.92 61.02 72.61
N VAL P 105 -16.53 59.74 72.64
CA VAL P 105 -15.16 59.40 73.03
C VAL P 105 -14.17 59.90 71.99
N GLY P 106 -14.51 59.76 70.70
CA GLY P 106 -13.65 60.31 69.67
C GLY P 106 -13.54 61.82 69.75
N LEU P 107 -14.66 62.48 70.04
CA LEU P 107 -14.63 63.93 70.16
C LEU P 107 -13.81 64.37 71.37
N PHE P 108 -13.90 63.61 72.46
CA PHE P 108 -13.13 63.95 73.65
C PHE P 108 -11.65 63.70 73.44
N GLU P 109 -11.30 62.66 72.69
CA GLU P 109 -9.88 62.41 72.42
C GLU P 109 -9.29 63.54 71.59
N ASP P 110 -10.01 63.97 70.56
CA ASP P 110 -9.53 65.10 69.78
C ASP P 110 -9.52 66.39 70.59
N THR P 111 -10.48 66.55 71.49
CA THR P 111 -10.53 67.75 72.31
C THR P 111 -9.37 67.79 73.28
N ASN P 112 -9.03 66.64 73.86
CA ASN P 112 -7.93 66.60 74.80
C ASN P 112 -6.60 66.78 74.07
N LEU P 113 -6.50 66.30 72.83
CA LEU P 113 -5.29 66.55 72.06
C LEU P 113 -5.15 68.03 71.72
N CYS P 114 -6.27 68.70 71.42
CA CYS P 114 -6.22 70.14 71.21
C CYS P 114 -5.84 70.87 72.48
N ALA P 115 -6.33 70.41 73.62
CA ALA P 115 -6.06 71.07 74.89
C ALA P 115 -4.59 70.94 75.27
N ILE P 116 -4.06 69.72 75.20
CA ILE P 116 -2.66 69.48 75.51
C ILE P 116 -1.76 70.17 74.50
N HIS P 117 -2.25 70.34 73.27
CA HIS P 117 -1.53 71.19 72.33
C HIS P 117 -1.53 72.65 72.76
N ALA P 118 -2.63 73.13 73.34
CA ALA P 118 -2.70 74.54 73.71
C ALA P 118 -2.05 74.85 75.05
N LYS P 119 -1.25 73.92 75.58
CA LYS P 119 -0.56 74.03 76.87
C LYS P 119 -1.53 74.23 78.03
N ARG P 120 -2.74 73.71 77.88
CA ARG P 120 -3.79 73.81 78.88
C ARG P 120 -4.32 72.43 79.20
N VAL P 121 -4.87 72.28 80.39
CA VAL P 121 -5.63 71.08 80.72
C VAL P 121 -7.10 71.39 80.89
N THR P 122 -7.45 72.61 81.28
CA THR P 122 -8.84 73.06 81.31
C THR P 122 -9.36 73.17 79.88
N ILE P 123 -10.19 72.22 79.47
CA ILE P 123 -10.82 72.30 78.16
C ILE P 123 -11.89 73.38 78.20
N MET P 124 -12.11 74.00 77.06
CA MET P 124 -13.08 75.07 76.86
C MET P 124 -13.84 74.76 75.58
N PRO P 125 -15.05 75.31 75.40
CA PRO P 125 -15.84 74.93 74.23
C PRO P 125 -15.24 75.35 72.89
N LYS P 126 -14.31 76.28 72.86
CA LYS P 126 -13.63 76.57 71.60
C LYS P 126 -12.68 75.46 71.17
N ASP P 127 -12.27 74.59 72.10
CA ASP P 127 -11.56 73.37 71.72
C ASP P 127 -12.47 72.45 70.92
N ILE P 128 -13.72 72.28 71.36
CA ILE P 128 -14.68 71.47 70.60
C ILE P 128 -15.02 72.16 69.28
N GLN P 129 -15.00 73.50 69.26
CA GLN P 129 -15.13 74.24 68.02
C GLN P 129 -14.04 73.87 67.02
N LEU P 130 -12.78 73.88 67.47
CA LEU P 130 -11.68 73.51 66.59
C LEU P 130 -11.77 72.06 66.14
N ALA P 131 -12.21 71.18 67.04
CA ALA P 131 -12.28 69.75 66.74
C ALA P 131 -13.33 69.45 65.69
N ARG P 132 -14.56 69.91 65.90
CA ARG P 132 -15.60 69.67 64.91
C ARG P 132 -15.49 70.58 63.71
N ARG P 133 -14.58 71.57 63.73
CA ARG P 133 -14.18 72.20 62.49
C ARG P 133 -13.31 71.28 61.66
N ILE P 134 -12.28 70.72 62.28
CA ILE P 134 -11.27 70.02 61.50
C ILE P 134 -11.75 68.62 61.09
N ARG P 135 -12.63 68.00 61.87
CA ARG P 135 -13.27 66.82 61.30
C ARG P 135 -14.27 67.17 60.19
N GLY P 136 -14.70 68.41 60.09
CA GLY P 136 -15.58 68.82 59.02
C GLY P 136 -16.98 68.30 59.11
N GLU P 137 -17.36 67.73 60.25
CA GLU P 137 -18.68 67.14 60.44
C GLU P 137 -19.51 68.11 61.25
N ARG P 138 -20.59 68.60 60.66
CA ARG P 138 -21.37 69.67 61.26
C ARG P 138 -22.80 69.22 61.48
N ARG Q 27 -40.06 65.49 77.52
CA ARG Q 27 -39.70 66.86 77.85
C ARG Q 27 -38.40 66.89 78.66
N ASP Q 28 -37.48 67.75 78.22
CA ASP Q 28 -36.23 68.07 78.92
C ASP Q 28 -35.36 66.80 79.09
N ASN Q 29 -35.49 65.86 78.17
CA ASN Q 29 -34.67 64.66 78.24
C ASN Q 29 -33.26 64.88 77.73
N ILE Q 30 -32.97 66.06 77.18
CA ILE Q 30 -31.58 66.41 76.93
C ILE Q 30 -30.84 66.59 78.26
N GLN Q 31 -31.55 66.99 79.31
CA GLN Q 31 -30.96 67.00 80.64
C GLN Q 31 -31.09 65.67 81.34
N GLY Q 32 -31.72 64.69 80.71
CA GLY Q 32 -31.55 63.31 81.12
C GLY Q 32 -30.12 62.84 80.99
N ILE Q 33 -29.38 63.39 80.03
CA ILE Q 33 -27.93 63.32 80.01
C ILE Q 33 -27.41 64.10 81.20
N THR Q 34 -26.89 63.38 82.20
CA THR Q 34 -26.54 64.03 83.45
C THR Q 34 -25.14 64.63 83.37
N LYS Q 35 -24.85 65.55 84.28
CA LYS Q 35 -23.49 66.02 84.47
C LYS Q 35 -22.50 64.93 84.86
N PRO Q 36 -22.78 63.98 85.78
CA PRO Q 36 -21.84 62.87 85.97
C PRO Q 36 -21.72 61.94 84.77
N ALA Q 37 -22.70 61.88 83.88
CA ALA Q 37 -22.51 61.06 82.68
C ALA Q 37 -21.50 61.68 81.74
N ILE Q 38 -21.60 63.01 81.51
CA ILE Q 38 -20.60 63.70 80.72
C ILE Q 38 -19.25 63.64 81.40
N ARG Q 39 -19.23 63.66 82.74
CA ARG Q 39 -17.99 63.50 83.46
C ARG Q 39 -17.38 62.11 83.25
N ARG Q 40 -18.21 61.06 83.31
CA ARG Q 40 -17.74 59.69 83.13
C ARG Q 40 -17.21 59.46 81.72
N LEU Q 41 -17.92 59.95 80.70
CA LEU Q 41 -17.43 59.83 79.33
C LEU Q 41 -16.22 60.70 79.08
N ALA Q 42 -16.02 61.76 79.85
CA ALA Q 42 -14.77 62.47 79.74
C ALA Q 42 -13.62 61.67 80.34
N ARG Q 43 -13.89 60.96 81.44
CA ARG Q 43 -12.80 60.23 82.09
C ARG Q 43 -12.39 59.01 81.29
N ARG Q 44 -13.36 58.31 80.68
CA ARG Q 44 -13.00 57.16 79.83
C ARG Q 44 -12.18 57.60 78.63
N GLY Q 45 -12.57 58.71 78.02
CA GLY Q 45 -11.81 59.23 76.90
C GLY Q 45 -10.46 59.79 77.26
N GLY Q 46 -10.26 60.16 78.52
CA GLY Q 46 -8.97 60.62 78.97
C GLY Q 46 -8.91 62.04 79.47
N VAL Q 47 -10.04 62.72 79.57
CA VAL Q 47 -10.05 64.10 79.99
C VAL Q 47 -9.84 64.18 81.49
N LYS Q 48 -8.99 65.11 81.93
CA LYS Q 48 -8.77 65.30 83.36
C LYS Q 48 -9.54 66.49 83.92
N ARG Q 49 -9.46 67.65 83.28
CA ARG Q 49 -10.03 68.89 83.81
C ARG Q 49 -11.24 69.29 82.97
N ILE Q 50 -12.43 69.14 83.55
CA ILE Q 50 -13.69 69.37 82.85
C ILE Q 50 -14.22 70.73 83.27
N SER Q 51 -14.47 71.60 82.30
CA SER Q 51 -15.06 72.88 82.67
C SER Q 51 -16.56 72.76 82.86
N GLY Q 52 -17.20 73.91 83.07
CA GLY Q 52 -18.62 73.94 83.30
C GLY Q 52 -19.40 74.33 82.08
N LEU Q 53 -18.74 74.93 81.11
CA LEU Q 53 -19.39 75.33 79.87
C LEU Q 53 -19.37 74.22 78.83
N ILE Q 54 -18.76 73.09 79.13
CA ILE Q 54 -18.62 72.02 78.16
C ILE Q 54 -19.94 71.27 77.99
N TYR Q 55 -20.72 71.19 79.07
CA TYR Q 55 -21.77 70.18 79.19
C TYR Q 55 -22.88 70.37 78.17
N GLU Q 56 -23.36 71.61 78.03
CA GLU Q 56 -24.49 71.82 77.13
C GLU Q 56 -24.07 71.83 75.67
N GLU Q 57 -22.82 72.21 75.40
CA GLU Q 57 -22.29 72.05 74.05
C GLU Q 57 -22.20 70.58 73.68
N THR Q 58 -21.80 69.74 74.64
CA THR Q 58 -21.76 68.30 74.41
C THR Q 58 -23.15 67.75 74.20
N ARG Q 59 -24.13 68.24 74.97
CA ARG Q 59 -25.52 67.84 74.78
C ARG Q 59 -26.04 68.22 73.40
N GLY Q 60 -25.65 69.41 72.91
CA GLY Q 60 -26.08 69.82 71.58
C GLY Q 60 -25.46 69.00 70.46
N VAL Q 61 -24.18 68.64 70.61
CA VAL Q 61 -23.53 67.82 69.59
C VAL Q 61 -24.13 66.42 69.56
N LEU Q 62 -24.38 65.86 70.74
CA LEU Q 62 -25.10 64.59 70.85
C LEU Q 62 -26.48 64.67 70.20
N LYS Q 63 -27.16 65.81 70.35
CA LYS Q 63 -28.48 65.97 69.76
C LYS Q 63 -28.43 66.00 68.24
N VAL Q 64 -27.47 66.72 67.66
CA VAL Q 64 -27.37 66.81 66.20
C VAL Q 64 -27.01 65.45 65.61
N PHE Q 65 -26.10 64.72 66.27
CA PHE Q 65 -25.76 63.37 65.86
C PHE Q 65 -26.97 62.44 65.86
N LEU Q 66 -27.73 62.45 66.96
CA LEU Q 66 -28.93 61.64 67.03
C LEU Q 66 -30.00 62.07 66.04
N GLU Q 67 -30.04 63.36 65.69
CA GLU Q 67 -30.96 63.83 64.65
C GLU Q 67 -30.68 63.17 63.31
N ASN Q 68 -29.41 63.23 62.85
CA ASN Q 68 -29.09 62.65 61.55
C ASN Q 68 -29.29 61.14 61.54
N VAL Q 69 -28.90 60.48 62.63
CA VAL Q 69 -29.01 59.02 62.70
C VAL Q 69 -30.47 58.58 62.71
N ILE Q 70 -31.30 59.22 63.52
CA ILE Q 70 -32.68 58.77 63.59
C ILE Q 70 -33.49 59.23 62.37
N ARG Q 71 -33.05 60.27 61.66
CA ARG Q 71 -33.63 60.58 60.35
C ARG Q 71 -33.42 59.43 59.37
N ASP Q 72 -32.19 58.93 59.31
CA ASP Q 72 -31.93 57.78 58.42
C ASP Q 72 -32.65 56.53 58.90
N ALA Q 73 -32.79 56.34 60.22
CA ALA Q 73 -33.46 55.16 60.74
C ALA Q 73 -34.94 55.16 60.40
N VAL Q 74 -35.61 56.31 60.56
CA VAL Q 74 -37.01 56.41 60.21
C VAL Q 74 -37.18 56.32 58.70
N THR Q 75 -36.18 56.76 57.93
CA THR Q 75 -36.24 56.60 56.47
C THR Q 75 -36.28 55.13 56.08
N TYR Q 76 -35.34 54.34 56.60
CA TYR Q 76 -35.35 52.90 56.34
C TYR Q 76 -36.56 52.21 56.94
N THR Q 77 -37.14 52.77 58.01
CA THR Q 77 -38.31 52.13 58.57
C THR Q 77 -39.54 52.37 57.71
N GLU Q 78 -39.70 53.59 57.19
CA GLU Q 78 -40.85 53.88 56.35
C GLU Q 78 -40.77 53.16 55.02
N HIS Q 79 -39.56 53.03 54.47
CA HIS Q 79 -39.48 52.26 53.23
C HIS Q 79 -39.63 50.77 53.46
N ALA Q 80 -39.49 50.31 54.70
CA ALA Q 80 -39.85 48.94 55.00
C ALA Q 80 -41.36 48.71 55.04
N LYS Q 81 -42.15 49.78 55.07
CA LYS Q 81 -43.60 49.75 55.26
C LYS Q 81 -43.96 48.95 56.51
N ARG Q 82 -43.22 49.20 57.59
CA ARG Q 82 -43.46 48.56 58.86
C ARG Q 82 -43.43 49.62 59.95
N LYS Q 83 -44.30 49.46 60.93
CA LYS Q 83 -44.45 50.44 61.99
C LYS Q 83 -43.52 50.17 63.15
N THR Q 84 -42.40 49.50 62.91
CA THR Q 84 -41.43 49.16 63.94
C THR Q 84 -40.03 49.37 63.37
N VAL Q 85 -39.17 50.00 64.15
CA VAL Q 85 -37.79 50.24 63.76
C VAL Q 85 -36.94 49.08 64.24
N THR Q 86 -36.15 48.49 63.34
CA THR Q 86 -35.32 47.37 63.74
C THR Q 86 -33.87 47.81 63.94
N ALA Q 87 -33.13 46.96 64.63
CA ALA Q 87 -31.71 47.22 64.84
C ALA Q 87 -30.94 47.12 63.54
N MET Q 88 -31.39 46.25 62.64
CA MET Q 88 -30.74 46.07 61.34
C MET Q 88 -30.77 47.36 60.55
N ASP Q 89 -31.88 48.09 60.64
CA ASP Q 89 -32.00 49.38 59.97
C ASP Q 89 -31.03 50.39 60.54
N VAL Q 90 -30.81 50.33 61.85
CA VAL Q 90 -29.83 51.21 62.48
C VAL Q 90 -28.44 50.90 61.97
N VAL Q 91 -28.13 49.61 61.83
CA VAL Q 91 -26.83 49.19 61.32
C VAL Q 91 -26.62 49.66 59.89
N TYR Q 92 -27.67 49.55 59.07
CA TYR Q 92 -27.53 49.91 57.67
C TYR Q 92 -27.39 51.42 57.52
N ALA Q 93 -28.09 52.18 58.36
CA ALA Q 93 -27.94 53.62 58.34
C ALA Q 93 -26.55 54.04 58.80
N LEU Q 94 -26.00 53.33 59.78
CA LEU Q 94 -24.64 53.61 60.19
C LEU Q 94 -23.64 53.27 59.09
N LYS Q 95 -23.95 52.22 58.31
CA LYS Q 95 -23.14 51.92 57.13
C LYS Q 95 -23.22 53.04 56.10
N ARG Q 96 -24.38 53.70 56.03
CA ARG Q 96 -24.51 54.85 55.15
C ARG Q 96 -23.71 56.05 55.68
N GLN Q 97 -23.41 56.08 56.98
CA GLN Q 97 -22.60 57.17 57.52
C GLN Q 97 -21.13 57.03 57.17
N GLY Q 98 -20.53 55.88 57.49
CA GLY Q 98 -19.09 55.75 57.52
C GLY Q 98 -18.55 55.46 58.90
N ARG Q 99 -19.42 55.05 59.82
CA ARG Q 99 -19.13 54.83 61.22
C ARG Q 99 -19.63 53.45 61.64
N THR Q 100 -19.25 52.43 60.86
CA THR Q 100 -19.93 51.14 60.85
C THR Q 100 -19.79 50.40 62.16
N LEU Q 101 -20.90 49.87 62.65
CA LEU Q 101 -20.98 49.16 63.91
C LEU Q 101 -21.13 47.66 63.63
N TYR Q 102 -20.22 46.87 64.15
CA TYR Q 102 -20.34 45.42 64.05
C TYR Q 102 -21.21 44.89 65.18
N GLY Q 103 -21.17 43.58 65.37
CA GLY Q 103 -21.60 43.01 66.62
C GLY Q 103 -23.05 42.64 66.73
N PHE Q 104 -23.95 43.43 66.15
CA PHE Q 104 -25.37 43.26 66.41
C PHE Q 104 -26.10 42.65 65.23
N GLY Q 105 -25.37 42.14 64.26
CA GLY Q 105 -25.95 41.58 63.05
C GLY Q 105 -25.79 42.52 61.87
N GLY Q 106 -25.56 41.91 60.70
CA GLY Q 106 -25.41 42.67 59.47
C GLY Q 106 -23.99 43.16 59.24
N THR R 20 -39.40 60.68 21.41
CA THR R 20 -38.89 59.80 22.46
C THR R 20 -39.81 59.85 23.67
N ARG R 21 -39.38 59.22 24.77
CA ARG R 21 -40.12 59.27 26.02
C ARG R 21 -39.79 60.51 26.83
N SER R 22 -38.82 61.30 26.37
CA SER R 22 -38.34 62.46 27.14
C SER R 22 -39.41 63.55 27.18
N SER R 23 -39.88 63.97 26.01
CA SER R 23 -40.97 64.92 25.96
C SER R 23 -42.29 64.33 26.41
N ARG R 24 -42.40 63.00 26.51
CA ARG R 24 -43.56 62.37 27.12
C ARG R 24 -43.60 62.58 28.64
N ALA R 25 -42.50 63.02 29.23
CA ALA R 25 -42.51 63.57 30.57
C ALA R 25 -42.07 65.02 30.61
N GLY R 26 -41.59 65.57 29.49
CA GLY R 26 -41.26 66.99 29.43
C GLY R 26 -39.99 67.39 30.14
N LEU R 27 -38.88 66.72 29.83
CA LEU R 27 -37.59 67.05 30.42
C LEU R 27 -36.56 67.24 29.33
N GLN R 28 -35.31 67.39 29.76
CA GLN R 28 -34.19 67.50 28.84
C GLN R 28 -33.23 66.32 28.91
N PHE R 29 -33.39 65.45 29.88
CA PHE R 29 -32.55 64.27 30.09
C PHE R 29 -33.26 63.02 29.59
N PRO R 30 -32.55 62.12 28.93
CA PRO R 30 -33.21 61.00 28.27
C PRO R 30 -33.63 59.95 29.29
N VAL R 31 -34.60 59.14 28.88
CA VAL R 31 -34.98 58.02 29.72
C VAL R 31 -34.30 56.75 29.23
N GLY R 32 -34.08 56.64 27.93
CA GLY R 32 -33.57 55.40 27.36
C GLY R 32 -32.13 55.14 27.72
N ARG R 33 -31.29 56.19 27.68
CA ARG R 33 -29.88 56.05 28.06
C ARG R 33 -29.76 55.65 29.53
N VAL R 34 -30.55 56.27 30.38
CA VAL R 34 -30.52 55.96 31.80
C VAL R 34 -31.03 54.54 32.05
N HIS R 35 -32.04 54.13 31.28
CA HIS R 35 -32.57 52.78 31.41
C HIS R 35 -31.59 51.75 30.91
N ARG R 36 -30.75 52.12 29.94
CA ARG R 36 -29.67 51.25 29.53
C ARG R 36 -28.59 51.15 30.61
N LEU R 37 -28.25 52.29 31.20
CA LEU R 37 -27.20 52.33 32.22
C LEU R 37 -27.61 51.58 33.47
N LEU R 38 -28.90 51.53 33.78
CA LEU R 38 -29.32 50.76 34.93
C LEU R 38 -29.24 49.26 34.70
N ARG R 39 -29.15 48.81 33.45
CA ARG R 39 -28.93 47.39 33.22
C ARG R 39 -27.45 47.08 33.04
N LYS R 40 -26.71 47.97 32.39
CA LYS R 40 -25.28 47.74 32.21
C LYS R 40 -24.45 48.20 33.40
N GLY R 41 -25.08 48.66 34.47
CA GLY R 41 -24.40 48.77 35.74
C GLY R 41 -24.63 47.61 36.67
N ASN R 42 -25.55 46.72 36.28
CA ASN R 42 -25.96 45.54 37.05
C ASN R 42 -26.44 45.92 38.45
N TYR R 43 -27.15 47.03 38.52
CA TYR R 43 -27.55 47.59 39.80
C TYR R 43 -28.69 46.82 40.43
N SER R 44 -29.42 46.05 39.64
CA SER R 44 -30.27 44.98 40.14
C SER R 44 -30.51 44.03 38.98
N GLU R 45 -31.49 43.15 39.15
CA GLU R 45 -31.92 42.32 38.04
C GLU R 45 -32.74 43.12 37.04
N ARG R 46 -33.90 43.62 37.47
CA ARG R 46 -34.82 44.26 36.57
C ARG R 46 -34.96 45.74 36.91
N VAL R 47 -35.44 46.50 35.93
CA VAL R 47 -35.63 47.94 36.07
C VAL R 47 -37.09 48.26 35.84
N GLY R 48 -37.69 48.99 36.78
CA GLY R 48 -39.08 49.37 36.67
C GLY R 48 -39.34 50.37 35.56
N ALA R 49 -40.62 50.69 35.40
CA ALA R 49 -41.02 51.47 34.24
C ALA R 49 -40.64 52.93 34.36
N GLY R 50 -41.17 53.61 35.37
CA GLY R 50 -41.01 55.05 35.43
C GLY R 50 -39.85 55.54 36.28
N ALA R 51 -39.13 54.63 36.92
CA ALA R 51 -38.01 55.03 37.78
C ALA R 51 -36.91 55.83 37.09
N PRO R 52 -36.46 55.54 35.87
CA PRO R 52 -35.50 56.47 35.26
C PRO R 52 -36.07 57.82 34.91
N VAL R 53 -37.39 57.94 34.72
CA VAL R 53 -38.00 59.25 34.54
C VAL R 53 -37.85 60.07 35.81
N TYR R 54 -38.13 59.41 36.95
CA TYR R 54 -37.98 60.02 38.27
C TYR R 54 -36.55 60.49 38.47
N LEU R 55 -35.59 59.64 38.08
CA LEU R 55 -34.19 59.97 38.25
C LEU R 55 -33.78 61.13 37.36
N ALA R 56 -34.34 61.19 36.15
CA ALA R 56 -34.06 62.30 35.26
C ALA R 56 -34.57 63.61 35.84
N ALA R 57 -35.75 63.56 36.48
CA ALA R 57 -36.29 64.76 37.12
C ALA R 57 -35.41 65.22 38.27
N VAL R 58 -34.90 64.26 39.06
CA VAL R 58 -34.04 64.59 40.19
C VAL R 58 -32.75 65.24 39.71
N LEU R 59 -32.14 64.64 38.69
CA LEU R 59 -30.90 65.17 38.13
C LEU R 59 -31.10 66.55 37.54
N GLU R 60 -32.22 66.77 36.85
CA GLU R 60 -32.41 68.06 36.22
C GLU R 60 -32.71 69.14 37.24
N TYR R 61 -33.38 68.79 38.34
CA TYR R 61 -33.57 69.78 39.39
C TYR R 61 -32.25 70.15 40.05
N LEU R 62 -31.38 69.14 40.27
CA LEU R 62 -30.08 69.40 40.88
C LEU R 62 -29.24 70.33 40.01
N THR R 63 -29.05 69.96 38.74
CA THR R 63 -28.25 70.81 37.86
C THR R 63 -28.92 72.14 37.57
N ALA R 64 -30.24 72.23 37.72
CA ALA R 64 -30.91 73.52 37.59
C ALA R 64 -30.51 74.45 38.71
N GLU R 65 -30.52 73.95 39.96
CA GLU R 65 -30.09 74.79 41.06
C GLU R 65 -28.61 75.15 40.97
N ILE R 66 -27.80 74.19 40.51
CA ILE R 66 -26.37 74.43 40.38
C ILE R 66 -26.09 75.51 39.35
N LEU R 67 -26.70 75.39 38.17
CA LEU R 67 -26.45 76.37 37.13
C LEU R 67 -27.12 77.70 37.43
N GLU R 68 -28.17 77.69 38.25
CA GLU R 68 -28.75 78.94 38.73
C GLU R 68 -27.74 79.73 39.55
N LEU R 69 -27.16 79.08 40.56
CA LEU R 69 -26.17 79.78 41.38
C LEU R 69 -24.91 80.06 40.60
N ALA R 70 -24.61 79.22 39.61
CA ALA R 70 -23.49 79.49 38.70
C ALA R 70 -23.74 80.73 37.88
N GLY R 71 -24.98 80.93 37.44
CA GLY R 71 -25.30 82.13 36.69
C GLY R 71 -25.22 83.37 37.53
N ASN R 72 -25.62 83.26 38.81
CA ASN R 72 -25.44 84.39 39.72
C ASN R 72 -23.96 84.68 39.94
N ALA R 73 -23.14 83.63 40.00
CA ALA R 73 -21.69 83.82 40.11
C ALA R 73 -21.12 84.45 38.85
N ALA R 74 -21.71 84.14 37.70
CA ALA R 74 -21.31 84.79 36.46
C ALA R 74 -21.67 86.26 36.46
N ARG R 75 -22.82 86.57 37.06
CA ARG R 75 -23.22 87.96 37.26
C ARG R 75 -22.28 88.68 38.22
N ASP R 76 -21.64 87.93 39.12
CA ASP R 76 -20.78 88.57 40.12
C ASP R 76 -19.54 89.21 39.50
N ASN R 77 -18.81 88.48 38.66
CA ASN R 77 -17.62 89.03 38.04
C ASN R 77 -17.90 89.67 36.69
N LYS R 78 -19.17 89.75 36.30
CA LYS R 78 -19.63 90.43 35.09
C LYS R 78 -19.06 89.79 33.82
N LYS R 79 -19.20 88.48 33.73
CA LYS R 79 -18.81 87.72 32.54
C LYS R 79 -20.03 87.01 32.00
N THR R 80 -19.94 86.58 30.74
CA THR R 80 -21.07 85.91 30.11
C THR R 80 -20.91 84.40 30.04
N ARG R 81 -19.70 83.90 29.83
CA ARG R 81 -19.45 82.47 29.76
C ARG R 81 -18.93 82.01 31.11
N ILE R 82 -19.47 80.89 31.60
CA ILE R 82 -19.21 80.42 32.95
C ILE R 82 -17.82 79.82 33.04
N ILE R 83 -16.99 80.38 33.91
CA ILE R 83 -15.67 79.84 34.20
C ILE R 83 -15.78 78.97 35.44
N PRO R 84 -14.94 77.95 35.62
CA PRO R 84 -15.13 77.03 36.76
C PRO R 84 -14.86 77.64 38.11
N ARG R 85 -14.21 78.80 38.20
CA ARG R 85 -14.13 79.50 39.47
C ARG R 85 -15.51 79.92 39.94
N HIS R 86 -16.36 80.33 39.01
CA HIS R 86 -17.73 80.67 39.35
C HIS R 86 -18.48 79.44 39.84
N LEU R 87 -18.17 78.28 39.27
CA LEU R 87 -18.71 77.03 39.75
C LEU R 87 -18.29 76.75 41.18
N GLN R 88 -17.00 76.93 41.46
CA GLN R 88 -16.47 76.63 42.79
C GLN R 88 -17.09 77.53 43.85
N LEU R 89 -17.21 78.83 43.53
CA LEU R 89 -17.77 79.77 44.48
C LEU R 89 -19.25 79.52 44.68
N ALA R 90 -19.97 79.15 43.62
CA ALA R 90 -21.40 78.87 43.76
C ALA R 90 -21.65 77.59 44.54
N ILE R 91 -20.75 76.62 44.43
CA ILE R 91 -20.91 75.41 45.23
C ILE R 91 -20.59 75.70 46.69
N ARG R 92 -19.54 76.47 46.94
CA ARG R 92 -19.11 76.68 48.33
C ARG R 92 -19.99 77.68 49.08
N ASN R 93 -20.70 78.56 48.40
CA ASN R 93 -21.44 79.59 49.13
C ASN R 93 -22.72 79.05 49.76
N ASP R 94 -23.47 78.22 49.04
CA ASP R 94 -24.67 77.61 49.61
C ASP R 94 -24.29 76.65 50.72
N GLU R 95 -25.16 76.55 51.71
CA GLU R 95 -24.89 75.64 52.82
C GLU R 95 -25.01 74.19 52.39
N GLU R 96 -26.16 73.82 51.81
CA GLU R 96 -26.38 72.42 51.47
C GLU R 96 -25.54 71.97 50.30
N LEU R 97 -25.22 72.88 49.37
CA LEU R 97 -24.33 72.53 48.29
C LEU R 97 -22.88 72.52 48.72
N ASN R 98 -22.56 73.08 49.86
CA ASN R 98 -21.25 72.80 50.44
C ASN R 98 -21.30 71.53 51.27
N LYS R 99 -22.49 71.11 51.70
CA LYS R 99 -22.61 69.85 52.43
C LYS R 99 -22.45 68.66 51.50
N LEU R 100 -23.13 68.68 50.36
CA LEU R 100 -23.00 67.59 49.40
C LEU R 100 -21.60 67.58 48.79
N LEU R 101 -21.24 68.64 48.09
CA LEU R 101 -19.97 68.67 47.38
C LEU R 101 -18.87 69.30 48.23
N GLY R 102 -18.72 68.81 49.45
CA GLY R 102 -17.64 69.26 50.29
C GLY R 102 -16.49 68.29 50.20
N ARG R 103 -16.81 67.02 50.08
CA ARG R 103 -15.81 65.97 49.98
C ARG R 103 -15.31 65.77 48.56
N VAL R 104 -15.76 66.59 47.61
CA VAL R 104 -15.31 66.50 46.24
C VAL R 104 -14.68 67.83 45.88
N THR R 105 -13.37 67.85 45.75
CA THR R 105 -12.73 69.02 45.20
C THR R 105 -12.92 69.06 43.70
N ILE R 106 -12.70 70.23 43.12
CA ILE R 106 -12.95 70.45 41.71
C ILE R 106 -11.69 71.02 41.09
N ALA R 107 -11.29 70.48 39.93
CA ALA R 107 -10.19 71.01 39.15
C ALA R 107 -10.43 72.46 38.77
N GLN R 108 -9.37 73.26 38.85
CA GLN R 108 -9.37 74.71 38.63
C GLN R 108 -10.34 75.43 39.56
N GLY R 109 -10.59 74.86 40.73
CA GLY R 109 -11.61 75.36 41.61
C GLY R 109 -11.18 76.55 42.44
N GLY R 110 -10.12 76.39 43.20
CA GLY R 110 -9.74 77.40 44.15
C GLY R 110 -10.61 77.33 45.39
N VAL R 111 -10.46 78.34 46.23
CA VAL R 111 -11.22 78.43 47.46
C VAL R 111 -11.88 79.80 47.53
N LEU R 112 -12.61 80.02 48.61
CA LEU R 112 -13.35 81.26 48.81
C LEU R 112 -12.41 82.42 49.10
N PRO R 113 -12.88 83.65 48.93
CA PRO R 113 -12.15 84.77 49.52
C PRO R 113 -12.26 84.73 51.03
N ASN R 114 -11.20 84.33 51.70
CA ASN R 114 -11.25 84.06 53.13
C ASN R 114 -10.08 84.76 53.80
N ILE R 115 -10.39 85.65 54.73
CA ILE R 115 -9.40 86.35 55.53
C ILE R 115 -9.80 86.19 56.98
N GLN R 116 -8.89 85.70 57.81
CA GLN R 116 -9.16 85.61 59.23
C GLN R 116 -9.03 86.99 59.87
N ALA R 117 -10.11 87.41 60.53
CA ALA R 117 -10.18 88.77 61.08
C ALA R 117 -9.23 88.93 62.25
N VAL R 118 -8.93 87.84 62.95
CA VAL R 118 -7.94 87.88 64.03
C VAL R 118 -6.52 88.03 63.54
N LEU R 119 -6.31 88.00 62.22
CA LEU R 119 -5.02 88.29 61.64
C LEU R 119 -4.93 89.71 61.09
N LEU R 120 -6.01 90.49 61.18
CA LEU R 120 -6.02 91.80 60.56
C LEU R 120 -5.18 92.80 61.36
N PRO R 121 -4.45 93.68 60.69
CA PRO R 121 -3.63 94.66 61.41
C PRO R 121 -4.49 95.79 61.95
N LYS R 122 -3.96 96.43 62.99
CA LYS R 122 -4.68 97.49 63.66
C LYS R 122 -4.64 98.79 62.85
N ARG S 35 -11.31 54.53 17.00
CA ARG S 35 -12.39 55.50 16.86
C ARG S 35 -13.65 55.06 17.61
N SER S 36 -13.54 54.86 18.92
CA SER S 36 -14.71 54.49 19.71
C SER S 36 -15.57 55.73 19.93
N ARG S 37 -16.88 55.56 19.79
CA ARG S 37 -17.82 56.68 19.87
C ARG S 37 -18.18 56.87 21.33
N LYS S 38 -17.49 57.82 21.97
CA LYS S 38 -17.69 58.11 23.37
C LYS S 38 -18.87 59.07 23.55
N GLU S 39 -19.37 59.12 24.78
CA GLU S 39 -20.61 59.82 25.10
C GLU S 39 -20.35 60.94 26.09
N SER S 40 -21.31 61.85 26.19
CA SER S 40 -21.27 62.93 27.15
C SER S 40 -22.70 63.37 27.44
N TYR S 41 -22.84 64.54 28.06
CA TYR S 41 -24.13 65.09 28.44
C TYR S 41 -24.24 66.55 28.03
N SER S 42 -23.52 66.97 26.99
CA SER S 42 -23.31 68.39 26.74
C SER S 42 -24.59 69.07 26.29
N ILE S 43 -25.34 68.42 25.40
CA ILE S 43 -26.48 69.09 24.78
C ILE S 43 -27.65 69.22 25.75
N TYR S 44 -27.80 68.27 26.65
CA TYR S 44 -28.97 68.25 27.52
C TYR S 44 -28.85 69.31 28.61
N VAL S 45 -27.70 69.32 29.29
CA VAL S 45 -27.36 70.35 30.25
C VAL S 45 -27.26 71.71 29.58
N TYR S 46 -26.82 71.74 28.32
CA TYR S 46 -26.73 73.00 27.60
C TYR S 46 -28.11 73.58 27.32
N LYS S 47 -29.09 72.72 27.03
CA LYS S 47 -30.46 73.18 26.86
C LYS S 47 -31.07 73.62 28.20
N VAL S 48 -30.71 72.96 29.30
CA VAL S 48 -31.20 73.40 30.61
C VAL S 48 -30.66 74.78 30.94
N LEU S 49 -29.37 75.01 30.62
CA LEU S 49 -28.76 76.33 30.81
C LEU S 49 -29.44 77.37 29.95
N LYS S 50 -29.75 77.02 28.71
CA LYS S 50 -30.45 77.98 27.85
C LYS S 50 -31.88 78.24 28.32
N GLN S 51 -32.48 77.31 29.06
CA GLN S 51 -33.75 77.63 29.69
C GLN S 51 -33.56 78.65 30.81
N VAL S 52 -32.82 78.29 31.86
CA VAL S 52 -32.84 79.12 33.05
C VAL S 52 -31.92 80.33 32.98
N HIS S 53 -31.01 80.37 32.02
CA HIS S 53 -30.13 81.53 31.82
C HIS S 53 -29.84 81.68 30.34
N PRO S 54 -30.73 82.35 29.61
CA PRO S 54 -30.55 82.42 28.14
C PRO S 54 -29.41 83.33 27.72
N ASP S 55 -29.13 84.37 28.50
CA ASP S 55 -28.02 85.27 28.19
C ASP S 55 -26.79 84.87 29.00
N THR S 56 -26.36 83.62 28.80
CA THR S 56 -25.27 83.06 29.60
C THR S 56 -24.60 81.97 28.77
N GLY S 57 -23.28 82.05 28.64
CA GLY S 57 -22.50 81.03 27.98
C GLY S 57 -21.96 80.01 28.97
N ILE S 58 -21.08 79.15 28.44
CA ILE S 58 -20.44 78.13 29.25
C ILE S 58 -19.12 77.76 28.57
N SER S 59 -18.13 77.43 29.37
CA SER S 59 -16.92 76.81 28.85
C SER S 59 -17.10 75.31 28.78
N SER S 60 -16.42 74.69 27.81
CA SER S 60 -16.51 73.24 27.65
C SER S 60 -15.86 72.51 28.81
N LYS S 61 -14.88 73.13 29.45
CA LYS S 61 -14.26 72.56 30.65
C LYS S 61 -15.29 72.41 31.75
N ALA S 62 -16.11 73.43 31.93
CA ALA S 62 -17.22 73.36 32.87
C ALA S 62 -18.22 72.29 32.47
N MET S 63 -18.38 72.04 31.17
CA MET S 63 -19.28 70.99 30.74
C MET S 63 -18.75 69.63 31.14
N GLY S 64 -17.44 69.43 31.02
CA GLY S 64 -16.84 68.20 31.53
C GLY S 64 -16.99 68.06 33.03
N ILE S 65 -16.87 69.19 33.74
CA ILE S 65 -17.07 69.19 35.19
C ILE S 65 -18.49 68.77 35.54
N MET S 66 -19.46 69.33 34.86
CA MET S 66 -20.85 68.99 35.13
C MET S 66 -21.16 67.55 34.75
N ASN S 67 -20.49 67.04 33.71
CA ASN S 67 -20.68 65.65 33.31
C ASN S 67 -20.17 64.72 34.40
N SER S 68 -19.00 65.03 34.94
CA SER S 68 -18.45 64.29 36.07
C SER S 68 -19.37 64.38 37.28
N PHE S 69 -19.97 65.56 37.48
CA PHE S 69 -20.91 65.77 38.58
C PHE S 69 -22.12 64.86 38.47
N VAL S 70 -22.71 64.80 37.27
CA VAL S 70 -23.91 64.00 37.08
C VAL S 70 -23.57 62.52 37.18
N ASN S 71 -22.39 62.12 36.72
CA ASN S 71 -21.95 60.74 36.86
C ASN S 71 -21.81 60.35 38.32
N ASP S 72 -21.28 61.27 39.14
CA ASP S 72 -21.13 61.01 40.57
C ASP S 72 -22.49 60.88 41.25
N ILE S 73 -23.40 61.82 40.97
CA ILE S 73 -24.72 61.80 41.57
C ILE S 73 -25.46 60.53 41.16
N PHE S 74 -25.27 60.13 39.90
CA PHE S 74 -25.92 58.95 39.36
C PHE S 74 -25.41 57.68 40.03
N GLU S 75 -24.09 57.58 40.23
CA GLU S 75 -23.56 56.39 40.86
C GLU S 75 -23.95 56.30 42.32
N ARG S 76 -24.04 57.44 43.01
CA ARG S 76 -24.45 57.40 44.41
C ARG S 76 -25.89 56.96 44.55
N ILE S 77 -26.76 57.49 43.68
CA ILE S 77 -28.17 57.10 43.74
C ILE S 77 -28.34 55.64 43.35
N ALA S 78 -27.50 55.17 42.42
CA ALA S 78 -27.52 53.76 42.03
C ALA S 78 -27.12 52.86 43.19
N GLY S 79 -26.07 53.23 43.91
CA GLY S 79 -25.64 52.41 45.03
C GLY S 79 -26.63 52.39 46.17
N GLU S 80 -27.30 53.52 46.40
CA GLU S 80 -28.31 53.53 47.44
C GLU S 80 -29.53 52.71 47.02
N ALA S 81 -29.89 52.75 45.74
CA ALA S 81 -30.96 51.89 45.25
C ALA S 81 -30.58 50.43 45.36
N SER S 82 -29.31 50.13 45.11
CA SER S 82 -28.77 48.78 45.27
C SER S 82 -28.93 48.28 46.70
N ARG S 83 -28.49 49.08 47.66
CA ARG S 83 -28.60 48.65 49.05
C ARG S 83 -30.05 48.60 49.51
N LEU S 84 -30.92 49.43 48.95
CA LEU S 84 -32.34 49.29 49.24
C LEU S 84 -32.87 47.94 48.74
N ALA S 85 -32.47 47.55 47.54
CA ALA S 85 -32.88 46.28 46.97
C ALA S 85 -32.36 45.11 47.80
N HIS S 86 -31.12 45.23 48.28
CA HIS S 86 -30.56 44.16 49.12
C HIS S 86 -31.27 44.09 50.48
N TYR S 87 -31.43 45.23 51.16
CA TYR S 87 -32.03 45.16 52.48
C TYR S 87 -33.54 45.08 52.43
N ASN S 88 -34.15 44.91 51.26
CA ASN S 88 -35.58 44.67 51.21
C ASN S 88 -35.98 43.30 50.70
N LYS S 89 -35.00 42.46 50.32
CA LYS S 89 -35.24 41.11 49.79
C LYS S 89 -36.12 41.13 48.54
N ARG S 90 -35.97 42.18 47.73
CA ARG S 90 -36.66 42.28 46.45
C ARG S 90 -35.68 42.73 45.39
N SER S 91 -36.11 42.68 44.13
CA SER S 91 -35.24 43.06 43.03
C SER S 91 -35.97 43.87 41.97
N THR S 92 -37.19 44.29 42.24
CA THR S 92 -37.99 45.07 41.32
C THR S 92 -37.91 46.54 41.76
N ILE S 93 -37.05 47.31 41.10
CA ILE S 93 -36.83 48.70 41.47
C ILE S 93 -38.03 49.51 40.97
N THR S 94 -38.90 49.90 41.89
CA THR S 94 -39.95 50.86 41.55
C THR S 94 -39.35 52.26 41.63
N SER S 95 -40.17 53.29 41.41
CA SER S 95 -39.69 54.63 41.65
C SER S 95 -39.64 54.97 43.13
N ARG S 96 -40.27 54.15 43.98
CA ARG S 96 -40.35 54.43 45.40
C ARG S 96 -39.00 54.25 46.08
N GLU S 97 -38.24 53.25 45.65
CA GLU S 97 -36.87 53.07 46.12
C GLU S 97 -35.99 54.23 45.69
N ILE S 98 -36.19 54.72 44.47
CA ILE S 98 -35.43 55.87 44.02
C ILE S 98 -35.78 57.10 44.85
N GLN S 99 -37.05 57.20 45.24
CA GLN S 99 -37.51 58.29 46.09
C GLN S 99 -36.84 58.27 47.45
N THR S 100 -36.80 57.10 48.09
CA THR S 100 -36.18 57.05 49.42
C THR S 100 -34.67 57.24 49.32
N ALA S 101 -34.06 56.88 48.19
CA ALA S 101 -32.64 57.14 48.04
C ALA S 101 -32.37 58.62 47.83
N VAL S 102 -33.29 59.31 47.14
CA VAL S 102 -33.18 60.75 46.97
C VAL S 102 -33.27 61.46 48.32
N ARG S 103 -34.21 61.02 49.16
CA ARG S 103 -34.30 61.65 50.48
C ARG S 103 -33.13 61.29 51.39
N LEU S 104 -32.49 60.14 51.17
CA LEU S 104 -31.30 59.83 51.96
C LEU S 104 -30.11 60.67 51.55
N LEU S 105 -29.74 60.61 50.27
CA LEU S 105 -28.46 61.14 49.81
C LEU S 105 -28.39 62.64 49.89
N LEU S 106 -29.46 63.33 49.61
CA LEU S 106 -29.41 64.77 49.52
C LEU S 106 -29.75 65.41 50.86
N PRO S 107 -29.26 66.62 51.11
CA PRO S 107 -29.74 67.38 52.28
C PRO S 107 -31.21 67.73 52.14
N GLY S 108 -31.82 68.07 53.28
CA GLY S 108 -33.26 68.06 53.48
C GLY S 108 -34.19 68.82 52.55
N GLU S 109 -34.09 70.16 52.54
CA GLU S 109 -35.09 70.95 51.83
C GLU S 109 -34.90 70.85 50.32
N LEU S 110 -33.65 70.72 49.89
CA LEU S 110 -33.36 70.45 48.49
C LEU S 110 -33.95 69.12 48.08
N ALA S 111 -33.88 68.12 48.96
CA ALA S 111 -34.52 66.84 48.68
C ALA S 111 -36.03 66.95 48.69
N LYS S 112 -36.58 67.88 49.46
CA LYS S 112 -38.04 68.08 49.46
C LYS S 112 -38.51 68.59 48.11
N HIS S 113 -37.83 69.61 47.60
CA HIS S 113 -38.08 70.07 46.23
C HIS S 113 -37.81 68.98 45.20
N ALA S 114 -36.83 68.12 45.47
CA ALA S 114 -36.53 67.05 44.53
C ALA S 114 -37.64 66.01 44.48
N VAL S 115 -38.20 65.67 45.64
CA VAL S 115 -39.36 64.79 45.70
C VAL S 115 -40.54 65.41 44.98
N SER S 116 -40.69 66.73 45.10
CA SER S 116 -41.75 67.44 44.38
C SER S 116 -41.58 67.30 42.86
N GLU S 117 -40.37 67.56 42.37
CA GLU S 117 -40.07 67.46 40.95
C GLU S 117 -40.27 66.03 40.44
N GLY S 118 -39.83 65.06 41.23
CA GLY S 118 -39.90 63.68 40.79
C GLY S 118 -41.33 63.17 40.74
N THR S 119 -42.12 63.47 41.77
CA THR S 119 -43.50 63.03 41.80
C THR S 119 -44.32 63.70 40.71
N LYS S 120 -44.01 64.98 40.43
CA LYS S 120 -44.70 65.68 39.35
C LYS S 120 -44.37 65.07 37.99
N ALA S 121 -43.10 64.71 37.79
CA ALA S 121 -42.73 64.09 36.51
C ALA S 121 -43.35 62.70 36.37
N VAL S 122 -43.44 61.94 37.46
CA VAL S 122 -44.08 60.62 37.43
C VAL S 122 -45.55 60.74 37.06
N THR S 123 -46.25 61.70 37.68
CA THR S 123 -47.67 61.86 37.42
C THR S 123 -47.90 62.35 35.98
N LYS S 124 -47.08 63.28 35.51
CA LYS S 124 -47.27 63.81 34.16
C LYS S 124 -46.89 62.79 33.10
N TYR S 125 -45.99 61.87 33.41
CA TYR S 125 -45.64 60.84 32.44
C TYR S 125 -46.61 59.67 32.45
N THR S 126 -47.17 59.33 33.62
CA THR S 126 -48.02 58.15 33.70
C THR S 126 -49.50 58.45 33.48
N SER S 127 -49.94 59.68 33.68
CA SER S 127 -51.33 60.02 33.38
C SER S 127 -51.55 60.08 31.87
N ALA S 128 -50.66 60.79 31.17
CA ALA S 128 -50.59 60.71 29.72
C ALA S 128 -49.72 59.52 29.33
N LYS S 129 -49.34 59.42 28.06
CA LYS S 129 -48.54 58.29 27.61
C LYS S 129 -47.22 58.75 26.97
N HIS T 43 10.44 102.68 49.67
CA HIS T 43 10.90 102.37 51.01
C HIS T 43 10.40 101.00 51.47
N ARG T 44 10.51 100.76 52.77
CA ARG T 44 10.12 99.50 53.37
C ARG T 44 8.73 99.61 53.96
N TYR T 45 7.95 98.53 53.86
CA TYR T 45 6.63 98.49 54.46
C TYR T 45 6.69 97.85 55.84
N ARG T 46 5.53 97.65 56.41
CA ARG T 46 5.42 96.92 57.65
C ARG T 46 5.14 95.45 57.37
N PRO T 47 5.49 94.56 58.30
CA PRO T 47 5.11 93.16 58.13
C PRO T 47 3.62 92.96 58.26
N GLY T 48 3.08 92.13 57.38
CA GLY T 48 1.65 91.90 57.28
C GLY T 48 1.01 92.62 56.12
N THR T 49 1.62 93.73 55.68
CA THR T 49 1.16 94.42 54.48
C THR T 49 1.28 93.50 53.26
N VAL T 50 2.51 93.07 52.98
CA VAL T 50 2.78 92.26 51.80
C VAL T 50 2.15 90.87 51.95
N ALA T 51 2.15 90.34 53.17
CA ALA T 51 1.68 88.98 53.40
C ALA T 51 0.17 88.86 53.17
N LEU T 52 -0.61 89.68 53.86
CA LEU T 52 -2.05 89.65 53.65
C LEU T 52 -2.43 90.15 52.27
N ARG T 53 -1.64 91.08 51.71
CA ARG T 53 -1.89 91.55 50.36
C ARG T 53 -1.74 90.42 49.36
N GLU T 54 -0.78 89.54 49.58
CA GLU T 54 -0.65 88.40 48.69
C GLU T 54 -1.62 87.28 49.03
N ILE T 55 -2.16 87.23 50.25
CA ILE T 55 -3.28 86.33 50.50
C ILE T 55 -4.49 86.75 49.68
N ARG T 56 -4.75 88.06 49.65
CA ARG T 56 -5.80 88.60 48.79
C ARG T 56 -5.52 88.31 47.33
N ARG T 57 -4.28 88.52 46.91
CA ARG T 57 -3.90 88.36 45.51
C ARG T 57 -3.83 86.90 45.09
N TYR T 58 -3.73 85.96 46.03
CA TYR T 58 -3.65 84.56 45.71
C TYR T 58 -4.84 83.75 46.19
N GLN T 59 -5.91 84.38 46.65
CA GLN T 59 -7.16 83.64 46.75
C GLN T 59 -8.07 83.89 45.56
N LYS T 60 -7.55 84.38 44.45
CA LYS T 60 -8.37 84.68 43.29
C LYS T 60 -8.02 83.85 42.05
N SER T 61 -6.76 83.55 41.82
CA SER T 61 -6.36 82.80 40.63
C SER T 61 -6.19 81.33 40.99
N THR T 62 -6.89 80.47 40.25
CA THR T 62 -6.88 79.05 40.52
C THR T 62 -5.86 78.31 39.68
N GLU T 63 -5.06 79.04 38.90
CA GLU T 63 -3.94 78.45 38.19
C GLU T 63 -2.94 77.85 39.17
N LEU T 64 -2.31 76.76 38.75
CA LEU T 64 -1.46 75.99 39.65
C LEU T 64 -0.16 76.72 39.94
N LEU T 65 0.39 76.43 41.12
CA LEU T 65 1.56 77.13 41.62
C LEU T 65 2.82 76.26 41.62
N ILE T 66 2.69 75.01 42.03
CA ILE T 66 3.77 74.05 41.87
C ILE T 66 3.86 73.75 40.39
N ARG T 67 4.86 74.32 39.73
CA ARG T 67 4.93 74.29 38.28
C ARG T 67 5.32 72.90 37.79
N LYS T 68 5.36 72.77 36.46
CA LYS T 68 5.16 71.49 35.81
C LYS T 68 6.36 70.56 35.98
N LEU T 69 7.51 70.96 35.44
CA LEU T 69 8.61 70.01 35.24
C LEU T 69 9.28 69.48 36.51
N PRO T 70 9.58 70.28 37.55
CA PRO T 70 10.15 69.65 38.75
C PRO T 70 9.17 68.73 39.46
N PHE T 71 7.90 69.11 39.50
CA PHE T 71 6.89 68.22 40.05
C PHE T 71 6.76 66.95 39.23
N GLN T 72 6.95 67.06 37.92
CA GLN T 72 6.89 65.89 37.05
C GLN T 72 8.07 64.95 37.32
N ARG T 73 9.26 65.51 37.46
CA ARG T 73 10.43 64.70 37.78
C ARG T 73 10.27 64.05 39.15
N LEU T 74 9.63 64.75 40.08
CA LEU T 74 9.34 64.17 41.39
C LEU T 74 8.37 62.99 41.29
N VAL T 75 7.30 63.14 40.50
CA VAL T 75 6.31 62.09 40.40
C VAL T 75 6.91 60.87 39.71
N ARG T 76 7.77 61.07 38.71
CA ARG T 76 8.43 59.94 38.08
C ARG T 76 9.41 59.27 39.03
N GLU T 77 10.06 60.06 39.89
CA GLU T 77 10.94 59.49 40.91
C GLU T 77 10.17 58.62 41.89
N ILE T 78 8.98 59.08 42.31
CA ILE T 78 8.16 58.30 43.23
C ILE T 78 7.69 57.02 42.56
N ALA T 79 7.22 57.12 41.33
CA ALA T 79 6.65 55.97 40.65
C ALA T 79 7.70 54.98 40.19
N GLN T 80 8.97 55.41 40.11
CA GLN T 80 10.05 54.58 39.57
C GLN T 80 10.24 53.29 40.36
N ASP T 81 9.98 53.33 41.66
CA ASP T 81 10.14 52.16 42.51
C ASP T 81 8.87 51.34 42.61
N PHE T 82 8.04 51.34 41.58
CA PHE T 82 6.90 50.43 41.52
C PHE T 82 6.99 49.49 40.32
N LYS T 83 7.39 50.02 39.17
CA LYS T 83 7.73 49.21 38.02
C LYS T 83 8.70 50.03 37.18
N THR T 84 9.58 49.34 36.47
CA THR T 84 10.60 50.00 35.68
C THR T 84 10.01 50.62 34.42
N ASP T 85 10.32 51.91 34.22
CA ASP T 85 10.15 52.64 32.97
C ASP T 85 8.68 52.67 32.51
N LEU T 86 7.86 53.32 33.32
CA LEU T 86 6.46 53.47 33.00
C LEU T 86 6.24 54.79 32.28
N ARG T 87 5.48 54.74 31.19
CA ARG T 87 5.17 55.95 30.43
C ARG T 87 3.98 56.65 31.07
N PHE T 88 3.90 57.96 30.82
CA PHE T 88 2.90 58.79 31.48
C PHE T 88 2.09 59.59 30.47
N GLN T 89 0.78 59.59 30.66
CA GLN T 89 -0.05 60.63 30.08
C GLN T 89 0.22 61.96 30.77
N SER T 90 -0.14 63.04 30.10
CA SER T 90 -0.07 64.34 30.76
C SER T 90 -1.26 64.56 31.67
N ALA T 91 -2.36 63.84 31.44
CA ALA T 91 -3.59 64.09 32.17
C ALA T 91 -3.49 63.59 33.59
N ALA T 92 -2.81 62.46 33.79
CA ALA T 92 -2.61 61.96 35.15
C ALA T 92 -1.71 62.89 35.96
N ILE T 93 -0.70 63.47 35.30
CA ILE T 93 0.18 64.42 35.97
C ILE T 93 -0.59 65.68 36.35
N GLY T 94 -1.46 66.15 35.46
CA GLY T 94 -2.29 67.30 35.79
C GLY T 94 -3.26 67.03 36.92
N ALA T 95 -3.84 65.83 36.95
CA ALA T 95 -4.77 65.47 38.02
C ALA T 95 -4.06 65.39 39.36
N LEU T 96 -2.87 64.79 39.39
CA LEU T 96 -2.17 64.71 40.66
C LEU T 96 -1.64 66.07 41.09
N GLN T 97 -1.37 66.95 40.14
CA GLN T 97 -0.91 68.28 40.50
C GLN T 97 -2.03 69.10 41.13
N GLU T 98 -3.21 69.03 40.53
CA GLU T 98 -4.41 69.64 41.12
C GLU T 98 -4.72 69.06 42.49
N ALA T 99 -4.67 67.74 42.61
CA ALA T 99 -5.01 67.09 43.88
C ALA T 99 -4.00 67.44 44.97
N SER T 100 -2.73 67.56 44.60
CA SER T 100 -1.70 67.92 45.56
C SER T 100 -1.92 69.32 46.09
N GLU T 101 -2.14 70.29 45.19
CA GLU T 101 -2.29 71.66 45.68
C GLU T 101 -3.58 71.84 46.47
N ALA T 102 -4.65 71.14 46.08
CA ALA T 102 -5.90 71.25 46.83
C ALA T 102 -5.78 70.61 48.21
N TYR T 103 -5.09 69.46 48.29
CA TYR T 103 -4.95 68.80 49.57
C TYR T 103 -4.08 69.59 50.52
N LEU T 104 -3.05 70.25 50.00
CA LEU T 104 -2.28 71.09 50.90
C LEU T 104 -2.98 72.39 51.26
N VAL T 105 -3.92 72.87 50.43
CA VAL T 105 -4.75 74.00 50.85
C VAL T 105 -5.62 73.61 52.05
N GLY T 106 -6.28 72.45 51.97
CA GLY T 106 -7.12 72.02 53.08
C GLY T 106 -6.32 71.73 54.34
N LEU T 107 -5.13 71.14 54.16
CA LEU T 107 -4.25 70.88 55.29
C LEU T 107 -3.78 72.17 55.94
N PHE T 108 -3.42 73.18 55.14
CA PHE T 108 -3.01 74.46 55.70
C PHE T 108 -4.14 75.19 56.40
N GLU T 109 -5.38 75.02 55.93
CA GLU T 109 -6.52 75.59 56.65
C GLU T 109 -6.63 75.03 58.05
N ASP T 110 -6.58 73.70 58.18
CA ASP T 110 -6.70 73.13 59.51
C ASP T 110 -5.48 73.42 60.38
N THR T 111 -4.30 73.52 59.75
CA THR T 111 -3.10 73.91 60.48
C THR T 111 -3.19 75.32 61.03
N ASN T 112 -3.68 76.27 60.22
CA ASN T 112 -3.74 77.64 60.68
C ASN T 112 -4.83 77.82 61.72
N LEU T 113 -5.93 77.07 61.62
CA LEU T 113 -6.94 77.15 62.66
C LEU T 113 -6.43 76.60 63.98
N CYS T 114 -5.61 75.54 63.95
CA CYS T 114 -4.97 75.08 65.18
C CYS T 114 -4.02 76.12 65.75
N ALA T 115 -3.18 76.71 64.89
CA ALA T 115 -2.15 77.62 65.39
C ALA T 115 -2.74 78.90 65.93
N ILE T 116 -3.89 79.33 65.41
CA ILE T 116 -4.56 80.46 66.05
C ILE T 116 -5.26 80.03 67.32
N HIS T 117 -5.88 78.84 67.32
CA HIS T 117 -6.64 78.39 68.49
C HIS T 117 -5.77 78.17 69.71
N ALA T 118 -4.51 77.78 69.52
CA ALA T 118 -3.59 77.67 70.64
C ALA T 118 -2.88 78.99 70.93
N LYS T 119 -3.50 80.12 70.57
CA LYS T 119 -3.08 81.48 70.93
C LYS T 119 -1.71 81.83 70.36
N ARG T 120 -1.53 81.52 69.08
CA ARG T 120 -0.35 81.96 68.35
C ARG T 120 -0.77 82.49 66.99
N VAL T 121 0.18 83.14 66.32
CA VAL T 121 -0.07 83.72 65.01
C VAL T 121 0.66 82.95 63.93
N THR T 122 1.77 82.31 64.24
CA THR T 122 2.63 81.66 63.28
C THR T 122 2.58 80.15 63.49
N ILE T 123 2.48 79.41 62.39
CA ILE T 123 2.39 77.96 62.45
C ILE T 123 3.75 77.36 62.82
N MET T 124 3.70 76.13 63.30
CA MET T 124 4.84 75.28 63.66
C MET T 124 4.43 73.84 63.43
N PRO T 125 5.38 72.92 63.10
CA PRO T 125 4.98 71.62 62.55
C PRO T 125 4.18 70.71 63.47
N LYS T 126 4.17 70.96 64.78
CA LYS T 126 3.30 70.18 65.63
C LYS T 126 1.84 70.54 65.43
N ASP T 127 1.55 71.70 64.84
CA ASP T 127 0.18 71.98 64.40
C ASP T 127 -0.25 71.01 63.32
N ILE T 128 0.65 70.77 62.36
CA ILE T 128 0.39 69.83 61.28
C ILE T 128 0.23 68.42 61.86
N GLN T 129 1.07 68.08 62.83
CA GLN T 129 0.96 66.79 63.50
C GLN T 129 -0.37 66.65 64.22
N LEU T 130 -0.82 67.72 64.88
CA LEU T 130 -2.10 67.70 65.58
C LEU T 130 -3.25 67.52 64.61
N ALA T 131 -3.23 68.28 63.52
CA ALA T 131 -4.33 68.21 62.55
C ALA T 131 -4.37 66.86 61.85
N ARG T 132 -3.21 66.30 61.52
CA ARG T 132 -3.19 65.01 60.87
C ARG T 132 -3.57 63.90 61.84
N ARG T 133 -3.28 64.10 63.13
CA ARG T 133 -3.78 63.21 64.16
C ARG T 133 -5.30 63.29 64.27
N ILE T 134 -5.85 64.47 64.06
CA ILE T 134 -7.30 64.62 64.08
C ILE T 134 -7.93 63.90 62.90
N ARG T 135 -7.42 64.12 61.69
CA ARG T 135 -8.04 63.57 60.49
C ARG T 135 -7.89 62.06 60.35
N GLY T 136 -7.11 61.40 61.21
CA GLY T 136 -7.06 59.96 61.19
C GLY T 136 -6.15 59.35 60.15
N GLU T 137 -5.16 60.11 59.67
CA GLU T 137 -4.16 59.54 58.78
C GLU T 137 -3.11 58.78 59.59
N ARG T 138 -2.57 59.40 60.62
CA ARG T 138 -1.66 58.72 61.52
C ARG T 138 -2.46 57.84 62.46
N ALA T 139 -2.19 56.54 62.43
CA ALA T 139 -2.95 55.58 63.24
C ALA T 139 -2.63 55.72 64.73
N ASN U 29 15.59 66.23 42.78
CA ASN U 29 14.79 65.17 43.40
C ASN U 29 13.57 65.76 44.08
N ILE U 30 13.56 65.73 45.40
CA ILE U 30 12.48 66.32 46.17
C ILE U 30 12.57 67.84 46.16
N GLN U 31 13.74 68.40 45.84
CA GLN U 31 13.98 69.82 46.00
C GLN U 31 13.59 70.64 44.78
N GLY U 32 12.71 70.11 43.93
CA GLY U 32 11.97 70.98 43.05
C GLY U 32 10.87 71.72 43.77
N ILE U 33 10.47 71.25 44.95
CA ILE U 33 9.44 71.92 45.72
C ILE U 33 10.11 73.07 46.43
N THR U 34 10.14 74.23 45.79
CA THR U 34 10.92 75.33 46.32
C THR U 34 10.20 75.97 47.50
N LYS U 35 11.01 76.61 48.36
CA LYS U 35 10.51 77.39 49.49
C LYS U 35 9.41 78.40 49.16
N PRO U 36 9.54 79.29 48.17
CA PRO U 36 8.45 80.27 47.97
C PRO U 36 7.18 79.65 47.40
N ALA U 37 7.25 78.48 46.77
CA ALA U 37 6.03 77.82 46.33
C ALA U 37 5.25 77.29 47.51
N ILE U 38 5.94 76.72 48.49
CA ILE U 38 5.30 76.30 49.73
C ILE U 38 4.76 77.51 50.46
N ARG U 39 5.46 78.64 50.35
CA ARG U 39 4.93 79.90 50.88
C ARG U 39 3.64 80.30 50.18
N ARG U 40 3.58 80.12 48.86
CA ARG U 40 2.36 80.49 48.13
C ARG U 40 1.20 79.60 48.52
N LEU U 41 1.48 78.31 48.74
CA LEU U 41 0.43 77.43 49.25
C LEU U 41 -0.01 77.82 50.65
N ALA U 42 0.92 78.32 51.46
CA ALA U 42 0.53 78.85 52.76
C ALA U 42 -0.31 80.11 52.64
N ARG U 43 -0.05 80.89 51.58
CA ARG U 43 -0.85 82.09 51.34
C ARG U 43 -2.27 81.73 50.96
N ARG U 44 -2.44 80.76 50.05
CA ARG U 44 -3.79 80.39 49.67
C ARG U 44 -4.50 79.63 50.77
N GLY U 45 -3.75 78.83 51.55
CA GLY U 45 -4.35 78.09 52.64
C GLY U 45 -4.86 78.97 53.78
N GLY U 46 -4.35 80.19 53.88
CA GLY U 46 -4.78 81.13 54.87
C GLY U 46 -3.77 81.46 55.94
N VAL U 47 -2.50 81.15 55.73
CA VAL U 47 -1.49 81.28 56.77
C VAL U 47 -0.70 82.56 56.51
N LYS U 48 -0.51 83.36 57.56
CA LYS U 48 0.18 84.62 57.44
C LYS U 48 1.70 84.49 57.55
N ARG U 49 2.20 83.85 58.60
CA ARG U 49 3.62 83.79 58.89
C ARG U 49 4.05 82.35 59.09
N ILE U 50 5.25 82.02 58.62
CA ILE U 50 5.68 80.63 58.48
C ILE U 50 6.94 80.41 59.31
N SER U 51 7.02 79.25 59.97
CA SER U 51 8.24 78.81 60.65
C SER U 51 9.23 78.20 59.67
N GLY U 52 10.23 77.49 60.19
CA GLY U 52 11.24 76.87 59.34
C GLY U 52 10.98 75.42 58.98
N LEU U 53 10.60 74.60 59.94
CA LEU U 53 10.55 73.16 59.77
C LEU U 53 9.26 72.68 59.09
N ILE U 54 8.34 73.63 58.83
CA ILE U 54 7.14 73.40 58.02
C ILE U 54 7.52 72.84 56.65
N TYR U 55 8.67 73.24 56.13
CA TYR U 55 9.14 72.81 54.82
C TYR U 55 9.38 71.30 54.79
N GLU U 56 10.15 70.79 55.76
CA GLU U 56 10.41 69.36 55.81
C GLU U 56 9.16 68.56 56.15
N GLU U 57 8.30 69.12 57.01
CA GLU U 57 7.08 68.41 57.35
C GLU U 57 6.13 68.32 56.16
N THR U 58 6.09 69.38 55.36
CA THR U 58 5.28 69.41 54.15
C THR U 58 5.79 68.41 53.13
N ARG U 59 7.12 68.35 52.95
CA ARG U 59 7.69 67.37 52.04
C ARG U 59 7.38 65.95 52.47
N GLY U 60 7.41 65.69 53.78
CA GLY U 60 7.12 64.35 54.26
C GLY U 60 5.67 63.94 54.02
N VAL U 61 4.73 64.83 54.36
CA VAL U 61 3.30 64.51 54.18
C VAL U 61 2.97 64.39 52.70
N LEU U 62 3.56 65.26 51.88
CA LEU U 62 3.40 65.20 50.43
C LEU U 62 3.88 63.87 49.86
N LYS U 63 5.04 63.40 50.35
CA LYS U 63 5.58 62.15 49.85
C LYS U 63 4.69 60.97 50.24
N VAL U 64 4.17 60.98 51.47
CA VAL U 64 3.32 59.87 51.93
C VAL U 64 2.03 59.78 51.11
N PHE U 65 1.39 60.93 50.91
CA PHE U 65 0.13 60.95 50.17
C PHE U 65 0.33 60.53 48.71
N LEU U 66 1.40 61.04 48.07
CA LEU U 66 1.66 60.66 46.70
C LEU U 66 2.03 59.19 46.58
N GLU U 67 2.68 58.63 47.60
CA GLU U 67 2.99 57.20 47.58
C GLU U 67 1.72 56.36 47.58
N ASN U 68 0.77 56.68 48.47
CA ASN U 68 -0.48 55.93 48.49
C ASN U 68 -1.25 56.05 47.18
N VAL U 69 -1.29 57.25 46.62
CA VAL U 69 -2.05 57.46 45.40
C VAL U 69 -1.40 56.75 44.21
N ILE U 70 -0.09 56.86 44.06
CA ILE U 70 0.58 56.23 42.95
C ILE U 70 0.58 54.71 43.09
N ARG U 71 0.60 54.17 44.32
CA ARG U 71 0.48 52.72 44.47
C ARG U 71 -0.89 52.22 44.02
N ASP U 72 -1.96 52.91 44.39
CA ASP U 72 -3.27 52.48 43.90
C ASP U 72 -3.41 52.68 42.40
N ALA U 73 -2.79 53.72 41.84
CA ALA U 73 -2.89 53.99 40.41
C ALA U 73 -2.15 52.93 39.60
N VAL U 74 -0.95 52.55 40.04
CA VAL U 74 -0.22 51.53 39.31
C VAL U 74 -0.81 50.15 39.57
N THR U 75 -1.55 49.96 40.67
CA THR U 75 -2.29 48.70 40.83
C THR U 75 -3.42 48.61 39.81
N TYR U 76 -4.15 49.72 39.63
CA TYR U 76 -5.14 49.79 38.55
C TYR U 76 -4.51 49.57 37.17
N THR U 77 -3.33 50.14 36.95
CA THR U 77 -2.69 50.01 35.64
C THR U 77 -2.21 48.59 35.42
N GLU U 78 -1.72 47.93 36.46
CA GLU U 78 -1.28 46.55 36.32
C GLU U 78 -2.46 45.60 36.15
N HIS U 79 -3.63 45.94 36.69
CA HIS U 79 -4.77 45.13 36.28
C HIS U 79 -5.22 45.48 34.87
N ALA U 80 -4.92 46.69 34.39
CA ALA U 80 -5.24 47.00 33.01
C ALA U 80 -4.28 46.37 32.00
N LYS U 81 -3.18 45.79 32.48
CA LYS U 81 -2.17 45.11 31.66
C LYS U 81 -1.59 46.04 30.59
N ARG U 82 -1.37 47.29 30.97
CA ARG U 82 -0.84 48.29 30.06
C ARG U 82 0.29 49.02 30.75
N LYS U 83 1.10 49.72 29.94
CA LYS U 83 2.35 50.28 30.42
C LYS U 83 2.23 51.75 30.79
N THR U 84 1.09 52.39 30.55
CA THR U 84 1.00 53.83 30.74
C THR U 84 -0.14 54.14 31.71
N VAL U 85 0.15 55.02 32.68
CA VAL U 85 -0.84 55.42 33.67
C VAL U 85 -1.88 56.30 33.00
N THR U 86 -3.14 55.90 33.09
CA THR U 86 -4.22 56.68 32.51
C THR U 86 -4.55 57.86 33.42
N ALA U 87 -5.44 58.72 32.93
CA ALA U 87 -6.12 59.62 33.85
C ALA U 87 -7.17 58.87 34.65
N MET U 88 -7.77 57.84 34.05
CA MET U 88 -8.89 57.16 34.68
C MET U 88 -8.45 56.35 35.88
N ASP U 89 -7.24 55.79 35.84
CA ASP U 89 -6.71 55.08 36.99
C ASP U 89 -6.50 56.04 38.16
N VAL U 90 -6.02 57.24 37.88
CA VAL U 90 -5.88 58.29 38.90
C VAL U 90 -7.22 58.65 39.49
N VAL U 91 -8.23 58.81 38.63
CA VAL U 91 -9.57 59.22 39.09
C VAL U 91 -10.19 58.14 39.96
N TYR U 92 -10.12 56.89 39.54
CA TYR U 92 -10.73 55.85 40.35
C TYR U 92 -9.90 55.53 41.58
N ALA U 93 -8.60 55.80 41.56
CA ALA U 93 -7.81 55.63 42.77
C ALA U 93 -8.15 56.68 43.81
N LEU U 94 -8.36 57.92 43.38
CA LEU U 94 -8.78 58.93 44.32
C LEU U 94 -10.23 58.72 44.77
N LYS U 95 -11.04 58.08 43.92
CA LYS U 95 -12.33 57.56 44.37
C LYS U 95 -12.16 56.55 45.47
N ARG U 96 -11.15 55.68 45.35
CA ARG U 96 -10.93 54.69 46.38
C ARG U 96 -10.44 55.33 47.67
N GLN U 97 -9.81 56.50 47.58
CA GLN U 97 -9.40 57.23 48.78
C GLN U 97 -10.54 57.95 49.47
N GLY U 98 -11.71 58.04 48.86
CA GLY U 98 -12.71 58.93 49.39
C GLY U 98 -12.42 60.38 49.12
N ARG U 99 -11.61 60.66 48.10
CA ARG U 99 -11.13 61.97 47.74
C ARG U 99 -11.45 62.24 46.28
N THR U 100 -12.72 62.05 45.93
CA THR U 100 -13.21 62.13 44.56
C THR U 100 -12.93 63.48 43.94
N LEU U 101 -12.45 63.46 42.71
CA LEU U 101 -12.12 64.65 41.95
C LEU U 101 -12.91 64.67 40.65
N TYR U 102 -13.49 65.82 40.33
CA TYR U 102 -14.22 66.04 39.10
C TYR U 102 -13.30 66.59 38.03
N GLY U 103 -13.89 67.05 36.94
CA GLY U 103 -13.19 67.79 35.92
C GLY U 103 -12.57 66.94 34.84
N PHE U 104 -12.31 65.66 35.10
CA PHE U 104 -11.55 64.83 34.19
C PHE U 104 -12.34 63.60 33.75
N GLY U 105 -13.66 63.64 33.91
CA GLY U 105 -14.52 62.62 33.34
C GLY U 105 -14.41 61.25 33.97
N GLY U 106 -14.83 61.12 35.22
CA GLY U 106 -14.77 59.85 35.92
C GLY U 106 -16.12 59.27 36.27
N ARG V 21 -15.36 20.93 47.20
CA ARG V 21 -14.31 21.83 46.76
C ARG V 21 -13.52 22.41 47.92
N SER V 22 -14.12 22.42 49.12
CA SER V 22 -13.37 22.76 50.32
C SER V 22 -12.23 21.78 50.53
N SER V 23 -12.51 20.49 50.37
CA SER V 23 -11.47 19.49 50.46
C SER V 23 -10.53 19.57 49.25
N ARG V 24 -11.05 19.95 48.09
CA ARG V 24 -10.21 20.12 46.92
C ARG V 24 -9.31 21.33 47.04
N ALA V 25 -9.69 22.29 47.88
CA ALA V 25 -8.81 23.39 48.22
C ALA V 25 -8.07 23.19 49.53
N GLY V 26 -8.52 22.26 50.36
CA GLY V 26 -7.90 22.04 51.65
C GLY V 26 -8.09 23.18 52.62
N LEU V 27 -9.17 23.94 52.49
CA LEU V 27 -9.43 25.10 53.32
C LEU V 27 -10.67 24.85 54.16
N GLN V 28 -11.11 25.87 54.90
CA GLN V 28 -12.24 25.67 55.81
C GLN V 28 -13.41 26.60 55.55
N PHE V 29 -13.19 27.80 55.03
CA PHE V 29 -14.31 28.64 54.64
C PHE V 29 -14.92 28.09 53.36
N PRO V 30 -16.17 27.62 53.41
CA PRO V 30 -16.72 26.82 52.30
C PRO V 30 -16.92 27.60 51.01
N VAL V 31 -16.22 27.16 49.96
CA VAL V 31 -16.20 27.89 48.70
C VAL V 31 -17.56 27.85 48.03
N GLY V 32 -18.37 26.82 48.34
CA GLY V 32 -19.69 26.72 47.73
C GLY V 32 -20.67 27.76 48.22
N ARG V 33 -20.67 28.05 49.52
CA ARG V 33 -21.59 29.07 50.02
C ARG V 33 -21.16 30.45 49.57
N VAL V 34 -19.84 30.66 49.46
CA VAL V 34 -19.30 31.85 48.80
C VAL V 34 -19.78 31.93 47.37
N HIS V 35 -19.82 30.80 46.68
CA HIS V 35 -20.23 30.77 45.29
C HIS V 35 -21.71 31.10 45.14
N ARG V 36 -22.52 30.63 46.08
CA ARG V 36 -23.94 30.95 46.08
C ARG V 36 -24.17 32.43 46.35
N LEU V 37 -23.41 33.01 47.29
CA LEU V 37 -23.58 34.44 47.54
C LEU V 37 -23.04 35.27 46.40
N LEU V 38 -22.04 34.78 45.68
CA LEU V 38 -21.52 35.54 44.54
C LEU V 38 -22.44 35.45 43.34
N ARG V 39 -23.22 34.38 43.22
CA ARG V 39 -24.23 34.36 42.15
C ARG V 39 -25.34 35.35 42.42
N LYS V 40 -25.79 35.44 43.66
CA LYS V 40 -26.79 36.45 44.05
C LYS V 40 -26.11 37.68 44.64
N GLY V 41 -25.26 38.29 43.84
CA GLY V 41 -24.49 39.40 44.32
C GLY V 41 -24.50 40.62 43.44
N ASN V 42 -24.99 40.47 42.20
CA ASN V 42 -25.08 41.55 41.21
C ASN V 42 -23.72 42.20 40.96
N TYR V 43 -22.74 41.36 40.65
CA TYR V 43 -21.35 41.80 40.64
C TYR V 43 -20.71 41.74 39.26
N SER V 44 -21.08 40.75 38.46
CA SER V 44 -20.76 40.71 37.04
C SER V 44 -21.87 39.93 36.36
N GLU V 45 -21.60 39.43 35.16
CA GLU V 45 -22.53 38.48 34.58
C GLU V 45 -22.17 37.06 35.00
N ARG V 46 -20.90 36.70 34.89
CA ARG V 46 -20.45 35.34 35.13
C ARG V 46 -19.38 35.32 36.21
N VAL V 47 -19.33 34.20 36.92
CA VAL V 47 -18.45 33.99 38.06
C VAL V 47 -17.55 32.82 37.74
N GLY V 48 -16.24 33.03 37.82
CA GLY V 48 -15.28 31.96 37.58
C GLY V 48 -15.33 30.86 38.63
N ALA V 49 -14.50 29.84 38.40
CA ALA V 49 -14.48 28.68 39.27
C ALA V 49 -13.30 28.67 40.23
N GLY V 50 -12.36 29.62 40.09
CA GLY V 50 -11.25 29.70 41.01
C GLY V 50 -11.26 30.95 41.86
N ALA V 51 -12.04 31.94 41.42
CA ALA V 51 -12.17 33.17 42.19
C ALA V 51 -12.74 32.98 43.59
N PRO V 52 -13.80 32.20 43.85
CA PRO V 52 -14.20 32.02 45.25
C PRO V 52 -13.22 31.20 46.06
N VAL V 53 -12.41 30.36 45.41
CA VAL V 53 -11.31 29.70 46.10
C VAL V 53 -10.31 30.73 46.60
N TYR V 54 -9.91 31.65 45.72
CA TYR V 54 -8.96 32.70 46.06
C TYR V 54 -9.50 33.57 47.18
N LEU V 55 -10.79 33.88 47.10
CA LEU V 55 -11.43 34.76 48.07
C LEU V 55 -11.54 34.09 49.44
N ALA V 56 -11.91 32.81 49.46
CA ALA V 56 -12.01 32.09 50.73
C ALA V 56 -10.64 31.90 51.36
N ALA V 57 -9.59 31.79 50.55
CA ALA V 57 -8.24 31.75 51.10
C ALA V 57 -7.86 33.08 51.76
N VAL V 58 -8.20 34.19 51.12
CA VAL V 58 -7.86 35.49 51.69
C VAL V 58 -8.63 35.74 52.99
N LEU V 59 -9.90 35.33 53.02
CA LEU V 59 -10.70 35.48 54.24
C LEU V 59 -10.20 34.58 55.35
N GLU V 60 -9.76 33.36 55.03
CA GLU V 60 -9.20 32.48 56.04
C GLU V 60 -7.91 33.06 56.61
N TYR V 61 -7.09 33.69 55.76
CA TYR V 61 -5.87 34.29 56.25
C TYR V 61 -6.15 35.47 57.16
N LEU V 62 -7.16 36.28 56.84
CA LEU V 62 -7.48 37.41 57.70
C LEU V 62 -8.08 36.99 59.04
N THR V 63 -8.95 35.97 59.02
CA THR V 63 -9.53 35.49 60.27
C THR V 63 -8.47 34.86 61.16
N ALA V 64 -7.50 34.17 60.56
CA ALA V 64 -6.39 33.65 61.35
C ALA V 64 -5.52 34.78 61.88
N GLU V 65 -5.32 35.84 61.08
CA GLU V 65 -4.51 36.97 61.50
C GLU V 65 -5.13 37.71 62.67
N ILE V 66 -6.45 37.73 62.76
CA ILE V 66 -7.08 38.36 63.91
C ILE V 66 -7.14 37.41 65.12
N LEU V 67 -7.50 36.14 64.89
CA LEU V 67 -7.60 35.22 66.03
C LEU V 67 -6.25 34.91 66.66
N GLU V 68 -5.14 35.10 65.95
CA GLU V 68 -3.83 35.00 66.55
C GLU V 68 -3.63 36.05 67.63
N LEU V 69 -3.92 37.31 67.31
CA LEU V 69 -3.80 38.38 68.28
C LEU V 69 -4.88 38.27 69.35
N ALA V 70 -6.01 37.64 69.01
CA ALA V 70 -7.04 37.38 70.00
C ALA V 70 -6.56 36.37 71.04
N GLY V 71 -5.86 35.33 70.58
CA GLY V 71 -5.28 34.37 71.51
C GLY V 71 -4.22 35.00 72.39
N ASN V 72 -3.40 35.88 71.82
CA ASN V 72 -2.42 36.60 72.62
C ASN V 72 -3.09 37.52 73.66
N ALA V 73 -4.20 38.14 73.28
CA ALA V 73 -4.91 39.01 74.22
C ALA V 73 -5.56 38.22 75.34
N ALA V 74 -6.07 37.03 75.03
CA ALA V 74 -6.65 36.18 76.07
C ALA V 74 -5.57 35.60 76.95
N ARG V 75 -4.36 35.43 76.41
CA ARG V 75 -3.25 34.91 77.19
C ARG V 75 -2.63 35.96 78.08
N ASP V 76 -2.69 37.24 77.69
CA ASP V 76 -2.11 38.31 78.52
C ASP V 76 -2.89 38.51 79.81
N ASN V 77 -4.19 38.22 79.80
CA ASN V 77 -5.02 38.36 80.99
C ASN V 77 -5.39 37.02 81.60
N LYS V 78 -4.83 35.92 81.08
CA LYS V 78 -5.08 34.55 81.54
C LYS V 78 -6.57 34.22 81.55
N LYS V 79 -7.24 34.51 80.44
CA LYS V 79 -8.67 34.25 80.33
C LYS V 79 -8.93 33.26 79.22
N THR V 80 -9.89 32.37 79.45
CA THR V 80 -10.13 31.28 78.52
C THR V 80 -10.98 31.73 77.34
N ARG V 81 -12.21 32.15 77.61
CA ARG V 81 -13.11 32.58 76.55
C ARG V 81 -12.70 33.97 76.08
N ILE V 82 -12.54 34.13 74.77
CA ILE V 82 -12.15 35.43 74.23
C ILE V 82 -13.36 36.35 74.28
N ILE V 83 -13.20 37.50 74.92
CA ILE V 83 -14.27 38.47 75.09
C ILE V 83 -14.04 39.60 74.09
N PRO V 84 -15.04 40.43 73.77
CA PRO V 84 -14.81 41.49 72.79
C PRO V 84 -13.85 42.56 73.26
N ARG V 85 -13.61 42.69 74.56
CA ARG V 85 -12.52 43.52 75.04
C ARG V 85 -11.19 43.03 74.49
N HIS V 86 -10.99 41.72 74.51
CA HIS V 86 -9.78 41.12 73.93
C HIS V 86 -9.69 41.43 72.46
N LEU V 87 -10.83 41.41 71.76
CA LEU V 87 -10.85 41.70 70.34
C LEU V 87 -10.45 43.13 70.07
N GLN V 88 -10.97 44.07 70.86
CA GLN V 88 -10.68 45.48 70.64
C GLN V 88 -9.21 45.78 70.94
N LEU V 89 -8.68 45.19 72.01
CA LEU V 89 -7.28 45.36 72.32
C LEU V 89 -6.40 44.72 71.24
N ALA V 90 -6.83 43.58 70.71
CA ALA V 90 -6.06 42.90 69.68
C ALA V 90 -6.08 43.66 68.37
N ILE V 91 -7.16 44.38 68.09
CA ILE V 91 -7.19 45.18 66.88
C ILE V 91 -6.34 46.42 67.04
N ARG V 92 -6.42 47.08 68.18
CA ARG V 92 -5.63 48.30 68.33
C ARG V 92 -4.15 48.05 68.58
N ASN V 93 -3.75 46.84 68.98
CA ASN V 93 -2.34 46.57 69.18
C ASN V 93 -1.59 46.37 67.88
N ASP V 94 -2.25 45.93 66.83
CA ASP V 94 -1.61 45.84 65.52
C ASP V 94 -1.52 47.22 64.90
N GLU V 95 -0.54 47.41 64.01
CA GLU V 95 -0.45 48.68 63.31
C GLU V 95 -1.17 48.65 61.97
N GLU V 96 -1.02 47.57 61.21
CA GLU V 96 -1.73 47.50 59.93
C GLU V 96 -3.23 47.27 60.11
N LEU V 97 -3.64 46.54 61.14
CA LEU V 97 -5.06 46.37 61.35
C LEU V 97 -5.72 47.62 61.89
N ASN V 98 -4.96 48.52 62.51
CA ASN V 98 -5.50 49.82 62.86
C ASN V 98 -5.69 50.68 61.61
N LYS V 99 -4.75 50.55 60.66
CA LYS V 99 -4.83 51.35 59.44
C LYS V 99 -5.96 50.87 58.54
N LEU V 100 -6.33 49.59 58.63
CA LEU V 100 -7.49 49.12 57.91
C LEU V 100 -8.78 49.56 58.57
N LEU V 101 -9.01 49.13 59.80
CA LEU V 101 -10.32 49.16 60.43
C LEU V 101 -10.52 50.38 61.31
N GLY V 102 -9.89 51.51 60.97
CA GLY V 102 -9.94 52.67 61.83
C GLY V 102 -11.31 53.34 61.86
N ARG V 103 -12.04 53.28 60.76
CA ARG V 103 -13.40 53.77 60.70
C ARG V 103 -14.42 52.70 61.04
N VAL V 104 -13.98 51.65 61.70
CA VAL V 104 -14.85 50.60 62.20
C VAL V 104 -14.83 50.67 63.71
N THR V 105 -15.99 50.52 64.33
CA THR V 105 -16.10 50.62 65.78
C THR V 105 -16.86 49.42 66.31
N ILE V 106 -16.19 48.63 67.12
CA ILE V 106 -16.73 47.38 67.63
C ILE V 106 -17.48 47.67 68.92
N ALA V 107 -18.63 47.02 69.08
CA ALA V 107 -19.41 47.11 70.31
C ALA V 107 -18.66 46.47 71.47
N GLN V 108 -19.07 46.86 72.67
CA GLN V 108 -18.56 46.38 73.96
C GLN V 108 -17.07 46.62 74.17
N GLY V 109 -16.46 47.47 73.36
CA GLY V 109 -15.02 47.45 73.24
C GLY V 109 -14.27 48.21 74.30
N GLY V 110 -14.62 49.47 74.49
CA GLY V 110 -13.74 50.35 75.22
C GLY V 110 -12.64 50.84 74.28
N VAL V 111 -11.60 51.42 74.87
CA VAL V 111 -10.47 51.88 74.08
C VAL V 111 -9.20 51.30 74.66
N LEU V 112 -8.06 51.72 74.11
CA LEU V 112 -6.76 51.39 74.68
C LEU V 112 -6.63 51.97 76.09
N PRO V 113 -5.91 51.30 76.96
CA PRO V 113 -5.49 51.97 78.19
C PRO V 113 -4.45 53.01 77.83
N ASN V 114 -4.86 54.28 77.82
CA ASN V 114 -4.05 55.33 77.22
C ASN V 114 -4.02 56.52 78.16
N ILE V 115 -2.83 56.89 78.60
CA ILE V 115 -2.60 58.04 79.47
C ILE V 115 -1.58 58.93 78.78
N GLN V 116 -1.86 60.23 78.73
CA GLN V 116 -0.98 61.18 78.07
C GLN V 116 0.23 61.50 78.92
N ALA V 117 1.06 62.43 78.42
CA ALA V 117 2.33 62.74 79.07
C ALA V 117 2.16 63.74 80.21
N VAL V 118 1.53 64.87 79.94
CA VAL V 118 1.41 65.93 80.94
C VAL V 118 0.32 65.68 81.97
N LEU V 119 -0.42 64.58 81.85
CA LEU V 119 -1.52 64.34 82.79
C LEU V 119 -1.05 63.71 84.09
N LEU V 120 0.07 62.99 84.07
CA LEU V 120 0.55 62.39 85.31
C LEU V 120 1.15 63.45 86.23
N PRO V 121 0.96 63.33 87.54
CA PRO V 121 1.54 64.31 88.47
C PRO V 121 3.06 64.16 88.55
N LYS V 122 3.74 65.27 88.35
CA LYS V 122 5.20 65.33 88.46
C LYS V 122 5.65 65.17 89.91
N SER W 36 -35.12 31.06 61.70
CA SER W 36 -35.26 30.16 60.57
C SER W 36 -33.91 29.59 60.17
N ARG W 37 -33.68 29.48 58.86
CA ARG W 37 -32.40 29.02 58.33
C ARG W 37 -31.52 30.24 58.02
N LYS W 38 -31.37 31.09 59.04
CA LYS W 38 -30.52 32.28 58.95
C LYS W 38 -29.08 31.80 59.01
N GLU W 39 -28.40 31.80 57.87
CA GLU W 39 -27.09 31.18 57.78
C GLU W 39 -26.01 32.15 58.24
N SER W 40 -25.09 31.64 59.07
CA SER W 40 -24.01 32.41 59.64
C SER W 40 -22.69 31.72 59.33
N TYR W 41 -21.62 32.21 59.95
CA TYR W 41 -20.28 31.70 59.72
C TYR W 41 -19.69 31.06 60.97
N SER W 42 -20.56 30.47 61.80
CA SER W 42 -20.18 30.11 63.16
C SER W 42 -19.17 28.97 63.19
N ILE W 43 -19.54 27.81 62.63
CA ILE W 43 -18.74 26.61 62.76
C ILE W 43 -17.45 26.70 61.96
N TYR W 44 -17.41 27.58 60.97
CA TYR W 44 -16.22 27.73 60.15
C TYR W 44 -15.13 28.44 60.93
N VAL W 45 -15.48 29.53 61.60
CA VAL W 45 -14.52 30.22 62.44
C VAL W 45 -14.22 29.42 63.70
N TYR W 46 -15.15 28.56 64.15
CA TYR W 46 -14.82 27.59 65.19
C TYR W 46 -13.70 26.66 64.76
N LYS W 47 -13.77 26.16 63.53
CA LYS W 47 -12.71 25.31 63.02
C LYS W 47 -11.41 26.09 62.85
N VAL W 48 -11.51 27.38 62.51
CA VAL W 48 -10.32 28.23 62.44
C VAL W 48 -9.67 28.36 63.81
N LEU W 49 -10.49 28.60 64.83
CA LEU W 49 -9.96 28.80 66.18
C LEU W 49 -9.41 27.50 66.76
N LYS W 50 -10.03 26.37 66.41
CA LYS W 50 -9.47 25.08 66.83
C LYS W 50 -8.16 24.78 66.11
N GLN W 51 -7.99 25.27 64.88
CA GLN W 51 -6.73 25.08 64.19
C GLN W 51 -5.77 26.24 64.35
N VAL W 52 -6.02 27.16 65.29
CA VAL W 52 -4.99 28.13 65.65
C VAL W 52 -4.65 28.02 67.13
N HIS W 53 -5.61 28.30 68.01
CA HIS W 53 -5.44 28.13 69.45
C HIS W 53 -6.37 27.02 69.89
N PRO W 54 -5.87 25.78 69.95
CA PRO W 54 -6.78 24.61 69.98
C PRO W 54 -7.53 24.41 71.30
N ASP W 55 -7.24 25.18 72.34
CA ASP W 55 -7.91 25.06 73.63
C ASP W 55 -8.40 26.40 74.11
N THR W 56 -9.06 27.16 73.23
CA THR W 56 -9.52 28.50 73.55
C THR W 56 -10.97 28.64 73.15
N GLY W 57 -11.84 28.97 74.12
CA GLY W 57 -13.23 29.21 73.85
C GLY W 57 -13.50 30.66 73.47
N ILE W 58 -14.76 30.94 73.15
CA ILE W 58 -15.14 32.26 72.66
C ILE W 58 -16.65 32.42 72.85
N SER W 59 -17.11 33.66 72.93
CA SER W 59 -18.48 33.99 73.31
C SER W 59 -19.38 34.11 72.08
N SER W 60 -20.66 34.37 72.34
CA SER W 60 -21.62 34.48 71.25
C SER W 60 -21.45 35.79 70.51
N LYS W 61 -21.36 36.89 71.25
CA LYS W 61 -21.27 38.21 70.63
C LYS W 61 -19.95 38.42 69.93
N ALA W 62 -18.88 37.78 70.41
CA ALA W 62 -17.62 37.82 69.68
C ALA W 62 -17.75 37.13 68.33
N MET W 63 -18.50 36.03 68.29
CA MET W 63 -18.76 35.37 67.02
C MET W 63 -19.61 36.24 66.12
N GLY W 64 -20.55 37.00 66.69
CA GLY W 64 -21.27 37.99 65.89
C GLY W 64 -20.38 39.06 65.33
N ILE W 65 -19.38 39.50 66.10
CA ILE W 65 -18.40 40.47 65.63
C ILE W 65 -17.60 39.90 64.46
N MET W 66 -17.19 38.64 64.58
CA MET W 66 -16.48 37.97 63.49
C MET W 66 -17.36 37.84 62.25
N ASN W 67 -18.66 37.58 62.45
CA ASN W 67 -19.58 37.44 61.34
C ASN W 67 -19.72 38.75 60.59
N SER W 68 -19.89 39.84 61.33
CA SER W 68 -19.94 41.16 60.72
C SER W 68 -18.63 41.51 60.04
N PHE W 69 -17.50 41.04 60.60
CA PHE W 69 -16.20 41.30 59.99
C PHE W 69 -16.07 40.61 58.65
N VAL W 70 -16.49 39.35 58.57
CA VAL W 70 -16.35 38.62 57.32
C VAL W 70 -17.29 39.17 56.27
N ASN W 71 -18.51 39.55 56.67
CA ASN W 71 -19.44 40.13 55.70
C ASN W 71 -18.96 41.49 55.21
N ASP W 72 -18.32 42.27 56.09
CA ASP W 72 -17.74 43.55 55.69
C ASP W 72 -16.65 43.35 54.65
N ILE W 73 -15.70 42.48 54.94
CA ILE W 73 -14.58 42.30 54.03
C ILE W 73 -15.04 41.66 52.71
N PHE W 74 -16.05 40.80 52.78
CA PHE W 74 -16.63 40.22 51.58
C PHE W 74 -17.24 41.27 50.68
N GLU W 75 -18.08 42.15 51.26
CA GLU W 75 -18.69 43.19 50.45
C GLU W 75 -17.68 44.16 49.90
N ARG W 76 -16.63 44.47 50.67
CA ARG W 76 -15.61 45.40 50.17
C ARG W 76 -14.89 44.83 48.96
N ILE W 77 -14.49 43.57 49.04
CA ILE W 77 -13.69 43.01 47.95
C ILE W 77 -14.56 42.74 46.73
N ALA W 78 -15.81 42.31 46.95
CA ALA W 78 -16.70 42.06 45.83
C ALA W 78 -17.10 43.35 45.12
N GLY W 79 -17.34 44.41 45.90
CA GLY W 79 -17.64 45.70 45.30
C GLY W 79 -16.47 46.27 44.53
N GLU W 80 -15.25 46.12 45.07
CA GLU W 80 -14.08 46.62 44.36
C GLU W 80 -13.81 45.82 43.10
N ALA W 81 -14.12 44.53 43.13
CA ALA W 81 -13.99 43.69 41.95
C ALA W 81 -15.02 44.07 40.88
N SER W 82 -16.24 44.40 41.30
CA SER W 82 -17.25 44.81 40.34
C SER W 82 -16.90 46.15 39.71
N ARG W 83 -16.31 47.06 40.52
CA ARG W 83 -15.79 48.30 39.97
C ARG W 83 -14.72 48.05 38.91
N LEU W 84 -13.78 47.13 39.18
CA LEU W 84 -12.77 46.85 38.16
C LEU W 84 -13.36 46.20 36.91
N ALA W 85 -14.38 45.36 37.10
CA ALA W 85 -15.08 44.75 35.97
C ALA W 85 -15.68 45.81 35.07
N HIS W 86 -16.27 46.85 35.65
CA HIS W 86 -16.74 47.95 34.82
C HIS W 86 -15.63 48.85 34.31
N TYR W 87 -14.51 48.95 35.03
CA TYR W 87 -13.48 49.91 34.63
C TYR W 87 -12.63 49.39 33.48
N ASN W 88 -12.66 48.08 33.23
CA ASN W 88 -12.08 47.58 31.99
C ASN W 88 -13.10 46.92 31.08
N LYS W 89 -14.39 47.07 31.39
CA LYS W 89 -15.52 46.56 30.58
C LYS W 89 -15.39 45.06 30.33
N ARG W 90 -15.19 44.32 31.41
CA ARG W 90 -15.06 42.88 31.37
C ARG W 90 -16.14 42.29 32.25
N SER W 91 -17.08 41.58 31.64
CA SER W 91 -18.35 41.30 32.28
C SER W 91 -18.35 40.04 33.12
N THR W 92 -17.18 39.49 33.44
CA THR W 92 -17.12 38.30 34.26
C THR W 92 -15.98 38.43 35.25
N ILE W 93 -15.88 37.47 36.16
CA ILE W 93 -14.96 37.52 37.29
C ILE W 93 -14.07 36.29 37.27
N THR W 94 -12.77 36.50 37.14
CA THR W 94 -11.77 35.48 37.36
C THR W 94 -11.13 35.69 38.74
N SER W 95 -10.08 34.93 39.03
CA SER W 95 -9.37 35.15 40.27
C SER W 95 -8.47 36.38 40.22
N ARG W 96 -8.12 36.85 39.02
CA ARG W 96 -7.12 37.91 38.90
C ARG W 96 -7.65 39.24 39.42
N GLU W 97 -8.95 39.48 39.21
CA GLU W 97 -9.59 40.66 39.78
C GLU W 97 -9.56 40.63 41.30
N ILE W 98 -9.77 39.46 41.90
CA ILE W 98 -9.74 39.35 43.35
C ILE W 98 -8.34 39.61 43.86
N GLN W 99 -7.33 39.12 43.14
CA GLN W 99 -5.94 39.34 43.51
C GLN W 99 -5.59 40.81 43.53
N THR W 100 -5.88 41.51 42.43
CA THR W 100 -5.59 42.93 42.42
C THR W 100 -6.52 43.74 43.31
N ALA W 101 -7.69 43.19 43.66
CA ALA W 101 -8.57 43.89 44.60
C ALA W 101 -7.99 43.87 46.01
N VAL W 102 -7.46 42.74 46.43
CA VAL W 102 -6.82 42.71 47.74
C VAL W 102 -5.47 43.42 47.71
N ARG W 103 -4.85 43.56 46.53
CA ARG W 103 -3.76 44.53 46.39
C ARG W 103 -4.24 45.95 46.67
N LEU W 104 -5.47 46.28 46.25
CA LEU W 104 -5.98 47.64 46.44
C LEU W 104 -6.34 47.92 47.89
N LEU W 105 -7.05 46.99 48.54
CA LEU W 105 -7.56 47.29 49.88
C LEU W 105 -6.45 47.29 50.93
N LEU W 106 -5.82 46.16 51.11
CA LEU W 106 -4.92 46.04 52.23
C LEU W 106 -3.57 46.66 51.91
N PRO W 107 -2.90 47.26 52.88
CA PRO W 107 -1.54 47.74 52.65
C PRO W 107 -0.53 46.59 52.60
N GLY W 108 0.74 46.95 52.36
CA GLY W 108 1.78 46.09 51.84
C GLY W 108 1.96 44.67 52.35
N GLU W 109 2.29 44.49 53.63
CA GLU W 109 2.77 43.21 54.12
C GLU W 109 1.65 42.17 54.19
N LEU W 110 0.52 42.58 54.76
CA LEU W 110 -0.64 41.70 54.82
C LEU W 110 -1.15 41.37 53.42
N ALA W 111 -1.04 42.32 52.49
CA ALA W 111 -1.41 42.07 51.10
C ALA W 111 -0.49 41.04 50.46
N LYS W 112 0.81 41.15 50.73
CA LYS W 112 1.77 40.21 50.16
C LYS W 112 1.54 38.80 50.68
N HIS W 113 1.26 38.68 51.97
CA HIS W 113 0.95 37.37 52.54
C HIS W 113 -0.36 36.81 52.01
N ALA W 114 -1.36 37.67 51.81
CA ALA W 114 -2.63 37.18 51.29
C ALA W 114 -2.53 36.75 49.84
N VAL W 115 -1.70 37.45 49.05
CA VAL W 115 -1.46 37.06 47.67
C VAL W 115 -0.77 35.70 47.63
N SER W 116 0.23 35.50 48.51
CA SER W 116 0.89 34.20 48.58
C SER W 116 -0.07 33.09 48.97
N GLU W 117 -0.93 33.35 49.96
CA GLU W 117 -1.90 32.34 50.41
C GLU W 117 -2.91 32.00 49.32
N GLY W 118 -3.41 33.01 48.63
CA GLY W 118 -4.37 32.77 47.58
C GLY W 118 -3.78 32.03 46.40
N THR W 119 -2.57 32.42 45.97
CA THR W 119 -1.93 31.73 44.87
C THR W 119 -1.62 30.28 45.23
N LYS W 120 -1.25 30.02 46.49
CA LYS W 120 -0.96 28.65 46.90
C LYS W 120 -2.23 27.80 46.89
N ALA W 121 -3.32 28.34 47.43
CA ALA W 121 -4.56 27.56 47.47
C ALA W 121 -5.13 27.36 46.06
N VAL W 122 -4.98 28.36 45.18
CA VAL W 122 -5.48 28.27 43.83
C VAL W 122 -4.69 27.23 43.03
N THR W 123 -3.36 27.24 43.17
CA THR W 123 -2.55 26.26 42.46
C THR W 123 -2.79 24.85 42.97
N LYS W 124 -3.02 24.71 44.28
CA LYS W 124 -3.30 23.39 44.84
C LYS W 124 -4.66 22.88 44.40
N TYR W 125 -5.65 23.76 44.29
CA TYR W 125 -6.92 23.39 43.71
C TYR W 125 -6.82 23.14 42.22
ZN ZN X . -36.79 1.08 -23.78
ZN ZN Y . -24.12 40.35 3.05
MG MG Z . 6.75 -23.16 -11.17
ZN ZN AA . -30.51 16.13 -26.28
ZN ZN BA . -14.55 -64.70 -35.04
ZN ZN CA . 38.47 -18.68 43.33
ZN ZN DA . 7.93 17.33 58.76
ZN ZN EA . 9.63 -57.91 -11.29
ZN ZN FA . -33.22 -53.54 9.44
#